data_7VYN
#
_entry.id   7VYN
#
_cell.length_a   1.00
_cell.length_b   1.00
_cell.length_c   1.00
_cell.angle_alpha   90.00
_cell.angle_beta   90.00
_cell.angle_gamma   90.00
#
_symmetry.space_group_name_H-M   'P 1'
#
loop_
_entity.id
_entity.type
_entity.pdbx_description
1 polymer 'NADH dehydrogenase [ubiquinone] flavoprotein 1, mitochondrial'
2 polymer 'NADH dehydrogenase [ubiquinone] iron-sulfur protein 8, mitochondrial'
3 polymer 'NADH dehydrogenase [ubiquinone] iron-sulfur protein 7, mitochondrial'
4 polymer 'NADH dehydrogenase [ubiquinone] 1 alpha subcomplex subunit 6'
5 polymer 'NADH dehydrogenase [ubiquinone] 1 alpha subcomplex subunit 2'
6 polymer 'Acyl carrier protein, mitochondrial'
7 polymer 'NADH dehydrogenase [ubiquinone] 1 alpha subcomplex subunit 5'
8 polymer 'NADH dehydrogenase [ubiquinone] 1 alpha subcomplex subunit 7'
9 polymer 'NADH dehydrogenase ubiquinone 1 alpha subcomplex subunit 9, mitochondrial'
10 polymer 'NADH dehydrogenase [ubiquinone] flavoprotein 3, mitochondrial'
11 polymer 'NADH dehydrogenase [ubiquinone] iron-sulfur protein 4, mitochondrial'
12 polymer 'NADH-ubiquinone oxidoreductase 75 kDa subunit, mitochondrial'
13 polymer 'NADH dehydrogenase [ubiquinone] 1 alpha subcomplex subunit 12'
14 polymer 'NADH dehydrogenase [ubiquinone] flavoprotein 2, mitochondrial'
15 polymer 'NADH dehydrogenase [ubiquinone] iron-sulfur protein 3, mitochondrial'
16 polymer 'NADH dehydrogenase [ubiquinone] iron-sulfur protein 2, mitochondrial'
17 polymer 'NADH dehydrogenase [ubiquinone] iron-sulfur protein 6, mitochondrial'
18 polymer 'NADH dehydrogenase [ubiquinone] 1 alpha subcomplex subunit 13'
19 non-polymer 'IRON/SULFUR CLUSTER'
20 non-polymer 'FLAVIN MONONUCLEOTIDE'
21 non-polymer '1,4-DIHYDRONICOTINAMIDE ADENINE DINUCLEOTIDE'
22 non-polymer 1,2-dioleoyl-sn-glycero-3-phosphoethanolamine
23 non-polymer (9R,11S)-9-({[(1S)-1-HYDROXYHEXADECYL]OXY}METHYL)-2,2-DIMETHYL-5,7,10-TRIOXA-2LAMBDA~5~-AZA-6LAMBDA~5~-PHOSPHAOCTACOSANE-6,6,11-TRIOL
24 non-polymer 'S-[2-({N-[(2R)-2-hydroxy-3,3-dimethyl-4-(phosphonooxy)butanoyl]-beta-alanyl}amino)ethyl] dodecanethioate'
25 non-polymer CARDIOLIPIN
26 non-polymer 'NADPH DIHYDRO-NICOTINAMIDE-ADENINE-DINUCLEOTIDE PHOSPHATE'
27 non-polymer 'Coenzyme Q10, (2Z,6E,10Z,14E,18E,22E,26Z)-isomer'
28 non-polymer 'FE2/S2 (INORGANIC) CLUSTER'
29 non-polymer 'MAGNESIUM ION'
30 non-polymer UBIQUINONE-1
31 non-polymer 'ZINC ION'
32 water water
#
loop_
_entity_poly.entity_id
_entity_poly.type
_entity_poly.pdbx_seq_one_letter_code
_entity_poly.pdbx_strand_id
1 'polypeptide(L)'
;APKKTSFGSLKDEDRIFTNLYGRHDWRLKGAQSRGDWYKTKEILLKGPDWILGEVKTSGLRGRGGAGFPTGLKWSFMNKP
SDGRPKYLVVNADEGEPGTCKDREIIRHDPHKLVEGCLVGGRAMGARAAYIYIRGEFYNEASNLQVAIREAYEAGLIGKN
ACGSGYDFDVFVVRGAGAYICGEETALIESIEGKQGKPRLKPPFPADVGVFGCPTTVANVETVAVSPTICRRGGAWFASF
GRERNSGTKLFNISGHVNHPCTVEEEMSVPLKELIEKHAGGVIGGWDNLLAVIPGGSSTPLIPKSVCETVLMDFDALVQA
QTGLGTAAVIVMDRSTDIVKAIARLIEFYKHESCGQCTPCREGVDWMNKVMARFVKGDARPAEIDSLWEISKQIEGHTIC
ALGDGAAWPVQGLIRHFRPELEERMQQFALQHQ
;
A
2 'polypeptide(L)'
;TYKFVNMREPSMDMKSVTDRAAQTLLWTELVRGLGMTLSYLFREPATINYPFEKGPLSPRFRGEHALRRYPSGEERCIAC
KLCEAVCPAQAITIEAEPRADGSRRTTRYDIDMTKCIYCGFCQEACPVDAIVEGPNFEFSTETHEELLYNKEKLLNNGDK
WEAEIAANIQADYLYR
;
B
3 'polypeptide(L)'
;SRGEYVVAKLDDLVNWARRSSLWPMTFGLACCAVEMMHMAAPRYDMDRFGVVFRASPRQSDVMIVAGTLTNKMAPALRKV
YDQMPEPRYVVSMGSCANGGGYYHYSYSVVRGCDRIVPVDIYVPGCPPTAEALLYGILQLQRKIKREKRLRIWYRR
;
C
4 'polypeptide(L)'
;GTSVKPIFSRDMNEAKRRVRELYRAWYREVPNTVHLFQLDISVKQGRDKVREMFMKNAHVTDPRVVDLLVIKGKMELEET
INVWKQRTHIMRFFHETEAPRPTDFLSKFYVGHDP
;
E
5 'polypeptide(L)'
;LGLREIRIHLCQRSPGSQGVRDFIEKRYVELKKANPDLPILIRECSDVQPKLWARYAFGQEKNVSLNNFSADQVTRTLEN
VLSGKA
;
F
6 'polypeptide(L)'
;SDAPPLTLEAIKDRVLYVLKLYDKIDPEKLSVNSHFMKDLGLDSLDQVEIIMAMEDEFGFEIPDIDAEKLMCPQEIVDYI
ADKKDVYE
;
G
7 'polypeptide(L)'
;LKKTTGLVGLAVCETPHERLKILYTKILDVLGQIPKNAAYRKYTEQITNEKLGMVKAEPDVKKLEEQLQGGQIEEVILQA
ENELSLARKMLRWKPWEPLVEEPPANQWKWPI
;
H
8 'polypeptide(L)'
;ASATRVIQLLRNWASGRDLQAKLQLRYQEISKRTQPPPKLPVGPSHKLSNNYYCTRDGRREAMPPSIVMSSQKVLASGKP
AESSAVAETEKKAVTPAPPIKRWELSKDQPYL
;
I
9 'polypeptide(L)'
;LHHALIPHGKGGRSSVSGIVATVFGATGFLGRYVVNHLGRMGSQVIVPYRCEPYDTMHLRPMGDLGQIIFMEWNGKDKDS
IRKVVEHSNVVINLVGREWETKNFDFEDVFVKIPHAIAQVSKEAGVEKLIHISHLNADIKSPSRYLRSKAVGEKEVRAAF
PEATIIKPSDIFGREDRFLNYFASMRWFGGVPLISLGKETVKQPVYIVDVSKGIINAIKDPDAKGKTFAFVGPNRYLLFD
LVQYIFAVAYRPFLPYPLPHFAYRWVGRLFEVSPFEPWTTRDKVERVHMSDMTLPHLPGLEDLGIQATPLELKAIEVLRR
HRTYRWLTSEMEDVKPAKTVNI
;
J
10 'polypeptide(L)' FDNSTYRNLQHHEYSTYTFLDLNVELSKFRMPQPSSGRQSPRH K
11 'polypeptide(L)'
;QLIAVDEKLDITTLTGVPEEHIKTRKVRIFVPARNNMQSGVNNTKKWKMEFDTRERWENPLMGWSSTADPLSNLVLTFST
KEDAVAFAEKNGWSFDVEERKVPKPKSKSYGANFSWNKRTRVSTK
;
L
12 'polypeptide(L)'
;SNLIEVFVDGQSVMVEPGTTVLQACEKVGMQIPRFCYHERLSVAGNCRMCLVEIEKAPKVVAACAMPVMKGWNILTNSEK
SKKAREGVMEFLLANHPLDCPICDQGGECDLQDQSMMFGSDRSRFLEGKRAVEDKNIGPLVKTIMTRCIQCTRCIRFASE
IAGVDDLGTTGRGNDMQVGTYIEKMFMSELSGNIIDICPVGALTSKPYAFTARPWETRKTESIDVMDAVGSNIVVSTRTG
EVMRILPRMHEDINEEWISDKTRFAYDGLKRQRLTQPMIRNEKGLLTYTTWEDALSRVAGMLQSFQGNDVAAIAGGLVDA
EALVALKDLLNRVDSDSLCTEEVFPTAGAGTDLRSNYLLNTTIAGVEEADVILLVGTNPRFEAPLFNARIRKSWLHNDLK
VALIGSPVDLTYRYDHLGDSPKILQDIASGNHPFSQILKEAKKPMVVLGSSALQRSDGTAILAAVSNIAQNIRLSSGVTG
DWKVMNILHRIASQVAALDLGYKPGVEAIRKNPPKVLFLLGADGGCITRQDLPKDCFIIYQGHHGDVGAPMADVILPGAA
YTEKSATYVNTEGRAQQTKVAVTPPGLAREDWKIIRALSEIAGMTLPYDTLDQVRSRLEEVSPNLVRYDDVEGANYFQQA
NELSKLVNQQLLADPLVPPQLTIKDFYMTDSISRASQTMAKCVKAVTEGI
;
M
13 'polypeptide(L)'
;ELVQVLRRGLQQVSGHGGLRGYLRVLFRANDVRVGTLVGEDKYGNKYYEDNKQFFGRHRWVIYTTEMNGRDTFWDVDGSM
VPPEWHRWLHCMTDDPPTTKPPTARKYIWTNHKFNVSGTPQQYVPYSTTRKKIQEWVPPSTPYK
;
N
14 'polypeptide(L)'
;GAGGALFVHRDTPENNPDTPFDFTPENYKRIEAIVKNYPEGHKAAAVLPVLDLAQRQNGWLPISAMNKVAEILQVPPMRV
YEVATFYTMYNRKPVGKYHIQVCTTTPCMLRNSDSILEAIQKKLGIKVGETTPDKLFTLIEVECLGACVNAPMVQINDNY
YEDLTPKDIEEIIDELKAGKIPKPGPRSGRFSCEPAGGLTSLTEPPKGPGFGVQAGL
;
O
15 'polypeptide(L)'
;TRPTIRPRNDVVHKQLSAFGQYVAEILPKYVQQVQVSCFNELEIFIHPDGVIPVLTFLRDHTNAQFKSLADLTAVDVPTR
QNRFEIVYNLLSLRFNSRIRVKTYTDELTPIESSVTVYKAANWYEREIWDMFGVFFANHPDLRRILTDYGFEGHPFRKDF
PLSGYVELRYDDEVKRVVAEPVELAQEFRKFDLNSPWEAFPAYRQPPE
;
P
16 'polypeptide(L)'
;SNLTLNFGPQHPAAHGVLRLVMELSGEMVRKCDPHIGLLH(2MR)GTEKLIEYKTYLQALPYFDRLDYVSMMCNEQAYSL
AVEKLLNIQPPPRAQWIRVLFGEITRLLNHIMAVTTHALDIGAMTPFFWMFEEREKMFEFYERVSGARMHAAYIRPGGVH
QDLPLGLLDDIYEFSKNFSFRIDELEEMLTNNRIWRNRTVDIGVVTAEDALNYGFSGVMLRGSGIQWDLRKTQPYDVYDQ
VEFDVPIGSRGDCYDRYLCRVEEMRQSLRIISQCLNKMPPGEIKVDDAKVSPPKRAEMKTSMESLIHHFKLYTEGYQVPP
GATYTAIEAPKGEFGVYLVSDGSSRPYRCKIKAPGFAHLAGLDKMSKGHMLADVVAIIGTQDIVFGEVDR
;
Q
17 'polypeptide(L)'
;GVRTSPTGEKVTHTGQAYDDGDYRRVRFSDRQKEVNENFAIDLIAEQPVSEVGSRVISCDGGGGALGHPRVYINLDKETK
TGTCGYCGLQFRQPHH
;
T
18 'polypeptide(L)' ASKVKQDMPPPGGYGPIDYKRNLPRRGLS W
#
loop_
_chem_comp.id
_chem_comp.type
_chem_comp.name
_chem_comp.formula
8Q1 non-polymer 'S-[2-({N-[(2R)-2-hydroxy-3,3-dimethyl-4-(phosphonooxy)butanoyl]-beta-alanyl}amino)ethyl] dodecanethioate' 'C23 H45 N2 O8 P S'
CDL non-polymer CARDIOLIPIN 'C81 H156 O17 P2 -2'
FES non-polymer 'FE2/S2 (INORGANIC) CLUSTER' 'Fe2 S2'
FMN non-polymer 'FLAVIN MONONUCLEOTIDE' 'C17 H21 N4 O9 P'
MG non-polymer 'MAGNESIUM ION' 'Mg 2'
NAI non-polymer '1,4-DIHYDRONICOTINAMIDE ADENINE DINUCLEOTIDE' 'C21 H29 N7 O14 P2'
NDP non-polymer 'NADPH DIHYDRO-NICOTINAMIDE-ADENINE-DINUCLEOTIDE PHOSPHATE' 'C21 H30 N7 O17 P3'
PEE non-polymer 1,2-dioleoyl-sn-glycero-3-phosphoethanolamine 'C41 H78 N O8 P'
PLX non-polymer (9R,11S)-9-({[(1S)-1-HYDROXYHEXADECYL]OXY}METHYL)-2,2-DIMETHYL-5,7,10-TRIOXA-2LAMBDA~5~-AZA-6LAMBDA~5~-PHOSPHAOCTACOSANE-6,6,11-TRIOL 'C42 H89 N O8 P 1'
SF4 non-polymer 'IRON/SULFUR CLUSTER' 'Fe4 S4'
UQ non-polymer 'Coenzyme Q10, (2Z,6E,10Z,14E,18E,22E,26Z)-isomer' 'C59 H90 O4'
UQ1 non-polymer UBIQUINONE-1 'C14 H18 O4'
ZN non-polymer 'ZINC ION' 'Zn 2'
#
# COMPACT_ATOMS: atom_id res chain seq x y z
N ALA A 1 16.85 81.28 -8.40
CA ALA A 1 16.50 80.34 -7.36
C ALA A 1 16.69 78.89 -7.82
N PRO A 2 17.78 78.27 -7.37
CA PRO A 2 18.03 76.87 -7.75
C PRO A 2 17.10 75.93 -7.00
N LYS A 3 17.01 74.71 -7.52
CA LYS A 3 16.17 73.65 -6.96
C LYS A 3 14.70 74.10 -6.88
N LYS A 4 14.14 74.27 -8.07
CA LYS A 4 12.73 74.60 -8.21
C LYS A 4 11.86 73.63 -7.43
N THR A 5 10.77 74.15 -6.84
CA THR A 5 9.87 73.35 -6.02
C THR A 5 8.45 73.27 -6.56
N SER A 6 8.08 74.10 -7.54
CA SER A 6 6.76 74.06 -8.15
C SER A 6 6.94 73.82 -9.65
N PHE A 7 6.36 72.73 -10.14
CA PHE A 7 6.49 72.34 -11.53
C PHE A 7 5.12 72.28 -12.19
N GLY A 8 5.12 72.34 -13.52
CA GLY A 8 3.89 72.14 -14.26
C GLY A 8 3.52 73.21 -15.25
N SER A 9 4.49 74.02 -15.68
CA SER A 9 4.22 75.05 -16.68
C SER A 9 5.49 75.24 -17.51
N LEU A 10 5.58 74.54 -18.63
CA LEU A 10 6.68 74.71 -19.56
C LEU A 10 6.12 75.18 -20.90
N LYS A 11 6.82 76.12 -21.52
CA LYS A 11 6.37 76.71 -22.77
C LYS A 11 6.80 75.83 -23.95
N ASP A 12 6.40 76.23 -25.15
CA ASP A 12 6.55 75.39 -26.33
C ASP A 12 8.01 75.21 -26.72
N GLU A 13 8.86 76.20 -26.42
CA GLU A 13 10.27 76.10 -26.81
C GLU A 13 11.00 74.98 -26.09
N ASP A 14 10.44 74.47 -24.99
CA ASP A 14 11.05 73.38 -24.23
C ASP A 14 10.34 72.05 -24.45
N ARG A 15 9.44 71.97 -25.42
CA ARG A 15 8.72 70.74 -25.71
C ARG A 15 9.43 69.95 -26.80
N ILE A 16 9.50 68.63 -26.60
CA ILE A 16 10.19 67.75 -27.54
C ILE A 16 9.32 67.41 -28.74
N PHE A 17 8.11 66.93 -28.49
CA PHE A 17 7.20 66.50 -29.57
C PHE A 17 6.38 67.70 -30.01
N THR A 18 6.95 68.47 -30.94
CA THR A 18 6.33 69.71 -31.40
C THR A 18 5.23 69.47 -32.43
N ASN A 19 5.10 68.26 -32.96
CA ASN A 19 4.04 67.91 -33.91
C ASN A 19 3.13 66.85 -33.31
N LEU A 20 2.79 67.01 -32.02
CA LEU A 20 2.00 66.00 -31.34
C LEU A 20 0.60 65.90 -31.92
N TYR A 21 0.03 67.02 -32.37
CA TYR A 21 -1.34 67.07 -32.85
C TYR A 21 -1.45 67.01 -34.36
N GLY A 22 -0.34 66.76 -35.05
CA GLY A 22 -0.37 66.55 -36.49
C GLY A 22 -0.82 67.75 -37.30
N ARG A 23 -0.42 68.95 -36.87
CA ARG A 23 -0.75 70.18 -37.59
C ARG A 23 0.34 70.60 -38.56
N HIS A 24 1.45 69.87 -38.60
CA HIS A 24 2.54 70.13 -39.53
C HIS A 24 2.89 68.84 -40.26
N ASP A 25 3.64 68.98 -41.34
CA ASP A 25 3.99 67.83 -42.17
C ASP A 25 4.80 66.82 -41.37
N TRP A 26 4.32 65.58 -41.35
CA TRP A 26 5.02 64.48 -40.70
C TRP A 26 6.11 63.88 -41.57
N ARG A 27 6.17 64.27 -42.85
CA ARG A 27 7.18 63.72 -43.75
C ARG A 27 8.55 64.31 -43.42
N LEU A 28 9.55 63.91 -44.19
CA LEU A 28 10.94 64.28 -43.92
C LEU A 28 11.14 65.79 -43.96
N LYS A 29 10.51 66.47 -44.92
CA LYS A 29 10.68 67.92 -45.04
C LYS A 29 10.22 68.64 -43.78
N GLY A 30 9.03 68.29 -43.28
CA GLY A 30 8.56 68.91 -42.06
C GLY A 30 9.43 68.60 -40.87
N ALA A 31 9.92 67.36 -40.78
CA ALA A 31 10.80 66.98 -39.67
C ALA A 31 12.09 67.79 -39.68
N GLN A 32 12.72 67.94 -40.85
CA GLN A 32 13.90 68.79 -40.94
C GLN A 32 13.57 70.24 -40.60
N SER A 33 12.37 70.70 -41.00
CA SER A 33 11.97 72.06 -40.66
C SER A 33 11.89 72.27 -39.16
N ARG A 34 11.54 71.22 -38.42
CA ARG A 34 11.37 71.32 -36.97
C ARG A 34 12.61 70.91 -36.18
N GLY A 35 13.73 70.66 -36.85
CA GLY A 35 14.96 70.34 -36.17
C GLY A 35 15.35 68.88 -36.15
N ASP A 36 14.61 68.01 -36.82
CA ASP A 36 14.96 66.60 -36.84
C ASP A 36 16.11 66.35 -37.80
N TRP A 37 16.86 65.28 -37.54
CA TRP A 37 17.98 64.85 -38.38
C TRP A 37 19.01 65.96 -38.58
N TYR A 38 19.26 66.72 -37.52
CA TYR A 38 20.19 67.85 -37.58
C TYR A 38 21.46 67.49 -36.82
N LYS A 39 22.59 67.57 -37.51
CA LYS A 39 23.90 67.28 -36.93
C LYS A 39 23.97 65.87 -36.36
N THR A 40 23.27 64.93 -36.99
CA THR A 40 23.33 63.55 -36.52
C THR A 40 24.69 62.92 -36.80
N LYS A 41 25.39 63.40 -37.84
CA LYS A 41 26.71 62.87 -38.14
C LYS A 41 27.69 63.17 -37.01
N GLU A 42 27.66 64.39 -36.47
CA GLU A 42 28.55 64.73 -35.36
C GLU A 42 28.23 63.91 -34.12
N ILE A 43 26.93 63.72 -33.83
CA ILE A 43 26.54 62.92 -32.68
C ILE A 43 27.01 61.47 -32.85
N LEU A 44 26.87 60.94 -34.06
CA LEU A 44 27.33 59.58 -34.33
C LEU A 44 28.84 59.46 -34.17
N LEU A 45 29.59 60.47 -34.63
CA LEU A 45 31.04 60.44 -34.50
C LEU A 45 31.54 60.80 -33.10
N LYS A 46 30.66 61.28 -32.22
CA LYS A 46 31.04 61.46 -30.82
C LYS A 46 31.29 60.15 -30.09
N GLY A 47 30.83 59.02 -30.63
CA GLY A 47 31.08 57.74 -30.04
C GLY A 47 29.99 57.27 -29.11
N PRO A 48 29.89 55.95 -28.91
CA PRO A 48 28.86 55.43 -28.01
C PRO A 48 29.01 55.88 -26.57
N ASP A 49 30.23 56.07 -26.09
CA ASP A 49 30.44 56.46 -24.70
C ASP A 49 29.89 57.86 -24.43
N TRP A 50 30.09 58.78 -25.38
CA TRP A 50 29.54 60.13 -25.20
C TRP A 50 28.02 60.12 -25.16
N ILE A 51 27.39 59.34 -26.05
CA ILE A 51 25.94 59.27 -26.07
C ILE A 51 25.41 58.64 -24.79
N LEU A 52 26.05 57.57 -24.31
CA LEU A 52 25.63 56.93 -23.07
C LEU A 52 25.81 57.90 -21.90
N GLY A 53 26.89 58.67 -21.89
CA GLY A 53 27.09 59.64 -20.83
C GLY A 53 26.05 60.74 -20.84
N GLU A 54 25.67 61.20 -22.03
CA GLU A 54 24.60 62.21 -22.13
C GLU A 54 23.27 61.65 -21.64
N VAL A 55 22.97 60.40 -22.00
CA VAL A 55 21.71 59.80 -21.55
C VAL A 55 21.74 59.59 -20.04
N LYS A 56 22.90 59.25 -19.49
CA LYS A 56 23.02 59.05 -18.04
C LYS A 56 22.87 60.36 -17.28
N THR A 57 23.59 61.40 -17.70
CA THR A 57 23.52 62.68 -17.01
C THR A 57 22.18 63.36 -17.19
N SER A 58 21.37 62.87 -18.14
CA SER A 58 20.04 63.41 -18.38
C SER A 58 19.02 62.97 -17.35
N GLY A 59 19.27 61.87 -16.65
CA GLY A 59 18.31 61.37 -15.69
C GLY A 59 17.07 60.76 -16.30
N LEU A 60 17.12 60.42 -17.58
CA LEU A 60 15.96 59.84 -18.26
C LEU A 60 15.67 58.45 -17.69
N ARG A 61 14.40 58.19 -17.41
CA ARG A 61 13.95 56.89 -16.94
C ARG A 61 12.98 56.30 -17.95
N GLY A 62 12.87 54.97 -17.93
CA GLY A 62 12.07 54.27 -18.92
C GLY A 62 10.63 54.72 -19.00
N ARG A 63 10.22 55.20 -20.17
CA ARG A 63 8.86 55.68 -20.37
C ARG A 63 7.87 54.57 -20.68
N GLY A 64 8.33 53.32 -20.77
CA GLY A 64 7.42 52.21 -20.93
C GLY A 64 6.49 52.05 -19.74
N GLY A 65 6.97 52.37 -18.54
CA GLY A 65 6.14 52.31 -17.36
C GLY A 65 6.85 51.85 -16.10
N ALA A 66 8.01 51.23 -16.25
CA ALA A 66 8.76 50.73 -15.10
C ALA A 66 9.72 51.76 -14.52
N GLY A 67 10.10 52.77 -15.29
CA GLY A 67 10.96 53.83 -14.79
C GLY A 67 12.38 53.40 -14.48
N PHE A 68 12.87 52.36 -15.15
CA PHE A 68 14.27 51.97 -14.98
C PHE A 68 15.18 53.04 -15.58
N PRO A 69 16.30 53.36 -14.93
CA PRO A 69 17.23 54.36 -15.49
C PRO A 69 17.74 53.93 -16.85
N THR A 70 17.60 54.83 -17.83
CA THR A 70 17.84 54.45 -19.22
C THR A 70 19.33 54.36 -19.53
N GLY A 71 20.15 55.23 -18.94
CA GLY A 71 21.57 55.21 -19.21
C GLY A 71 22.23 53.91 -18.80
N LEU A 72 21.93 53.45 -17.59
CA LEU A 72 22.49 52.18 -17.11
C LEU A 72 22.01 51.01 -17.96
N LYS A 73 20.71 50.99 -18.29
CA LYS A 73 20.16 49.91 -19.09
C LYS A 73 20.80 49.85 -20.47
N TRP A 74 21.03 51.02 -21.08
CA TRP A 74 21.68 51.05 -22.40
C TRP A 74 23.15 50.71 -22.31
N SER A 75 23.82 51.09 -21.22
CA SER A 75 25.23 50.74 -21.06
C SER A 75 25.44 49.30 -20.69
N PHE A 76 24.39 48.58 -20.30
CA PHE A 76 24.50 47.13 -20.11
C PHE A 76 24.93 46.45 -21.40
N MET A 77 24.72 47.09 -22.55
CA MET A 77 25.05 46.53 -23.86
C MET A 77 26.38 47.07 -24.41
N ASN A 78 27.24 47.60 -23.55
CA ASN A 78 28.47 48.23 -23.98
C ASN A 78 29.66 47.28 -23.85
N LYS A 79 29.41 45.99 -24.08
CA LYS A 79 30.41 44.94 -24.02
C LYS A 79 31.10 44.76 -25.35
N PRO A 80 32.30 44.17 -25.37
CA PRO A 80 32.92 43.80 -26.65
C PRO A 80 32.12 42.73 -27.36
N SER A 81 32.20 42.72 -28.68
CA SER A 81 31.51 41.72 -29.49
C SER A 81 32.11 40.34 -29.27
N ASP A 82 31.27 39.31 -29.39
CA ASP A 82 31.71 37.93 -29.28
C ASP A 82 31.36 37.12 -30.52
N GLY A 83 30.88 37.77 -31.58
CA GLY A 83 30.52 37.08 -32.80
C GLY A 83 29.06 37.22 -33.15
N ARG A 84 28.19 37.26 -32.14
CA ARG A 84 26.77 37.44 -32.38
C ARG A 84 26.48 38.90 -32.72
N PRO A 85 25.52 39.16 -33.60
CA PRO A 85 25.11 40.53 -33.89
C PRO A 85 24.33 41.12 -32.73
N LYS A 86 24.27 42.45 -32.70
CA LYS A 86 23.59 43.20 -31.65
C LYS A 86 22.43 43.96 -32.25
N TYR A 87 21.33 44.05 -31.51
CA TYR A 87 20.08 44.61 -32.03
C TYR A 87 19.47 45.57 -31.03
N LEU A 88 18.72 46.53 -31.56
CA LEU A 88 17.86 47.38 -30.76
C LEU A 88 16.41 47.06 -31.12
N VAL A 89 15.60 46.77 -30.11
CA VAL A 89 14.18 46.49 -30.31
C VAL A 89 13.39 47.63 -29.67
N VAL A 90 12.56 48.28 -30.47
CA VAL A 90 11.74 49.39 -29.99
C VAL A 90 10.34 48.87 -29.71
N ASN A 91 9.87 49.08 -28.48
CA ASN A 91 8.57 48.58 -28.06
C ASN A 91 7.48 49.58 -28.42
N ALA A 92 6.59 49.19 -29.34
CA ALA A 92 5.46 50.02 -29.73
C ALA A 92 4.16 49.25 -29.65
N ASP A 93 4.04 48.33 -28.68
CA ASP A 93 2.85 47.50 -28.59
C ASP A 93 1.64 48.28 -28.07
N GLU A 94 1.85 49.10 -27.03
CA GLU A 94 0.81 50.00 -26.52
C GLU A 94 -0.49 49.25 -26.20
N GLY A 95 -0.41 48.41 -25.18
CA GLY A 95 -1.56 47.64 -24.80
C GLY A 95 -2.29 48.15 -23.57
N GLU A 96 -1.66 49.03 -22.80
CA GLU A 96 -2.23 49.47 -21.54
C GLU A 96 -3.47 50.32 -21.77
N PRO A 97 -4.61 49.96 -21.19
CA PRO A 97 -5.81 50.81 -21.32
C PRO A 97 -5.57 52.20 -20.76
N GLY A 98 -6.03 53.21 -21.50
CA GLY A 98 -5.83 54.59 -21.15
C GLY A 98 -4.65 55.26 -21.82
N THR A 99 -3.74 54.49 -22.43
CA THR A 99 -2.51 55.02 -22.98
C THR A 99 -2.65 55.22 -24.49
N CYS A 100 -2.29 56.41 -24.97
CA CYS A 100 -2.39 56.73 -26.39
C CYS A 100 -1.19 57.51 -26.92
N LYS A 101 -0.11 57.65 -26.16
CA LYS A 101 0.97 58.56 -26.52
C LYS A 101 1.80 58.04 -27.68
N ASP A 102 2.17 56.75 -27.64
CA ASP A 102 3.07 56.20 -28.65
C ASP A 102 2.42 56.20 -30.02
N ARG A 103 1.10 56.05 -30.07
CA ARG A 103 0.39 56.13 -31.35
C ARG A 103 0.62 57.48 -32.01
N GLU A 104 0.51 58.56 -31.23
CA GLU A 104 0.71 59.90 -31.77
C GLU A 104 2.17 60.12 -32.14
N ILE A 105 3.11 59.59 -31.35
CA ILE A 105 4.52 59.70 -31.70
C ILE A 105 4.79 59.02 -33.04
N ILE A 106 4.24 57.82 -33.22
CA ILE A 106 4.51 57.05 -34.43
C ILE A 106 3.86 57.70 -35.65
N ARG A 107 2.63 58.19 -35.51
CA ARG A 107 1.94 58.68 -36.69
C ARG A 107 2.29 60.12 -37.05
N HIS A 108 2.65 60.96 -36.07
CA HIS A 108 2.78 62.38 -36.34
C HIS A 108 4.21 62.88 -36.47
N ASP A 109 5.18 62.20 -35.87
CA ASP A 109 6.60 62.47 -36.12
C ASP A 109 7.39 61.17 -36.02
N PRO A 110 7.22 60.27 -36.99
CA PRO A 110 8.02 59.03 -36.98
C PRO A 110 9.51 59.27 -37.22
N HIS A 111 9.89 60.41 -37.78
CA HIS A 111 11.30 60.67 -38.02
C HIS A 111 12.06 60.85 -36.71
N LYS A 112 11.40 61.38 -35.69
CA LYS A 112 12.00 61.41 -34.36
C LYS A 112 12.31 60.00 -33.88
N LEU A 113 11.38 59.08 -34.08
CA LEU A 113 11.60 57.69 -33.68
C LEU A 113 12.73 57.06 -34.48
N VAL A 114 12.81 57.34 -35.79
CA VAL A 114 13.85 56.74 -36.62
C VAL A 114 15.23 57.26 -36.21
N GLU A 115 15.34 58.57 -35.98
CA GLU A 115 16.62 59.12 -35.56
C GLU A 115 17.00 58.63 -34.17
N GLY A 116 16.01 58.48 -33.28
CA GLY A 116 16.30 57.89 -31.98
C GLY A 116 16.77 56.45 -32.10
N CYS A 117 16.18 55.70 -33.03
CA CYS A 117 16.64 54.33 -33.28
C CYS A 117 18.10 54.33 -33.71
N LEU A 118 18.47 55.23 -34.63
CA LEU A 118 19.85 55.31 -35.08
C LEU A 118 20.79 55.65 -33.93
N VAL A 119 20.42 56.65 -33.13
CA VAL A 119 21.30 57.10 -32.05
C VAL A 119 21.44 56.01 -30.98
N GLY A 120 20.33 55.37 -30.61
CA GLY A 120 20.40 54.31 -29.63
C GLY A 120 21.18 53.10 -30.13
N GLY A 121 21.02 52.75 -31.40
CA GLY A 121 21.80 51.67 -31.97
C GLY A 121 23.28 51.96 -31.98
N ARG A 122 23.64 53.21 -32.29
CA ARG A 122 25.05 53.60 -32.21
C ARG A 122 25.57 53.51 -30.78
N ALA A 123 24.77 53.98 -29.81
CA ALA A 123 25.21 53.93 -28.42
C ALA A 123 25.40 52.50 -27.93
N MET A 124 24.49 51.60 -28.32
CA MET A 124 24.56 50.21 -27.93
C MET A 124 25.43 49.38 -28.86
N GLY A 125 25.91 49.95 -29.96
CA GLY A 125 26.62 49.16 -30.95
C GLY A 125 25.75 48.12 -31.63
N ALA A 126 24.51 48.49 -31.95
CA ALA A 126 23.55 47.56 -32.52
C ALA A 126 23.64 47.58 -34.04
N ARG A 127 23.46 46.40 -34.65
CA ARG A 127 23.53 46.29 -36.11
C ARG A 127 22.28 46.86 -36.76
N ALA A 128 21.11 46.65 -36.15
CA ALA A 128 19.86 47.07 -36.74
C ALA A 128 18.83 47.32 -35.65
N ALA A 129 17.74 47.97 -36.03
CA ALA A 129 16.62 48.24 -35.12
C ALA A 129 15.38 47.53 -35.64
N TYR A 130 14.67 46.87 -34.72
CA TYR A 130 13.37 46.26 -35.01
C TYR A 130 12.32 47.01 -34.21
N ILE A 131 11.30 47.52 -34.90
CA ILE A 131 10.20 48.24 -34.28
C ILE A 131 8.99 47.31 -34.28
N TYR A 132 8.56 46.90 -33.09
CA TYR A 132 7.39 46.03 -32.95
C TYR A 132 6.18 46.91 -32.70
N ILE A 133 5.44 47.20 -33.76
CA ILE A 133 4.26 48.05 -33.68
C ILE A 133 3.03 47.17 -33.48
N ARG A 134 2.06 47.71 -32.74
CA ARG A 134 0.81 47.02 -32.51
C ARG A 134 0.12 46.69 -33.83
N GLY A 135 -0.45 45.49 -33.92
CA GLY A 135 -1.06 45.05 -35.16
C GLY A 135 -2.28 45.85 -35.56
N GLU A 136 -2.95 46.46 -34.59
CA GLU A 136 -4.14 47.26 -34.88
C GLU A 136 -3.79 48.65 -35.42
N PHE A 137 -2.54 49.07 -35.31
CA PHE A 137 -2.11 50.38 -35.80
C PHE A 137 -1.58 50.25 -37.23
N TYR A 138 -2.48 49.92 -38.15
CA TYR A 138 -2.06 49.69 -39.53
C TYR A 138 -1.63 50.98 -40.21
N ASN A 139 -2.43 52.04 -40.08
CA ASN A 139 -2.09 53.31 -40.72
C ASN A 139 -0.84 53.93 -40.10
N GLU A 140 -0.70 53.79 -38.77
CA GLU A 140 0.51 54.28 -38.10
C GLU A 140 1.74 53.53 -38.59
N ALA A 141 1.63 52.21 -38.74
CA ALA A 141 2.74 51.43 -39.26
C ALA A 141 3.09 51.83 -40.68
N SER A 142 2.07 52.11 -41.50
CA SER A 142 2.33 52.56 -42.87
C SER A 142 3.03 53.91 -42.91
N ASN A 143 2.62 54.83 -42.03
CA ASN A 143 3.32 56.11 -41.92
C ASN A 143 4.77 55.91 -41.50
N LEU A 144 5.00 55.01 -40.54
CA LEU A 144 6.36 54.72 -40.11
C LEU A 144 7.19 54.16 -41.26
N GLN A 145 6.60 53.27 -42.06
CA GLN A 145 7.31 52.71 -43.21
C GLN A 145 7.63 53.77 -44.24
N VAL A 146 6.71 54.71 -44.48
CA VAL A 146 6.98 55.80 -45.42
C VAL A 146 8.13 56.66 -44.92
N ALA A 147 8.14 56.98 -43.63
CA ALA A 147 9.24 57.76 -43.07
C ALA A 147 10.56 57.02 -43.18
N ILE A 148 10.54 55.70 -42.94
CA ILE A 148 11.75 54.89 -43.06
C ILE A 148 12.24 54.89 -44.50
N ARG A 149 11.31 54.82 -45.47
CA ARG A 149 11.69 54.88 -46.87
C ARG A 149 12.34 56.22 -47.21
N GLU A 150 11.77 57.32 -46.70
CA GLU A 150 12.37 58.63 -46.94
C GLU A 150 13.76 58.72 -46.34
N ALA A 151 13.94 58.17 -45.13
CA ALA A 151 15.25 58.18 -44.50
C ALA A 151 16.25 57.33 -45.29
N TYR A 152 15.79 56.21 -45.84
CA TYR A 152 16.67 55.35 -46.63
C TYR A 152 17.12 56.05 -47.91
N GLU A 153 16.21 56.75 -48.59
CA GLU A 153 16.63 57.45 -49.80
C GLU A 153 17.46 58.69 -49.49
N ALA A 154 17.32 59.26 -48.30
CA ALA A 154 18.12 60.42 -47.93
C ALA A 154 19.50 60.06 -47.40
N GLY A 155 19.81 58.78 -47.27
CA GLY A 155 21.07 58.34 -46.73
C GLY A 155 21.19 58.47 -45.23
N LEU A 156 20.08 58.80 -44.54
CA LEU A 156 20.15 58.98 -43.09
C LEU A 156 20.25 57.65 -42.36
N ILE A 157 19.80 56.56 -42.99
CA ILE A 157 19.93 55.21 -42.45
C ILE A 157 20.41 54.30 -43.58
N GLY A 158 20.87 53.11 -43.19
CA GLY A 158 21.34 52.15 -44.17
C GLY A 158 22.85 52.08 -44.25
N LYS A 159 23.38 51.92 -45.46
CA LYS A 159 24.82 51.88 -45.66
C LYS A 159 25.41 53.27 -45.46
N ASN A 160 26.38 53.39 -44.56
CA ASN A 160 27.03 54.66 -44.24
C ASN A 160 25.98 55.70 -43.82
N ALA A 161 25.31 55.42 -42.71
CA ALA A 161 24.28 56.32 -42.20
C ALA A 161 24.86 57.70 -41.96
N CYS A 162 24.23 58.71 -42.55
CA CYS A 162 24.76 60.08 -42.60
C CYS A 162 26.14 60.00 -43.25
N GLY A 163 27.18 60.54 -42.66
CA GLY A 163 28.52 60.35 -43.18
C GLY A 163 29.45 59.74 -42.15
N SER A 164 28.86 59.04 -41.18
CA SER A 164 29.60 58.52 -40.05
C SER A 164 30.35 57.22 -40.35
N GLY A 165 30.03 56.55 -41.45
CA GLY A 165 30.61 55.25 -41.70
C GLY A 165 29.99 54.13 -40.88
N TYR A 166 28.76 54.31 -40.42
CA TYR A 166 28.07 53.33 -39.58
C TYR A 166 26.89 52.75 -40.36
N ASP A 167 26.81 51.43 -40.41
CA ASP A 167 25.74 50.75 -41.11
C ASP A 167 24.65 50.36 -40.13
N PHE A 168 23.40 50.68 -40.47
CA PHE A 168 22.29 50.49 -39.55
C PHE A 168 20.99 50.34 -40.33
N ASP A 169 20.19 49.33 -39.98
CA ASP A 169 18.90 49.11 -40.59
C ASP A 169 17.78 49.31 -39.57
N VAL A 170 16.59 49.63 -40.07
CA VAL A 170 15.38 49.67 -39.27
C VAL A 170 14.33 48.82 -39.95
N PHE A 171 13.71 47.93 -39.19
CA PHE A 171 12.65 47.06 -39.68
C PHE A 171 11.40 47.26 -38.83
N VAL A 172 10.23 47.13 -39.45
CA VAL A 172 8.96 47.25 -38.77
C VAL A 172 8.30 45.89 -38.76
N VAL A 173 7.92 45.42 -37.58
CA VAL A 173 7.25 44.14 -37.40
C VAL A 173 5.92 44.41 -36.71
N ARG A 174 4.84 43.86 -37.26
CA ARG A 174 3.50 44.08 -36.74
C ARG A 174 3.05 42.87 -35.91
N GLY A 175 2.41 43.15 -34.79
CA GLY A 175 1.82 42.10 -33.99
C GLY A 175 0.46 41.69 -34.53
N ALA A 176 -0.16 40.73 -33.83
CA ALA A 176 -1.52 40.32 -34.14
C ALA A 176 -2.33 40.23 -32.84
N GLY A 177 -2.82 41.37 -32.36
CA GLY A 177 -3.73 41.39 -31.23
C GLY A 177 -3.31 40.61 -30.00
N ALA A 178 -2.31 41.10 -29.27
CA ALA A 178 -1.93 40.49 -28.00
C ALA A 178 -1.32 41.56 -27.10
N TYR A 179 -1.96 41.80 -25.96
CA TYR A 179 -1.45 42.76 -25.00
C TYR A 179 -0.16 42.28 -24.33
N ILE A 180 -0.09 40.99 -24.03
CA ILE A 180 1.10 40.42 -23.38
C ILE A 180 2.34 40.60 -24.23
N CYS A 181 2.18 40.73 -25.55
CA CYS A 181 3.32 40.95 -26.42
C CYS A 181 3.98 42.31 -26.21
N GLY A 182 3.46 43.15 -25.30
CA GLY A 182 4.16 44.36 -24.94
C GLY A 182 5.29 44.14 -23.97
N GLU A 183 5.23 43.04 -23.20
CA GLU A 183 6.34 42.66 -22.34
C GLU A 183 7.57 42.33 -23.19
N GLU A 184 8.73 42.78 -22.74
CA GLU A 184 9.92 42.76 -23.59
C GLU A 184 10.29 41.35 -24.04
N THR A 185 10.25 40.39 -23.12
CA THR A 185 10.63 39.02 -23.48
C THR A 185 9.55 38.36 -24.31
N ALA A 186 8.27 38.60 -23.99
CA ALA A 186 7.19 38.11 -24.84
C ALA A 186 7.25 38.76 -26.22
N LEU A 187 7.64 40.03 -26.27
CA LEU A 187 7.84 40.70 -27.55
C LEU A 187 8.94 40.03 -28.36
N ILE A 188 10.05 39.71 -27.72
CA ILE A 188 11.13 39.01 -28.41
C ILE A 188 10.65 37.66 -28.93
N GLU A 189 9.90 36.93 -28.10
CA GLU A 189 9.39 35.62 -28.53
C GLU A 189 8.42 35.76 -29.70
N SER A 190 7.61 36.82 -29.71
CA SER A 190 6.70 37.04 -30.82
C SER A 190 7.44 37.42 -32.09
N ILE A 191 8.55 38.16 -31.97
CA ILE A 191 9.35 38.48 -33.15
C ILE A 191 9.90 37.21 -33.79
N GLU A 192 10.36 36.27 -32.98
CA GLU A 192 10.94 35.02 -33.46
C GLU A 192 9.90 34.03 -33.96
N GLY A 193 8.63 34.42 -34.05
CA GLY A 193 7.61 33.56 -34.62
C GLY A 193 6.95 32.61 -33.66
N LYS A 194 7.07 32.82 -32.36
CA LYS A 194 6.44 31.97 -31.36
C LYS A 194 5.26 32.70 -30.73
N GLN A 195 4.56 32.00 -29.84
CA GLN A 195 3.51 32.62 -29.05
C GLN A 195 4.11 33.69 -28.14
N GLY A 196 3.31 34.71 -27.84
CA GLY A 196 3.79 35.82 -27.03
C GLY A 196 3.89 35.49 -25.56
N LYS A 197 4.72 34.50 -25.22
CA LYS A 197 4.89 34.08 -23.84
C LYS A 197 6.21 34.60 -23.30
N PRO A 198 6.18 35.33 -22.18
CA PRO A 198 7.43 35.84 -21.62
C PRO A 198 8.36 34.71 -21.19
N ARG A 199 9.66 34.97 -21.28
CA ARG A 199 10.67 34.05 -20.79
C ARG A 199 11.25 34.56 -19.48
N LEU A 200 11.80 33.64 -18.70
CA LEU A 200 12.29 33.97 -17.37
C LEU A 200 13.58 34.76 -17.44
N LYS A 201 13.81 35.59 -16.41
CA LYS A 201 15.05 36.33 -16.26
C LYS A 201 15.68 35.99 -14.91
N PRO A 202 17.00 35.76 -14.87
CA PRO A 202 17.98 35.79 -15.97
C PRO A 202 17.80 34.61 -16.93
N PRO A 203 18.35 34.68 -18.15
CA PRO A 203 19.18 35.76 -18.72
C PRO A 203 18.39 36.99 -19.11
N PHE A 204 18.99 38.16 -19.00
CA PHE A 204 18.42 39.42 -19.45
C PHE A 204 18.66 39.60 -20.94
N PRO A 205 17.87 40.47 -21.59
CA PRO A 205 18.02 40.62 -23.05
C PRO A 205 19.40 41.05 -23.49
N ALA A 206 20.14 41.79 -22.67
CA ALA A 206 21.49 42.21 -23.04
C ALA A 206 22.43 41.03 -23.21
N ASP A 207 22.15 39.90 -22.56
CA ASP A 207 22.94 38.69 -22.73
C ASP A 207 22.37 37.75 -23.79
N VAL A 208 21.11 37.37 -23.66
CA VAL A 208 20.44 36.50 -24.62
C VAL A 208 19.09 37.14 -24.93
N GLY A 209 18.95 37.68 -26.14
CA GLY A 209 17.72 38.31 -26.52
C GLY A 209 17.13 37.78 -27.81
N VAL A 210 16.83 38.68 -28.76
CA VAL A 210 16.18 38.28 -29.99
C VAL A 210 17.16 37.45 -30.83
N PHE A 211 16.67 36.30 -31.32
CA PHE A 211 17.49 35.32 -32.02
C PHE A 211 18.65 34.83 -31.16
N GLY A 212 18.55 34.97 -29.84
CA GLY A 212 19.61 34.60 -28.94
C GLY A 212 20.79 35.54 -28.89
N CYS A 213 20.65 36.72 -29.44
CA CYS A 213 21.66 37.75 -29.58
C CYS A 213 21.46 38.85 -28.54
N PRO A 214 22.50 39.61 -28.21
CA PRO A 214 22.31 40.76 -27.31
C PRO A 214 21.35 41.77 -27.93
N THR A 215 20.37 42.19 -27.14
CA THR A 215 19.42 43.18 -27.61
C THR A 215 18.97 44.04 -26.44
N THR A 216 18.41 45.20 -26.76
CA THR A 216 17.82 46.07 -25.76
C THR A 216 16.40 46.42 -26.22
N VAL A 217 15.44 46.23 -25.34
CA VAL A 217 14.06 46.61 -25.60
C VAL A 217 13.79 47.95 -24.93
N ALA A 218 13.41 48.95 -25.72
CA ALA A 218 13.17 50.28 -25.20
C ALA A 218 11.84 50.80 -25.72
N ASN A 219 11.14 51.56 -24.88
CA ASN A 219 9.89 52.18 -25.27
C ASN A 219 10.13 53.24 -26.33
N VAL A 220 9.12 53.45 -27.18
CA VAL A 220 9.27 54.37 -28.32
C VAL A 220 9.46 55.80 -27.83
N GLU A 221 8.82 56.19 -26.74
CA GLU A 221 9.05 57.53 -26.19
C GLU A 221 10.48 57.69 -25.70
N THR A 222 11.01 56.66 -25.03
CA THR A 222 12.40 56.70 -24.55
C THR A 222 13.37 56.81 -25.71
N VAL A 223 13.13 56.07 -26.80
CA VAL A 223 14.00 56.13 -27.96
C VAL A 223 13.88 57.47 -28.66
N ALA A 224 12.65 58.01 -28.73
CA ALA A 224 12.38 59.22 -29.49
C ALA A 224 12.87 60.48 -28.81
N VAL A 225 12.95 60.51 -27.48
CA VAL A 225 13.50 61.68 -26.80
C VAL A 225 15.02 61.71 -26.80
N SER A 226 15.68 60.59 -27.12
CA SER A 226 17.14 60.54 -27.00
C SER A 226 17.90 61.49 -27.94
N PRO A 227 17.57 61.60 -29.23
CA PRO A 227 18.33 62.56 -30.07
C PRO A 227 18.21 64.00 -29.60
N THR A 228 17.05 64.40 -29.09
CA THR A 228 16.91 65.75 -28.55
C THR A 228 17.78 65.92 -27.32
N ILE A 229 17.83 64.90 -26.45
CA ILE A 229 18.70 64.95 -25.29
C ILE A 229 20.16 65.09 -25.71
N CYS A 230 20.56 64.37 -26.75
CA CYS A 230 21.93 64.47 -27.24
C CYS A 230 22.22 65.86 -27.80
N ARG A 231 21.26 66.43 -28.54
CA ARG A 231 21.51 67.73 -29.18
C ARG A 231 21.53 68.86 -28.16
N ARG A 232 20.59 68.87 -27.22
CA ARG A 232 20.48 69.95 -26.25
C ARG A 232 21.23 69.68 -24.95
N GLY A 233 21.66 68.46 -24.71
CA GLY A 233 22.42 68.13 -23.52
C GLY A 233 21.57 67.50 -22.44
N GLY A 234 22.23 66.70 -21.60
CA GLY A 234 21.54 66.05 -20.51
C GLY A 234 21.14 67.01 -19.41
N ALA A 235 21.90 68.09 -19.26
CA ALA A 235 21.59 69.09 -18.23
C ALA A 235 20.24 69.75 -18.51
N TRP A 236 19.96 70.06 -19.78
CA TRP A 236 18.69 70.68 -20.12
C TRP A 236 17.51 69.77 -19.77
N PHE A 237 17.63 68.47 -20.06
CA PHE A 237 16.57 67.54 -19.72
C PHE A 237 16.45 67.38 -18.20
N ALA A 238 17.59 67.37 -17.50
CA ALA A 238 17.59 67.20 -16.05
C ALA A 238 17.15 68.45 -15.31
N SER A 239 17.03 69.60 -16.00
CA SER A 239 16.56 70.80 -15.33
C SER A 239 15.07 70.71 -15.00
N PHE A 240 14.34 69.85 -15.72
CA PHE A 240 12.91 69.72 -15.48
C PHE A 240 12.62 68.62 -14.46
N GLY A 241 11.57 68.83 -13.68
CA GLY A 241 11.13 67.84 -12.71
C GLY A 241 11.98 67.84 -11.44
N ARG A 242 11.59 66.96 -10.51
CA ARG A 242 12.31 66.80 -9.27
C ARG A 242 13.57 65.96 -9.50
N GLU A 243 14.35 65.81 -8.43
CA GLU A 243 15.53 64.95 -8.50
C GLU A 243 15.11 63.50 -8.71
N ARG A 244 15.83 62.82 -9.61
CA ARG A 244 15.55 61.44 -10.02
C ARG A 244 14.22 61.31 -10.75
N ASN A 245 13.60 62.42 -11.13
CA ASN A 245 12.34 62.46 -11.87
C ASN A 245 12.42 63.49 -12.99
N SER A 246 13.51 63.43 -13.74
CA SER A 246 13.87 64.49 -14.67
C SER A 246 13.04 64.42 -15.95
N GLY A 247 12.95 65.56 -16.63
CA GLY A 247 12.45 65.61 -17.99
C GLY A 247 10.98 65.95 -18.10
N THR A 248 10.51 65.86 -19.34
CA THR A 248 9.12 66.08 -19.71
C THR A 248 8.43 64.73 -19.89
N LYS A 249 7.12 64.77 -20.07
CA LYS A 249 6.35 63.53 -20.18
C LYS A 249 5.07 63.79 -20.96
N LEU A 250 4.65 62.77 -21.71
CA LEU A 250 3.36 62.77 -22.36
C LEU A 250 2.31 62.19 -21.43
N PHE A 251 1.15 62.85 -21.36
CA PHE A 251 0.04 62.44 -20.52
C PHE A 251 -1.20 62.28 -21.38
N ASN A 252 -1.92 61.18 -21.17
CA ASN A 252 -3.20 60.94 -21.81
C ASN A 252 -4.28 60.99 -20.74
N ILE A 253 -5.09 62.06 -20.76
CA ILE A 253 -6.17 62.23 -19.80
C ILE A 253 -7.47 61.81 -20.48
N SER A 254 -8.13 60.80 -19.91
CA SER A 254 -9.36 60.24 -20.45
C SER A 254 -10.31 59.93 -19.31
N GLY A 255 -11.51 59.51 -19.67
CA GLY A 255 -12.54 59.25 -18.68
C GLY A 255 -13.48 60.42 -18.52
N HIS A 256 -13.86 60.72 -17.28
CA HIS A 256 -14.87 61.75 -17.00
C HIS A 256 -14.19 63.12 -16.86
N VAL A 257 -13.71 63.62 -18.00
CA VAL A 257 -13.19 64.97 -18.11
C VAL A 257 -13.90 65.66 -19.26
N ASN A 258 -13.95 67.00 -19.20
CA ASN A 258 -14.64 67.75 -20.24
C ASN A 258 -13.94 67.61 -21.58
N HIS A 259 -12.61 67.64 -21.59
CA HIS A 259 -11.83 67.61 -22.82
C HIS A 259 -10.73 66.56 -22.71
N PRO A 260 -11.07 65.28 -22.86
CA PRO A 260 -10.02 64.25 -22.88
C PRO A 260 -9.03 64.51 -23.99
N CYS A 261 -7.75 64.33 -23.70
CA CYS A 261 -6.72 64.76 -24.65
C CYS A 261 -5.39 64.12 -24.29
N THR A 262 -4.37 64.45 -25.09
CA THR A 262 -3.00 64.06 -24.85
C THR A 262 -2.13 65.30 -24.91
N VAL A 263 -1.30 65.51 -23.89
CA VAL A 263 -0.49 66.70 -23.78
C VAL A 263 0.93 66.32 -23.40
N GLU A 264 1.84 67.29 -23.53
CA GLU A 264 3.20 67.17 -23.04
C GLU A 264 3.41 68.20 -21.93
N GLU A 265 3.92 67.74 -20.79
CA GLU A 265 4.04 68.60 -19.62
C GLU A 265 5.25 68.17 -18.81
N GLU A 266 5.73 69.07 -17.97
CA GLU A 266 6.82 68.74 -17.06
C GLU A 266 6.40 67.62 -16.13
N MET A 267 7.37 66.87 -15.63
CA MET A 267 7.08 65.63 -14.93
C MET A 267 6.25 65.88 -13.67
N SER A 268 6.81 66.62 -12.72
CA SER A 268 6.25 66.70 -11.38
C SER A 268 5.04 67.63 -11.28
N VAL A 269 4.37 67.92 -12.40
CA VAL A 269 3.15 68.74 -12.36
C VAL A 269 2.13 68.09 -11.45
N PRO A 270 1.44 68.84 -10.59
CA PRO A 270 0.38 68.24 -9.78
C PRO A 270 -0.77 67.73 -10.65
N LEU A 271 -1.42 66.67 -10.17
CA LEU A 271 -2.48 66.04 -10.95
C LEU A 271 -3.67 66.98 -11.15
N LYS A 272 -4.06 67.70 -10.10
CA LYS A 272 -5.20 68.60 -10.20
C LYS A 272 -4.96 69.70 -11.22
N GLU A 273 -3.75 70.28 -11.21
CA GLU A 273 -3.42 71.33 -12.16
C GLU A 273 -3.46 70.82 -13.59
N LEU A 274 -2.91 69.63 -13.83
CA LEU A 274 -2.94 69.04 -15.16
C LEU A 274 -4.37 68.80 -15.63
N ILE A 275 -5.20 68.23 -14.76
CA ILE A 275 -6.57 67.90 -15.12
C ILE A 275 -7.37 69.16 -15.43
N GLU A 276 -7.24 70.18 -14.58
CA GLU A 276 -8.03 71.40 -14.76
C GLU A 276 -7.47 72.34 -15.80
N LYS A 277 -6.22 72.17 -16.23
CA LYS A 277 -5.62 73.04 -17.23
C LYS A 277 -5.70 72.46 -18.64
N HIS A 278 -5.38 71.18 -18.80
CA HIS A 278 -5.31 70.60 -20.14
C HIS A 278 -6.54 69.77 -20.50
N ALA A 279 -7.23 69.20 -19.52
CA ALA A 279 -8.39 68.37 -19.78
C ALA A 279 -9.71 69.09 -19.54
N GLY A 280 -9.69 70.39 -19.26
CA GLY A 280 -10.91 71.13 -19.07
C GLY A 280 -11.60 70.89 -17.75
N GLY A 281 -10.97 70.17 -16.83
CA GLY A 281 -11.54 69.90 -15.53
C GLY A 281 -12.44 68.68 -15.53
N VAL A 282 -12.73 68.19 -14.32
CA VAL A 282 -13.61 67.04 -14.17
C VAL A 282 -15.03 67.43 -14.57
N ILE A 283 -15.75 66.48 -15.18
CA ILE A 283 -17.13 66.73 -15.57
C ILE A 283 -17.98 66.95 -14.33
N GLY A 284 -18.63 68.11 -14.28
CA GLY A 284 -19.43 68.47 -13.13
C GLY A 284 -18.69 69.21 -12.03
N GLY A 285 -17.42 69.54 -12.24
CA GLY A 285 -16.63 70.24 -11.25
C GLY A 285 -15.70 69.31 -10.49
N TRP A 286 -14.68 69.92 -9.86
CA TRP A 286 -13.69 69.12 -9.13
C TRP A 286 -14.31 68.41 -7.94
N ASP A 287 -15.37 68.97 -7.35
CA ASP A 287 -16.04 68.31 -6.24
C ASP A 287 -16.82 67.08 -6.68
N ASN A 288 -16.99 66.87 -7.98
CA ASN A 288 -17.65 65.69 -8.52
C ASN A 288 -16.69 64.53 -8.72
N LEU A 289 -15.41 64.72 -8.43
CA LEU A 289 -14.42 63.67 -8.62
C LEU A 289 -14.62 62.56 -7.59
N LEU A 290 -14.59 61.31 -8.05
CA LEU A 290 -14.60 60.15 -7.18
C LEU A 290 -13.23 59.49 -7.06
N ALA A 291 -12.63 59.15 -8.19
CA ALA A 291 -11.35 58.43 -8.15
C ALA A 291 -10.57 58.69 -9.42
N VAL A 292 -9.27 58.43 -9.34
CA VAL A 292 -8.38 58.61 -10.48
C VAL A 292 -7.44 57.42 -10.54
N ILE A 293 -7.31 56.83 -11.73
CA ILE A 293 -6.25 55.86 -12.01
C ILE A 293 -5.13 56.60 -12.72
N PRO A 294 -3.99 56.83 -12.09
CA PRO A 294 -3.02 57.80 -12.62
C PRO A 294 -2.12 57.27 -13.73
N GLY A 295 -1.85 55.97 -13.74
CA GLY A 295 -0.86 55.46 -14.67
C GLY A 295 -1.25 54.25 -15.50
N GLY A 296 -2.50 54.19 -15.92
CA GLY A 296 -3.00 53.05 -16.67
C GLY A 296 -3.63 52.01 -15.75
N SER A 297 -4.22 51.00 -16.39
CA SER A 297 -5.04 50.03 -15.67
C SER A 297 -4.25 49.28 -14.60
N SER A 298 -2.94 49.11 -14.79
CA SER A 298 -2.13 48.35 -13.85
C SER A 298 -1.86 49.09 -12.56
N THR A 299 -2.02 50.41 -12.53
CA THR A 299 -1.75 51.14 -11.30
C THR A 299 -3.00 51.14 -10.40
N PRO A 300 -2.81 51.08 -9.09
CA PRO A 300 -3.96 51.20 -8.17
C PRO A 300 -4.59 52.58 -8.27
N LEU A 301 -5.89 52.63 -8.04
CA LEU A 301 -6.63 53.88 -8.08
C LEU A 301 -6.46 54.64 -6.78
N ILE A 302 -6.66 55.97 -6.85
CA ILE A 302 -6.56 56.82 -5.67
C ILE A 302 -7.84 57.64 -5.55
N PRO A 303 -8.35 57.86 -4.34
CA PRO A 303 -9.56 58.66 -4.16
C PRO A 303 -9.27 60.14 -4.31
N LYS A 304 -10.36 60.93 -4.32
CA LYS A 304 -10.25 62.36 -4.56
C LYS A 304 -9.39 63.05 -3.51
N SER A 305 -9.41 62.57 -2.27
CA SER A 305 -8.64 63.20 -1.21
C SER A 305 -7.14 63.17 -1.46
N VAL A 306 -6.65 62.16 -2.19
CA VAL A 306 -5.22 62.03 -2.46
C VAL A 306 -4.83 62.87 -3.67
N CYS A 307 -5.74 63.00 -4.63
CA CYS A 307 -5.47 63.74 -5.86
C CYS A 307 -5.40 65.25 -5.65
N GLU A 308 -5.72 65.74 -4.46
CA GLU A 308 -5.66 67.18 -4.22
C GLU A 308 -4.24 67.73 -4.26
N THR A 309 -3.26 66.97 -3.77
CA THR A 309 -1.90 67.46 -3.68
C THR A 309 -0.84 66.54 -4.28
N VAL A 310 -1.23 65.40 -4.85
CA VAL A 310 -0.24 64.45 -5.35
C VAL A 310 0.37 64.96 -6.66
N LEU A 311 1.66 64.67 -6.86
CA LEU A 311 2.38 65.07 -8.05
C LEU A 311 2.56 63.88 -8.99
N MET A 312 2.74 64.18 -10.27
CA MET A 312 2.75 63.16 -11.31
C MET A 312 4.19 62.75 -11.68
N ASP A 313 4.82 62.04 -10.75
CA ASP A 313 6.12 61.44 -11.03
C ASP A 313 6.20 60.11 -10.31
N PHE A 314 7.33 59.40 -10.50
CA PHE A 314 7.45 58.05 -9.97
C PHE A 314 7.42 58.04 -8.45
N ASP A 315 8.23 58.89 -7.82
CA ASP A 315 8.41 58.81 -6.37
C ASP A 315 7.16 59.22 -5.61
N ALA A 316 6.55 60.35 -5.99
CA ALA A 316 5.38 60.83 -5.28
C ALA A 316 4.22 59.85 -5.40
N LEU A 317 4.05 59.25 -6.57
CA LEU A 317 2.96 58.30 -6.74
C LEU A 317 3.27 56.97 -6.06
N VAL A 318 4.54 56.60 -5.94
CA VAL A 318 4.90 55.44 -5.14
C VAL A 318 4.58 55.68 -3.67
N GLN A 319 4.89 56.87 -3.16
CA GLN A 319 4.53 57.19 -1.77
C GLN A 319 3.02 57.21 -1.57
N ALA A 320 2.26 57.43 -2.64
CA ALA A 320 0.81 57.38 -2.59
C ALA A 320 0.26 55.97 -2.84
N GLN A 321 1.14 54.97 -2.87
CA GLN A 321 0.76 53.57 -3.12
C GLN A 321 0.03 53.38 -4.44
N THR A 322 0.44 54.11 -5.48
CA THR A 322 -0.23 53.97 -6.77
C THR A 322 0.67 53.87 -7.99
N GLY A 323 1.91 54.35 -7.95
CA GLY A 323 2.78 54.23 -9.11
C GLY A 323 2.41 55.14 -10.28
N LEU A 324 3.38 55.45 -11.13
CA LEU A 324 3.18 56.36 -12.26
C LEU A 324 2.85 55.63 -13.55
N GLY A 325 3.44 54.46 -13.78
CA GLY A 325 3.08 53.67 -14.95
C GLY A 325 3.33 54.40 -16.25
N THR A 326 2.34 54.40 -17.13
CA THR A 326 2.42 55.02 -18.44
C THR A 326 1.89 56.46 -18.45
N ALA A 327 1.60 57.02 -17.26
CA ALA A 327 1.07 58.38 -17.13
C ALA A 327 -0.25 58.53 -17.89
N ALA A 328 -1.06 57.49 -17.87
CA ALA A 328 -2.37 57.49 -18.49
C ALA A 328 -3.42 57.71 -17.40
N VAL A 329 -3.93 58.93 -17.32
CA VAL A 329 -4.86 59.32 -16.27
C VAL A 329 -6.27 58.97 -16.73
N ILE A 330 -6.97 58.16 -15.93
CA ILE A 330 -8.36 57.81 -16.15
C ILE A 330 -9.15 58.39 -14.99
N VAL A 331 -10.10 59.26 -15.30
CA VAL A 331 -10.85 60.00 -14.29
C VAL A 331 -12.24 59.41 -14.17
N MET A 332 -12.65 59.08 -12.94
CA MET A 332 -13.99 58.57 -12.67
C MET A 332 -14.68 59.52 -11.70
N ASP A 333 -15.84 60.04 -12.11
CA ASP A 333 -16.58 60.99 -11.30
C ASP A 333 -17.50 60.26 -10.33
N ARG A 334 -18.32 61.02 -9.60
CA ARG A 334 -19.15 60.44 -8.56
C ARG A 334 -20.34 59.65 -9.09
N SER A 335 -20.61 59.71 -10.39
CA SER A 335 -21.66 58.91 -11.00
C SER A 335 -21.16 57.55 -11.47
N THR A 336 -19.89 57.23 -11.20
CA THR A 336 -19.26 56.00 -11.66
C THR A 336 -19.54 54.87 -10.67
N ASP A 337 -19.88 53.69 -11.21
CA ASP A 337 -19.85 52.47 -10.43
C ASP A 337 -18.40 51.98 -10.39
N ILE A 338 -17.71 52.24 -9.29
CA ILE A 338 -16.29 51.93 -9.20
C ILE A 338 -16.05 50.42 -9.24
N VAL A 339 -16.95 49.65 -8.62
CA VAL A 339 -16.81 48.19 -8.63
C VAL A 339 -16.90 47.66 -10.05
N LYS A 340 -17.83 48.18 -10.85
CA LYS A 340 -17.97 47.75 -12.23
C LYS A 340 -16.72 48.08 -13.05
N ALA A 341 -16.15 49.26 -12.81
CA ALA A 341 -14.93 49.64 -13.54
C ALA A 341 -13.77 48.72 -13.21
N ILE A 342 -13.57 48.43 -11.93
CA ILE A 342 -12.46 47.54 -11.55
C ILE A 342 -12.72 46.13 -12.07
N ALA A 343 -13.98 45.68 -12.04
CA ALA A 343 -14.29 44.36 -12.57
C ALA A 343 -14.05 44.28 -14.07
N ARG A 344 -14.34 45.36 -14.79
CA ARG A 344 -14.05 45.39 -16.22
C ARG A 344 -12.56 45.33 -16.48
N LEU A 345 -11.76 46.02 -15.67
CA LEU A 345 -10.32 45.91 -15.80
C LEU A 345 -9.83 44.50 -15.53
N ILE A 346 -10.39 43.84 -14.52
CA ILE A 346 -10.00 42.47 -14.22
C ILE A 346 -10.40 41.53 -15.35
N GLU A 347 -11.55 41.79 -15.98
CA GLU A 347 -11.95 41.02 -17.15
C GLU A 347 -10.98 41.20 -18.30
N PHE A 348 -10.52 42.45 -18.49
CA PHE A 348 -9.49 42.71 -19.51
C PHE A 348 -8.24 41.88 -19.23
N TYR A 349 -7.78 41.89 -17.98
CA TYR A 349 -6.58 41.12 -17.66
C TYR A 349 -6.80 39.62 -17.82
N LYS A 350 -8.00 39.13 -17.52
CA LYS A 350 -8.31 37.72 -17.74
C LYS A 350 -8.27 37.37 -19.22
N HIS A 351 -8.74 38.28 -20.08
CA HIS A 351 -8.69 38.03 -21.51
C HIS A 351 -7.30 38.24 -22.10
N GLU A 352 -6.40 38.91 -21.40
CA GLU A 352 -5.07 39.18 -21.93
C GLU A 352 -3.99 38.27 -21.35
N SER A 353 -4.28 37.48 -20.32
CA SER A 353 -3.28 36.59 -19.76
C SER A 353 -2.84 35.56 -20.79
N CYS A 354 -1.54 35.33 -20.86
CA CYS A 354 -1.00 34.39 -21.84
C CYS A 354 -1.17 32.93 -21.40
N GLY A 355 -1.41 32.67 -20.12
CA GLY A 355 -1.69 31.34 -19.63
C GLY A 355 -0.48 30.49 -19.31
N GLN A 356 0.74 31.04 -19.43
CA GLN A 356 1.94 30.22 -19.27
C GLN A 356 2.09 29.71 -17.84
N CYS A 357 2.01 30.60 -16.86
CA CYS A 357 2.33 30.24 -15.49
C CYS A 357 1.06 30.10 -14.65
N THR A 358 1.14 29.20 -13.67
CA THR A 358 -0.04 28.83 -12.87
C THR A 358 -0.69 30.00 -12.14
N PRO A 359 0.04 30.85 -11.40
CA PRO A 359 -0.66 31.90 -10.65
C PRO A 359 -1.48 32.83 -11.52
N CYS A 360 -0.92 33.37 -12.60
CA CYS A 360 -1.72 34.22 -13.47
C CYS A 360 -2.87 33.43 -14.09
N ARG A 361 -2.54 32.29 -14.72
CA ARG A 361 -3.53 31.55 -15.52
C ARG A 361 -4.74 31.16 -14.70
N GLU A 362 -4.55 30.75 -13.45
CA GLU A 362 -5.70 30.34 -12.65
C GLU A 362 -6.24 31.48 -11.78
N GLY A 363 -5.37 32.19 -11.07
CA GLY A 363 -5.82 33.20 -10.14
C GLY A 363 -6.48 34.40 -10.78
N VAL A 364 -6.04 34.82 -11.97
CA VAL A 364 -6.69 35.97 -12.59
C VAL A 364 -8.12 35.63 -12.97
N ASP A 365 -8.34 34.42 -13.51
CA ASP A 365 -9.70 33.97 -13.77
C ASP A 365 -10.52 33.87 -12.48
N TRP A 366 -9.89 33.37 -11.41
CA TRP A 366 -10.58 33.28 -10.13
C TRP A 366 -11.02 34.66 -9.63
N MET A 367 -10.12 35.63 -9.68
CA MET A 367 -10.46 36.99 -9.25
C MET A 367 -11.50 37.62 -10.17
N ASN A 368 -11.47 37.27 -11.46
CA ASN A 368 -12.50 37.77 -12.36
C ASN A 368 -13.88 37.28 -11.95
N LYS A 369 -13.99 35.99 -11.64
CA LYS A 369 -15.27 35.47 -11.16
C LYS A 369 -15.68 36.12 -9.85
N VAL A 370 -14.73 36.28 -8.93
CA VAL A 370 -15.04 36.87 -7.63
C VAL A 370 -15.52 38.32 -7.80
N MET A 371 -14.87 39.08 -8.67
CA MET A 371 -15.27 40.47 -8.87
C MET A 371 -16.60 40.57 -9.61
N ALA A 372 -16.87 39.64 -10.52
CA ALA A 372 -18.17 39.59 -11.16
C ALA A 372 -19.27 39.37 -10.13
N ARG A 373 -19.04 38.47 -9.17
CA ARG A 373 -20.02 38.31 -8.09
C ARG A 373 -20.06 39.52 -7.17
N PHE A 374 -18.92 40.20 -6.96
CA PHE A 374 -18.90 41.41 -6.15
C PHE A 374 -19.78 42.50 -6.75
N VAL A 375 -19.78 42.60 -8.07
CA VAL A 375 -20.55 43.65 -8.75
C VAL A 375 -22.03 43.54 -8.40
N LYS A 376 -22.57 42.32 -8.40
CA LYS A 376 -23.97 42.14 -8.03
C LYS A 376 -24.16 42.24 -6.51
N GLY A 377 -23.21 41.76 -5.74
CA GLY A 377 -23.34 41.72 -4.30
C GLY A 377 -23.61 40.34 -3.72
N ASP A 378 -23.45 39.27 -4.50
CA ASP A 378 -23.75 37.93 -4.01
C ASP A 378 -22.88 37.52 -2.84
N ALA A 379 -21.65 38.04 -2.77
CA ALA A 379 -20.67 37.53 -1.83
C ALA A 379 -20.99 37.97 -0.40
N ARG A 380 -20.19 37.46 0.53
CA ARG A 380 -20.20 37.83 1.93
C ARG A 380 -18.97 38.66 2.25
N PRO A 381 -19.02 39.50 3.29
CA PRO A 381 -17.89 40.40 3.56
C PRO A 381 -16.57 39.69 3.79
N ALA A 382 -16.58 38.51 4.42
CA ALA A 382 -15.35 37.77 4.64
C ALA A 382 -14.59 37.50 3.36
N GLU A 383 -15.31 37.23 2.27
CA GLU A 383 -14.68 36.98 0.97
C GLU A 383 -13.76 38.12 0.56
N ILE A 384 -14.07 39.35 0.97
CA ILE A 384 -13.19 40.48 0.63
C ILE A 384 -11.78 40.18 1.09
N ASP A 385 -11.62 39.80 2.36
CA ASP A 385 -10.29 39.45 2.85
C ASP A 385 -9.71 38.31 2.03
N SER A 386 -10.53 37.29 1.75
CA SER A 386 -10.08 36.20 0.89
C SER A 386 -9.55 36.75 -0.42
N LEU A 387 -10.31 37.64 -1.07
CA LEU A 387 -9.85 38.21 -2.33
C LEU A 387 -8.50 38.86 -2.17
N TRP A 388 -8.33 39.65 -1.10
CA TRP A 388 -7.05 40.28 -0.85
C TRP A 388 -5.94 39.23 -0.84
N GLU A 389 -6.12 38.18 -0.05
CA GLU A 389 -5.09 37.14 0.04
C GLU A 389 -4.82 36.53 -1.32
N ILE A 390 -5.88 36.31 -2.12
CA ILE A 390 -5.70 35.71 -3.43
C ILE A 390 -4.78 36.60 -4.27
N SER A 391 -5.02 37.91 -4.24
CA SER A 391 -4.16 38.81 -5.01
C SER A 391 -2.72 38.72 -4.52
N LYS A 392 -2.54 38.61 -3.20
CA LYS A 392 -1.18 38.51 -2.65
C LYS A 392 -0.52 37.23 -3.11
N GLN A 393 -1.31 36.19 -3.41
CA GLN A 393 -0.72 34.94 -3.86
C GLN A 393 -0.33 35.02 -5.33
N ILE A 394 -0.86 36.01 -6.06
CA ILE A 394 -0.49 36.16 -7.45
C ILE A 394 0.72 37.08 -7.58
N GLU A 395 0.70 38.20 -6.89
CA GLU A 395 1.77 39.19 -6.98
C GLU A 395 3.09 38.62 -6.49
N GLY A 396 4.15 38.82 -7.27
CA GLY A 396 5.47 38.37 -6.92
C GLY A 396 5.71 36.89 -7.12
N HIS A 397 4.76 36.16 -7.68
CA HIS A 397 4.86 34.71 -7.85
C HIS A 397 4.73 34.28 -9.30
N THR A 398 4.71 35.22 -10.24
CA THR A 398 4.50 34.91 -11.66
C THR A 398 5.77 35.17 -12.46
N ILE A 399 5.75 34.69 -13.71
CA ILE A 399 6.91 34.87 -14.58
C ILE A 399 7.10 36.34 -14.93
N CYS A 400 6.02 37.01 -15.34
CA CYS A 400 6.09 38.40 -15.75
C CYS A 400 5.19 39.26 -14.85
N ALA A 401 5.17 40.55 -15.12
CA ALA A 401 4.50 41.53 -14.27
C ALA A 401 3.02 41.72 -14.60
N LEU A 402 2.48 40.95 -15.54
CA LEU A 402 1.04 41.00 -15.80
C LEU A 402 0.24 40.57 -14.58
N GLY A 403 0.71 39.55 -13.86
CA GLY A 403 0.03 39.15 -12.65
C GLY A 403 -0.02 40.26 -11.61
N ASP A 404 1.07 41.01 -11.47
CA ASP A 404 1.08 42.16 -10.57
C ASP A 404 0.09 43.21 -11.04
N GLY A 405 0.05 43.46 -12.35
CA GLY A 405 -0.85 44.44 -12.92
C GLY A 405 -2.31 44.06 -12.81
N ALA A 406 -2.60 42.78 -12.65
CA ALA A 406 -3.96 42.35 -12.36
C ALA A 406 -4.27 42.39 -10.87
N ALA A 407 -3.28 42.09 -10.02
CA ALA A 407 -3.51 42.05 -8.58
C ALA A 407 -3.66 43.45 -7.98
N TRP A 408 -2.93 44.43 -8.50
CA TRP A 408 -2.91 45.76 -7.90
C TRP A 408 -4.24 46.52 -7.94
N PRO A 409 -4.98 46.53 -9.06
CA PRO A 409 -6.27 47.26 -9.06
C PRO A 409 -7.27 46.78 -8.02
N VAL A 410 -7.38 45.47 -7.80
CA VAL A 410 -8.29 45.00 -6.76
C VAL A 410 -7.78 45.39 -5.38
N GLN A 411 -6.46 45.41 -5.19
CA GLN A 411 -5.90 45.86 -3.92
C GLN A 411 -6.26 47.32 -3.66
N GLY A 412 -6.15 48.17 -4.68
CA GLY A 412 -6.54 49.56 -4.52
C GLY A 412 -8.03 49.73 -4.24
N LEU A 413 -8.87 48.98 -4.95
CA LEU A 413 -10.32 49.07 -4.75
C LEU A 413 -10.69 48.65 -3.33
N ILE A 414 -10.09 47.56 -2.84
CA ILE A 414 -10.35 47.14 -1.47
C ILE A 414 -9.80 48.14 -0.46
N ARG A 415 -8.63 48.71 -0.74
CA ARG A 415 -8.02 49.66 0.18
C ARG A 415 -8.87 50.91 0.34
N HIS A 416 -9.48 51.40 -0.74
CA HIS A 416 -10.13 52.70 -0.69
C HIS A 416 -11.65 52.66 -0.76
N PHE A 417 -12.25 51.54 -1.14
CA PHE A 417 -13.70 51.48 -1.32
C PHE A 417 -14.30 50.20 -0.76
N ARG A 418 -13.77 49.74 0.38
CA ARG A 418 -14.37 48.58 1.05
C ARG A 418 -15.81 48.83 1.52
N PRO A 419 -16.17 49.98 2.11
CA PRO A 419 -17.57 50.17 2.50
C PRO A 419 -18.55 50.06 1.34
N GLU A 420 -18.15 50.46 0.14
CA GLU A 420 -19.03 50.31 -1.02
C GLU A 420 -19.35 48.84 -1.29
N LEU A 421 -18.31 47.99 -1.29
CA LEU A 421 -18.54 46.57 -1.48
C LEU A 421 -19.40 45.98 -0.36
N GLU A 422 -19.13 46.38 0.89
CA GLU A 422 -19.89 45.85 2.01
C GLU A 422 -21.36 46.24 1.91
N GLU A 423 -21.64 47.50 1.56
CA GLU A 423 -23.03 47.93 1.45
C GLU A 423 -23.72 47.31 0.25
N ARG A 424 -22.98 47.03 -0.82
CA ARG A 424 -23.56 46.30 -1.95
C ARG A 424 -23.98 44.89 -1.52
N MET A 425 -23.11 44.20 -0.77
CA MET A 425 -23.47 42.87 -0.27
C MET A 425 -24.67 42.96 0.67
N GLN A 426 -24.70 43.99 1.52
CA GLN A 426 -25.84 44.18 2.42
C GLN A 426 -27.14 44.35 1.65
N GLN A 427 -27.12 45.17 0.60
CA GLN A 427 -28.34 45.41 -0.18
C GLN A 427 -28.75 44.15 -0.93
N PHE A 428 -27.79 43.37 -1.43
CA PHE A 428 -28.13 42.13 -2.11
C PHE A 428 -28.76 41.13 -1.14
N ALA A 429 -28.21 41.02 0.07
CA ALA A 429 -28.78 40.11 1.05
C ALA A 429 -30.18 40.56 1.47
N LEU A 430 -30.37 41.86 1.67
CA LEU A 430 -31.66 42.36 2.11
C LEU A 430 -32.72 42.25 1.00
N GLN A 431 -32.31 42.37 -0.26
CA GLN A 431 -33.26 42.27 -1.36
C GLN A 431 -33.69 40.82 -1.60
N HIS A 432 -32.77 39.87 -1.45
CA HIS A 432 -33.01 38.47 -1.77
C HIS A 432 -33.18 37.61 -0.53
N GLN A 433 -33.80 38.16 0.51
CA GLN A 433 -33.93 37.47 1.80
C GLN A 433 -32.58 37.01 2.34
N THR B 1 -8.30 14.08 46.64
CA THR B 1 -9.26 13.78 47.69
C THR B 1 -9.60 12.29 47.71
N TYR B 2 -9.71 11.72 48.90
CA TYR B 2 -9.88 10.28 49.07
C TYR B 2 -10.80 10.02 50.26
N LYS B 3 -11.38 8.83 50.27
CA LYS B 3 -12.24 8.40 51.36
C LYS B 3 -11.91 6.96 51.74
N PHE B 4 -12.23 6.60 52.98
CA PHE B 4 -12.01 5.26 53.50
C PHE B 4 -13.29 4.43 53.35
N VAL B 5 -13.12 3.14 53.08
CA VAL B 5 -14.25 2.26 52.84
C VAL B 5 -14.51 1.37 54.04
N ASN B 6 -13.47 1.04 54.81
CA ASN B 6 -13.56 0.04 55.86
C ASN B 6 -12.83 0.52 57.12
N MET B 7 -13.13 1.75 57.56
CA MET B 7 -12.45 2.29 58.73
C MET B 7 -13.43 2.82 59.78
N ARG B 8 -14.41 2.01 60.17
CA ARG B 8 -15.37 2.36 61.21
C ARG B 8 -15.18 1.48 62.43
N GLU B 9 -15.68 1.95 63.56
CA GLU B 9 -15.54 1.27 64.83
C GLU B 9 -16.91 1.09 65.48
N PRO B 10 -17.29 -0.12 65.85
CA PRO B 10 -18.62 -0.34 66.44
C PRO B 10 -18.71 0.20 67.86
N SER B 11 -19.96 0.47 68.27
CA SER B 11 -20.21 0.96 69.62
C SER B 11 -20.18 -0.18 70.63
N MET B 12 -19.67 0.11 71.82
CA MET B 12 -19.43 -0.90 72.84
C MET B 12 -20.40 -0.78 74.03
N ASP B 13 -21.50 -0.05 73.86
CA ASP B 13 -22.48 0.01 74.94
C ASP B 13 -23.30 -1.28 74.98
N MET B 14 -24.04 -1.45 76.08
CA MET B 14 -24.85 -2.64 76.25
C MET B 14 -25.91 -2.76 75.16
N LYS B 15 -26.48 -1.63 74.74
CA LYS B 15 -27.52 -1.65 73.70
C LYS B 15 -26.95 -2.17 72.38
N SER B 16 -25.85 -1.60 71.92
CA SER B 16 -25.25 -2.05 70.66
C SER B 16 -24.72 -3.47 70.76
N VAL B 17 -24.14 -3.83 71.91
CA VAL B 17 -23.64 -5.19 72.09
C VAL B 17 -24.77 -6.20 72.00
N THR B 18 -25.90 -5.90 72.64
CA THR B 18 -27.06 -6.80 72.57
C THR B 18 -27.65 -6.84 71.17
N ASP B 19 -27.66 -5.71 70.46
CA ASP B 19 -28.13 -5.71 69.08
C ASP B 19 -27.25 -6.60 68.20
N ARG B 20 -25.93 -6.52 68.38
CA ARG B 20 -25.03 -7.37 67.60
C ARG B 20 -25.20 -8.84 67.99
N ALA B 21 -25.43 -9.11 69.28
CA ALA B 21 -25.70 -10.48 69.71
C ALA B 21 -26.96 -11.02 69.07
N ALA B 22 -28.01 -10.19 69.00
CA ALA B 22 -29.25 -10.61 68.36
C ALA B 22 -29.04 -10.85 66.87
N GLN B 23 -28.24 -10.00 66.22
CA GLN B 23 -27.94 -10.22 64.80
C GLN B 23 -27.18 -11.53 64.61
N THR B 24 -26.24 -11.83 65.51
CA THR B 24 -25.47 -13.07 65.39
C THR B 24 -26.36 -14.29 65.61
N LEU B 25 -27.21 -14.27 66.63
CA LEU B 25 -27.96 -15.45 67.03
C LEU B 25 -29.29 -15.60 66.31
N LEU B 26 -29.77 -14.58 65.62
CA LEU B 26 -31.09 -14.61 65.00
C LEU B 26 -31.06 -14.35 63.50
N TRP B 27 -29.88 -14.14 62.91
CA TRP B 27 -29.70 -14.10 61.46
C TRP B 27 -30.53 -12.99 60.82
N THR B 28 -30.20 -11.75 61.18
CA THR B 28 -30.96 -10.60 60.70
C THR B 28 -30.58 -10.20 59.27
N GLU B 29 -29.27 -10.08 58.99
CA GLU B 29 -28.85 -9.66 57.66
C GLU B 29 -29.16 -10.70 56.60
N LEU B 30 -29.12 -11.99 56.98
CA LEU B 30 -29.53 -13.04 56.05
C LEU B 30 -31.02 -12.92 55.73
N VAL B 31 -31.82 -12.57 56.73
CA VAL B 31 -33.25 -12.34 56.51
C VAL B 31 -33.45 -11.14 55.58
N ARG B 32 -32.61 -10.11 55.73
CA ARG B 32 -32.69 -8.97 54.82
C ARG B 32 -32.40 -9.37 53.39
N GLY B 33 -31.38 -10.22 53.19
CA GLY B 33 -31.11 -10.71 51.85
C GLY B 33 -32.26 -11.53 51.27
N LEU B 34 -32.86 -12.38 52.12
CA LEU B 34 -34.03 -13.13 51.69
C LEU B 34 -35.18 -12.20 51.30
N GLY B 35 -35.36 -11.12 52.06
CA GLY B 35 -36.38 -10.14 51.71
C GLY B 35 -36.11 -9.46 50.39
N MET B 36 -34.84 -9.16 50.10
CA MET B 36 -34.51 -8.58 48.80
C MET B 36 -34.84 -9.53 47.66
N THR B 37 -34.51 -10.81 47.81
CA THR B 37 -34.84 -11.77 46.76
C THR B 37 -36.34 -11.93 46.60
N LEU B 38 -37.08 -11.91 47.72
CA LEU B 38 -38.54 -11.99 47.64
C LEU B 38 -39.11 -10.77 46.93
N SER B 39 -38.51 -9.60 47.17
CA SER B 39 -38.93 -8.39 46.46
C SER B 39 -38.71 -8.54 44.96
N TYR B 40 -37.56 -9.08 44.56
CA TYR B 40 -37.31 -9.27 43.13
C TYR B 40 -38.26 -10.30 42.53
N LEU B 41 -38.72 -11.27 43.32
CA LEU B 41 -39.65 -12.27 42.81
C LEU B 41 -40.93 -11.65 42.27
N PHE B 42 -41.43 -10.59 42.90
CA PHE B 42 -42.73 -10.02 42.54
C PHE B 42 -42.62 -8.89 41.53
N ARG B 43 -41.44 -8.65 40.96
CA ARG B 43 -41.29 -7.67 39.91
C ARG B 43 -41.51 -8.31 38.54
N GLU B 44 -41.89 -7.47 37.59
CA GLU B 44 -42.04 -7.94 36.22
C GLU B 44 -40.67 -8.23 35.62
N PRO B 45 -40.47 -9.41 35.02
CA PRO B 45 -39.17 -9.72 34.42
C PRO B 45 -38.88 -8.87 33.20
N ALA B 46 -37.59 -8.77 32.88
CA ALA B 46 -37.11 -7.96 31.77
C ALA B 46 -37.00 -8.75 30.46
N THR B 47 -37.46 -10.00 30.44
CA THR B 47 -37.32 -10.84 29.27
C THR B 47 -38.30 -10.43 28.18
N ILE B 48 -37.80 -10.36 26.95
CA ILE B 48 -38.62 -10.12 25.77
C ILE B 48 -38.91 -11.45 25.09
N ASN B 49 -39.94 -11.45 24.26
CA ASN B 49 -40.42 -12.68 23.62
C ASN B 49 -39.84 -12.84 22.21
N TYR B 50 -38.54 -13.09 22.16
CA TYR B 50 -37.89 -13.39 20.89
C TYR B 50 -38.40 -14.71 20.33
N PRO B 51 -38.58 -14.82 19.00
CA PRO B 51 -38.34 -13.82 17.95
C PRO B 51 -39.53 -12.93 17.65
N PHE B 52 -40.63 -13.07 18.40
CA PHE B 52 -41.79 -12.24 18.16
C PHE B 52 -41.55 -10.80 18.61
N GLU B 53 -40.68 -10.62 19.59
CA GLU B 53 -40.22 -9.30 20.01
C GLU B 53 -38.73 -9.20 19.76
N LYS B 54 -38.26 -8.00 19.42
CA LYS B 54 -36.87 -7.80 19.00
C LYS B 54 -36.20 -6.77 19.91
N GLY B 55 -34.87 -6.86 19.97
CA GLY B 55 -34.09 -5.89 20.70
C GLY B 55 -33.96 -4.59 19.95
N PRO B 56 -33.86 -3.48 20.67
CA PRO B 56 -33.83 -2.17 20.02
C PRO B 56 -32.47 -1.89 19.37
N LEU B 57 -32.51 -1.35 18.17
CA LEU B 57 -31.33 -0.96 17.41
C LEU B 57 -31.47 0.48 16.94
N SER B 58 -30.40 1.01 16.36
CA SER B 58 -30.32 2.38 15.89
C SER B 58 -29.95 2.37 14.42
N PRO B 59 -30.17 3.49 13.71
CA PRO B 59 -29.83 3.52 12.28
C PRO B 59 -28.34 3.35 12.00
N ARG B 60 -27.48 3.51 13.00
CA ARG B 60 -26.04 3.38 12.84
C ARG B 60 -25.56 1.93 12.92
N PHE B 61 -26.46 0.99 13.17
CA PHE B 61 -26.06 -0.40 13.44
C PHE B 61 -25.33 -0.99 12.24
N ARG B 62 -24.24 -1.71 12.53
CA ARG B 62 -23.41 -2.33 11.51
C ARG B 62 -23.74 -3.81 11.44
N GLY B 63 -24.26 -4.24 10.29
CA GLY B 63 -24.62 -5.63 10.09
C GLY B 63 -24.13 -6.21 8.78
N GLU B 64 -24.97 -6.99 8.11
CA GLU B 64 -24.56 -7.66 6.88
C GLU B 64 -24.30 -6.66 5.76
N HIS B 65 -23.25 -6.91 4.99
CA HIS B 65 -22.80 -5.98 3.97
C HIS B 65 -23.72 -6.02 2.75
N ALA B 66 -23.70 -4.92 2.00
CA ALA B 66 -24.49 -4.83 0.77
C ALA B 66 -23.86 -3.81 -0.18
N LEU B 67 -24.07 -4.05 -1.47
CA LEU B 67 -23.67 -3.14 -2.54
C LEU B 67 -24.91 -2.44 -3.11
N ARG B 68 -24.80 -1.13 -3.30
CA ARG B 68 -25.95 -0.29 -3.61
C ARG B 68 -25.91 0.21 -5.06
N ARG B 69 -27.02 0.81 -5.48
CA ARG B 69 -27.19 1.32 -6.82
C ARG B 69 -27.62 2.79 -6.77
N TYR B 70 -27.47 3.45 -7.91
CA TYR B 70 -28.12 4.72 -8.16
C TYR B 70 -29.60 4.48 -8.49
N PRO B 71 -30.44 5.52 -8.40
CA PRO B 71 -31.85 5.35 -8.76
C PRO B 71 -32.07 4.83 -10.17
N SER B 72 -31.18 5.13 -11.11
CA SER B 72 -31.28 4.62 -12.47
C SER B 72 -31.05 3.10 -12.55
N GLY B 73 -30.50 2.49 -11.51
CA GLY B 73 -30.14 1.09 -11.53
C GLY B 73 -28.66 0.84 -11.76
N GLU B 74 -27.92 1.86 -12.17
CA GLU B 74 -26.47 1.72 -12.30
C GLU B 74 -25.82 1.55 -10.94
N GLU B 75 -24.82 0.68 -10.88
CA GLU B 75 -24.09 0.46 -9.64
C GLU B 75 -23.33 1.71 -9.22
N ARG B 76 -23.27 1.93 -7.91
CA ARG B 76 -22.51 3.05 -7.38
C ARG B 76 -21.01 2.78 -7.38
N CYS B 77 -20.60 1.52 -7.23
CA CYS B 77 -19.19 1.21 -7.07
C CYS B 77 -18.44 1.47 -8.37
N ILE B 78 -17.32 2.18 -8.27
CA ILE B 78 -16.48 2.51 -9.41
C ILE B 78 -15.07 1.95 -9.24
N ALA B 79 -14.89 0.99 -8.33
CA ALA B 79 -13.68 0.18 -8.25
C ALA B 79 -12.44 1.01 -7.89
N CYS B 80 -12.62 1.99 -7.00
CA CYS B 80 -11.50 2.78 -6.54
C CYS B 80 -10.59 2.01 -5.59
N LYS B 81 -11.09 0.93 -4.99
CA LYS B 81 -10.35 0.08 -4.06
C LYS B 81 -9.95 0.79 -2.77
N LEU B 82 -10.69 1.83 -2.36
CA LEU B 82 -10.39 2.46 -1.08
C LEU B 82 -10.80 1.56 0.08
N CYS B 83 -11.94 0.90 -0.05
CA CYS B 83 -12.39 -0.06 0.98
C CYS B 83 -11.41 -1.21 1.11
N GLU B 84 -10.90 -1.71 -0.02
CA GLU B 84 -9.90 -2.77 0.01
C GLU B 84 -8.62 -2.31 0.70
N ALA B 85 -8.20 -1.07 0.43
CA ALA B 85 -6.98 -0.56 1.06
C ALA B 85 -7.16 -0.37 2.56
N VAL B 86 -8.34 0.09 3.00
CA VAL B 86 -8.50 0.44 4.41
C VAL B 86 -8.92 -0.73 5.28
N CYS B 87 -9.37 -1.84 4.71
CA CYS B 87 -9.96 -2.92 5.50
C CYS B 87 -8.94 -3.49 6.46
N PRO B 88 -9.19 -3.45 7.78
CA PRO B 88 -8.19 -3.91 8.75
C PRO B 88 -7.97 -5.42 8.74
N ALA B 89 -8.87 -6.21 8.18
CA ALA B 89 -8.75 -7.65 8.18
C ALA B 89 -8.34 -8.23 6.82
N GLN B 90 -8.14 -7.38 5.81
CA GLN B 90 -7.89 -7.82 4.44
C GLN B 90 -8.99 -8.78 3.97
N ALA B 91 -10.24 -8.43 4.27
CA ALA B 91 -11.38 -9.25 3.96
C ALA B 91 -11.98 -8.98 2.58
N ILE B 92 -11.48 -7.98 1.86
CA ILE B 92 -12.06 -7.53 0.60
C ILE B 92 -11.08 -7.81 -0.53
N THR B 93 -11.57 -8.41 -1.61
CA THR B 93 -10.78 -8.67 -2.81
C THR B 93 -11.50 -8.09 -4.02
N ILE B 94 -10.79 -7.24 -4.78
CA ILE B 94 -11.39 -6.52 -5.88
C ILE B 94 -10.56 -6.70 -7.15
N GLU B 95 -11.25 -7.02 -8.24
CA GLU B 95 -10.68 -6.95 -9.59
C GLU B 95 -11.61 -6.14 -10.47
N ALA B 96 -11.03 -5.35 -11.36
CA ALA B 96 -11.80 -4.43 -12.18
C ALA B 96 -11.19 -4.33 -13.58
N GLU B 97 -12.01 -3.87 -14.52
CA GLU B 97 -11.60 -3.65 -15.90
C GLU B 97 -12.62 -2.71 -16.55
N PRO B 98 -12.29 -2.11 -17.69
CA PRO B 98 -13.29 -1.31 -18.40
C PRO B 98 -14.43 -2.18 -18.90
N ARG B 99 -15.65 -1.70 -18.67
CA ARG B 99 -16.83 -2.41 -19.14
C ARG B 99 -16.98 -2.22 -20.66
N ALA B 100 -17.96 -2.91 -21.23
CA ALA B 100 -18.17 -2.85 -22.68
C ALA B 100 -18.53 -1.43 -23.13
N ASP B 101 -19.15 -0.64 -22.27
CA ASP B 101 -19.49 0.74 -22.57
C ASP B 101 -18.44 1.72 -22.06
N GLY B 102 -17.26 1.23 -21.66
CA GLY B 102 -16.19 2.07 -21.20
C GLY B 102 -16.24 2.46 -19.73
N SER B 103 -17.21 1.95 -18.98
CA SER B 103 -17.36 2.32 -17.59
C SER B 103 -16.31 1.64 -16.72
N ARG B 104 -16.01 2.26 -15.58
CA ARG B 104 -15.05 1.74 -14.62
C ARG B 104 -15.81 0.94 -13.57
N ARG B 105 -15.82 -0.39 -13.74
CA ARG B 105 -16.61 -1.26 -12.87
C ARG B 105 -15.78 -2.48 -12.47
N THR B 106 -16.26 -3.16 -11.43
CA THR B 106 -15.58 -4.33 -10.91
C THR B 106 -15.98 -5.59 -11.67
N THR B 107 -15.01 -6.50 -11.84
CA THR B 107 -15.30 -7.86 -12.25
C THR B 107 -15.26 -8.84 -11.10
N ARG B 108 -14.70 -8.44 -9.96
CA ARG B 108 -14.68 -9.27 -8.75
C ARG B 108 -14.78 -8.35 -7.55
N TYR B 109 -15.74 -8.64 -6.66
CA TYR B 109 -15.86 -7.95 -5.38
C TYR B 109 -16.25 -8.99 -4.33
N ASP B 110 -15.26 -9.47 -3.59
CA ASP B 110 -15.43 -10.54 -2.61
C ASP B 110 -15.22 -10.00 -1.20
N ILE B 111 -16.09 -10.40 -0.29
CA ILE B 111 -15.89 -10.14 1.13
C ILE B 111 -15.92 -11.47 1.86
N ASP B 112 -14.84 -11.80 2.55
CA ASP B 112 -14.78 -12.95 3.45
C ASP B 112 -15.40 -12.55 4.78
N MET B 113 -16.63 -12.99 5.04
CA MET B 113 -17.31 -12.60 6.26
C MET B 113 -16.78 -13.34 7.49
N THR B 114 -15.97 -14.38 7.31
CA THR B 114 -15.29 -15.02 8.42
C THR B 114 -13.92 -14.40 8.69
N LYS B 115 -13.48 -13.47 7.85
CA LYS B 115 -12.34 -12.61 8.16
C LYS B 115 -12.77 -11.25 8.68
N CYS B 116 -13.94 -10.78 8.26
CA CYS B 116 -14.41 -9.43 8.57
C CYS B 116 -14.63 -9.24 10.06
N ILE B 117 -14.33 -8.04 10.55
CA ILE B 117 -14.56 -7.68 11.95
C ILE B 117 -15.74 -6.74 12.11
N TYR B 118 -16.42 -6.39 11.01
CA TYR B 118 -17.64 -5.58 11.05
C TYR B 118 -17.39 -4.24 11.71
N CYS B 119 -16.26 -3.62 11.37
CA CYS B 119 -15.87 -2.31 11.89
C CYS B 119 -16.51 -1.17 11.12
N GLY B 120 -16.99 -1.41 9.90
CA GLY B 120 -17.57 -0.36 9.09
C GLY B 120 -16.59 0.63 8.50
N PHE B 121 -15.30 0.30 8.45
CA PHE B 121 -14.33 1.22 7.88
C PHE B 121 -14.49 1.34 6.37
N CYS B 122 -14.95 0.27 5.72
CA CYS B 122 -15.16 0.30 4.27
C CYS B 122 -16.21 1.31 3.88
N GLN B 123 -17.32 1.37 4.62
CA GLN B 123 -18.38 2.32 4.30
C GLN B 123 -17.99 3.75 4.62
N GLU B 124 -17.11 3.97 5.59
CA GLU B 124 -16.56 5.31 5.80
C GLU B 124 -15.62 5.71 4.66
N ALA B 125 -14.81 4.76 4.18
CA ALA B 125 -13.84 5.09 3.14
C ALA B 125 -14.50 5.29 1.78
N CYS B 126 -15.63 4.64 1.52
CA CYS B 126 -16.24 4.67 0.20
C CYS B 126 -16.70 6.08 -0.15
N PRO B 127 -16.32 6.62 -1.31
CA PRO B 127 -16.72 7.97 -1.69
C PRO B 127 -18.05 8.08 -2.42
N VAL B 128 -18.74 6.98 -2.70
CA VAL B 128 -19.98 7.03 -3.46
C VAL B 128 -21.09 6.27 -2.75
N ASP B 129 -20.85 5.88 -1.50
CA ASP B 129 -21.81 5.11 -0.71
C ASP B 129 -22.20 3.81 -1.39
N ALA B 130 -21.22 3.11 -1.95
CA ALA B 130 -21.48 1.87 -2.67
C ALA B 130 -21.56 0.66 -1.75
N ILE B 131 -20.61 0.51 -0.84
CA ILE B 131 -20.58 -0.60 0.12
C ILE B 131 -21.10 -0.09 1.45
N VAL B 132 -22.07 -0.80 2.02
CA VAL B 132 -22.62 -0.42 3.32
C VAL B 132 -22.73 -1.65 4.21
N GLU B 133 -22.76 -1.40 5.52
CA GLU B 133 -23.12 -2.40 6.51
C GLU B 133 -24.62 -2.24 6.76
N GLY B 134 -25.40 -3.25 6.41
CA GLY B 134 -26.83 -3.18 6.51
C GLY B 134 -27.33 -3.40 7.92
N PRO B 135 -28.64 -3.44 8.07
CA PRO B 135 -29.24 -3.68 9.39
C PRO B 135 -29.44 -5.14 9.74
N ASN B 136 -29.28 -6.05 8.78
CA ASN B 136 -29.56 -7.46 9.03
C ASN B 136 -28.45 -8.11 9.87
N PHE B 137 -28.85 -8.85 10.89
CA PHE B 137 -27.91 -9.62 11.70
C PHE B 137 -28.29 -11.08 11.82
N GLU B 138 -29.43 -11.51 11.25
CA GLU B 138 -29.86 -12.89 11.30
C GLU B 138 -29.55 -13.57 9.96
N PHE B 139 -28.29 -13.95 9.79
CA PHE B 139 -27.88 -14.66 8.57
C PHE B 139 -26.85 -15.74 8.90
N SER B 140 -27.11 -16.50 9.97
CA SER B 140 -26.30 -17.68 10.27
C SER B 140 -26.50 -18.75 9.20
N THR B 141 -25.43 -19.51 8.94
CA THR B 141 -25.44 -20.54 7.91
C THR B 141 -25.08 -21.89 8.53
N GLU B 142 -25.24 -22.94 7.72
CA GLU B 142 -24.89 -24.28 8.12
C GLU B 142 -23.50 -24.71 7.66
N THR B 143 -22.87 -23.97 6.74
CA THR B 143 -21.55 -24.30 6.25
C THR B 143 -20.68 -23.05 6.21
N HIS B 144 -19.37 -23.28 6.22
CA HIS B 144 -18.40 -22.19 6.13
C HIS B 144 -18.47 -21.49 4.78
N GLU B 145 -18.69 -22.26 3.70
CA GLU B 145 -18.63 -21.69 2.35
C GLU B 145 -19.73 -20.67 2.09
N GLU B 146 -20.88 -20.79 2.73
CA GLU B 146 -21.97 -19.84 2.51
C GLU B 146 -21.64 -18.44 3.01
N LEU B 147 -20.57 -18.28 3.80
CA LEU B 147 -20.18 -16.98 4.33
C LEU B 147 -19.06 -16.33 3.54
N LEU B 148 -18.70 -16.87 2.39
CA LEU B 148 -17.71 -16.28 1.50
C LEU B 148 -18.46 -15.59 0.37
N TYR B 149 -18.76 -14.32 0.56
CA TYR B 149 -19.64 -13.59 -0.36
C TYR B 149 -18.90 -13.14 -1.60
N ASN B 150 -19.54 -13.28 -2.75
CA ASN B 150 -19.05 -12.73 -4.00
C ASN B 150 -19.92 -11.54 -4.40
N LYS B 151 -19.62 -10.98 -5.57
CA LYS B 151 -20.29 -9.75 -6.02
C LYS B 151 -21.78 -9.99 -6.24
N GLU B 152 -22.15 -11.16 -6.77
CA GLU B 152 -23.57 -11.44 -7.00
C GLU B 152 -24.35 -11.46 -5.70
N LYS B 153 -23.80 -12.10 -4.66
CA LYS B 153 -24.46 -12.14 -3.37
C LYS B 153 -24.61 -10.74 -2.77
N LEU B 154 -23.58 -9.91 -2.89
CA LEU B 154 -23.63 -8.56 -2.32
C LEU B 154 -24.63 -7.68 -3.07
N LEU B 155 -24.68 -7.80 -4.40
CA LEU B 155 -25.67 -7.07 -5.17
C LEU B 155 -27.09 -7.53 -4.83
N ASN B 156 -27.27 -8.84 -4.64
CA ASN B 156 -28.57 -9.34 -4.22
C ASN B 156 -28.96 -8.82 -2.84
N ASN B 157 -27.98 -8.73 -1.92
CA ASN B 157 -28.25 -8.15 -0.61
C ASN B 157 -28.66 -6.68 -0.73
N GLY B 158 -27.99 -5.93 -1.60
CA GLY B 158 -28.36 -4.54 -1.80
C GLY B 158 -29.78 -4.40 -2.33
N ASP B 159 -30.12 -5.20 -3.35
CA ASP B 159 -31.47 -5.14 -3.90
C ASP B 159 -32.51 -5.62 -2.89
N LYS B 160 -32.11 -6.51 -1.98
CA LYS B 160 -33.02 -7.05 -0.97
C LYS B 160 -33.28 -6.06 0.16
N TRP B 161 -32.26 -5.28 0.56
CA TRP B 161 -32.34 -4.48 1.77
C TRP B 161 -32.31 -2.97 1.51
N GLU B 162 -32.35 -2.54 0.24
CA GLU B 162 -32.25 -1.11 -0.04
C GLU B 162 -33.38 -0.30 0.60
N ALA B 163 -34.59 -0.87 0.68
CA ALA B 163 -35.72 -0.13 1.23
C ALA B 163 -35.45 0.32 2.66
N GLU B 164 -34.74 -0.49 3.44
CA GLU B 164 -34.37 -0.10 4.80
C GLU B 164 -33.03 0.65 4.83
N ILE B 165 -32.09 0.29 3.96
CA ILE B 165 -30.77 0.91 3.98
C ILE B 165 -30.87 2.40 3.63
N ALA B 166 -31.69 2.75 2.64
CA ALA B 166 -31.83 4.15 2.24
C ALA B 166 -32.43 4.97 3.37
N ALA B 167 -33.45 4.44 4.05
CA ALA B 167 -34.05 5.14 5.17
C ALA B 167 -33.06 5.29 6.33
N ASN B 168 -32.26 4.27 6.58
CA ASN B 168 -31.26 4.36 7.64
C ASN B 168 -30.19 5.39 7.31
N ILE B 169 -29.76 5.44 6.06
CA ILE B 169 -28.75 6.42 5.64
C ILE B 169 -29.33 7.83 5.71
N GLN B 170 -30.63 7.98 5.38
CA GLN B 170 -31.28 9.28 5.47
C GLN B 170 -31.26 9.83 6.89
N ALA B 171 -31.34 8.95 7.89
CA ALA B 171 -31.41 9.37 9.28
C ALA B 171 -30.07 9.72 9.89
N ASP B 172 -28.95 9.34 9.26
CA ASP B 172 -27.64 9.53 9.86
C ASP B 172 -26.63 10.30 9.03
N TYR B 173 -26.88 10.52 7.73
CA TYR B 173 -25.85 11.09 6.88
C TYR B 173 -25.47 12.52 7.29
N LEU B 174 -26.36 13.24 7.96
CA LEU B 174 -26.01 14.57 8.45
C LEU B 174 -25.03 14.53 9.61
N TYR B 175 -24.83 13.38 10.25
CA TYR B 175 -23.77 13.21 11.24
C TYR B 175 -22.45 12.78 10.62
N ARG B 176 -22.43 12.50 9.32
CA ARG B 176 -21.23 11.98 8.68
C ARG B 176 -20.52 13.06 7.86
N SER C 1 -47.27 -47.67 5.37
CA SER C 1 -47.07 -48.85 6.19
C SER C 1 -47.08 -48.51 7.67
N ARG C 2 -47.44 -49.50 8.51
CA ARG C 2 -47.47 -49.27 9.95
C ARG C 2 -46.09 -48.96 10.50
N GLY C 3 -45.07 -49.72 10.05
CA GLY C 3 -43.73 -49.49 10.55
C GLY C 3 -43.21 -48.10 10.22
N GLU C 4 -43.48 -47.63 8.99
CA GLU C 4 -43.09 -46.28 8.62
C GLU C 4 -43.70 -45.24 9.55
N TYR C 5 -45.00 -45.36 9.81
CA TYR C 5 -45.68 -44.39 10.68
C TYR C 5 -45.12 -44.43 12.10
N VAL C 6 -44.90 -45.63 12.63
CA VAL C 6 -44.41 -45.76 14.01
C VAL C 6 -43.02 -45.17 14.14
N VAL C 7 -42.13 -45.49 13.19
CA VAL C 7 -40.77 -44.97 13.29
C VAL C 7 -40.76 -43.45 13.06
N ALA C 8 -41.63 -42.94 12.19
CA ALA C 8 -41.70 -41.49 12.01
C ALA C 8 -42.15 -40.79 13.28
N LYS C 9 -43.15 -41.34 13.97
CA LYS C 9 -43.60 -40.74 15.22
C LYS C 9 -42.53 -40.82 16.29
N LEU C 10 -41.83 -41.94 16.40
CA LEU C 10 -40.76 -42.06 17.38
C LEU C 10 -39.62 -41.09 17.06
N ASP C 11 -39.32 -40.90 15.78
CA ASP C 11 -38.34 -39.89 15.38
C ASP C 11 -38.77 -38.50 15.82
N ASP C 12 -40.05 -38.16 15.61
CA ASP C 12 -40.53 -36.85 16.02
C ASP C 12 -40.39 -36.67 17.53
N LEU C 13 -40.76 -37.69 18.30
CA LEU C 13 -40.66 -37.62 19.75
C LEU C 13 -39.22 -37.41 20.20
N VAL C 14 -38.30 -38.23 19.70
CA VAL C 14 -36.91 -38.14 20.13
C VAL C 14 -36.31 -36.81 19.71
N ASN C 15 -36.61 -36.35 18.49
CA ASN C 15 -36.09 -35.07 18.03
C ASN C 15 -36.61 -33.92 18.89
N TRP C 16 -37.89 -33.96 19.25
CA TRP C 16 -38.45 -32.91 20.10
C TRP C 16 -37.79 -32.90 21.46
N ALA C 17 -37.60 -34.09 22.05
CA ALA C 17 -36.95 -34.18 23.36
C ALA C 17 -35.52 -33.66 23.30
N ARG C 18 -34.81 -33.94 22.20
CA ARG C 18 -33.43 -33.49 22.08
C ARG C 18 -33.35 -31.98 21.90
N ARG C 19 -34.19 -31.42 21.03
CA ARG C 19 -34.08 -29.98 20.76
C ARG C 19 -34.69 -29.13 21.87
N SER C 20 -35.61 -29.69 22.66
CA SER C 20 -36.17 -28.94 23.79
C SER C 20 -35.26 -28.93 25.01
N SER C 21 -34.25 -29.80 25.05
CA SER C 21 -33.32 -29.88 26.18
C SER C 21 -31.90 -29.84 25.62
N LEU C 22 -31.41 -28.64 25.34
CA LEU C 22 -30.09 -28.41 24.78
C LEU C 22 -29.22 -27.82 25.88
N TRP C 23 -28.22 -28.58 26.32
CA TRP C 23 -27.36 -28.12 27.41
C TRP C 23 -25.97 -27.80 26.88
N PRO C 24 -25.63 -26.53 26.68
CA PRO C 24 -24.29 -26.19 26.22
C PRO C 24 -23.25 -26.28 27.32
N MET C 25 -22.03 -26.64 26.92
CA MET C 25 -20.91 -26.67 27.85
C MET C 25 -20.55 -25.27 28.30
N THR C 26 -20.20 -25.15 29.58
CA THR C 26 -19.71 -23.88 30.14
C THR C 26 -18.29 -23.69 29.64
N PHE C 27 -18.16 -23.02 28.49
CA PHE C 27 -16.89 -22.94 27.78
C PHE C 27 -16.87 -21.68 26.94
N GLY C 28 -15.89 -20.82 27.18
CA GLY C 28 -15.73 -19.60 26.40
C GLY C 28 -14.28 -19.25 26.25
N LEU C 29 -13.96 -18.51 25.18
CA LEU C 29 -12.58 -18.21 24.82
C LEU C 29 -12.23 -16.74 24.93
N ALA C 30 -13.03 -15.86 24.34
CA ALA C 30 -12.65 -14.46 24.16
C ALA C 30 -13.92 -13.61 24.17
N CYS C 31 -13.84 -12.41 23.56
CA CYS C 31 -14.89 -11.41 23.51
C CYS C 31 -16.30 -11.99 23.31
N CYS C 32 -16.43 -12.99 22.43
CA CYS C 32 -17.74 -13.55 22.09
C CYS C 32 -18.43 -14.18 23.30
N ALA C 33 -17.68 -14.66 24.28
CA ALA C 33 -18.28 -15.21 25.48
C ALA C 33 -19.05 -14.16 26.28
N VAL C 34 -18.68 -12.89 26.16
CA VAL C 34 -19.44 -11.83 26.82
C VAL C 34 -20.84 -11.73 26.23
N GLU C 35 -20.94 -11.79 24.90
CA GLU C 35 -22.26 -11.81 24.28
C GLU C 35 -23.01 -13.09 24.61
N MET C 36 -22.30 -14.21 24.77
CA MET C 36 -22.96 -15.42 25.25
C MET C 36 -23.58 -15.21 26.63
N MET C 37 -22.82 -14.57 27.53
CA MET C 37 -23.32 -14.28 28.87
C MET C 37 -24.52 -13.35 28.81
N HIS C 38 -24.48 -12.35 27.91
CA HIS C 38 -25.63 -11.47 27.74
C HIS C 38 -26.83 -12.22 27.18
N MET C 39 -26.60 -13.24 26.36
CA MET C 39 -27.72 -14.08 25.93
C MET C 39 -28.29 -14.87 27.09
N ALA C 40 -27.46 -15.25 28.06
CA ALA C 40 -27.98 -15.85 29.28
C ALA C 40 -28.61 -14.84 30.23
N ALA C 41 -28.40 -13.54 30.00
CA ALA C 41 -28.90 -12.50 30.87
C ALA C 41 -30.42 -12.36 30.74
N PRO C 42 -31.08 -11.70 31.71
CA PRO C 42 -32.55 -11.74 31.74
C PRO C 42 -33.26 -11.28 30.48
N ARG C 43 -32.70 -10.31 29.75
CA ARG C 43 -33.41 -9.79 28.58
C ARG C 43 -33.71 -10.88 27.56
N TYR C 44 -32.78 -11.83 27.39
CA TYR C 44 -32.97 -12.91 26.43
C TYR C 44 -33.29 -14.24 27.08
N ASP C 45 -32.71 -14.54 28.24
CA ASP C 45 -33.10 -15.65 29.09
C ASP C 45 -33.19 -16.96 28.31
N MET C 46 -32.03 -17.43 27.86
CA MET C 46 -31.97 -18.67 27.10
C MET C 46 -32.52 -19.85 27.89
N ASP C 47 -32.50 -19.77 29.24
CA ASP C 47 -33.03 -20.84 30.07
C ASP C 47 -34.52 -21.05 29.83
N ARG C 48 -35.22 -20.02 29.37
CA ARG C 48 -36.65 -20.17 29.07
C ARG C 48 -36.89 -21.03 27.85
N PHE C 49 -35.88 -21.22 26.99
CA PHE C 49 -36.00 -22.13 25.85
C PHE C 49 -35.62 -23.57 26.21
N GLY C 50 -35.16 -23.81 27.43
CA GLY C 50 -34.62 -25.10 27.79
C GLY C 50 -33.11 -25.22 27.66
N VAL C 51 -32.40 -24.10 27.50
CA VAL C 51 -30.97 -24.09 27.28
C VAL C 51 -30.28 -23.76 28.59
N VAL C 52 -29.59 -24.75 29.17
CA VAL C 52 -28.96 -24.61 30.48
C VAL C 52 -27.47 -24.95 30.35
N PHE C 53 -26.62 -24.05 30.85
CA PHE C 53 -25.19 -24.34 30.92
C PHE C 53 -24.91 -25.43 31.94
N ARG C 54 -24.00 -26.34 31.59
CA ARG C 54 -23.46 -27.32 32.51
C ARG C 54 -21.96 -27.43 32.28
N ALA C 55 -21.20 -27.50 33.37
CA ALA C 55 -19.75 -27.42 33.26
C ALA C 55 -19.15 -28.68 32.66
N SER C 56 -19.61 -29.85 33.08
CA SER C 56 -18.97 -31.09 32.67
C SER C 56 -19.27 -31.40 31.20
N PRO C 57 -18.26 -31.75 30.41
CA PRO C 57 -18.53 -32.24 29.05
C PRO C 57 -19.40 -33.47 29.02
N ARG C 58 -19.34 -34.31 30.06
CA ARG C 58 -20.14 -35.52 30.12
C ARG C 58 -21.63 -35.21 30.24
N GLN C 59 -21.99 -34.00 30.67
CA GLN C 59 -23.37 -33.59 30.83
C GLN C 59 -23.77 -32.48 29.85
N SER C 60 -23.01 -32.32 28.77
CA SER C 60 -23.25 -31.27 27.80
C SER C 60 -23.68 -31.87 26.47
N ASP C 61 -24.54 -31.15 25.76
CA ASP C 61 -24.98 -31.55 24.43
C ASP C 61 -24.40 -30.70 23.31
N VAL C 62 -24.13 -29.42 23.57
CA VAL C 62 -23.68 -28.49 22.55
C VAL C 62 -22.39 -27.83 23.02
N MET C 63 -21.45 -27.65 22.10
CA MET C 63 -20.28 -26.85 22.33
C MET C 63 -20.39 -25.56 21.51
N ILE C 64 -20.30 -24.43 22.18
CA ILE C 64 -20.29 -23.13 21.52
C ILE C 64 -18.86 -22.62 21.57
N VAL C 65 -18.20 -22.58 20.41
CA VAL C 65 -16.84 -22.06 20.31
C VAL C 65 -16.95 -20.54 20.20
N ALA C 66 -16.84 -19.85 21.33
CA ALA C 66 -17.05 -18.41 21.42
C ALA C 66 -15.72 -17.73 21.70
N GLY C 67 -14.97 -17.41 20.65
CA GLY C 67 -13.72 -16.70 20.75
C GLY C 67 -12.65 -17.31 19.87
N THR C 68 -11.49 -16.68 19.91
CA THR C 68 -10.36 -17.12 19.10
C THR C 68 -9.79 -18.44 19.62
N LEU C 69 -9.46 -19.33 18.69
CA LEU C 69 -8.81 -20.60 19.01
C LEU C 69 -7.34 -20.49 18.61
N THR C 70 -6.46 -20.57 19.60
CA THR C 70 -5.03 -20.54 19.35
C THR C 70 -4.51 -21.96 19.11
N ASN C 71 -3.26 -22.03 18.64
CA ASN C 71 -2.62 -23.33 18.45
C ASN C 71 -2.35 -24.02 19.78
N LYS C 72 -2.04 -23.24 20.82
CA LYS C 72 -1.85 -23.81 22.16
C LYS C 72 -3.14 -24.39 22.71
N MET C 73 -4.29 -23.84 22.33
CA MET C 73 -5.57 -24.22 22.90
C MET C 73 -6.26 -25.35 22.15
N ALA C 74 -5.93 -25.55 20.88
CA ALA C 74 -6.66 -26.52 20.04
C ALA C 74 -6.71 -27.93 20.61
N PRO C 75 -5.61 -28.53 21.11
CA PRO C 75 -5.76 -29.89 21.67
C PRO C 75 -6.74 -29.98 22.83
N ALA C 76 -6.80 -28.95 23.69
CA ALA C 76 -7.75 -28.99 24.80
C ALA C 76 -9.19 -28.92 24.33
N LEU C 77 -9.46 -28.08 23.32
CA LEU C 77 -10.81 -28.01 22.76
C LEU C 77 -11.19 -29.34 22.10
N ARG C 78 -10.26 -29.94 21.36
CA ARG C 78 -10.54 -31.25 20.78
C ARG C 78 -10.80 -32.29 21.86
N LYS C 79 -10.04 -32.23 22.97
CA LYS C 79 -10.22 -33.19 24.04
C LYS C 79 -11.59 -33.04 24.70
N VAL C 80 -12.00 -31.82 25.02
CA VAL C 80 -13.32 -31.65 25.64
C VAL C 80 -14.45 -31.93 24.66
N TYR C 81 -14.22 -31.75 23.36
CA TYR C 81 -15.23 -32.17 22.38
C TYR C 81 -15.34 -33.69 22.35
N ASP C 82 -14.21 -34.40 22.41
CA ASP C 82 -14.22 -35.85 22.35
C ASP C 82 -14.89 -36.46 23.58
N GLN C 83 -14.86 -35.75 24.71
CA GLN C 83 -15.44 -36.24 25.95
C GLN C 83 -16.92 -35.93 26.09
N MET C 84 -17.52 -35.29 25.10
CA MET C 84 -18.97 -35.12 25.07
C MET C 84 -19.63 -36.40 24.60
N PRO C 85 -20.60 -36.94 25.33
CA PRO C 85 -21.34 -38.11 24.84
C PRO C 85 -22.22 -37.75 23.65
N GLU C 86 -22.50 -38.73 22.86
CA GLU C 86 -23.28 -38.44 21.66
C GLU C 86 -24.76 -38.68 21.89
N PRO C 87 -25.64 -37.97 21.17
CA PRO C 87 -25.37 -36.97 20.11
C PRO C 87 -24.84 -35.65 20.65
N ARG C 88 -23.95 -35.01 19.89
CA ARG C 88 -23.34 -33.75 20.27
C ARG C 88 -23.37 -32.80 19.08
N TYR C 89 -23.37 -31.51 19.36
CA TYR C 89 -23.42 -30.50 18.32
C TYR C 89 -22.41 -29.39 18.62
N VAL C 90 -21.92 -28.76 17.57
CA VAL C 90 -20.93 -27.70 17.67
C VAL C 90 -21.50 -26.46 16.99
N VAL C 91 -21.44 -25.33 17.69
CA VAL C 91 -21.84 -24.04 17.14
C VAL C 91 -20.61 -23.14 17.12
N SER C 92 -20.27 -22.61 15.95
CA SER C 92 -19.14 -21.71 15.79
C SER C 92 -19.65 -20.27 15.88
N MET C 93 -19.10 -19.51 16.83
CA MET C 93 -19.58 -18.17 17.15
C MET C 93 -18.47 -17.16 16.90
N GLY C 94 -18.71 -16.23 15.98
CA GLY C 94 -17.81 -15.11 15.75
C GLY C 94 -16.81 -15.40 14.64
N SER C 95 -16.24 -14.31 14.11
CA SER C 95 -15.32 -14.41 12.98
C SER C 95 -14.07 -15.20 13.33
N CYS C 96 -13.52 -15.01 14.53
CA CYS C 96 -12.32 -15.73 14.94
C CYS C 96 -12.52 -17.24 14.85
N ALA C 97 -13.60 -17.73 15.48
CA ALA C 97 -13.89 -19.16 15.43
C ALA C 97 -14.33 -19.59 14.03
N ASN C 98 -14.95 -18.70 13.28
CA ASN C 98 -15.47 -19.05 11.96
C ASN C 98 -14.33 -19.30 10.97
N GLY C 99 -13.43 -18.34 10.82
CA GLY C 99 -12.34 -18.47 9.87
C GLY C 99 -11.03 -17.84 10.28
N GLY C 100 -10.94 -17.36 11.52
CA GLY C 100 -9.74 -16.67 11.96
C GLY C 100 -9.98 -15.21 12.31
N GLY C 101 -10.80 -14.53 11.50
CA GLY C 101 -11.18 -13.17 11.82
C GLY C 101 -10.02 -12.19 11.70
N TYR C 102 -9.93 -11.29 12.68
CA TYR C 102 -8.88 -10.28 12.74
C TYR C 102 -7.49 -10.89 12.80
N TYR C 103 -7.37 -12.11 13.32
CA TYR C 103 -6.08 -12.76 13.54
C TYR C 103 -5.85 -13.91 12.57
N HIS C 104 -6.46 -13.84 11.38
CA HIS C 104 -6.38 -14.93 10.41
C HIS C 104 -4.95 -15.20 9.97
N TYR C 105 -4.13 -14.15 9.84
CA TYR C 105 -2.77 -14.29 9.32
C TYR C 105 -1.72 -14.43 10.41
N SER C 106 -2.14 -14.64 11.66
CA SER C 106 -1.20 -14.80 12.76
C SER C 106 -0.53 -16.18 12.72
N TYR C 107 0.65 -16.24 13.32
CA TYR C 107 1.44 -17.47 13.42
C TYR C 107 0.90 -18.43 14.48
N SER C 108 0.05 -17.97 15.39
CA SER C 108 -0.35 -18.76 16.54
C SER C 108 -1.85 -19.01 16.61
N VAL C 109 -2.58 -18.79 15.51
CA VAL C 109 -4.04 -18.85 15.52
C VAL C 109 -4.49 -19.90 14.53
N VAL C 110 -5.43 -20.75 14.95
CA VAL C 110 -6.09 -21.69 14.05
C VAL C 110 -7.08 -20.94 13.17
N ARG C 111 -7.03 -21.19 11.87
CA ARG C 111 -7.87 -20.47 10.90
C ARG C 111 -9.24 -21.14 10.82
N GLY C 112 -10.03 -20.94 11.87
CA GLY C 112 -11.35 -21.51 11.95
C GLY C 112 -11.38 -22.82 12.72
N CYS C 113 -12.32 -22.94 13.65
CA CYS C 113 -12.40 -24.13 14.49
C CYS C 113 -12.88 -25.36 13.74
N ASP C 114 -13.35 -25.21 12.50
CA ASP C 114 -13.76 -26.37 11.71
C ASP C 114 -12.57 -27.19 11.22
N ARG C 115 -11.35 -26.70 11.36
CA ARG C 115 -10.17 -27.53 11.13
C ARG C 115 -9.95 -28.53 12.26
N ILE C 116 -10.56 -28.32 13.41
CA ILE C 116 -10.36 -29.17 14.58
C ILE C 116 -11.59 -30.03 14.85
N VAL C 117 -12.79 -29.45 14.80
CA VAL C 117 -14.02 -30.19 15.07
C VAL C 117 -15.02 -29.89 13.96
N PRO C 118 -15.93 -30.81 13.69
CA PRO C 118 -17.01 -30.52 12.73
C PRO C 118 -18.01 -29.55 13.32
N VAL C 119 -18.53 -28.66 12.47
CA VAL C 119 -19.37 -27.55 12.90
C VAL C 119 -20.75 -27.69 12.28
N ASP C 120 -21.78 -27.45 13.09
CA ASP C 120 -23.17 -27.48 12.63
C ASP C 120 -23.68 -26.11 12.18
N ILE C 121 -23.43 -25.07 12.98
CA ILE C 121 -23.94 -23.73 12.71
C ILE C 121 -22.79 -22.73 12.82
N TYR C 122 -22.69 -21.84 11.83
CA TYR C 122 -21.74 -20.74 11.86
C TYR C 122 -22.51 -19.45 12.12
N VAL C 123 -22.12 -18.73 13.17
CA VAL C 123 -22.75 -17.46 13.54
C VAL C 123 -21.80 -16.33 13.16
N PRO C 124 -22.16 -15.47 12.21
CA PRO C 124 -21.28 -14.37 11.83
C PRO C 124 -21.39 -13.18 12.77
N GLY C 125 -20.32 -12.39 12.80
CA GLY C 125 -20.26 -11.21 13.63
C GLY C 125 -18.97 -11.11 14.43
N CYS C 126 -18.58 -9.90 14.82
CA CYS C 126 -17.36 -9.69 15.61
C CYS C 126 -17.59 -8.65 16.68
N PRO C 127 -18.30 -9.00 17.76
CA PRO C 127 -19.00 -10.27 18.01
C PRO C 127 -20.41 -10.25 17.44
N PRO C 128 -21.01 -11.40 17.20
CA PRO C 128 -22.46 -11.42 16.96
C PRO C 128 -23.21 -10.92 18.19
N THR C 129 -24.31 -10.23 17.96
CA THR C 129 -25.12 -9.81 19.08
C THR C 129 -25.75 -11.02 19.77
N ALA C 130 -26.18 -10.82 21.02
CA ALA C 130 -26.87 -11.90 21.72
C ALA C 130 -28.08 -12.38 20.95
N GLU C 131 -28.79 -11.46 20.27
CA GLU C 131 -29.91 -11.86 19.43
C GLU C 131 -29.47 -12.76 18.28
N ALA C 132 -28.33 -12.45 17.66
CA ALA C 132 -27.82 -13.29 16.58
C ALA C 132 -27.45 -14.69 17.07
N LEU C 133 -26.84 -14.78 18.25
CA LEU C 133 -26.52 -16.09 18.81
C LEU C 133 -27.79 -16.87 19.13
N LEU C 134 -28.82 -16.19 19.66
CA LEU C 134 -30.10 -16.86 19.89
C LEU C 134 -30.71 -17.35 18.59
N TYR C 135 -30.62 -16.54 17.53
CA TYR C 135 -31.10 -16.97 16.21
C TYR C 135 -30.36 -18.22 15.75
N GLY C 136 -29.04 -18.26 15.93
CA GLY C 136 -28.28 -19.45 15.56
C GLY C 136 -28.67 -20.67 16.36
N ILE C 137 -28.96 -20.48 17.65
CA ILE C 137 -29.39 -21.60 18.49
C ILE C 137 -30.73 -22.14 18.01
N LEU C 138 -31.67 -21.23 17.69
CA LEU C 138 -32.96 -21.68 17.18
C LEU C 138 -32.83 -22.34 15.81
N GLN C 139 -31.88 -21.89 14.99
CA GLN C 139 -31.61 -22.55 13.73
C GLN C 139 -31.08 -23.95 13.94
N LEU C 140 -30.22 -24.14 14.95
CA LEU C 140 -29.76 -25.48 15.29
C LEU C 140 -30.91 -26.35 15.78
N GLN C 141 -31.83 -25.76 16.54
CA GLN C 141 -33.01 -26.51 16.98
C GLN C 141 -33.84 -26.97 15.78
N ARG C 142 -34.03 -26.09 14.80
CA ARG C 142 -34.76 -26.47 13.59
C ARG C 142 -34.02 -27.55 12.81
N LYS C 143 -32.69 -27.47 12.76
CA LYS C 143 -31.91 -28.51 12.10
C LYS C 143 -32.06 -29.85 12.79
N ILE C 144 -32.08 -29.84 14.12
CA ILE C 144 -32.31 -31.08 14.88
C ILE C 144 -33.73 -31.59 14.65
N LYS C 145 -34.68 -30.70 14.44
CA LYS C 145 -36.04 -31.14 14.12
C LYS C 145 -36.10 -31.93 12.81
N ARG C 146 -35.12 -31.78 11.94
CA ARG C 146 -35.18 -32.36 10.59
C ARG C 146 -34.53 -33.74 10.47
N GLU C 147 -33.81 -34.23 11.47
CA GLU C 147 -33.05 -35.45 11.27
C GLU C 147 -33.97 -36.68 11.26
N LYS C 148 -33.54 -37.69 10.51
CA LYS C 148 -34.30 -38.92 10.31
C LYS C 148 -33.38 -40.09 10.66
N ARG C 149 -33.28 -40.40 11.96
CA ARG C 149 -32.44 -41.51 12.38
C ARG C 149 -33.18 -42.84 12.31
N LEU C 150 -34.35 -42.92 12.94
CA LEU C 150 -35.09 -44.18 12.95
C LEU C 150 -35.67 -44.49 11.58
N ARG C 151 -36.09 -43.47 10.83
CA ARG C 151 -36.59 -43.72 9.48
C ARG C 151 -35.50 -44.27 8.57
N ILE C 152 -34.29 -43.73 8.66
CA ILE C 152 -33.18 -44.25 7.88
C ILE C 152 -32.80 -45.64 8.35
N TRP C 153 -32.83 -45.88 9.67
CA TRP C 153 -32.56 -47.21 10.18
C TRP C 153 -33.55 -48.23 9.63
N TYR C 154 -34.83 -47.87 9.61
CA TYR C 154 -35.86 -48.74 9.07
C TYR C 154 -35.67 -48.96 7.58
N ARG C 155 -35.22 -47.94 6.86
CA ARG C 155 -34.94 -48.07 5.43
C ARG C 155 -33.81 -49.05 5.13
N ARG C 156 -32.92 -49.31 6.08
CA ARG C 156 -31.78 -50.19 5.86
C ARG C 156 -32.23 -51.62 5.60
N GLY D 1 41.29 -11.07 19.69
CA GLY D 1 40.51 -11.42 20.86
C GLY D 1 39.01 -11.47 20.62
N THR D 2 38.50 -10.49 19.87
CA THR D 2 37.11 -10.38 19.47
C THR D 2 36.22 -10.00 20.66
N SER D 3 36.77 -10.06 21.87
CA SER D 3 36.18 -9.51 23.09
C SER D 3 34.70 -9.90 23.24
N VAL D 4 34.46 -11.20 23.41
CA VAL D 4 33.12 -11.71 23.63
C VAL D 4 33.04 -12.33 25.02
N LYS D 5 31.85 -12.25 25.63
CA LYS D 5 31.63 -12.76 26.97
C LYS D 5 30.85 -14.08 26.92
N PRO D 6 31.04 -14.97 27.89
CA PRO D 6 30.44 -16.31 27.83
C PRO D 6 29.02 -16.30 28.38
N ILE D 7 28.32 -17.40 28.13
CA ILE D 7 27.05 -17.64 28.80
C ILE D 7 27.30 -18.53 30.02
N PHE D 8 27.73 -19.77 29.77
CA PHE D 8 28.16 -20.68 30.83
C PHE D 8 29.57 -21.21 30.60
N SER D 9 29.85 -21.71 29.40
CA SER D 9 31.08 -22.43 29.12
C SER D 9 32.18 -21.48 28.68
N ARG D 10 33.42 -21.85 29.04
CA ARG D 10 34.60 -21.08 28.67
C ARG D 10 35.11 -21.44 27.28
N ASP D 11 35.02 -22.71 26.92
CA ASP D 11 35.46 -23.21 25.62
C ASP D 11 34.56 -24.38 25.24
N MET D 12 34.98 -25.14 24.23
CA MET D 12 34.15 -26.22 23.71
C MET D 12 34.11 -27.44 24.63
N ASN D 13 35.11 -27.61 25.50
CA ASN D 13 35.14 -28.78 26.37
C ASN D 13 34.00 -28.76 27.38
N GLU D 14 33.82 -27.62 28.06
CA GLU D 14 32.73 -27.49 29.02
C GLU D 14 31.38 -27.59 28.31
N ALA D 15 31.29 -27.03 27.11
CA ALA D 15 30.05 -27.12 26.33
C ALA D 15 29.74 -28.57 26.00
N LYS D 16 30.75 -29.36 25.61
CA LYS D 16 30.52 -30.77 25.34
C LYS D 16 30.10 -31.52 26.60
N ARG D 17 30.67 -31.14 27.75
CA ARG D 17 30.26 -31.77 29.00
C ARG D 17 28.78 -31.49 29.31
N ARG D 18 28.34 -30.25 29.10
CA ARG D 18 26.92 -29.93 29.30
C ARG D 18 26.04 -30.69 28.31
N VAL D 19 26.51 -30.82 27.05
CA VAL D 19 25.76 -31.59 26.06
C VAL D 19 25.60 -33.04 26.51
N ARG D 20 26.67 -33.62 27.05
CA ARG D 20 26.61 -35.01 27.50
C ARG D 20 25.65 -35.16 28.68
N GLU D 21 25.65 -34.21 29.61
CA GLU D 21 24.70 -34.27 30.72
C GLU D 21 23.25 -34.19 30.22
N LEU D 22 22.98 -33.28 29.28
CA LEU D 22 21.63 -33.17 28.74
C LEU D 22 21.22 -34.46 28.01
N TYR D 23 22.15 -35.04 27.25
CA TYR D 23 21.85 -36.29 26.55
C TYR D 23 21.54 -37.41 27.53
N ARG D 24 22.32 -37.50 28.61
CA ARG D 24 22.05 -38.51 29.63
C ARG D 24 20.65 -38.33 30.22
N ALA D 25 20.27 -37.09 30.53
CA ALA D 25 18.95 -36.84 31.10
C ALA D 25 17.84 -37.25 30.14
N TRP D 26 17.97 -36.88 28.86
CA TRP D 26 16.94 -37.23 27.88
C TRP D 26 16.85 -38.75 27.70
N TYR D 27 18.00 -39.42 27.64
CA TYR D 27 18.02 -40.87 27.48
C TYR D 27 17.35 -41.56 28.66
N ARG D 28 17.61 -41.08 29.88
CA ARG D 28 16.93 -41.63 31.04
C ARG D 28 15.43 -41.38 30.97
N GLU D 29 15.03 -40.19 30.50
CA GLU D 29 13.62 -39.82 30.55
C GLU D 29 12.75 -40.56 29.52
N VAL D 30 13.33 -40.97 28.39
CA VAL D 30 12.51 -41.52 27.29
C VAL D 30 11.53 -42.62 27.73
N PRO D 31 11.93 -43.66 28.48
CA PRO D 31 10.94 -44.69 28.85
C PRO D 31 9.78 -44.16 29.68
N ASN D 32 10.05 -43.20 30.58
CA ASN D 32 8.97 -42.60 31.34
C ASN D 32 8.01 -41.84 30.43
N THR D 33 8.54 -41.18 29.41
CA THR D 33 7.67 -40.50 28.44
C THR D 33 6.81 -41.49 27.68
N VAL D 34 7.39 -42.64 27.29
CA VAL D 34 6.61 -43.65 26.59
C VAL D 34 5.48 -44.16 27.49
N HIS D 35 5.78 -44.38 28.77
CA HIS D 35 4.76 -44.91 29.68
C HIS D 35 3.67 -43.88 29.96
N LEU D 36 4.05 -42.65 30.31
CA LEU D 36 3.09 -41.67 30.81
C LEU D 36 2.17 -41.16 29.72
N PHE D 37 2.72 -40.86 28.53
CA PHE D 37 1.91 -40.34 27.44
C PHE D 37 1.18 -41.42 26.66
N GLN D 38 1.39 -42.69 26.99
CA GLN D 38 0.75 -43.82 26.32
C GLN D 38 1.01 -43.80 24.81
N LEU D 39 2.29 -43.68 24.47
CA LEU D 39 2.73 -43.65 23.09
C LEU D 39 2.78 -45.05 22.52
N ASP D 40 2.46 -45.17 21.23
CA ASP D 40 2.50 -46.45 20.54
C ASP D 40 3.88 -46.77 19.97
N ILE D 41 4.85 -45.87 20.12
CA ILE D 41 6.22 -46.12 19.68
C ILE D 41 6.94 -46.93 20.76
N SER D 42 8.12 -47.45 20.41
CA SER D 42 8.96 -48.17 21.35
C SER D 42 9.97 -47.23 22.00
N VAL D 43 10.61 -47.72 23.06
CA VAL D 43 11.65 -46.95 23.73
C VAL D 43 12.84 -46.74 22.80
N LYS D 44 13.18 -47.75 21.99
CA LYS D 44 14.25 -47.62 21.02
C LYS D 44 13.95 -46.52 20.01
N GLN D 45 12.70 -46.42 19.56
CA GLN D 45 12.32 -45.36 18.64
C GLN D 45 12.52 -43.99 19.28
N GLY D 46 12.11 -43.84 20.53
CA GLY D 46 12.27 -42.57 21.21
C GLY D 46 13.73 -42.18 21.40
N ARG D 47 14.57 -43.16 21.76
CA ARG D 47 15.98 -42.85 21.94
C ARG D 47 16.67 -42.56 20.61
N ASP D 48 16.26 -43.25 19.54
CA ASP D 48 16.78 -42.90 18.22
C ASP D 48 16.37 -41.50 17.81
N LYS D 49 15.12 -41.11 18.11
CA LYS D 49 14.68 -39.76 17.81
C LYS D 49 15.47 -38.74 18.63
N VAL D 50 15.77 -39.05 19.89
CA VAL D 50 16.58 -38.16 20.72
C VAL D 50 17.97 -38.00 20.11
N ARG D 51 18.55 -39.11 19.68
CA ARG D 51 19.87 -39.11 19.08
C ARG D 51 19.88 -38.28 17.81
N GLU D 52 18.82 -38.40 17.03
CA GLU D 52 18.70 -37.68 15.77
C GLU D 52 18.69 -36.17 15.96
N MET D 53 17.98 -35.69 16.99
CA MET D 53 17.91 -34.26 17.26
C MET D 53 19.28 -33.67 17.62
N PHE D 54 20.05 -34.41 18.42
CA PHE D 54 21.38 -33.96 18.82
C PHE D 54 22.34 -33.88 17.64
N MET D 55 22.25 -34.87 16.75
CA MET D 55 23.10 -34.95 15.56
C MET D 55 22.91 -33.79 14.58
N LYS D 56 21.70 -33.26 14.57
CA LYS D 56 21.33 -32.16 13.68
C LYS D 56 22.17 -30.91 13.94
N ASN D 57 22.45 -30.64 15.21
CA ASN D 57 23.24 -29.48 15.60
C ASN D 57 24.69 -29.82 15.96
N ALA D 58 25.13 -31.00 15.54
CA ALA D 58 26.48 -31.50 15.80
C ALA D 58 27.57 -30.61 15.20
N HIS D 59 27.29 -30.06 14.02
CA HIS D 59 28.22 -29.21 13.29
C HIS D 59 28.64 -27.89 13.97
N VAL D 60 27.78 -27.33 14.81
CA VAL D 60 28.08 -26.05 15.46
C VAL D 60 29.41 -26.07 16.23
N THR D 61 30.23 -25.04 15.98
CA THR D 61 31.54 -24.91 16.63
C THR D 61 31.68 -23.73 17.59
N ASP D 62 30.59 -23.04 17.90
CA ASP D 62 30.65 -21.89 18.80
C ASP D 62 30.11 -22.28 20.18
N PRO D 63 30.90 -22.01 21.23
CA PRO D 63 30.44 -22.41 22.57
C PRO D 63 29.19 -21.67 23.04
N ARG D 64 29.01 -20.42 22.65
CA ARG D 64 27.79 -19.69 23.04
C ARG D 64 26.55 -20.30 22.40
N VAL D 65 26.64 -20.66 21.11
CA VAL D 65 25.52 -21.30 20.44
C VAL D 65 25.22 -22.65 21.07
N VAL D 66 26.26 -23.42 21.40
CA VAL D 66 26.06 -24.70 22.05
C VAL D 66 25.40 -24.50 23.41
N ASP D 67 25.81 -23.48 24.15
CA ASP D 67 25.21 -23.19 25.45
C ASP D 67 23.73 -22.88 25.31
N LEU D 68 23.37 -22.05 24.33
CA LEU D 68 21.97 -21.72 24.11
C LEU D 68 21.17 -22.95 23.68
N LEU D 69 21.77 -23.81 22.85
CA LEU D 69 21.10 -25.03 22.45
C LEU D 69 20.85 -25.96 23.64
N VAL D 70 21.81 -26.03 24.56
CA VAL D 70 21.64 -26.84 25.76
C VAL D 70 20.54 -26.25 26.65
N ILE D 71 20.48 -24.92 26.76
CA ILE D 71 19.42 -24.29 27.53
C ILE D 71 18.05 -24.62 26.94
N LYS D 72 17.93 -24.55 25.61
CA LYS D 72 16.67 -24.89 24.96
C LYS D 72 16.31 -26.36 25.16
N GLY D 73 17.31 -27.24 25.08
CA GLY D 73 17.05 -28.66 25.31
C GLY D 73 16.59 -28.94 26.73
N LYS D 74 17.19 -28.26 27.71
CA LYS D 74 16.75 -28.41 29.09
C LYS D 74 15.32 -27.90 29.27
N MET D 75 14.99 -26.79 28.60
CA MET D 75 13.60 -26.29 28.65
C MET D 75 12.64 -27.33 28.09
N GLU D 76 13.01 -27.94 26.96
CA GLU D 76 12.14 -28.95 26.35
C GLU D 76 11.98 -30.17 27.25
N LEU D 77 13.08 -30.59 27.89
CA LEU D 77 13.01 -31.70 28.84
C LEU D 77 12.12 -31.37 30.02
N GLU D 78 12.21 -30.14 30.54
CA GLU D 78 11.34 -29.72 31.63
C GLU D 78 9.88 -29.74 31.21
N GLU D 79 9.58 -29.28 29.98
CA GLU D 79 8.22 -29.35 29.47
C GLU D 79 7.73 -30.78 29.41
N THR D 80 8.60 -31.72 29.01
CA THR D 80 8.19 -33.10 28.86
C THR D 80 7.98 -33.78 30.22
N ILE D 81 8.87 -33.51 31.19
CA ILE D 81 8.82 -34.21 32.47
C ILE D 81 7.57 -33.84 33.24
N ASN D 82 7.19 -32.57 33.21
CA ASN D 82 6.03 -32.08 33.96
C ASN D 82 4.71 -32.33 33.26
N VAL D 83 4.72 -32.95 32.08
CA VAL D 83 3.52 -33.24 31.29
C VAL D 83 2.83 -31.93 30.95
N TRP D 84 3.62 -30.86 30.79
CA TRP D 84 3.08 -29.64 30.19
C TRP D 84 2.80 -29.86 28.71
N LYS D 85 3.68 -30.59 28.03
CA LYS D 85 3.41 -31.08 26.69
C LYS D 85 2.27 -32.11 26.73
N GLN D 86 1.56 -32.23 25.62
CA GLN D 86 0.57 -33.27 25.44
C GLN D 86 1.11 -34.30 24.44
N ARG D 87 0.28 -35.31 24.15
CA ARG D 87 0.70 -36.37 23.24
C ARG D 87 1.01 -35.81 21.86
N THR D 88 0.21 -34.86 21.38
CA THR D 88 0.44 -34.26 20.07
C THR D 88 1.79 -33.58 20.01
N HIS D 89 2.18 -32.89 21.09
CA HIS D 89 3.47 -32.19 21.11
C HIS D 89 4.63 -33.18 21.00
N ILE D 90 4.56 -34.29 21.71
CA ILE D 90 5.62 -35.29 21.64
C ILE D 90 5.66 -35.92 20.26
N MET D 91 4.49 -36.25 19.70
CA MET D 91 4.45 -36.90 18.40
C MET D 91 4.79 -35.97 17.25
N ARG D 92 4.81 -34.66 17.47
CA ARG D 92 5.22 -33.74 16.41
C ARG D 92 6.66 -33.94 15.97
N PHE D 93 7.50 -34.59 16.81
CA PHE D 93 8.87 -34.88 16.40
C PHE D 93 8.94 -35.91 15.29
N PHE D 94 7.86 -36.64 15.02
CA PHE D 94 7.91 -37.78 14.12
C PHE D 94 7.28 -37.53 12.75
N HIS D 95 6.53 -36.44 12.59
CA HIS D 95 6.00 -36.01 11.29
C HIS D 95 5.22 -37.14 10.60
N GLU D 96 4.28 -37.72 11.34
CA GLU D 96 3.61 -38.95 10.90
C GLU D 96 2.62 -38.72 9.78
N THR D 97 2.07 -37.51 9.63
CA THR D 97 1.08 -37.24 8.60
C THR D 97 1.65 -36.47 7.41
N GLU D 98 2.95 -36.22 7.37
CA GLU D 98 3.58 -35.51 6.28
C GLU D 98 4.04 -36.52 5.22
N ALA D 99 3.57 -36.35 3.99
CA ALA D 99 3.97 -37.24 2.92
C ALA D 99 5.44 -36.98 2.62
N PRO D 100 6.21 -38.05 2.33
CA PRO D 100 7.64 -37.91 2.04
C PRO D 100 7.90 -37.15 0.74
N ARG D 101 8.95 -36.33 0.73
CA ARG D 101 9.30 -35.57 -0.46
C ARG D 101 10.66 -36.04 -0.97
N PRO D 102 10.72 -36.48 -2.24
CA PRO D 102 11.96 -36.96 -2.86
C PRO D 102 12.98 -35.85 -3.07
N THR D 103 14.25 -36.15 -2.83
CA THR D 103 15.31 -35.18 -3.00
C THR D 103 15.96 -35.17 -4.39
N ASP D 104 15.63 -36.15 -5.22
CA ASP D 104 16.20 -36.23 -6.56
C ASP D 104 15.70 -35.12 -7.49
N PHE D 105 16.53 -34.73 -8.46
CA PHE D 105 16.20 -33.67 -9.39
C PHE D 105 14.98 -33.98 -10.25
N LEU D 106 14.87 -35.22 -10.71
CA LEU D 106 13.75 -35.62 -11.55
C LEU D 106 12.40 -35.54 -10.84
N SER D 107 12.36 -35.96 -9.58
CA SER D 107 11.11 -35.92 -8.82
C SER D 107 10.63 -34.49 -8.60
N LYS D 108 11.56 -33.60 -8.31
CA LYS D 108 11.27 -32.19 -8.12
C LYS D 108 10.88 -31.52 -9.43
N PHE D 109 11.54 -31.88 -10.52
CA PHE D 109 11.18 -31.35 -11.83
C PHE D 109 9.75 -31.75 -12.19
N TYR D 110 9.38 -32.99 -11.89
CA TYR D 110 8.04 -33.47 -12.22
C TYR D 110 6.97 -32.75 -11.42
N VAL D 111 7.19 -32.56 -10.11
CA VAL D 111 6.09 -32.06 -9.27
C VAL D 111 5.86 -30.57 -9.48
N GLY D 112 6.92 -29.77 -9.49
CA GLY D 112 6.73 -28.34 -9.54
C GLY D 112 7.99 -27.58 -9.88
N HIS D 113 7.99 -26.29 -9.52
CA HIS D 113 9.09 -25.39 -9.83
C HIS D 113 10.09 -25.25 -8.70
N ASP D 114 9.74 -25.68 -7.49
CA ASP D 114 10.59 -25.42 -6.33
C ASP D 114 11.91 -26.19 -6.44
N PRO D 115 13.04 -25.56 -6.10
CA PRO D 115 14.37 -26.18 -6.14
C PRO D 115 14.68 -26.99 -4.89
N LEU E 1 39.83 -37.53 -28.06
CA LEU E 1 41.02 -37.53 -28.90
C LEU E 1 40.89 -36.53 -30.04
N GLY E 2 39.66 -36.33 -30.51
CA GLY E 2 39.39 -35.39 -31.57
C GLY E 2 39.08 -33.99 -31.05
N LEU E 3 40.02 -33.07 -31.24
CA LEU E 3 39.84 -31.71 -30.73
C LEU E 3 38.70 -31.00 -31.47
N ARG E 4 37.86 -30.30 -30.72
CA ARG E 4 36.72 -29.57 -31.27
C ARG E 4 36.82 -28.06 -31.07
N GLU E 5 37.31 -27.61 -29.92
CA GLU E 5 37.39 -26.18 -29.64
C GLU E 5 38.54 -25.91 -28.70
N ILE E 6 39.02 -24.67 -28.73
CA ILE E 6 40.05 -24.18 -27.82
C ILE E 6 39.51 -22.91 -27.17
N ARG E 7 39.66 -22.79 -25.86
CA ARG E 7 39.20 -21.61 -25.14
C ARG E 7 40.36 -21.05 -24.33
N ILE E 8 40.67 -19.77 -24.54
CA ILE E 8 41.74 -19.09 -23.82
C ILE E 8 41.12 -17.96 -23.02
N HIS E 9 41.22 -18.06 -21.69
CA HIS E 9 40.71 -17.05 -20.76
C HIS E 9 41.90 -16.28 -20.22
N LEU E 10 42.08 -15.05 -20.68
CA LEU E 10 43.17 -14.20 -20.23
C LEU E 10 42.63 -12.90 -19.65
N CYS E 11 43.25 -12.44 -18.58
CA CYS E 11 42.81 -11.25 -17.87
C CYS E 11 43.40 -10.00 -18.51
N GLN E 12 42.68 -8.88 -18.35
CA GLN E 12 42.97 -7.70 -19.16
C GLN E 12 44.25 -6.99 -18.71
N ARG E 13 44.43 -6.78 -17.40
CA ARG E 13 45.60 -6.05 -16.92
C ARG E 13 46.24 -6.71 -15.71
N SER E 14 46.07 -8.02 -15.55
CA SER E 14 46.79 -8.70 -14.50
C SER E 14 48.18 -9.09 -14.99
N PRO E 15 49.21 -8.96 -14.14
CA PRO E 15 50.57 -9.30 -14.58
C PRO E 15 50.72 -10.72 -15.09
N GLY E 16 50.08 -11.69 -14.42
CA GLY E 16 50.25 -13.09 -14.80
C GLY E 16 49.74 -13.42 -16.19
N SER E 17 48.85 -12.60 -16.73
CA SER E 17 48.32 -12.79 -18.07
C SER E 17 49.18 -12.13 -19.14
N GLN E 18 50.19 -11.35 -18.74
CA GLN E 18 50.92 -10.51 -19.68
C GLN E 18 51.47 -11.33 -20.85
N GLY E 19 52.18 -12.41 -20.54
CA GLY E 19 52.71 -13.26 -21.62
C GLY E 19 51.62 -13.73 -22.55
N VAL E 20 50.50 -14.22 -21.99
CA VAL E 20 49.38 -14.63 -22.82
C VAL E 20 48.94 -13.48 -23.71
N ARG E 21 48.78 -12.29 -23.12
CA ARG E 21 48.46 -11.11 -23.91
C ARG E 21 49.43 -10.95 -25.06
N ASP E 22 50.73 -11.02 -24.77
CA ASP E 22 51.74 -10.86 -25.80
C ASP E 22 51.50 -11.86 -26.94
N PHE E 23 51.20 -13.10 -26.59
CA PHE E 23 50.95 -14.10 -27.62
C PHE E 23 49.83 -13.67 -28.55
N ILE E 24 48.70 -13.26 -27.96
CA ILE E 24 47.56 -12.84 -28.78
C ILE E 24 47.94 -11.62 -29.62
N GLU E 25 48.81 -10.76 -29.08
CA GLU E 25 49.21 -9.58 -29.83
C GLU E 25 50.15 -9.93 -30.97
N LYS E 26 50.92 -11.02 -30.84
CA LYS E 26 51.92 -11.36 -31.85
C LYS E 26 51.53 -12.55 -32.71
N ARG E 27 51.24 -13.70 -32.10
CA ARG E 27 51.18 -14.95 -32.84
C ARG E 27 49.81 -15.63 -32.77
N TYR E 28 48.75 -14.90 -32.45
CA TYR E 28 47.41 -15.47 -32.61
C TYR E 28 47.05 -15.62 -34.09
N VAL E 29 47.25 -14.55 -34.87
CA VAL E 29 46.78 -14.50 -36.25
C VAL E 29 47.34 -15.66 -37.05
N GLU E 30 48.66 -15.89 -36.97
CA GLU E 30 49.27 -17.00 -37.68
C GLU E 30 48.57 -18.31 -37.33
N LEU E 31 48.34 -18.54 -36.03
CA LEU E 31 47.65 -19.74 -35.62
C LEU E 31 46.27 -19.83 -36.27
N LYS E 32 45.56 -18.71 -36.32
CA LYS E 32 44.25 -18.70 -36.97
C LYS E 32 44.35 -19.05 -38.44
N LYS E 33 45.43 -18.60 -39.11
CA LYS E 33 45.59 -18.95 -40.51
C LYS E 33 46.12 -20.37 -40.69
N ALA E 34 46.61 -20.99 -39.62
CA ALA E 34 47.04 -22.39 -39.73
C ALA E 34 45.87 -23.34 -39.50
N ASN E 35 44.88 -22.92 -38.73
CA ASN E 35 43.71 -23.72 -38.38
C ASN E 35 42.45 -22.90 -38.64
N PRO E 36 42.09 -22.69 -39.91
CA PRO E 36 41.01 -21.76 -40.22
C PRO E 36 39.62 -22.28 -39.93
N ASP E 37 39.47 -23.56 -39.57
CA ASP E 37 38.18 -24.15 -39.24
C ASP E 37 38.11 -24.56 -37.78
N LEU E 38 38.98 -24.03 -36.94
CA LEU E 38 39.04 -24.41 -35.53
C LEU E 38 38.60 -23.24 -34.65
N PRO E 39 37.58 -23.41 -33.82
CA PRO E 39 37.17 -22.33 -32.91
C PRO E 39 38.22 -22.11 -31.83
N ILE E 40 38.72 -20.88 -31.77
CA ILE E 40 39.67 -20.46 -30.74
C ILE E 40 39.05 -19.25 -30.05
N LEU E 41 38.30 -19.51 -28.98
CA LEU E 41 37.51 -18.47 -28.33
C LEU E 41 38.36 -17.77 -27.28
N ILE E 42 38.57 -16.47 -27.48
CA ILE E 42 39.36 -15.64 -26.58
C ILE E 42 38.39 -14.88 -25.67
N ARG E 43 38.46 -15.15 -24.37
CA ARG E 43 37.61 -14.49 -23.40
C ARG E 43 38.46 -13.98 -22.23
N GLU E 44 37.82 -13.19 -21.36
CA GLU E 44 38.51 -12.49 -20.29
C GLU E 44 38.15 -13.09 -18.93
N CYS E 45 39.16 -13.30 -18.10
CA CYS E 45 38.99 -13.81 -16.75
C CYS E 45 38.85 -12.66 -15.75
N SER E 46 38.31 -13.00 -14.58
CA SER E 46 38.37 -12.12 -13.43
C SER E 46 39.73 -12.30 -12.76
N ASP E 47 39.91 -11.74 -11.57
CA ASP E 47 41.25 -11.56 -11.02
C ASP E 47 41.95 -12.86 -10.63
N VAL E 48 41.45 -14.03 -11.01
CA VAL E 48 42.00 -15.26 -10.45
C VAL E 48 43.30 -15.69 -11.12
N GLN E 49 43.25 -16.18 -12.36
CA GLN E 49 44.40 -16.78 -13.04
C GLN E 49 44.06 -16.92 -14.52
N PRO E 50 45.07 -16.99 -15.38
CA PRO E 50 44.85 -17.40 -16.77
C PRO E 50 44.50 -18.88 -16.86
N LYS E 51 43.98 -19.28 -18.02
CA LYS E 51 43.58 -20.66 -18.23
C LYS E 51 43.45 -20.92 -19.72
N LEU E 52 43.71 -22.17 -20.11
CA LEU E 52 43.47 -22.62 -21.47
C LEU E 52 42.58 -23.85 -21.39
N TRP E 53 41.50 -23.87 -22.17
CA TRP E 53 40.57 -24.98 -22.19
C TRP E 53 40.64 -25.70 -23.54
N ALA E 54 40.67 -27.02 -23.49
CA ALA E 54 40.67 -27.84 -24.70
C ALA E 54 39.53 -28.83 -24.61
N ARG E 55 38.63 -28.80 -25.60
CA ARG E 55 37.47 -29.66 -25.64
C ARG E 55 37.62 -30.69 -26.75
N TYR E 56 37.18 -31.90 -26.49
CA TYR E 56 37.35 -33.03 -27.40
C TYR E 56 36.00 -33.61 -27.77
N ALA E 57 36.04 -34.71 -28.52
CA ALA E 57 34.82 -35.37 -28.96
C ALA E 57 34.02 -35.89 -27.79
N PHE E 58 32.70 -35.87 -27.93
CA PHE E 58 31.76 -36.40 -26.95
C PHE E 58 31.81 -35.66 -25.62
N GLY E 59 32.12 -34.36 -25.64
CA GLY E 59 32.00 -33.53 -24.48
C GLY E 59 33.14 -33.56 -23.48
N GLN E 60 34.22 -34.29 -23.77
CA GLN E 60 35.37 -34.33 -22.88
C GLN E 60 36.21 -33.08 -23.06
N GLU E 61 36.70 -32.53 -21.96
CA GLU E 61 37.53 -31.34 -22.01
C GLU E 61 38.42 -31.29 -20.77
N LYS E 62 39.58 -30.67 -20.93
CA LYS E 62 40.47 -30.41 -19.80
C LYS E 62 41.12 -29.05 -19.96
N ASN E 63 41.60 -28.52 -18.83
CA ASN E 63 42.16 -27.17 -18.77
C ASN E 63 43.60 -27.22 -18.25
N VAL E 64 44.40 -26.27 -18.71
CA VAL E 64 45.80 -26.13 -18.31
C VAL E 64 46.05 -24.68 -17.92
N SER E 65 46.68 -24.49 -16.76
CA SER E 65 46.94 -23.15 -16.27
C SER E 65 48.07 -22.50 -17.04
N LEU E 66 47.86 -21.24 -17.45
CA LEU E 66 48.86 -20.46 -18.16
C LEU E 66 49.45 -19.35 -17.28
N ASN E 67 49.42 -19.53 -15.97
CA ASN E 67 49.86 -18.47 -15.06
C ASN E 67 51.35 -18.22 -15.19
N ASN E 68 51.71 -16.95 -15.39
CA ASN E 68 53.08 -16.46 -15.46
C ASN E 68 53.85 -17.03 -16.65
N PHE E 69 53.16 -17.65 -17.61
CA PHE E 69 53.83 -18.15 -18.80
C PHE E 69 54.26 -17.00 -19.70
N SER E 70 55.36 -17.19 -20.42
CA SER E 70 55.74 -16.28 -21.48
C SER E 70 55.06 -16.70 -22.78
N ALA E 71 55.29 -15.91 -23.84
CA ALA E 71 54.68 -16.24 -25.13
C ALA E 71 55.18 -17.57 -25.67
N ASP E 72 56.47 -17.85 -25.48
CA ASP E 72 57.02 -19.12 -25.94
C ASP E 72 56.37 -20.30 -25.22
N GLN E 73 56.15 -20.16 -23.91
CA GLN E 73 55.50 -21.24 -23.16
C GLN E 73 54.10 -21.51 -23.65
N VAL E 74 53.32 -20.46 -23.91
CA VAL E 74 51.94 -20.66 -24.35
C VAL E 74 51.92 -21.23 -25.77
N THR E 75 52.86 -20.81 -26.63
CA THR E 75 52.92 -21.43 -27.95
C THR E 75 53.27 -22.91 -27.85
N ARG E 76 54.20 -23.25 -26.96
CA ARG E 76 54.59 -24.66 -26.78
C ARG E 76 53.39 -25.49 -26.31
N THR E 77 52.69 -25.02 -25.28
CA THR E 77 51.56 -25.81 -24.79
C THR E 77 50.44 -25.87 -25.81
N LEU E 78 50.21 -24.79 -26.56
CA LEU E 78 49.15 -24.81 -27.57
C LEU E 78 49.44 -25.82 -28.66
N GLU E 79 50.67 -25.81 -29.20
CA GLU E 79 50.99 -26.81 -30.22
C GLU E 79 51.09 -28.21 -29.64
N ASN E 80 51.30 -28.33 -28.32
CA ASN E 80 51.17 -29.63 -27.69
C ASN E 80 49.73 -30.11 -27.70
N VAL E 81 48.78 -29.22 -27.45
CA VAL E 81 47.37 -29.61 -27.49
C VAL E 81 46.94 -29.93 -28.91
N LEU E 82 47.33 -29.10 -29.89
CA LEU E 82 46.93 -29.33 -31.27
C LEU E 82 47.50 -30.60 -31.85
N SER E 83 48.62 -31.09 -31.35
CA SER E 83 49.21 -32.34 -31.79
C SER E 83 48.76 -33.47 -30.88
N GLY E 84 48.91 -34.70 -31.37
CA GLY E 84 48.44 -35.86 -30.65
C GLY E 84 49.31 -36.27 -29.48
N LYS E 85 49.47 -35.38 -28.51
CA LYS E 85 50.22 -35.68 -27.30
C LYS E 85 49.55 -35.03 -26.10
N ALA E 86 49.86 -35.56 -24.92
CA ALA E 86 49.35 -35.03 -23.66
C ALA E 86 47.83 -34.94 -23.64
N SER F 1 22.76 -63.99 55.26
CA SER F 1 23.90 -63.12 55.01
C SER F 1 23.65 -62.22 53.80
N ASP F 2 24.56 -61.28 53.58
CA ASP F 2 24.45 -60.35 52.45
C ASP F 2 25.01 -61.00 51.18
N ALA F 3 25.22 -60.19 50.15
CA ALA F 3 25.72 -60.70 48.88
C ALA F 3 27.14 -61.25 49.06
N PRO F 4 27.52 -62.24 48.25
CA PRO F 4 28.86 -62.83 48.38
C PRO F 4 29.93 -61.83 48.01
N PRO F 5 31.17 -62.02 48.49
CA PRO F 5 32.23 -61.05 48.20
C PRO F 5 32.58 -61.00 46.72
N LEU F 6 32.33 -59.84 46.11
CA LEU F 6 32.58 -59.65 44.69
C LEU F 6 34.08 -59.69 44.39
N THR F 7 34.43 -60.32 43.27
CA THR F 7 35.81 -60.45 42.83
C THR F 7 36.00 -59.73 41.50
N LEU F 8 37.25 -59.63 41.07
CA LEU F 8 37.56 -58.99 39.80
C LEU F 8 36.98 -59.77 38.63
N GLU F 9 37.00 -61.10 38.71
CA GLU F 9 36.54 -61.92 37.60
C GLU F 9 35.05 -61.72 37.35
N ALA F 10 34.26 -61.66 38.43
CA ALA F 10 32.83 -61.43 38.27
C ALA F 10 32.56 -60.07 37.64
N ILE F 11 33.31 -59.04 38.06
CA ILE F 11 33.15 -57.71 37.49
C ILE F 11 33.47 -57.73 36.00
N LYS F 12 34.56 -58.40 35.62
CA LYS F 12 34.92 -58.50 34.21
C LYS F 12 33.82 -59.21 33.42
N ASP F 13 33.29 -60.32 33.97
CA ASP F 13 32.25 -61.07 33.27
C ASP F 13 31.00 -60.22 33.07
N ARG F 14 30.58 -59.49 34.12
CA ARG F 14 29.39 -58.66 34.02
C ARG F 14 29.60 -57.52 33.02
N VAL F 15 30.78 -56.91 33.04
CA VAL F 15 31.06 -55.82 32.09
C VAL F 15 31.00 -56.34 30.66
N LEU F 16 31.63 -57.49 30.40
CA LEU F 16 31.62 -58.03 29.05
C LEU F 16 30.21 -58.43 28.62
N TYR F 17 29.43 -58.99 29.55
CA TYR F 17 28.05 -59.37 29.24
C TYR F 17 27.22 -58.15 28.88
N VAL F 18 27.39 -57.05 29.62
CA VAL F 18 26.69 -55.81 29.28
C VAL F 18 27.13 -55.31 27.91
N LEU F 19 28.44 -55.36 27.65
CA LEU F 19 28.96 -54.83 26.40
C LEU F 19 28.45 -55.59 25.19
N LYS F 20 28.34 -56.92 25.30
CA LYS F 20 27.82 -57.67 24.17
C LYS F 20 26.29 -57.65 24.10
N LEU F 21 25.61 -57.13 25.13
CA LEU F 21 24.20 -56.82 25.01
C LEU F 21 23.94 -55.50 24.28
N TYR F 22 24.99 -54.72 24.01
CA TYR F 22 24.89 -53.50 23.24
C TYR F 22 24.78 -53.88 21.77
N ASP F 23 23.71 -53.44 21.12
CA ASP F 23 23.42 -53.88 19.75
C ASP F 23 24.41 -53.36 18.73
N LYS F 24 25.26 -52.41 19.09
CA LYS F 24 26.18 -51.77 18.16
C LYS F 24 27.59 -52.34 18.23
N ILE F 25 27.79 -53.44 18.97
CA ILE F 25 29.10 -54.08 19.10
C ILE F 25 28.95 -55.55 18.73
N ASP F 26 29.79 -56.03 17.82
CA ASP F 26 29.80 -57.45 17.49
C ASP F 26 30.45 -58.24 18.62
N PRO F 27 29.81 -59.31 19.11
CA PRO F 27 30.36 -60.01 20.28
C PRO F 27 31.74 -60.62 20.07
N GLU F 28 32.04 -61.09 18.86
CA GLU F 28 33.30 -61.79 18.63
C GLU F 28 34.48 -60.85 18.54
N LYS F 29 34.28 -59.64 18.00
CA LYS F 29 35.37 -58.68 17.90
C LYS F 29 35.66 -58.00 19.23
N LEU F 30 34.75 -58.09 20.19
CA LEU F 30 34.92 -57.43 21.48
C LEU F 30 35.89 -58.21 22.35
N SER F 31 36.87 -57.50 22.92
CA SER F 31 37.80 -58.06 23.89
C SER F 31 37.95 -57.09 25.05
N VAL F 32 38.55 -57.57 26.14
CA VAL F 32 38.73 -56.74 27.33
C VAL F 32 39.63 -55.54 27.09
N ASN F 33 40.42 -55.55 26.02
CA ASN F 33 41.33 -54.45 25.69
C ASN F 33 40.86 -53.62 24.51
N SER F 34 39.74 -53.99 23.88
CA SER F 34 39.28 -53.27 22.70
C SER F 34 38.90 -51.84 23.04
N HIS F 35 39.30 -50.91 22.18
CA HIS F 35 39.07 -49.48 22.36
C HIS F 35 37.75 -49.11 21.70
N PHE F 36 36.87 -48.42 22.45
CA PHE F 36 35.59 -48.03 21.88
C PHE F 36 35.77 -47.06 20.72
N MET F 37 36.69 -46.12 20.85
CA MET F 37 36.84 -45.08 19.84
C MET F 37 37.44 -45.62 18.54
N LYS F 38 38.40 -46.54 18.66
CA LYS F 38 39.16 -46.99 17.49
C LYS F 38 38.83 -48.42 17.06
N ASP F 39 38.94 -49.39 17.97
CA ASP F 39 38.69 -50.77 17.60
C ASP F 39 37.23 -51.01 17.24
N LEU F 40 36.31 -50.41 17.99
CA LEU F 40 34.89 -50.68 17.83
C LEU F 40 34.17 -49.64 16.98
N GLY F 41 34.78 -48.48 16.74
CA GLY F 41 34.15 -47.47 15.91
C GLY F 41 32.90 -46.85 16.50
N LEU F 42 32.93 -46.50 17.78
CA LEU F 42 31.82 -45.86 18.46
C LEU F 42 32.16 -44.40 18.70
N ASP F 43 31.14 -43.54 18.74
CA ASP F 43 31.37 -42.13 19.01
C ASP F 43 31.15 -41.81 20.49
N SER F 44 31.13 -40.51 20.79
CA SER F 44 31.01 -40.06 22.18
C SER F 44 29.67 -40.47 22.79
N LEU F 45 28.59 -40.37 22.02
CA LEU F 45 27.27 -40.66 22.56
C LEU F 45 27.10 -42.15 22.83
N ASP F 46 27.72 -43.00 22.01
CA ASP F 46 27.72 -44.43 22.29
C ASP F 46 28.44 -44.71 23.61
N GLN F 47 29.56 -44.03 23.85
CA GLN F 47 30.27 -44.21 25.12
C GLN F 47 29.41 -43.78 26.29
N VAL F 48 28.66 -42.68 26.12
CA VAL F 48 27.74 -42.25 27.17
C VAL F 48 26.69 -43.32 27.43
N GLU F 49 26.14 -43.91 26.38
CA GLU F 49 25.15 -44.98 26.56
C GLU F 49 25.75 -46.19 27.27
N ILE F 50 26.98 -46.56 26.92
CA ILE F 50 27.64 -47.68 27.60
C ILE F 50 27.83 -47.36 29.08
N ILE F 51 28.25 -46.14 29.39
CA ILE F 51 28.45 -45.76 30.79
C ILE F 51 27.12 -45.81 31.55
N MET F 52 26.03 -45.38 30.90
CA MET F 52 24.73 -45.47 31.55
C MET F 52 24.31 -46.92 31.77
N ALA F 53 24.62 -47.80 30.83
CA ALA F 53 24.32 -49.23 31.02
C ALA F 53 25.12 -49.80 32.20
N MET F 54 26.40 -49.41 32.32
CA MET F 54 27.20 -49.83 33.47
C MET F 54 26.61 -49.30 34.77
N GLU F 55 26.17 -48.04 34.75
CA GLU F 55 25.51 -47.44 35.90
C GLU F 55 24.30 -48.27 36.33
N ASP F 56 23.48 -48.66 35.34
CA ASP F 56 22.30 -49.47 35.64
C ASP F 56 22.68 -50.84 36.20
N GLU F 57 23.71 -51.48 35.61
CA GLU F 57 24.03 -52.84 36.00
C GLU F 57 24.65 -52.91 37.39
N PHE F 58 25.59 -52.02 37.70
CA PHE F 58 26.30 -52.09 38.97
C PHE F 58 25.69 -51.20 40.04
N GLY F 59 24.59 -50.51 39.75
CA GLY F 59 23.82 -49.82 40.78
C GLY F 59 24.53 -48.68 41.49
N PHE F 60 25.31 -47.90 40.74
CA PHE F 60 25.96 -46.72 41.32
C PHE F 60 26.28 -45.75 40.20
N GLU F 61 26.28 -44.46 40.54
CA GLU F 61 26.37 -43.41 39.52
C GLU F 61 27.81 -42.98 39.31
N ILE F 62 28.19 -42.86 38.05
CA ILE F 62 29.51 -42.41 37.63
C ILE F 62 29.39 -40.99 37.09
N PRO F 63 30.05 -40.01 37.69
CA PRO F 63 29.96 -38.62 37.20
C PRO F 63 30.42 -38.51 35.76
N ASP F 64 30.21 -37.31 35.19
CA ASP F 64 30.65 -37.05 33.82
C ASP F 64 32.15 -37.23 33.69
N ILE F 65 32.92 -36.60 34.57
CA ILE F 65 34.32 -36.95 34.74
C ILE F 65 34.40 -38.27 35.50
N ASP F 66 35.56 -38.92 35.41
CA ASP F 66 35.76 -40.29 35.91
C ASP F 66 34.97 -41.28 35.07
N ALA F 67 34.23 -40.78 34.07
CA ALA F 67 33.59 -41.65 33.10
C ALA F 67 33.94 -41.24 31.67
N GLU F 68 34.28 -39.97 31.48
CA GLU F 68 34.67 -39.50 30.16
C GLU F 68 35.99 -40.10 29.71
N LYS F 69 36.75 -40.67 30.66
CA LYS F 69 38.05 -41.25 30.33
C LYS F 69 38.09 -42.76 30.37
N LEU F 70 36.96 -43.44 30.52
CA LEU F 70 36.91 -44.91 30.45
C LEU F 70 36.67 -45.31 29.00
N MET F 71 37.71 -45.80 28.34
CA MET F 71 37.67 -46.02 26.90
C MET F 71 37.79 -47.48 26.50
N CYS F 72 37.87 -48.41 27.45
CA CYS F 72 37.89 -49.82 27.13
C CYS F 72 37.39 -50.59 28.34
N PRO F 73 36.98 -51.86 28.16
CA PRO F 73 36.44 -52.62 29.30
C PRO F 73 37.38 -52.70 30.48
N GLN F 74 38.69 -52.76 30.25
CA GLN F 74 39.63 -52.89 31.36
C GLN F 74 39.56 -51.68 32.29
N GLU F 75 39.44 -50.48 31.73
CA GLU F 75 39.35 -49.28 32.56
C GLU F 75 38.05 -49.28 33.36
N ILE F 76 36.95 -49.73 32.77
CA ILE F 76 35.69 -49.81 33.51
C ILE F 76 35.82 -50.79 34.67
N VAL F 77 36.44 -51.94 34.41
CA VAL F 77 36.65 -52.93 35.47
C VAL F 77 37.51 -52.35 36.59
N ASP F 78 38.59 -51.65 36.22
CA ASP F 78 39.46 -51.06 37.24
C ASP F 78 38.72 -49.99 38.05
N TYR F 79 37.91 -49.17 37.39
CA TYR F 79 37.16 -48.13 38.09
C TYR F 79 36.16 -48.75 39.06
N ILE F 80 35.46 -49.81 38.63
CA ILE F 80 34.50 -50.46 39.50
C ILE F 80 35.21 -51.10 40.69
N ALA F 81 36.37 -51.72 40.45
CA ALA F 81 37.13 -52.32 41.53
C ALA F 81 37.60 -51.26 42.53
N ASP F 82 38.05 -50.10 42.04
CA ASP F 82 38.49 -49.04 42.92
C ASP F 82 37.33 -48.49 43.75
N LYS F 83 36.18 -48.25 43.11
CA LYS F 83 35.02 -47.73 43.84
C LYS F 83 34.53 -48.73 44.87
N LYS F 84 34.50 -50.02 44.52
CA LYS F 84 34.07 -51.07 45.43
C LYS F 84 35.20 -51.59 46.31
N ASP F 85 36.41 -51.05 46.15
CA ASP F 85 37.57 -51.41 46.98
C ASP F 85 37.84 -52.91 46.94
N VAL F 86 37.70 -53.51 45.76
CA VAL F 86 37.89 -54.94 45.56
C VAL F 86 39.33 -55.18 45.11
N TYR F 87 39.99 -56.14 45.76
CA TYR F 87 41.36 -56.48 45.42
C TYR F 87 41.51 -57.88 44.84
N GLU F 88 40.53 -58.74 45.01
CA GLU F 88 40.60 -60.10 44.48
C GLU F 88 39.64 -60.28 43.30
N LEU G 1 1.69 7.07 69.89
CA LEU G 1 0.35 7.64 70.06
C LEU G 1 -0.54 7.27 68.88
N LYS G 2 -0.03 7.52 67.67
CA LYS G 2 -0.76 7.20 66.45
C LYS G 2 -0.90 5.69 66.29
N LYS G 3 -2.02 5.27 65.72
CA LYS G 3 -2.24 3.89 65.31
C LYS G 3 -2.44 3.84 63.81
N THR G 4 -2.35 2.62 63.26
CA THR G 4 -2.76 2.29 61.88
C THR G 4 -2.27 3.35 60.87
N THR G 5 -0.95 3.33 60.65
CA THR G 5 -0.31 4.18 59.65
C THR G 5 -1.09 4.22 58.33
N GLY G 6 -1.84 3.17 58.04
CA GLY G 6 -2.70 3.12 56.87
C GLY G 6 -2.17 2.31 55.73
N LEU G 7 -0.93 1.85 55.80
CA LEU G 7 -0.31 1.05 54.76
C LEU G 7 -0.14 -0.37 55.29
N VAL G 8 -0.65 -1.35 54.55
CA VAL G 8 -0.59 -2.74 54.99
C VAL G 8 0.85 -3.19 55.09
N GLY G 9 1.23 -3.76 56.23
CA GLY G 9 2.57 -4.25 56.44
C GLY G 9 3.53 -3.26 57.06
N LEU G 10 3.13 -1.99 57.21
CA LEU G 10 3.98 -0.96 57.80
C LEU G 10 3.49 -0.72 59.22
N ALA G 11 4.26 -1.20 60.19
CA ALA G 11 3.87 -1.07 61.60
C ALA G 11 4.16 0.34 62.10
N VAL G 12 3.46 0.71 63.18
CA VAL G 12 3.67 2.00 63.81
C VAL G 12 4.98 1.98 64.59
N CYS G 13 5.79 3.00 64.39
CA CYS G 13 7.09 3.11 65.05
C CYS G 13 6.97 4.01 66.27
N GLU G 14 7.40 3.50 67.41
CA GLU G 14 7.58 4.31 68.61
C GLU G 14 9.03 4.76 68.70
N THR G 15 9.22 5.98 69.22
CA THR G 15 10.53 6.63 69.28
C THR G 15 11.14 6.72 67.89
N PRO G 16 10.53 7.46 66.96
CA PRO G 16 11.09 7.52 65.60
C PRO G 16 12.26 8.48 65.45
N HIS G 17 12.37 9.49 66.32
CA HIS G 17 13.50 10.43 66.23
C HIS G 17 14.83 9.71 66.43
N GLU G 18 14.90 8.82 67.43
CA GLU G 18 16.12 8.07 67.67
C GLU G 18 16.45 7.16 66.49
N ARG G 19 15.45 6.48 65.95
CA ARG G 19 15.68 5.60 64.81
C ARG G 19 16.19 6.38 63.60
N LEU G 20 15.61 7.55 63.33
CA LEU G 20 16.07 8.37 62.23
C LEU G 20 17.50 8.85 62.45
N LYS G 21 17.83 9.22 63.69
CA LYS G 21 19.20 9.64 64.00
C LYS G 21 20.18 8.50 63.76
N ILE G 22 19.86 7.30 64.23
CA ILE G 22 20.75 6.15 64.01
C ILE G 22 20.93 5.88 62.53
N LEU G 23 19.83 5.89 61.78
CA LEU G 23 19.90 5.58 60.35
C LEU G 23 20.75 6.61 59.61
N TYR G 24 20.55 7.90 59.91
CA TYR G 24 21.29 8.93 59.22
C TYR G 24 22.78 8.89 59.59
N THR G 25 23.08 8.62 60.86
CA THR G 25 24.48 8.47 61.25
C THR G 25 25.15 7.31 60.55
N LYS G 26 24.43 6.18 60.42
CA LYS G 26 24.99 5.04 59.69
C LYS G 26 25.21 5.36 58.22
N ILE G 27 24.27 6.08 57.62
CA ILE G 27 24.43 6.48 56.21
C ILE G 27 25.66 7.36 56.05
N LEU G 28 25.84 8.31 56.96
CA LEU G 28 27.01 9.19 56.87
C LEU G 28 28.31 8.41 57.07
N ASP G 29 28.31 7.46 58.01
CA ASP G 29 29.49 6.63 58.22
C ASP G 29 29.83 5.85 56.96
N VAL G 30 28.83 5.25 56.32
CA VAL G 30 29.08 4.50 55.09
C VAL G 30 29.59 5.41 53.98
N LEU G 31 28.99 6.61 53.85
CA LEU G 31 29.42 7.53 52.81
C LEU G 31 30.83 8.04 53.05
N GLY G 32 31.29 8.02 54.30
CA GLY G 32 32.64 8.45 54.59
C GLY G 32 33.72 7.62 53.94
N GLN G 33 33.39 6.43 53.47
CA GLN G 33 34.35 5.54 52.82
C GLN G 33 34.37 5.69 51.30
N ILE G 34 33.54 6.55 50.74
CA ILE G 34 33.49 6.79 49.29
C ILE G 34 34.44 7.94 48.99
N PRO G 35 35.07 7.98 47.82
CA PRO G 35 35.98 9.09 47.50
C PRO G 35 35.28 10.44 47.58
N LYS G 36 36.06 11.45 47.97
CA LYS G 36 35.51 12.78 48.20
C LYS G 36 34.93 13.40 46.94
N ASN G 37 35.59 13.22 45.79
CA ASN G 37 35.16 13.83 44.55
C ASN G 37 34.00 13.11 43.87
N ALA G 38 33.59 11.95 44.39
CA ALA G 38 32.45 11.24 43.82
C ALA G 38 31.17 12.03 44.03
N ALA G 39 30.32 12.08 43.00
CA ALA G 39 29.12 12.89 43.07
C ALA G 39 28.08 12.27 44.00
N TYR G 40 27.99 10.94 44.03
CA TYR G 40 27.03 10.28 44.90
C TYR G 40 27.28 10.62 46.36
N ARG G 41 28.54 10.61 46.78
CA ARG G 41 28.87 10.90 48.16
C ARG G 41 28.40 12.29 48.55
N LYS G 42 28.75 13.30 47.75
CA LYS G 42 28.43 14.67 48.14
C LYS G 42 26.92 14.93 48.08
N TYR G 43 26.24 14.42 47.05
CA TYR G 43 24.80 14.64 46.96
C TYR G 43 24.07 13.97 48.12
N THR G 44 24.40 12.70 48.40
CA THR G 44 23.74 11.99 49.48
C THR G 44 24.07 12.60 50.83
N GLU G 45 25.33 13.02 51.03
CA GLU G 45 25.69 13.67 52.28
C GLU G 45 24.91 14.97 52.46
N GLN G 46 24.75 15.75 51.40
CA GLN G 46 23.98 16.98 51.49
C GLN G 46 22.54 16.70 51.92
N ILE G 47 21.86 15.80 51.20
CA ILE G 47 20.44 15.58 51.51
C ILE G 47 20.27 14.97 52.89
N THR G 48 21.13 14.00 53.24
CA THR G 48 21.06 13.38 54.56
C THR G 48 21.33 14.39 55.67
N ASN G 49 22.28 15.31 55.46
CA ASN G 49 22.55 16.34 56.46
C ASN G 49 21.36 17.27 56.65
N GLU G 50 20.69 17.67 55.55
CA GLU G 50 19.49 18.47 55.72
C GLU G 50 18.43 17.71 56.52
N LYS G 51 18.19 16.45 56.17
CA LYS G 51 17.17 15.69 56.88
C LYS G 51 17.51 15.50 58.35
N LEU G 52 18.77 15.21 58.66
CA LEU G 52 19.19 15.07 60.06
C LEU G 52 19.05 16.39 60.82
N GLY G 53 19.41 17.50 60.17
CA GLY G 53 19.26 18.78 60.83
C GLY G 53 17.81 19.12 61.14
N MET G 54 16.90 18.84 60.21
CA MET G 54 15.50 19.09 60.51
C MET G 54 14.93 18.07 61.49
N VAL G 55 15.52 16.88 61.58
CA VAL G 55 15.09 15.92 62.58
C VAL G 55 15.49 16.38 63.97
N LYS G 56 16.72 16.89 64.12
CA LYS G 56 17.20 17.32 65.44
C LYS G 56 16.52 18.59 65.92
N ALA G 57 15.79 19.30 65.06
CA ALA G 57 15.21 20.59 65.39
C ALA G 57 13.70 20.55 65.63
N GLU G 58 13.06 19.37 65.54
CA GLU G 58 11.62 19.26 65.73
C GLU G 58 11.31 18.06 66.61
N PRO G 59 10.72 18.25 67.79
CA PRO G 59 10.31 17.11 68.60
C PRO G 59 8.89 16.62 68.32
N ASP G 60 8.10 17.38 67.56
CA ASP G 60 6.72 17.00 67.26
C ASP G 60 6.68 16.18 65.97
N VAL G 61 6.06 15.00 66.03
CA VAL G 61 6.12 14.07 64.91
C VAL G 61 5.31 14.59 63.72
N LYS G 62 4.12 15.14 63.95
CA LYS G 62 3.29 15.62 62.85
C LYS G 62 3.98 16.77 62.11
N LYS G 63 4.54 17.72 62.83
CA LYS G 63 5.23 18.83 62.19
C LYS G 63 6.52 18.37 61.52
N LEU G 64 7.19 17.37 62.09
CA LEU G 64 8.36 16.81 61.43
C LEU G 64 7.98 16.14 60.11
N GLU G 65 6.85 15.43 60.10
CA GLU G 65 6.37 14.84 58.85
C GLU G 65 6.03 15.92 57.83
N GLU G 66 5.44 17.03 58.29
CA GLU G 66 5.15 18.14 57.39
C GLU G 66 6.44 18.77 56.83
N GLN G 67 7.47 18.93 57.65
CA GLN G 67 8.69 19.58 57.21
C GLN G 67 9.51 18.69 56.28
N LEU G 68 9.63 17.39 56.59
CA LEU G 68 10.39 16.49 55.75
C LEU G 68 9.78 16.31 54.38
N GLN G 69 8.46 16.50 54.27
CA GLN G 69 7.72 16.29 53.03
C GLN G 69 7.93 14.86 52.51
N GLY G 70 8.16 13.93 53.43
CA GLY G 70 8.45 12.55 53.09
C GLY G 70 7.32 11.57 53.26
N GLY G 71 6.11 12.02 53.60
CA GLY G 71 5.01 11.08 53.64
C GLY G 71 5.01 10.10 54.79
N GLN G 72 4.57 10.51 55.99
CA GLN G 72 4.32 9.53 57.05
C GLN G 72 5.58 8.85 57.57
N ILE G 73 6.22 9.50 58.55
CA ILE G 73 7.59 9.28 59.03
C ILE G 73 8.04 7.82 59.03
N GLU G 74 7.11 6.87 59.11
CA GLU G 74 7.48 5.46 58.97
C GLU G 74 8.05 5.19 57.58
N GLU G 75 7.45 5.78 56.54
CA GLU G 75 8.03 5.69 55.22
C GLU G 75 9.36 6.44 55.12
N VAL G 76 9.54 7.50 55.91
CA VAL G 76 10.85 8.15 55.97
C VAL G 76 11.91 7.20 56.52
N ILE G 77 11.55 6.45 57.57
CA ILE G 77 12.47 5.46 58.12
C ILE G 77 12.78 4.38 57.10
N LEU G 78 11.75 3.91 56.39
CA LEU G 78 11.96 2.90 55.36
C LEU G 78 12.86 3.41 54.25
N GLN G 79 12.67 4.65 53.82
CA GLN G 79 13.53 5.23 52.79
C GLN G 79 14.96 5.40 53.29
N ALA G 80 15.13 5.73 54.57
CA ALA G 80 16.48 5.82 55.12
C ALA G 80 17.18 4.47 55.10
N GLU G 81 16.46 3.40 55.47
CA GLU G 81 17.05 2.07 55.39
C GLU G 81 17.40 1.70 53.95
N ASN G 82 16.52 2.04 53.00
CA ASN G 82 16.81 1.77 51.60
C ASN G 82 18.05 2.53 51.13
N GLU G 83 18.19 3.79 51.57
CA GLU G 83 19.35 4.57 51.19
C GLU G 83 20.64 4.01 51.78
N LEU G 84 20.59 3.51 53.02
CA LEU G 84 21.77 2.90 53.61
C LEU G 84 22.19 1.65 52.84
N SER G 85 21.21 0.81 52.49
CA SER G 85 21.52 -0.38 51.69
C SER G 85 22.11 0.01 50.33
N LEU G 86 21.53 1.03 49.69
CA LEU G 86 22.04 1.48 48.41
C LEU G 86 23.47 2.02 48.54
N ALA G 87 23.75 2.73 49.62
CA ALA G 87 25.09 3.27 49.83
C ALA G 87 26.12 2.15 49.97
N ARG G 88 25.77 1.09 50.71
CA ARG G 88 26.66 -0.07 50.78
C ARG G 88 26.88 -0.69 49.40
N LYS G 89 25.79 -0.87 48.65
CA LYS G 89 25.91 -1.48 47.33
C LYS G 89 26.77 -0.61 46.40
N MET G 90 26.62 0.71 46.47
CA MET G 90 27.39 1.60 45.61
C MET G 90 28.86 1.63 46.01
N LEU G 91 29.14 1.55 47.31
CA LEU G 91 30.51 1.37 47.75
C LEU G 91 31.11 0.12 47.13
N ARG G 92 30.32 -0.95 47.04
CA ARG G 92 30.81 -2.16 46.38
C ARG G 92 30.98 -1.96 44.88
N TRP G 93 30.04 -1.24 44.23
CA TRP G 93 30.04 -1.12 42.77
C TRP G 93 31.05 -0.09 42.28
N LYS G 94 31.23 1.01 43.01
CA LYS G 94 32.10 2.11 42.61
C LYS G 94 31.73 2.67 41.24
N PRO G 95 30.50 3.15 41.06
CA PRO G 95 30.07 3.62 39.74
C PRO G 95 30.55 5.01 39.36
N TRP G 96 31.44 5.60 40.16
CA TRP G 96 32.04 6.91 39.86
C TRP G 96 33.23 6.79 38.92
N GLU G 97 33.68 5.58 38.61
CA GLU G 97 34.77 5.38 37.67
C GLU G 97 34.31 5.78 36.26
N PRO G 98 35.26 6.08 35.37
CA PRO G 98 34.88 6.53 34.03
C PRO G 98 34.10 5.48 33.25
N LEU G 99 33.44 5.94 32.19
CA LEU G 99 32.61 5.08 31.38
C LEU G 99 33.42 3.94 30.77
N VAL G 100 32.84 2.76 30.76
CA VAL G 100 33.43 1.58 30.15
C VAL G 100 32.69 1.28 28.85
N GLU G 101 33.46 1.08 27.78
CA GLU G 101 32.92 0.53 26.53
C GLU G 101 31.82 1.41 25.94
N GLU G 102 32.25 2.58 25.43
CA GLU G 102 31.43 3.43 24.58
C GLU G 102 30.65 2.59 23.57
N PRO G 103 29.43 2.98 23.21
CA PRO G 103 28.60 2.14 22.34
C PRO G 103 29.10 2.15 20.91
N PRO G 104 28.64 1.22 20.08
CA PRO G 104 28.98 1.25 18.65
C PRO G 104 28.57 2.54 17.99
N ALA G 105 29.02 2.71 16.74
CA ALA G 105 28.96 4.00 16.07
C ALA G 105 27.53 4.51 15.94
N ASN G 106 26.60 3.65 15.54
CA ASN G 106 25.22 4.06 15.31
C ASN G 106 24.26 3.24 16.16
N GLN G 107 24.65 2.94 17.40
CA GLN G 107 23.82 2.12 18.28
C GLN G 107 22.52 2.82 18.63
N TRP G 108 22.57 4.14 18.83
CA TRP G 108 21.42 4.89 19.33
C TRP G 108 20.81 5.81 18.29
N LYS G 109 20.98 5.50 17.01
CA LYS G 109 20.49 6.35 15.94
C LYS G 109 19.07 5.96 15.57
N TRP G 110 18.13 6.90 15.72
CA TRP G 110 16.74 6.67 15.35
C TRP G 110 16.22 7.90 14.61
N PRO G 111 15.49 7.72 13.50
CA PRO G 111 15.10 6.44 12.87
C PRO G 111 16.27 5.72 12.21
N ILE G 112 16.19 4.39 12.19
CA ILE G 112 17.22 3.49 11.64
C ILE G 112 18.63 3.93 12.02
N ALA H 1 -45.22 0.46 36.16
CA ALA H 1 -45.54 -0.97 36.13
C ALA H 1 -47.04 -1.19 36.31
N SER H 2 -47.48 -2.42 36.05
CA SER H 2 -48.90 -2.77 36.11
C SER H 2 -49.25 -3.52 37.39
N ALA H 3 -48.33 -3.60 38.35
CA ALA H 3 -48.58 -4.37 39.56
C ALA H 3 -49.67 -3.74 40.42
N THR H 4 -50.47 -4.58 41.05
CA THR H 4 -51.52 -4.10 41.95
C THR H 4 -50.89 -3.50 43.21
N ARG H 5 -51.64 -2.61 43.87
CA ARG H 5 -51.09 -1.85 44.98
C ARG H 5 -50.67 -2.74 46.14
N VAL H 6 -51.36 -3.87 46.34
CA VAL H 6 -50.93 -4.81 47.39
C VAL H 6 -49.57 -5.40 47.06
N ILE H 7 -49.35 -5.75 45.79
CA ILE H 7 -48.06 -6.27 45.37
C ILE H 7 -46.99 -5.18 45.47
N GLN H 8 -47.34 -3.94 45.18
CA GLN H 8 -46.40 -2.83 45.37
C GLN H 8 -46.00 -2.71 46.84
N LEU H 9 -46.98 -2.79 47.75
CA LEU H 9 -46.66 -2.72 49.17
C LEU H 9 -45.79 -3.88 49.61
N LEU H 10 -46.08 -5.08 49.12
CA LEU H 10 -45.26 -6.24 49.47
C LEU H 10 -43.83 -6.08 48.96
N ARG H 11 -43.67 -5.59 47.73
CA ARG H 11 -42.35 -5.35 47.18
C ARG H 11 -41.58 -4.32 48.00
N ASN H 12 -42.25 -3.21 48.34
CA ASN H 12 -41.59 -2.14 49.08
C ASN H 12 -41.23 -2.57 50.50
N TRP H 13 -42.07 -3.41 51.12
CA TRP H 13 -41.73 -3.90 52.45
C TRP H 13 -40.60 -4.92 52.40
N ALA H 14 -40.59 -5.79 51.38
CA ALA H 14 -39.52 -6.78 51.28
C ALA H 14 -38.19 -6.12 50.98
N SER H 15 -38.15 -5.17 50.03
CA SER H 15 -36.89 -4.53 49.68
C SER H 15 -36.50 -3.46 50.69
N GLY H 16 -37.47 -2.86 51.38
CA GLY H 16 -37.20 -1.76 52.29
C GLY H 16 -37.19 -0.40 51.65
N ARG H 17 -37.51 -0.28 50.36
CA ARG H 17 -37.51 1.00 49.66
C ARG H 17 -38.69 1.05 48.70
N ASP H 18 -39.04 2.27 48.31
CA ASP H 18 -40.13 2.50 47.35
C ASP H 18 -39.60 2.15 45.96
N LEU H 19 -40.04 1.02 45.43
CA LEU H 19 -39.52 0.54 44.16
C LEU H 19 -40.18 1.24 42.98
N GLN H 20 -41.41 1.73 43.17
CA GLN H 20 -42.15 2.33 42.07
C GLN H 20 -41.51 3.63 41.62
N ALA H 21 -40.71 4.26 42.49
CA ALA H 21 -40.08 5.52 42.12
C ALA H 21 -38.96 5.32 41.11
N LYS H 22 -38.20 4.23 41.24
CA LYS H 22 -37.03 3.97 40.39
C LYS H 22 -37.12 2.54 39.84
N LEU H 23 -37.77 2.41 38.69
CA LEU H 23 -37.99 1.10 38.11
C LEU H 23 -36.85 0.71 37.17
N GLN H 24 -36.54 -0.59 37.16
CA GLN H 24 -35.54 -1.10 36.22
C GLN H 24 -36.01 -0.98 34.78
N LEU H 25 -37.28 -1.22 34.52
CA LEU H 25 -37.82 -1.14 33.18
C LEU H 25 -38.20 0.30 32.83
N ARG H 26 -37.78 0.75 31.65
CA ARG H 26 -38.03 2.11 31.18
C ARG H 26 -39.27 2.07 30.29
N TYR H 27 -40.23 2.95 30.58
CA TYR H 27 -41.52 2.83 29.90
C TYR H 27 -41.69 3.88 28.79
N GLN H 28 -41.69 5.16 29.14
CA GLN H 28 -42.03 6.17 28.14
C GLN H 28 -41.20 7.44 28.28
N GLU H 29 -40.26 7.46 29.22
CA GLU H 29 -39.46 8.66 29.45
C GLU H 29 -38.21 8.71 28.59
N ILE H 30 -37.98 7.69 27.75
CA ILE H 30 -36.81 7.68 26.89
C ILE H 30 -37.09 8.49 25.63
N SER H 31 -36.05 8.82 24.88
CA SER H 31 -36.19 9.66 23.71
C SER H 31 -36.94 8.93 22.59
N LYS H 32 -37.58 9.72 21.74
CA LYS H 32 -38.27 9.17 20.57
C LYS H 32 -37.26 8.54 19.63
N ARG H 33 -37.68 7.44 18.98
CA ARG H 33 -36.80 6.76 18.04
C ARG H 33 -36.69 7.50 16.71
N THR H 34 -37.49 8.54 16.49
CA THR H 34 -37.35 9.43 15.35
C THR H 34 -37.01 10.82 15.87
N GLN H 35 -35.93 11.39 15.35
CA GLN H 35 -35.40 12.66 15.81
C GLN H 35 -35.31 13.65 14.66
N PRO H 36 -35.37 14.95 14.94
CA PRO H 36 -35.16 15.96 13.90
C PRO H 36 -33.72 15.94 13.42
N PRO H 37 -33.45 16.44 12.21
CA PRO H 37 -32.07 16.43 11.71
C PRO H 37 -31.19 17.39 12.48
N PRO H 38 -29.90 17.09 12.60
CA PRO H 38 -28.98 18.01 13.28
C PRO H 38 -28.40 19.04 12.32
N LYS H 39 -27.53 19.89 12.86
CA LYS H 39 -26.86 20.93 12.07
C LYS H 39 -25.34 20.86 12.15
N LEU H 40 -24.77 20.52 13.32
CA LEU H 40 -23.36 20.15 13.43
C LEU H 40 -22.38 21.24 13.01
N PRO H 41 -22.03 22.18 13.89
CA PRO H 41 -21.09 23.25 13.54
C PRO H 41 -19.76 22.72 13.00
N VAL H 42 -18.96 23.64 12.45
CA VAL H 42 -17.86 23.23 11.58
C VAL H 42 -16.55 23.06 12.37
N GLY H 43 -16.00 24.14 12.92
CA GLY H 43 -14.71 24.08 13.54
C GLY H 43 -13.87 25.34 13.38
N PRO H 44 -12.76 25.42 14.10
CA PRO H 44 -12.00 26.68 14.14
C PRO H 44 -11.15 26.95 12.91
N SER H 45 -10.91 25.96 12.06
CA SER H 45 -10.09 26.15 10.87
C SER H 45 -10.91 26.41 9.61
N HIS H 46 -12.19 26.72 9.75
CA HIS H 46 -13.06 26.94 8.59
C HIS H 46 -13.14 28.40 8.17
N LYS H 47 -12.08 29.17 8.38
CA LYS H 47 -12.09 30.58 7.98
C LYS H 47 -11.79 30.72 6.49
N LEU H 48 -12.07 31.91 5.96
CA LEU H 48 -11.86 32.15 4.54
C LEU H 48 -10.54 32.85 4.28
N SER H 49 -9.95 33.45 5.30
CA SER H 49 -8.67 34.13 5.18
C SER H 49 -7.91 34.02 6.49
N ASN H 50 -6.64 34.43 6.47
CA ASN H 50 -5.75 34.38 7.63
C ASN H 50 -5.70 32.96 8.21
N ASN H 51 -5.67 31.98 7.32
CA ASN H 51 -5.79 30.56 7.69
C ASN H 51 -4.75 29.70 6.99
N TYR H 52 -3.52 30.18 6.91
CA TYR H 52 -2.46 29.41 6.26
C TYR H 52 -2.12 28.18 7.10
N TYR H 53 -1.95 27.04 6.42
CA TYR H 53 -1.74 25.79 7.13
C TYR H 53 -0.42 25.77 7.90
N CYS H 54 0.58 26.53 7.43
CA CYS H 54 1.87 26.55 8.12
C CYS H 54 1.80 27.16 9.50
N THR H 55 0.72 27.88 9.82
CA THR H 55 0.54 28.47 11.13
C THR H 55 -0.24 27.56 12.09
N ARG H 56 -0.74 26.43 11.61
CA ARG H 56 -1.52 25.51 12.43
C ARG H 56 -1.12 24.07 12.15
N ASP H 57 0.17 23.84 11.95
CA ASP H 57 0.69 22.53 11.56
C ASP H 57 1.38 21.92 12.78
N GLY H 58 0.64 21.12 13.55
CA GLY H 58 1.20 20.53 14.76
C GLY H 58 2.27 19.50 14.47
N ARG H 59 2.10 18.72 13.41
CA ARG H 59 3.07 17.67 13.10
C ARG H 59 4.43 18.24 12.73
N ARG H 60 4.45 19.41 12.09
CA ARG H 60 5.71 20.00 11.65
C ARG H 60 6.43 20.75 12.77
N GLU H 61 5.80 20.93 13.93
CA GLU H 61 6.47 21.50 15.09
C GLU H 61 7.09 20.45 15.99
N ALA H 62 6.98 19.17 15.65
CA ALA H 62 7.71 18.13 16.37
C ALA H 62 9.16 18.11 15.89
N MET H 63 10.07 17.91 16.84
CA MET H 63 11.50 17.90 16.55
C MET H 63 12.17 16.80 17.35
N PRO H 64 13.38 16.39 16.94
CA PRO H 64 14.05 15.31 17.65
C PRO H 64 14.32 15.69 19.10
N PRO H 65 14.44 14.70 19.98
CA PRO H 65 14.55 14.99 21.41
C PRO H 65 15.82 15.77 21.75
N SER H 66 15.72 16.59 22.80
CA SER H 66 16.84 17.39 23.25
C SER H 66 17.88 16.50 23.93
N ILE H 67 19.15 16.69 23.56
CA ILE H 67 20.24 15.86 24.06
C ILE H 67 20.89 16.56 25.24
N VAL H 68 20.97 15.85 26.37
CA VAL H 68 21.71 16.29 27.54
C VAL H 68 22.75 15.23 27.84
N MET H 69 24.01 15.64 27.99
CA MET H 69 25.09 14.74 28.38
C MET H 69 25.22 13.60 27.36
N SER H 70 25.80 13.94 26.22
CA SER H 70 26.34 12.93 25.33
C SER H 70 27.75 12.59 25.80
N SER H 71 28.02 11.29 25.94
CA SER H 71 29.31 10.86 26.49
C SER H 71 30.45 11.08 25.49
N GLN H 72 30.17 10.97 24.18
CA GLN H 72 31.21 11.21 23.20
C GLN H 72 31.68 12.66 23.22
N LYS H 73 30.73 13.60 23.30
CA LYS H 73 30.97 15.04 23.39
C LYS H 73 32.20 15.55 22.62
N THR H 89 31.94 23.78 44.22
CA THR H 89 30.78 24.24 43.45
C THR H 89 29.50 24.10 44.26
N GLU H 90 28.49 24.91 43.91
CA GLU H 90 27.22 24.90 44.62
C GLU H 90 26.55 23.54 44.48
N LYS H 91 26.15 23.19 43.26
CA LYS H 91 25.70 21.85 42.87
C LYS H 91 24.72 21.25 43.89
N LYS H 92 23.57 21.91 44.00
CA LYS H 92 22.51 21.40 44.86
C LYS H 92 21.85 20.18 44.21
N ALA H 93 21.45 19.22 45.06
CA ALA H 93 20.78 18.03 44.58
C ALA H 93 19.39 18.37 44.04
N VAL H 94 18.91 17.55 43.12
CA VAL H 94 17.62 17.76 42.48
C VAL H 94 16.83 16.46 42.51
N THR H 95 15.53 16.60 42.27
CA THR H 95 14.59 15.49 42.17
C THR H 95 13.93 15.56 40.80
N PRO H 96 13.36 14.44 40.32
CA PRO H 96 12.69 14.50 39.01
C PRO H 96 11.54 15.49 38.97
N ALA H 97 10.92 15.75 40.11
CA ALA H 97 9.83 16.70 40.24
C ALA H 97 9.66 17.03 41.71
N PRO H 98 8.96 18.11 42.04
CA PRO H 98 8.66 18.40 43.44
C PRO H 98 7.90 17.25 44.08
N PRO H 99 8.12 17.01 45.38
CA PRO H 99 7.41 15.91 46.05
C PRO H 99 5.90 16.08 45.97
N ILE H 100 5.20 14.97 45.82
CA ILE H 100 3.75 15.01 45.71
C ILE H 100 3.14 15.50 47.02
N LYS H 101 2.08 16.28 46.91
CA LYS H 101 1.42 16.87 48.07
C LYS H 101 0.38 15.90 48.61
N ARG H 102 0.33 15.78 49.94
CA ARG H 102 -0.54 14.81 50.58
C ARG H 102 -2.01 15.06 50.25
N TRP H 103 -2.74 13.98 49.99
CA TRP H 103 -4.15 14.07 49.66
C TRP H 103 -4.97 14.53 50.86
N GLU H 104 -6.09 15.17 50.58
CA GLU H 104 -7.04 15.60 51.61
C GLU H 104 -8.20 14.61 51.70
N LEU H 105 -8.87 14.63 52.85
CA LEU H 105 -9.85 13.60 53.18
C LEU H 105 -11.28 14.12 52.99
N SER H 106 -11.72 14.13 51.73
CA SER H 106 -13.14 13.98 51.36
C SER H 106 -14.14 14.75 52.21
N LYS H 107 -14.18 16.07 52.10
CA LYS H 107 -15.20 16.85 52.80
C LYS H 107 -16.62 16.36 52.52
N ASP H 108 -16.85 15.69 51.39
CA ASP H 108 -18.19 15.19 51.08
C ASP H 108 -18.55 14.01 51.99
N GLN H 109 -17.77 12.94 51.92
CA GLN H 109 -17.98 11.77 52.77
C GLN H 109 -16.65 11.11 53.07
N PRO H 110 -16.03 11.40 54.23
CA PRO H 110 -14.70 10.84 54.49
C PRO H 110 -14.70 9.36 54.85
N TYR H 111 -15.75 8.87 55.48
CA TYR H 111 -15.83 7.48 55.90
C TYR H 111 -17.11 6.84 55.38
N LEU H 112 -16.98 5.62 54.88
CA LEU H 112 -18.10 4.91 54.29
C LEU H 112 -18.98 4.26 55.34
N LEU I 1 -5.12 -31.68 -20.59
CA LEU I 1 -5.53 -32.23 -19.29
C LEU I 1 -6.41 -31.23 -18.54
N HIS I 2 -7.08 -30.36 -19.28
CA HIS I 2 -8.08 -29.47 -18.70
C HIS I 2 -7.51 -28.55 -17.61
N HIS I 3 -6.90 -27.44 -18.03
CA HIS I 3 -6.11 -26.53 -17.19
C HIS I 3 -6.56 -26.46 -15.73
N ALA I 4 -7.86 -26.40 -15.48
CA ALA I 4 -8.36 -26.37 -14.09
C ALA I 4 -7.96 -27.61 -13.31
N LEU I 5 -7.59 -28.71 -13.99
CA LEU I 5 -7.17 -29.93 -13.32
C LEU I 5 -5.66 -30.17 -13.44
N ILE I 6 -4.88 -29.10 -13.54
CA ILE I 6 -3.43 -29.19 -13.52
C ILE I 6 -2.96 -29.04 -12.08
N PRO I 7 -2.19 -29.99 -11.56
CA PRO I 7 -1.77 -29.90 -10.15
C PRO I 7 -0.95 -28.65 -9.86
N HIS I 8 -1.17 -28.10 -8.68
CA HIS I 8 -0.48 -26.91 -8.22
C HIS I 8 -0.29 -26.99 -6.71
N GLY I 9 0.61 -26.16 -6.20
CA GLY I 9 0.88 -26.15 -4.78
C GLY I 9 1.98 -27.14 -4.38
N LYS I 10 2.06 -27.37 -3.07
CA LYS I 10 3.09 -28.22 -2.50
C LYS I 10 2.56 -29.59 -2.09
N GLY I 11 1.30 -29.90 -2.40
CA GLY I 11 0.73 -31.17 -2.02
C GLY I 11 0.07 -31.18 -0.65
N GLY I 12 -0.26 -30.01 -0.11
CA GLY I 12 -0.88 -29.90 1.18
C GLY I 12 -2.36 -29.60 1.10
N ARG I 13 -2.89 -29.04 2.20
CA ARG I 13 -4.33 -28.86 2.35
C ARG I 13 -4.89 -27.89 1.31
N SER I 14 -4.19 -26.80 1.03
CA SER I 14 -4.67 -25.79 0.10
C SER I 14 -4.14 -25.99 -1.32
N SER I 15 -3.46 -27.11 -1.57
CA SER I 15 -2.93 -27.39 -2.90
C SER I 15 -4.02 -27.94 -3.81
N VAL I 16 -3.70 -28.08 -5.08
CA VAL I 16 -4.57 -28.71 -6.06
C VAL I 16 -3.86 -29.96 -6.54
N SER I 17 -4.50 -31.12 -6.35
CA SER I 17 -3.91 -32.39 -6.73
C SER I 17 -4.28 -32.83 -8.14
N GLY I 18 -5.30 -32.23 -8.74
CA GLY I 18 -5.78 -32.67 -10.03
C GLY I 18 -6.69 -33.88 -10.00
N ILE I 19 -7.13 -34.30 -8.81
CA ILE I 19 -8.00 -35.47 -8.66
C ILE I 19 -9.39 -34.99 -8.28
N VAL I 20 -10.40 -35.46 -9.02
CA VAL I 20 -11.80 -35.32 -8.65
C VAL I 20 -12.33 -36.73 -8.46
N ALA I 21 -12.56 -37.11 -7.21
CA ALA I 21 -12.88 -38.48 -6.85
C ALA I 21 -14.25 -38.56 -6.21
N THR I 22 -15.06 -39.49 -6.70
CA THR I 22 -16.33 -39.85 -6.09
C THR I 22 -16.14 -41.15 -5.34
N VAL I 23 -16.33 -41.13 -4.03
CA VAL I 23 -16.03 -42.26 -3.15
C VAL I 23 -17.34 -42.81 -2.62
N PHE I 24 -17.84 -43.88 -3.24
CA PHE I 24 -19.00 -44.57 -2.71
C PHE I 24 -18.62 -45.35 -1.46
N GLY I 25 -19.50 -45.36 -0.47
CA GLY I 25 -19.20 -45.99 0.80
C GLY I 25 -18.11 -45.29 1.58
N ALA I 26 -18.12 -43.95 1.59
CA ALA I 26 -17.09 -43.19 2.26
C ALA I 26 -17.36 -42.99 3.75
N THR I 27 -18.53 -43.41 4.24
CA THR I 27 -18.88 -43.27 5.64
C THR I 27 -18.64 -44.54 6.45
N GLY I 28 -17.81 -45.44 5.94
CA GLY I 28 -17.49 -46.68 6.62
C GLY I 28 -16.10 -46.69 7.20
N PHE I 29 -15.57 -47.90 7.40
CA PHE I 29 -14.25 -48.08 7.98
C PHE I 29 -13.16 -47.56 7.04
N LEU I 30 -13.04 -48.13 5.85
CA LEU I 30 -12.02 -47.71 4.89
C LEU I 30 -12.32 -46.33 4.30
N GLY I 31 -13.60 -45.94 4.27
CA GLY I 31 -13.97 -44.69 3.64
C GLY I 31 -13.36 -43.48 4.30
N ARG I 32 -13.33 -43.45 5.63
CA ARG I 32 -12.78 -42.30 6.33
C ARG I 32 -11.31 -42.12 6.03
N TYR I 33 -10.55 -43.23 6.00
CA TYR I 33 -9.12 -43.14 5.69
C TYR I 33 -8.89 -42.72 4.24
N VAL I 34 -9.69 -43.25 3.31
CA VAL I 34 -9.53 -42.87 1.91
C VAL I 34 -9.83 -41.38 1.72
N VAL I 35 -10.92 -40.91 2.33
CA VAL I 35 -11.29 -39.50 2.20
C VAL I 35 -10.24 -38.60 2.85
N ASN I 36 -9.71 -39.01 4.00
CA ASN I 36 -8.69 -38.22 4.67
C ASN I 36 -7.42 -38.13 3.81
N HIS I 37 -7.01 -39.25 3.21
CA HIS I 37 -5.82 -39.21 2.37
C HIS I 37 -6.04 -38.36 1.12
N LEU I 38 -7.24 -38.43 0.53
CA LEU I 38 -7.52 -37.58 -0.63
C LEU I 38 -7.53 -36.10 -0.25
N GLY I 39 -8.12 -35.76 0.91
CA GLY I 39 -8.20 -34.38 1.33
C GLY I 39 -6.89 -33.81 1.87
N ARG I 40 -5.96 -34.68 2.26
CA ARG I 40 -4.66 -34.20 2.73
C ARG I 40 -3.91 -33.44 1.64
N MET I 41 -3.97 -33.92 0.41
CA MET I 41 -3.20 -33.35 -0.69
C MET I 41 -4.01 -32.39 -1.55
N GLY I 42 -5.24 -32.09 -1.15
CA GLY I 42 -6.03 -31.09 -1.86
C GLY I 42 -6.79 -31.62 -3.06
N SER I 43 -7.45 -32.76 -2.89
CA SER I 43 -8.32 -33.30 -3.93
C SER I 43 -9.75 -32.85 -3.69
N GLN I 44 -10.52 -32.78 -4.78
CA GLN I 44 -11.96 -32.55 -4.68
C GLN I 44 -12.63 -33.89 -4.46
N VAL I 45 -13.29 -34.05 -3.32
CA VAL I 45 -13.91 -35.31 -2.93
C VAL I 45 -15.41 -35.14 -2.96
N ILE I 46 -16.10 -36.09 -3.60
CA ILE I 46 -17.54 -36.15 -3.64
C ILE I 46 -17.98 -37.36 -2.83
N VAL I 47 -18.82 -37.11 -1.81
CA VAL I 47 -19.28 -38.17 -0.91
C VAL I 47 -20.76 -38.43 -1.16
N PRO I 48 -21.10 -39.54 -1.81
CA PRO I 48 -22.50 -39.97 -1.85
C PRO I 48 -22.87 -40.67 -0.55
N TYR I 49 -23.93 -40.19 0.07
CA TYR I 49 -24.36 -40.73 1.35
C TYR I 49 -25.84 -41.07 1.29
N ARG I 50 -26.20 -42.18 1.95
CA ARG I 50 -27.58 -42.56 2.18
C ARG I 50 -28.00 -42.43 3.64
N CYS I 51 -27.03 -42.35 4.56
CA CYS I 51 -27.30 -42.34 5.98
C CYS I 51 -27.68 -40.93 6.45
N GLU I 52 -27.95 -40.82 7.75
CA GLU I 52 -28.26 -39.53 8.34
C GLU I 52 -27.03 -38.63 8.24
N PRO I 53 -27.21 -37.36 7.84
CA PRO I 53 -26.06 -36.45 7.70
C PRO I 53 -25.24 -36.30 8.97
N TYR I 54 -25.85 -36.48 10.15
CA TYR I 54 -25.09 -36.46 11.39
C TYR I 54 -23.95 -37.47 11.37
N ASP I 55 -24.13 -38.58 10.64
CA ASP I 55 -23.11 -39.62 10.56
C ASP I 55 -22.04 -39.34 9.50
N THR I 56 -22.11 -38.20 8.81
CA THR I 56 -21.05 -37.79 7.90
C THR I 56 -20.20 -36.67 8.46
N MET I 57 -20.55 -36.14 9.64
CA MET I 57 -19.89 -34.95 10.16
C MET I 57 -18.38 -35.15 10.33
N HIS I 58 -17.96 -36.34 10.75
CA HIS I 58 -16.55 -36.58 10.99
C HIS I 58 -15.72 -36.49 9.72
N LEU I 59 -16.35 -36.49 8.55
CA LEU I 59 -15.60 -36.34 7.31
C LEU I 59 -15.43 -34.88 6.89
N ARG I 60 -16.09 -33.94 7.56
CA ARG I 60 -16.05 -32.53 7.18
C ARG I 60 -14.70 -31.86 7.39
N PRO I 61 -13.98 -32.10 8.49
CA PRO I 61 -12.66 -31.48 8.67
C PRO I 61 -11.56 -32.04 7.79
N MET I 62 -11.84 -33.02 6.92
CA MET I 62 -10.80 -33.68 6.16
C MET I 62 -10.37 -32.92 4.91
N GLY I 63 -11.02 -31.81 4.57
CA GLY I 63 -10.66 -31.08 3.38
C GLY I 63 -10.74 -29.59 3.60
N ASP I 64 -10.02 -28.86 2.74
CA ASP I 64 -10.08 -27.41 2.72
C ASP I 64 -11.46 -26.95 2.27
N LEU I 65 -11.70 -25.65 2.33
CA LEU I 65 -13.01 -25.09 2.02
C LEU I 65 -13.41 -25.42 0.59
N GLY I 66 -14.55 -26.09 0.44
CA GLY I 66 -15.09 -26.46 -0.85
C GLY I 66 -14.55 -27.74 -1.44
N GLN I 67 -13.63 -28.42 -0.74
CA GLN I 67 -12.99 -29.61 -1.29
C GLN I 67 -13.74 -30.89 -0.99
N ILE I 68 -14.72 -30.88 -0.10
CA ILE I 68 -15.53 -32.05 0.21
C ILE I 68 -16.99 -31.67 0.01
N ILE I 69 -17.68 -32.38 -0.88
CA ILE I 69 -19.05 -32.08 -1.26
C ILE I 69 -19.91 -33.31 -0.97
N PHE I 70 -20.98 -33.13 -0.21
CA PHE I 70 -21.85 -34.22 0.20
C PHE I 70 -23.12 -34.23 -0.65
N MET I 71 -23.52 -35.40 -1.11
CA MET I 71 -24.74 -35.52 -1.91
C MET I 71 -25.45 -36.83 -1.59
N GLU I 72 -26.78 -36.76 -1.54
CA GLU I 72 -27.60 -37.94 -1.32
C GLU I 72 -27.60 -38.83 -2.55
N TRP I 73 -27.69 -40.14 -2.33
CA TRP I 73 -27.77 -41.09 -3.42
C TRP I 73 -28.55 -42.32 -2.98
N ASN I 74 -29.06 -43.05 -3.96
CA ASN I 74 -29.77 -44.30 -3.75
C ASN I 74 -29.08 -45.39 -4.55
N GLY I 75 -28.79 -46.51 -3.87
CA GLY I 75 -28.08 -47.59 -4.54
C GLY I 75 -28.85 -48.24 -5.65
N LYS I 76 -30.19 -48.14 -5.62
CA LYS I 76 -31.05 -48.73 -6.63
C LYS I 76 -31.51 -47.74 -7.69
N ASP I 77 -30.96 -46.52 -7.67
CA ASP I 77 -31.38 -45.47 -8.59
C ASP I 77 -30.18 -45.07 -9.45
N LYS I 78 -30.32 -45.23 -10.77
CA LYS I 78 -29.24 -44.93 -11.69
C LYS I 78 -28.98 -43.43 -11.78
N ASP I 79 -30.03 -42.62 -11.65
CA ASP I 79 -29.88 -41.17 -11.80
C ASP I 79 -29.08 -40.56 -10.66
N SER I 80 -29.18 -41.13 -9.44
CA SER I 80 -28.35 -40.65 -8.34
C SER I 80 -26.87 -40.87 -8.62
N ILE I 81 -26.53 -42.07 -9.12
CA ILE I 81 -25.14 -42.36 -9.47
C ILE I 81 -24.68 -41.43 -10.60
N ARG I 82 -25.52 -41.24 -11.60
CA ARG I 82 -25.20 -40.30 -12.68
C ARG I 82 -24.90 -38.92 -12.11
N LYS I 83 -25.76 -38.44 -11.21
CA LYS I 83 -25.58 -37.11 -10.63
C LYS I 83 -24.28 -37.00 -9.85
N VAL I 84 -23.91 -38.05 -9.13
CA VAL I 84 -22.71 -37.96 -8.29
C VAL I 84 -21.42 -38.37 -9.00
N VAL I 85 -21.48 -38.83 -10.25
CA VAL I 85 -20.26 -39.13 -10.98
C VAL I 85 -20.12 -38.32 -12.27
N GLU I 86 -21.01 -37.34 -12.50
CA GLU I 86 -20.97 -36.58 -13.74
C GLU I 86 -19.67 -35.81 -13.93
N HIS I 87 -18.99 -35.42 -12.85
CA HIS I 87 -17.86 -34.51 -12.94
C HIS I 87 -16.55 -35.08 -12.46
N SER I 88 -16.52 -36.33 -12.00
CA SER I 88 -15.32 -36.92 -11.43
C SER I 88 -14.47 -37.59 -12.50
N ASN I 89 -13.16 -37.54 -12.31
CA ASN I 89 -12.24 -38.33 -13.12
C ASN I 89 -11.84 -39.64 -12.45
N VAL I 90 -12.14 -39.81 -11.17
CA VAL I 90 -11.89 -41.06 -10.46
C VAL I 90 -13.15 -41.45 -9.70
N VAL I 91 -13.53 -42.72 -9.79
CA VAL I 91 -14.60 -43.28 -8.97
C VAL I 91 -14.03 -44.44 -8.17
N ILE I 92 -14.22 -44.41 -6.85
CA ILE I 92 -13.81 -45.47 -5.94
C ILE I 92 -15.05 -46.08 -5.33
N ASN I 93 -15.14 -47.41 -5.34
CA ASN I 93 -16.27 -48.14 -4.78
C ASN I 93 -15.83 -48.87 -3.52
N LEU I 94 -16.32 -48.40 -2.37
CA LEU I 94 -16.08 -49.05 -1.08
C LEU I 94 -17.38 -49.56 -0.46
N VAL I 95 -18.40 -49.81 -1.27
CA VAL I 95 -19.70 -50.22 -0.75
C VAL I 95 -19.67 -51.69 -0.36
N GLY I 96 -20.16 -52.00 0.83
CA GLY I 96 -20.24 -53.36 1.30
C GLY I 96 -20.89 -53.48 2.66
N ARG I 97 -21.43 -54.65 2.97
CA ARG I 97 -22.00 -54.94 4.28
C ARG I 97 -21.64 -56.35 4.69
N GLU I 98 -21.34 -56.55 5.98
CA GLU I 98 -20.94 -57.87 6.44
C GLU I 98 -22.14 -58.80 6.63
N TRP I 99 -23.33 -58.22 6.80
CA TRP I 99 -24.55 -58.99 6.99
C TRP I 99 -25.58 -58.58 5.93
N GLU I 100 -26.66 -59.36 5.86
CA GLU I 100 -27.74 -59.11 4.91
C GLU I 100 -28.91 -58.45 5.63
N THR I 101 -29.41 -57.36 5.09
CA THR I 101 -30.59 -56.71 5.65
C THR I 101 -31.84 -57.12 4.88
N LYS I 102 -33.00 -56.73 5.41
CA LYS I 102 -34.27 -57.10 4.79
C LYS I 102 -34.43 -56.43 3.43
N ASN I 103 -33.72 -55.32 3.20
CA ASN I 103 -33.85 -54.58 1.96
C ASN I 103 -32.67 -54.79 1.01
N PHE I 104 -31.50 -55.15 1.52
CA PHE I 104 -30.33 -55.41 0.69
C PHE I 104 -29.66 -56.70 1.16
N ASP I 105 -29.42 -57.62 0.24
CA ASP I 105 -28.65 -58.82 0.52
C ASP I 105 -27.28 -58.72 -0.13
N PHE I 106 -26.51 -59.81 -0.04
CA PHE I 106 -25.15 -59.80 -0.58
C PHE I 106 -25.16 -59.57 -2.09
N GLU I 107 -26.11 -60.19 -2.80
CA GLU I 107 -26.20 -60.00 -4.24
C GLU I 107 -26.50 -58.55 -4.60
N ASP I 108 -27.28 -57.86 -3.78
CA ASP I 108 -27.59 -56.46 -4.06
C ASP I 108 -26.37 -55.56 -3.87
N VAL I 109 -25.61 -55.78 -2.80
CA VAL I 109 -24.53 -54.85 -2.45
C VAL I 109 -23.20 -55.20 -3.11
N PHE I 110 -23.01 -56.43 -3.58
CA PHE I 110 -21.74 -56.83 -4.16
C PHE I 110 -21.81 -57.09 -5.65
N VAL I 111 -23.01 -57.16 -6.23
CA VAL I 111 -23.13 -57.41 -7.67
C VAL I 111 -23.89 -56.27 -8.34
N LYS I 112 -25.14 -56.04 -7.92
CA LYS I 112 -25.99 -55.07 -8.61
C LYS I 112 -25.47 -53.65 -8.46
N ILE I 113 -25.20 -53.23 -7.23
CA ILE I 113 -24.71 -51.87 -7.00
C ILE I 113 -23.35 -51.63 -7.66
N PRO I 114 -22.34 -52.50 -7.49
CA PRO I 114 -21.08 -52.27 -8.21
C PRO I 114 -21.24 -52.26 -9.73
N HIS I 115 -22.11 -53.12 -10.27
CA HIS I 115 -22.33 -53.13 -11.71
C HIS I 115 -22.95 -51.82 -12.18
N ALA I 116 -23.94 -51.32 -11.44
CA ALA I 116 -24.56 -50.04 -11.81
C ALA I 116 -23.54 -48.91 -11.72
N ILE I 117 -22.72 -48.90 -10.67
CA ILE I 117 -21.71 -47.86 -10.53
C ILE I 117 -20.75 -47.90 -11.70
N ALA I 118 -20.27 -49.10 -12.06
CA ALA I 118 -19.31 -49.23 -13.16
C ALA I 118 -19.93 -48.79 -14.48
N GLN I 119 -21.16 -49.23 -14.75
CA GLN I 119 -21.81 -48.89 -16.02
C GLN I 119 -22.06 -47.40 -16.14
N VAL I 120 -22.59 -46.77 -15.09
CA VAL I 120 -22.87 -45.33 -15.17
C VAL I 120 -21.58 -44.53 -15.21
N SER I 121 -20.53 -44.98 -14.52
CA SER I 121 -19.25 -44.29 -14.59
C SER I 121 -18.65 -44.39 -15.99
N LYS I 122 -18.78 -45.55 -16.62
CA LYS I 122 -18.28 -45.70 -17.99
C LYS I 122 -19.06 -44.81 -18.95
N GLU I 123 -20.38 -44.73 -18.78
CA GLU I 123 -21.18 -43.88 -19.65
C GLU I 123 -20.88 -42.40 -19.43
N ALA I 124 -20.61 -42.01 -18.18
CA ALA I 124 -20.37 -40.61 -17.87
C ALA I 124 -19.01 -40.11 -18.34
N GLY I 125 -18.10 -41.02 -18.71
CA GLY I 125 -16.78 -40.63 -19.11
C GLY I 125 -15.73 -40.63 -18.02
N VAL I 126 -16.03 -41.21 -16.85
CA VAL I 126 -15.01 -41.38 -15.83
C VAL I 126 -13.92 -42.29 -16.35
N GLU I 127 -12.66 -41.88 -16.19
CA GLU I 127 -11.56 -42.60 -16.79
C GLU I 127 -10.91 -43.62 -15.86
N LYS I 128 -11.06 -43.46 -14.55
CA LYS I 128 -10.46 -44.37 -13.59
C LYS I 128 -11.52 -44.88 -12.63
N LEU I 129 -11.58 -46.20 -12.47
CA LEU I 129 -12.49 -46.84 -11.53
C LEU I 129 -11.69 -47.79 -10.65
N ILE I 130 -11.85 -47.65 -9.34
CA ILE I 130 -11.24 -48.54 -8.35
C ILE I 130 -12.37 -49.34 -7.71
N HIS I 131 -12.26 -50.66 -7.78
CA HIS I 131 -13.25 -51.56 -7.19
C HIS I 131 -12.57 -52.45 -6.17
N ILE I 132 -13.18 -52.54 -4.98
CA ILE I 132 -12.64 -53.33 -3.89
C ILE I 132 -13.39 -54.65 -3.83
N SER I 133 -12.63 -55.74 -3.91
CA SER I 133 -13.15 -57.11 -3.79
C SER I 133 -12.48 -57.76 -2.58
N HIS I 134 -12.61 -59.07 -2.45
CA HIS I 134 -11.96 -59.78 -1.37
C HIS I 134 -10.90 -60.73 -1.92
N LEU I 135 -9.84 -60.92 -1.12
CA LEU I 135 -8.77 -61.84 -1.51
C LEU I 135 -9.28 -63.27 -1.65
N ASN I 136 -10.31 -63.63 -0.88
CA ASN I 136 -10.82 -64.99 -0.85
C ASN I 136 -12.04 -65.18 -1.73
N ALA I 137 -12.34 -64.21 -2.61
CA ALA I 137 -13.49 -64.31 -3.49
C ALA I 137 -13.40 -65.54 -4.38
N ASP I 138 -14.42 -66.39 -4.32
CA ASP I 138 -14.45 -67.64 -5.08
C ASP I 138 -15.89 -67.93 -5.47
N ILE I 139 -16.08 -68.44 -6.69
CA ILE I 139 -17.42 -68.72 -7.17
C ILE I 139 -18.01 -69.94 -6.50
N LYS I 140 -17.15 -70.82 -6.00
CA LYS I 140 -17.58 -72.05 -5.33
C LYS I 140 -17.40 -71.99 -3.83
N SER I 141 -17.11 -70.80 -3.31
CA SER I 141 -16.90 -70.61 -1.89
C SER I 141 -18.15 -70.95 -1.09
N PRO I 142 -17.96 -71.56 0.09
CA PRO I 142 -19.10 -71.91 0.94
C PRO I 142 -19.85 -70.65 1.36
N SER I 143 -19.10 -69.60 1.69
CA SER I 143 -19.70 -68.33 2.11
C SER I 143 -20.42 -67.59 0.99
N ARG I 144 -21.61 -67.08 1.30
CA ARG I 144 -22.42 -66.31 0.37
C ARG I 144 -21.73 -65.00 0.01
N TYR I 145 -21.08 -64.41 1.00
CA TYR I 145 -20.37 -63.15 0.89
C TYR I 145 -19.22 -63.19 -0.11
N LEU I 146 -18.48 -64.30 -0.13
CA LEU I 146 -17.34 -64.46 -1.04
C LEU I 146 -17.73 -64.68 -2.51
N ARG I 147 -18.77 -65.49 -2.72
CA ARG I 147 -19.31 -65.81 -4.04
C ARG I 147 -19.85 -64.56 -4.73
N SER I 148 -20.60 -63.74 -3.98
CA SER I 148 -21.08 -62.48 -4.54
C SER I 148 -19.92 -61.55 -4.87
N LYS I 149 -18.87 -61.58 -4.05
CA LYS I 149 -17.68 -60.78 -4.37
C LYS I 149 -17.09 -61.16 -5.72
N ALA I 150 -16.94 -62.46 -5.96
CA ALA I 150 -16.38 -62.93 -7.23
C ALA I 150 -17.28 -62.57 -8.40
N VAL I 151 -18.59 -62.79 -8.26
CA VAL I 151 -19.52 -62.44 -9.32
C VAL I 151 -19.46 -60.94 -9.62
N GLY I 152 -19.42 -60.12 -8.56
CA GLY I 152 -19.39 -58.68 -8.74
C GLY I 152 -18.12 -58.20 -9.40
N GLU I 153 -16.98 -58.81 -9.07
CA GLU I 153 -15.75 -58.42 -9.73
C GLU I 153 -15.79 -58.78 -11.22
N LYS I 154 -16.40 -59.92 -11.56
CA LYS I 154 -16.55 -60.25 -12.98
C LYS I 154 -17.45 -59.24 -13.69
N GLU I 155 -18.57 -58.87 -13.07
CA GLU I 155 -19.48 -57.91 -13.71
C GLU I 155 -18.83 -56.53 -13.83
N VAL I 156 -18.05 -56.12 -12.82
CA VAL I 156 -17.37 -54.84 -12.88
C VAL I 156 -16.34 -54.84 -14.01
N ARG I 157 -15.59 -55.93 -14.14
CA ARG I 157 -14.64 -56.03 -15.25
C ARG I 157 -15.36 -55.98 -16.59
N ALA I 158 -16.52 -56.62 -16.70
CA ALA I 158 -17.28 -56.58 -17.94
C ALA I 158 -17.75 -55.17 -18.27
N ALA I 159 -18.25 -54.43 -17.26
CA ALA I 159 -18.80 -53.11 -17.52
C ALA I 159 -17.72 -52.05 -17.73
N PHE I 160 -16.62 -52.11 -16.97
CA PHE I 160 -15.56 -51.11 -17.02
C PHE I 160 -14.25 -51.86 -17.23
N PRO I 161 -13.87 -52.13 -18.47
CA PRO I 161 -12.69 -52.98 -18.72
C PRO I 161 -11.40 -52.43 -18.15
N GLU I 162 -11.23 -51.12 -18.09
CA GLU I 162 -10.01 -50.49 -17.61
C GLU I 162 -10.05 -50.21 -16.10
N ALA I 163 -10.81 -50.98 -15.35
CA ALA I 163 -10.93 -50.77 -13.91
C ALA I 163 -9.81 -51.48 -13.17
N THR I 164 -9.41 -50.90 -12.03
CA THR I 164 -8.43 -51.49 -11.14
C THR I 164 -9.16 -52.16 -9.99
N ILE I 165 -8.91 -53.46 -9.82
CA ILE I 165 -9.54 -54.26 -8.77
C ILE I 165 -8.51 -54.52 -7.69
N ILE I 166 -8.88 -54.26 -6.44
CA ILE I 166 -8.00 -54.44 -5.29
C ILE I 166 -8.67 -55.41 -4.34
N LYS I 167 -7.95 -56.48 -3.97
CA LYS I 167 -8.47 -57.52 -3.09
C LYS I 167 -7.65 -57.57 -1.81
N PRO I 168 -8.11 -56.93 -0.73
CA PRO I 168 -7.42 -57.03 0.56
C PRO I 168 -7.89 -58.25 1.34
N SER I 169 -7.27 -58.44 2.50
CA SER I 169 -7.56 -59.60 3.35
C SER I 169 -7.60 -59.15 4.81
N ASP I 170 -8.80 -59.10 5.39
CA ASP I 170 -9.00 -58.91 6.83
C ASP I 170 -8.25 -57.69 7.34
N ILE I 171 -8.74 -56.53 6.90
CA ILE I 171 -8.14 -55.26 7.32
C ILE I 171 -8.35 -55.07 8.83
N PHE I 172 -7.28 -54.70 9.53
CA PHE I 172 -7.34 -54.42 10.95
C PHE I 172 -7.03 -52.95 11.20
N GLY I 173 -7.67 -52.39 12.23
CA GLY I 173 -7.52 -50.98 12.54
C GLY I 173 -8.41 -50.61 13.71
N ARG I 174 -8.43 -49.32 14.01
CA ARG I 174 -9.14 -48.83 15.20
C ARG I 174 -10.63 -49.16 15.15
N GLU I 175 -11.25 -48.99 13.97
CA GLU I 175 -12.68 -49.24 13.81
C GLU I 175 -12.96 -50.54 13.06
N ASP I 176 -12.04 -51.50 13.10
CA ASP I 176 -12.20 -52.71 12.31
C ASP I 176 -13.20 -53.66 12.94
N ARG I 177 -13.48 -54.74 12.20
CA ARG I 177 -14.24 -55.87 12.72
C ARG I 177 -13.39 -57.13 12.80
N PHE I 178 -12.08 -56.99 12.98
CA PHE I 178 -11.19 -58.13 13.05
C PHE I 178 -10.56 -58.27 14.43
N LEU I 179 -9.81 -57.26 14.87
CA LEU I 179 -9.23 -57.30 16.21
C LEU I 179 -10.27 -56.99 17.27
N ASN I 180 -11.15 -56.02 16.98
CA ASN I 180 -12.26 -55.73 17.88
C ASN I 180 -13.18 -56.92 18.04
N TYR I 181 -13.43 -57.64 16.94
CA TYR I 181 -14.33 -58.80 16.98
C TYR I 181 -13.80 -59.88 17.90
N PHE I 182 -12.50 -60.16 17.86
CA PHE I 182 -11.94 -61.18 18.72
C PHE I 182 -11.77 -60.69 20.15
N ALA I 183 -11.44 -59.40 20.33
CA ALA I 183 -11.31 -58.86 21.67
C ALA I 183 -12.66 -58.85 22.40
N SER I 184 -13.75 -58.61 21.67
CA SER I 184 -15.05 -58.51 22.32
C SER I 184 -15.57 -59.88 22.74
N MET I 185 -14.89 -60.95 22.35
CA MET I 185 -15.36 -62.30 22.69
C MET I 185 -15.02 -62.67 24.13
N ARG I 186 -14.35 -61.78 24.87
CA ARG I 186 -14.08 -62.03 26.28
C ARG I 186 -15.34 -61.94 27.12
N TRP I 187 -16.41 -61.35 26.59
CA TRP I 187 -17.62 -61.16 27.38
C TRP I 187 -18.33 -62.50 27.61
N PHE I 188 -18.07 -63.49 26.76
CA PHE I 188 -18.67 -64.81 26.95
C PHE I 188 -17.80 -65.69 27.84
N GLY I 189 -16.61 -65.21 28.18
CA GLY I 189 -15.76 -65.90 29.14
C GLY I 189 -14.72 -66.78 28.48
N GLY I 190 -15.14 -67.50 27.44
CA GLY I 190 -14.23 -68.33 26.67
C GLY I 190 -14.35 -68.04 25.18
N VAL I 191 -13.32 -68.45 24.45
CA VAL I 191 -13.25 -68.22 23.02
C VAL I 191 -13.56 -69.53 22.29
N PRO I 192 -14.72 -69.64 21.62
CA PRO I 192 -15.01 -70.84 20.83
C PRO I 192 -14.28 -70.79 19.50
N LEU I 193 -13.48 -71.82 19.22
CA LEU I 193 -12.73 -71.88 17.98
C LEU I 193 -12.97 -73.22 17.31
N ILE I 194 -13.31 -73.19 16.02
CA ILE I 194 -13.51 -74.42 15.25
C ILE I 194 -12.16 -75.09 15.08
N SER I 195 -12.07 -76.36 15.49
CA SER I 195 -10.83 -77.12 15.50
C SER I 195 -9.75 -76.43 16.32
N LEU I 196 -10.15 -75.68 17.34
CA LEU I 196 -9.26 -74.87 18.16
C LEU I 196 -8.47 -73.85 17.36
N GLY I 197 -8.96 -73.50 16.17
CA GLY I 197 -8.27 -72.54 15.32
C GLY I 197 -6.90 -72.97 14.85
N LYS I 198 -6.62 -74.26 14.83
CA LYS I 198 -5.30 -74.75 14.45
C LYS I 198 -5.20 -75.15 12.98
N GLU I 199 -6.25 -74.96 12.19
CA GLU I 199 -6.23 -75.26 10.78
C GLU I 199 -6.66 -74.07 9.93
N THR I 200 -6.45 -72.86 10.43
CA THR I 200 -6.77 -71.64 9.71
C THR I 200 -5.55 -70.72 9.73
N VAL I 201 -5.22 -70.17 8.57
CA VAL I 201 -4.09 -69.26 8.42
C VAL I 201 -4.61 -67.92 7.95
N LYS I 202 -4.16 -66.84 8.60
CA LYS I 202 -4.58 -65.49 8.28
C LYS I 202 -3.39 -64.62 7.93
N GLN I 203 -3.61 -63.67 7.02
CA GLN I 203 -2.59 -62.70 6.62
C GLN I 203 -3.20 -61.30 6.67
N PRO I 204 -3.44 -60.78 7.87
CA PRO I 204 -4.12 -59.48 7.99
C PRO I 204 -3.25 -58.33 7.51
N VAL I 205 -3.92 -57.28 7.03
CA VAL I 205 -3.26 -56.12 6.44
C VAL I 205 -3.74 -54.85 7.14
N TYR I 206 -2.83 -53.90 7.32
CA TYR I 206 -3.14 -52.65 8.02
C TYR I 206 -4.00 -51.73 7.15
N ILE I 207 -4.86 -50.95 7.81
CA ILE I 207 -5.82 -50.09 7.10
C ILE I 207 -5.10 -48.98 6.34
N VAL I 208 -4.09 -48.37 6.95
CA VAL I 208 -3.40 -47.26 6.31
C VAL I 208 -2.66 -47.75 5.07
N ASP I 209 -2.13 -48.97 5.09
CA ASP I 209 -1.52 -49.54 3.91
C ASP I 209 -2.52 -49.66 2.76
N VAL I 210 -3.74 -50.13 3.07
CA VAL I 210 -4.76 -50.26 2.03
C VAL I 210 -5.13 -48.91 1.46
N SER I 211 -5.32 -47.91 2.32
CA SER I 211 -5.69 -46.57 1.83
C SER I 211 -4.57 -45.98 0.97
N LYS I 212 -3.32 -46.10 1.42
CA LYS I 212 -2.20 -45.59 0.63
C LYS I 212 -2.07 -46.34 -0.69
N GLY I 213 -2.37 -47.64 -0.68
CA GLY I 213 -2.35 -48.40 -1.92
C GLY I 213 -3.40 -47.93 -2.90
N ILE I 214 -4.59 -47.60 -2.41
CA ILE I 214 -5.63 -47.05 -3.26
C ILE I 214 -5.18 -45.72 -3.86
N ILE I 215 -4.58 -44.86 -3.04
CA ILE I 215 -4.10 -43.57 -3.53
C ILE I 215 -3.01 -43.77 -4.61
N ASN I 216 -2.06 -44.66 -4.35
CA ASN I 216 -0.98 -44.87 -5.31
C ASN I 216 -1.49 -45.53 -6.59
N ALA I 217 -2.50 -46.40 -6.49
CA ALA I 217 -3.13 -46.94 -7.69
C ALA I 217 -3.81 -45.83 -8.49
N ILE I 218 -4.44 -44.87 -7.81
CA ILE I 218 -5.00 -43.72 -8.52
C ILE I 218 -3.90 -42.97 -9.26
N LYS I 219 -2.75 -42.77 -8.62
CA LYS I 219 -1.68 -41.99 -9.23
C LYS I 219 -0.72 -42.82 -10.09
N ASP I 220 -0.98 -44.12 -10.28
CA ASP I 220 -0.10 -44.95 -11.08
C ASP I 220 -0.69 -45.15 -12.47
N PRO I 221 -0.06 -44.62 -13.52
CA PRO I 221 -0.60 -44.81 -14.88
C PRO I 221 -0.58 -46.25 -15.35
N ASP I 222 0.25 -47.10 -14.77
CA ASP I 222 0.37 -48.49 -15.19
C ASP I 222 -0.68 -49.41 -14.59
N ALA I 223 -1.42 -48.95 -13.58
CA ALA I 223 -2.35 -49.81 -12.83
C ALA I 223 -3.76 -49.77 -13.38
N LYS I 224 -3.94 -49.47 -14.67
CA LYS I 224 -5.25 -49.25 -15.25
C LYS I 224 -6.18 -50.46 -15.10
N GLY I 225 -5.83 -51.57 -15.75
CA GLY I 225 -6.68 -52.74 -15.72
C GLY I 225 -6.13 -53.87 -14.87
N LYS I 226 -5.32 -53.51 -13.88
CA LYS I 226 -4.60 -54.49 -13.08
C LYS I 226 -5.46 -54.97 -11.91
N THR I 227 -5.12 -56.16 -11.42
CA THR I 227 -5.76 -56.73 -10.22
C THR I 227 -4.68 -56.91 -9.17
N PHE I 228 -4.85 -56.29 -8.01
CA PHE I 228 -3.88 -56.32 -6.94
C PHE I 228 -4.40 -57.16 -5.77
N ALA I 229 -3.47 -57.62 -4.93
CA ALA I 229 -3.80 -58.33 -3.71
C ALA I 229 -3.05 -57.68 -2.56
N PHE I 230 -3.78 -57.01 -1.67
CA PHE I 230 -3.18 -56.32 -0.52
C PHE I 230 -3.23 -57.25 0.68
N VAL I 231 -2.06 -57.71 1.12
CA VAL I 231 -1.94 -58.59 2.27
C VAL I 231 -0.82 -58.10 3.17
N GLY I 232 -0.86 -58.52 4.42
CA GLY I 232 0.17 -58.17 5.37
C GLY I 232 1.43 -58.99 5.15
N PRO I 233 2.48 -58.64 5.90
CA PRO I 233 3.77 -59.30 5.70
C PRO I 233 3.88 -60.67 6.35
N ASN I 234 3.01 -61.02 7.28
CA ASN I 234 3.13 -62.27 8.02
C ASN I 234 1.83 -63.07 7.96
N ARG I 235 1.98 -64.39 8.06
CA ARG I 235 0.85 -65.31 8.12
C ARG I 235 0.82 -65.96 9.50
N TYR I 236 -0.38 -66.06 10.07
CA TYR I 236 -0.55 -66.59 11.41
C TYR I 236 -1.60 -67.69 11.43
N LEU I 237 -1.34 -68.72 12.23
CA LEU I 237 -2.40 -69.63 12.62
C LEU I 237 -3.41 -68.88 13.48
N LEU I 238 -4.69 -69.24 13.32
CA LEU I 238 -5.75 -68.50 13.98
C LEU I 238 -5.62 -68.56 15.50
N PHE I 239 -5.27 -69.73 16.03
CA PHE I 239 -5.06 -69.87 17.46
C PHE I 239 -3.99 -68.90 17.96
N ASP I 240 -2.86 -68.84 17.27
CA ASP I 240 -1.77 -67.96 17.70
C ASP I 240 -2.16 -66.49 17.58
N LEU I 241 -2.88 -66.13 16.53
CA LEU I 241 -3.32 -64.75 16.36
C LEU I 241 -4.27 -64.33 17.47
N VAL I 242 -5.23 -65.19 17.82
CA VAL I 242 -6.17 -64.85 18.89
C VAL I 242 -5.47 -64.81 20.23
N GLN I 243 -4.51 -65.71 20.45
CA GLN I 243 -3.72 -65.67 21.69
C GLN I 243 -2.95 -64.36 21.80
N TYR I 244 -2.35 -63.91 20.70
CA TYR I 244 -1.64 -62.64 20.72
C TYR I 244 -2.59 -61.47 20.97
N ILE I 245 -3.79 -61.52 20.37
CA ILE I 245 -4.76 -60.45 20.57
C ILE I 245 -5.15 -60.37 22.04
N PHE I 246 -5.36 -61.52 22.69
CA PHE I 246 -5.71 -61.52 24.10
C PHE I 246 -4.53 -61.13 24.98
N ALA I 247 -3.30 -61.42 24.55
CA ALA I 247 -2.13 -61.01 25.33
C ALA I 247 -1.92 -59.50 25.27
N VAL I 248 -2.13 -58.89 24.09
CA VAL I 248 -1.98 -57.44 23.98
C VAL I 248 -3.03 -56.72 24.82
N ALA I 249 -4.23 -57.28 24.90
CA ALA I 249 -5.29 -56.71 25.71
C ALA I 249 -5.20 -57.10 27.18
N TYR I 250 -4.25 -57.98 27.53
CA TYR I 250 -4.04 -58.42 28.92
C TYR I 250 -5.31 -59.05 29.50
N ARG I 251 -6.01 -59.82 28.68
CA ARG I 251 -7.19 -60.54 29.13
C ARG I 251 -6.89 -62.03 29.19
N PRO I 252 -7.49 -62.75 30.14
CA PRO I 252 -7.24 -64.19 30.22
C PRO I 252 -7.80 -64.91 29.00
N PHE I 253 -7.00 -65.83 28.45
CA PHE I 253 -7.34 -66.55 27.24
C PHE I 253 -7.86 -67.94 27.60
N LEU I 254 -9.10 -68.23 27.22
CA LEU I 254 -9.73 -69.51 27.51
C LEU I 254 -10.30 -70.09 26.21
N PRO I 255 -9.45 -70.60 25.34
CA PRO I 255 -9.95 -71.17 24.08
C PRO I 255 -10.52 -72.56 24.24
N TYR I 256 -11.67 -72.83 23.64
CA TYR I 256 -12.25 -74.17 23.64
C TYR I 256 -12.78 -74.51 22.25
N PRO I 257 -12.74 -75.78 21.86
CA PRO I 257 -13.17 -76.17 20.52
C PRO I 257 -14.69 -76.29 20.43
N LEU I 258 -15.26 -75.72 19.37
CA LEU I 258 -16.68 -75.82 19.09
C LEU I 258 -16.88 -76.48 17.75
N PRO I 259 -17.78 -77.46 17.63
CA PRO I 259 -18.04 -78.07 16.32
C PRO I 259 -18.64 -77.08 15.35
N HIS I 260 -18.43 -77.36 14.06
CA HIS I 260 -18.85 -76.42 13.02
C HIS I 260 -20.36 -76.21 13.03
N PHE I 261 -21.14 -77.28 13.19
CA PHE I 261 -22.60 -77.15 13.17
C PHE I 261 -23.10 -76.36 14.37
N ALA I 262 -22.47 -76.53 15.53
CA ALA I 262 -22.88 -75.75 16.70
C ALA I 262 -22.58 -74.27 16.52
N TYR I 263 -21.41 -73.94 15.94
CA TYR I 263 -21.08 -72.55 15.67
C TYR I 263 -22.03 -71.97 14.64
N ARG I 264 -22.42 -72.78 13.65
CA ARG I 264 -23.44 -72.35 12.69
C ARG I 264 -24.76 -72.06 13.39
N TRP I 265 -25.13 -72.89 14.37
CA TRP I 265 -26.34 -72.63 15.14
C TRP I 265 -26.25 -71.33 15.91
N VAL I 266 -25.09 -71.05 16.52
CA VAL I 266 -24.90 -69.79 17.22
C VAL I 266 -25.01 -68.60 16.26
N GLY I 267 -24.43 -68.74 15.07
CA GLY I 267 -24.58 -67.70 14.07
C GLY I 267 -26.02 -67.47 13.66
N ARG I 268 -26.76 -68.56 13.44
CA ARG I 268 -28.20 -68.45 13.22
C ARG I 268 -28.88 -67.67 14.33
N LEU I 269 -28.57 -68.01 15.59
CA LEU I 269 -29.21 -67.35 16.72
C LEU I 269 -28.91 -65.86 16.72
N PHE I 270 -27.67 -65.48 16.38
CA PHE I 270 -27.29 -64.08 16.44
C PHE I 270 -27.77 -63.31 15.21
N GLU I 271 -28.13 -64.00 14.14
CA GLU I 271 -28.56 -63.32 12.91
C GLU I 271 -29.90 -62.64 13.06
N VAL I 272 -30.65 -62.96 14.11
CA VAL I 272 -32.04 -62.54 14.23
C VAL I 272 -32.15 -61.09 14.71
N SER I 273 -31.01 -60.49 15.05
CA SER I 273 -31.02 -59.12 15.56
C SER I 273 -31.46 -58.15 14.48
N PRO I 274 -32.44 -57.27 14.77
CA PRO I 274 -32.79 -56.23 13.79
C PRO I 274 -31.73 -55.15 13.65
N PHE I 275 -30.82 -55.03 14.61
CA PHE I 275 -29.70 -54.12 14.55
C PHE I 275 -28.49 -54.83 13.96
N GLU I 276 -27.31 -54.24 14.10
CA GLU I 276 -26.09 -54.85 13.59
C GLU I 276 -25.82 -56.14 14.35
N PRO I 277 -25.79 -57.29 13.67
CA PRO I 277 -25.60 -58.56 14.39
C PRO I 277 -24.21 -58.66 15.01
N TRP I 278 -24.16 -59.32 16.17
CA TRP I 278 -22.87 -59.55 16.81
C TRP I 278 -22.02 -60.51 15.99
N THR I 279 -22.64 -61.52 15.40
CA THR I 279 -21.99 -62.39 14.43
C THR I 279 -23.06 -63.03 13.57
N THR I 280 -22.64 -63.62 12.46
CA THR I 280 -23.56 -64.26 11.52
C THR I 280 -22.94 -65.57 11.07
N ARG I 281 -23.75 -66.44 10.48
CA ARG I 281 -23.24 -67.72 9.99
C ARG I 281 -22.18 -67.50 8.93
N ASP I 282 -22.40 -66.54 8.04
CA ASP I 282 -21.44 -66.21 6.99
C ASP I 282 -20.15 -65.71 7.63
N LYS I 283 -20.27 -64.89 8.67
CA LYS I 283 -19.11 -64.35 9.36
C LYS I 283 -18.29 -65.45 10.00
N VAL I 284 -18.99 -66.43 10.58
CA VAL I 284 -18.32 -67.56 11.21
C VAL I 284 -17.52 -68.35 10.18
N GLU I 285 -18.11 -68.55 9.01
CA GLU I 285 -17.44 -69.28 7.94
C GLU I 285 -16.18 -68.56 7.46
N ARG I 286 -16.28 -67.24 7.30
CA ARG I 286 -15.15 -66.44 6.85
C ARG I 286 -14.00 -66.45 7.85
N VAL I 287 -14.34 -66.38 9.14
CA VAL I 287 -13.33 -66.36 10.19
C VAL I 287 -12.51 -67.65 10.17
N HIS I 288 -13.15 -68.77 9.86
CA HIS I 288 -12.54 -70.10 9.96
C HIS I 288 -11.85 -70.51 8.67
N MET I 289 -11.97 -69.70 7.62
CA MET I 289 -11.44 -70.03 6.29
C MET I 289 -10.05 -69.42 6.13
N SER I 290 -9.12 -70.21 5.61
CA SER I 290 -7.74 -69.77 5.45
C SER I 290 -7.62 -68.77 4.30
N ASP I 291 -6.69 -67.83 4.47
CA ASP I 291 -6.44 -66.83 3.44
C ASP I 291 -5.73 -67.45 2.25
N MET I 292 -6.16 -67.07 1.05
CA MET I 292 -5.57 -67.61 -0.17
C MET I 292 -4.20 -67.01 -0.43
N THR I 293 -3.37 -67.76 -1.14
CA THR I 293 -2.08 -67.29 -1.64
C THR I 293 -2.18 -67.14 -3.15
N LEU I 294 -1.97 -65.92 -3.63
CA LEU I 294 -2.08 -65.59 -5.05
C LEU I 294 -0.79 -64.90 -5.48
N PRO I 295 0.30 -65.66 -5.62
CA PRO I 295 1.59 -65.04 -5.95
C PRO I 295 1.65 -64.42 -7.33
N HIS I 296 0.76 -64.80 -8.26
CA HIS I 296 0.79 -64.23 -9.60
C HIS I 296 0.24 -62.82 -9.65
N LEU I 297 -0.50 -62.37 -8.61
CA LEU I 297 -1.02 -61.02 -8.62
C LEU I 297 -0.04 -60.05 -8.00
N PRO I 298 0.00 -58.81 -8.49
CA PRO I 298 0.82 -57.78 -7.83
C PRO I 298 0.28 -57.43 -6.46
N GLY I 299 1.14 -56.82 -5.65
CA GLY I 299 0.76 -56.50 -4.28
C GLY I 299 1.05 -55.07 -3.87
N LEU I 300 1.14 -54.85 -2.55
CA LEU I 300 1.40 -53.51 -2.03
C LEU I 300 2.79 -53.03 -2.40
N GLU I 301 3.78 -53.93 -2.40
CA GLU I 301 5.14 -53.55 -2.72
C GLU I 301 5.28 -53.03 -4.15
N ASP I 302 4.43 -53.49 -5.06
CA ASP I 302 4.43 -52.99 -6.43
C ASP I 302 3.89 -51.57 -6.54
N LEU I 303 3.33 -51.03 -5.46
CA LEU I 303 2.83 -49.66 -5.42
C LEU I 303 3.69 -48.79 -4.51
N GLY I 304 4.87 -49.25 -4.12
CA GLY I 304 5.78 -48.48 -3.31
C GLY I 304 5.49 -48.48 -1.82
N ILE I 305 4.71 -49.44 -1.32
CA ILE I 305 4.33 -49.47 0.09
C ILE I 305 4.95 -50.69 0.74
N GLN I 306 5.63 -50.47 1.86
CA GLN I 306 6.15 -51.56 2.69
C GLN I 306 5.07 -51.91 3.71
N ALA I 307 4.59 -53.16 3.66
CA ALA I 307 3.46 -53.56 4.49
C ALA I 307 3.81 -53.46 5.97
N THR I 308 2.90 -52.86 6.74
CA THR I 308 3.09 -52.68 8.17
C THR I 308 2.73 -53.97 8.91
N PRO I 309 3.63 -54.53 9.71
CA PRO I 309 3.27 -55.73 10.47
C PRO I 309 2.28 -55.43 11.59
N LEU I 310 1.54 -56.46 11.98
CA LEU I 310 0.57 -56.32 13.05
C LEU I 310 1.24 -56.02 14.39
N GLU I 311 2.49 -56.44 14.56
CA GLU I 311 3.18 -56.27 15.83
C GLU I 311 3.45 -54.82 16.19
N LEU I 312 3.44 -53.91 15.22
CA LEU I 312 3.65 -52.50 15.50
C LEU I 312 2.37 -51.69 15.61
N LYS I 313 1.22 -52.28 15.29
CA LYS I 313 -0.03 -51.55 15.27
C LYS I 313 -1.15 -52.17 16.08
N ALA I 314 -0.90 -53.31 16.73
CA ALA I 314 -1.96 -53.95 17.52
C ALA I 314 -2.30 -53.13 18.76
N ILE I 315 -1.32 -52.46 19.35
CA ILE I 315 -1.56 -51.76 20.61
C ILE I 315 -2.52 -50.57 20.41
N GLU I 316 -2.42 -49.89 19.26
CA GLU I 316 -3.29 -48.74 19.02
C GLU I 316 -4.75 -49.14 18.87
N VAL I 317 -5.03 -50.42 18.66
CA VAL I 317 -6.40 -50.91 18.54
C VAL I 317 -6.83 -51.54 19.85
N LEU I 318 -5.93 -52.31 20.47
CA LEU I 318 -6.29 -53.15 21.60
C LEU I 318 -6.06 -52.51 22.97
N ARG I 319 -5.41 -51.33 23.02
CA ARG I 319 -5.25 -50.66 24.31
C ARG I 319 -6.59 -50.24 24.89
N ARG I 320 -7.58 -49.95 24.05
CA ARG I 320 -8.93 -49.63 24.51
C ARG I 320 -9.58 -50.79 25.24
N HIS I 321 -9.19 -52.02 24.96
CA HIS I 321 -9.81 -53.20 25.55
C HIS I 321 -9.15 -53.63 26.85
N ARG I 322 -8.15 -52.90 27.33
CA ARG I 322 -7.50 -53.24 28.59
C ARG I 322 -8.26 -52.64 29.77
N THR I 323 -8.04 -53.23 30.95
CA THR I 323 -8.52 -52.64 32.17
C THR I 323 -7.60 -51.50 32.61
N TYR I 324 -7.98 -50.84 33.71
CA TYR I 324 -7.18 -49.72 34.22
C TYR I 324 -5.78 -50.17 34.63
N ARG I 325 -5.65 -51.39 35.14
CA ARG I 325 -4.37 -51.86 35.64
C ARG I 325 -3.31 -51.97 34.54
N TRP I 326 -3.72 -52.30 33.32
CA TRP I 326 -2.79 -52.59 32.24
C TRP I 326 -2.77 -51.50 31.17
N LEU I 327 -3.32 -50.32 31.45
CA LEU I 327 -3.53 -49.33 30.41
C LEU I 327 -2.22 -48.71 29.92
N THR I 328 -1.21 -48.61 30.78
CA THR I 328 0.02 -47.92 30.45
C THR I 328 1.11 -48.82 29.90
N SER I 329 0.84 -50.10 29.70
CA SER I 329 1.87 -51.03 29.25
C SER I 329 2.36 -50.69 27.85
N GLU I 330 3.68 -50.73 27.66
CA GLU I 330 4.28 -50.34 26.41
C GLU I 330 4.17 -51.47 25.38
N MET I 331 4.44 -51.13 24.12
CA MET I 331 4.15 -52.03 23.00
C MET I 331 5.13 -53.18 22.89
N GLU I 332 6.34 -53.04 23.42
CA GLU I 332 7.38 -54.05 23.28
C GLU I 332 7.40 -55.06 24.42
N ASP I 333 6.26 -55.26 25.09
CA ASP I 333 6.19 -56.10 26.27
C ASP I 333 5.56 -57.46 26.02
N VAL I 334 4.81 -57.63 24.92
CA VAL I 334 3.84 -58.70 24.81
C VAL I 334 4.34 -59.80 23.84
N LYS I 335 5.66 -59.90 23.62
CA LYS I 335 6.29 -61.06 22.99
C LYS I 335 5.59 -61.52 21.72
N PRO I 336 5.84 -60.87 20.58
CA PRO I 336 5.10 -61.15 19.35
C PRO I 336 4.94 -62.64 19.05
N ALA I 337 3.81 -62.97 18.43
CA ALA I 337 3.39 -64.35 18.20
C ALA I 337 4.19 -64.99 17.07
N LYS I 338 4.01 -66.30 16.93
CA LYS I 338 4.72 -67.08 15.93
C LYS I 338 4.01 -67.02 14.58
N THR I 339 4.78 -67.04 13.51
CA THR I 339 4.26 -66.93 12.15
C THR I 339 4.59 -68.19 11.36
N VAL I 340 3.62 -68.68 10.60
CA VAL I 340 3.84 -69.82 9.70
C VAL I 340 4.16 -69.22 8.33
N ASN I 341 5.40 -68.78 8.18
CA ASN I 341 5.89 -68.17 6.94
C ASN I 341 6.77 -69.17 6.22
N ILE I 342 6.40 -69.50 4.99
CA ILE I 342 7.11 -70.50 4.18
C ILE I 342 7.24 -71.82 4.94
N PHE J 1 2.56 80.48 -42.57
CA PHE J 1 2.41 79.60 -41.42
C PHE J 1 1.01 79.65 -40.83
N ASP J 2 0.51 78.51 -40.38
CA ASP J 2 -0.81 78.41 -39.75
C ASP J 2 -0.94 77.05 -39.09
N ASN J 3 -1.69 77.01 -37.99
CA ASN J 3 -2.03 75.78 -37.28
C ASN J 3 -3.48 75.39 -37.54
N SER J 4 -3.96 75.64 -38.75
CA SER J 4 -5.38 75.45 -39.05
C SER J 4 -5.71 74.02 -39.44
N THR J 5 -5.06 73.53 -40.50
CA THR J 5 -5.46 72.28 -41.12
C THR J 5 -4.79 71.08 -40.46
N TYR J 6 -5.11 69.90 -40.97
CA TYR J 6 -4.58 68.64 -40.49
C TYR J 6 -3.72 68.01 -41.59
N ARG J 7 -2.48 67.64 -41.24
CA ARG J 7 -1.49 67.23 -42.23
C ARG J 7 -1.33 65.72 -42.36
N ASN J 8 -2.24 64.93 -41.79
CA ASN J 8 -2.16 63.48 -41.83
C ASN J 8 -3.31 62.85 -42.61
N LEU J 9 -3.68 63.43 -43.76
CA LEU J 9 -4.80 62.90 -44.54
C LEU J 9 -4.39 61.76 -45.45
N GLN J 10 -3.09 61.57 -45.65
CA GLN J 10 -2.61 60.61 -46.65
C GLN J 10 -3.03 59.18 -46.30
N HIS J 11 -3.19 58.88 -45.02
CA HIS J 11 -3.53 57.52 -44.62
C HIS J 11 -4.98 57.19 -44.97
N HIS J 12 -5.69 58.17 -45.55
CA HIS J 12 -7.00 57.87 -46.12
C HIS J 12 -6.90 57.06 -47.40
N GLU J 13 -5.72 57.05 -48.04
CA GLU J 13 -5.52 56.35 -49.31
C GLU J 13 -4.69 55.09 -49.15
N TYR J 14 -4.81 54.39 -48.02
CA TYR J 14 -4.02 53.19 -47.76
C TYR J 14 -4.87 51.95 -47.98
N SER J 15 -4.34 51.00 -48.75
CA SER J 15 -5.05 49.79 -49.12
C SER J 15 -4.57 48.62 -48.26
N THR J 16 -5.01 47.41 -48.63
CA THR J 16 -4.75 46.23 -47.82
C THR J 16 -3.30 45.77 -47.91
N TYR J 17 -2.58 46.16 -48.95
CA TYR J 17 -1.21 45.69 -49.18
C TYR J 17 -0.16 46.78 -49.04
N THR J 18 -0.53 47.97 -48.55
CA THR J 18 0.40 49.10 -48.54
C THR J 18 1.64 48.80 -47.72
N PHE J 19 1.48 48.20 -46.54
CA PHE J 19 2.61 47.91 -45.67
C PHE J 19 3.59 46.96 -46.34
N LEU J 20 3.08 45.89 -46.96
CA LEU J 20 3.97 44.92 -47.59
C LEU J 20 4.57 45.44 -48.88
N ASP J 21 3.86 46.32 -49.60
CA ASP J 21 4.48 46.98 -50.75
C ASP J 21 5.64 47.87 -50.31
N LEU J 22 5.48 48.58 -49.19
CA LEU J 22 6.58 49.38 -48.67
C LEU J 22 7.75 48.49 -48.24
N ASN J 23 7.44 47.34 -47.64
CA ASN J 23 8.51 46.40 -47.27
C ASN J 23 9.25 45.90 -48.51
N VAL J 24 8.51 45.59 -49.58
CA VAL J 24 9.13 45.17 -50.83
C VAL J 24 10.03 46.27 -51.38
N GLU J 25 9.56 47.52 -51.32
CA GLU J 25 10.34 48.63 -51.83
C GLU J 25 11.62 48.82 -51.01
N LEU J 26 11.54 48.65 -49.69
CA LEU J 26 12.72 48.79 -48.84
C LEU J 26 13.64 47.58 -48.89
N SER J 27 13.19 46.46 -49.47
CA SER J 27 14.03 45.27 -49.54
C SER J 27 15.40 45.54 -50.16
N LYS J 28 15.49 46.44 -51.13
CA LYS J 28 16.75 46.71 -51.83
C LYS J 28 17.67 47.66 -51.07
N PHE J 29 17.19 48.32 -50.02
CA PHE J 29 18.00 49.27 -49.26
C PHE J 29 18.76 48.64 -48.11
N ARG J 30 18.47 47.40 -47.75
CA ARG J 30 19.05 46.80 -46.56
C ARG J 30 20.49 46.34 -46.82
N MET J 31 21.18 45.97 -45.75
CA MET J 31 22.47 45.30 -45.79
C MET J 31 22.30 43.80 -45.66
N PRO J 32 23.28 43.02 -46.13
CA PRO J 32 23.19 41.56 -46.02
C PRO J 32 23.03 41.12 -44.57
N GLN J 33 22.12 40.17 -44.36
CA GLN J 33 21.78 39.68 -43.03
C GLN J 33 22.91 38.81 -42.48
N PRO J 34 23.09 38.80 -41.17
CA PRO J 34 24.01 37.84 -40.54
C PRO J 34 23.42 36.44 -40.60
N SER J 35 24.30 35.45 -40.50
CA SER J 35 23.91 34.06 -40.58
C SER J 35 24.41 33.30 -39.36
N SER J 36 23.59 32.37 -38.88
CA SER J 36 23.97 31.55 -37.73
C SER J 36 24.85 30.36 -38.10
N GLY J 37 25.07 30.13 -39.40
CA GLY J 37 25.81 28.97 -39.85
C GLY J 37 24.97 27.75 -40.17
N ARG J 38 23.66 27.81 -39.98
CA ARG J 38 22.75 26.72 -40.28
C ARG J 38 21.64 27.23 -41.19
N GLN J 39 20.88 26.30 -41.75
CA GLN J 39 19.64 26.63 -42.43
C GLN J 39 18.47 26.77 -41.46
N SER J 40 18.57 26.14 -40.29
CA SER J 40 17.49 26.08 -39.33
C SER J 40 18.04 25.46 -38.05
N PRO J 41 17.41 25.72 -36.90
CA PRO J 41 17.85 25.06 -35.66
C PRO J 41 17.69 23.55 -35.69
N ARG J 42 16.97 23.00 -36.68
CA ARG J 42 16.82 21.56 -36.84
C ARG J 42 17.67 21.01 -37.98
N HIS J 43 18.75 21.70 -38.34
CA HIS J 43 19.64 21.24 -39.39
C HIS J 43 21.00 20.87 -38.83
N GLN K 1 35.45 -12.91 33.03
CA GLN K 1 36.37 -12.59 31.94
C GLN K 1 35.79 -13.00 30.59
N LEU K 2 36.63 -12.98 29.56
CA LEU K 2 36.20 -13.27 28.19
C LEU K 2 36.81 -14.57 27.70
N ILE K 3 36.22 -15.10 26.63
CA ILE K 3 36.64 -16.39 26.09
C ILE K 3 37.27 -16.30 24.71
N ALA K 4 37.07 -15.20 23.98
CA ALA K 4 37.75 -14.94 22.71
C ALA K 4 37.46 -16.05 21.68
N VAL K 5 36.19 -16.12 21.29
CA VAL K 5 35.81 -17.04 20.22
C VAL K 5 36.46 -16.60 18.92
N ASP K 6 36.87 -17.59 18.12
CA ASP K 6 37.52 -17.32 16.83
C ASP K 6 36.78 -17.99 15.69
N GLU K 7 35.45 -18.02 15.75
CA GLU K 7 34.63 -18.64 14.73
C GLU K 7 33.87 -17.56 13.96
N LYS K 8 33.11 -17.98 12.97
CA LYS K 8 32.27 -17.08 12.19
C LYS K 8 30.84 -17.12 12.74
N LEU K 9 30.23 -15.95 12.84
CA LEU K 9 28.90 -15.85 13.44
C LEU K 9 27.89 -16.67 12.63
N ASP K 10 27.12 -17.50 13.33
CA ASP K 10 26.20 -18.43 12.67
C ASP K 10 25.10 -18.76 13.68
N ILE K 11 23.89 -18.24 13.44
CA ILE K 11 22.77 -18.39 14.36
C ILE K 11 21.64 -19.20 13.76
N THR K 12 21.89 -19.93 12.68
CA THR K 12 20.82 -20.64 11.98
C THR K 12 20.19 -21.71 12.87
N THR K 13 20.99 -22.36 13.71
CA THR K 13 20.47 -23.41 14.58
C THR K 13 19.55 -22.89 15.67
N LEU K 14 19.50 -21.56 15.89
CA LEU K 14 18.71 -21.00 16.97
C LEU K 14 17.49 -20.22 16.49
N THR K 15 17.34 -20.01 15.18
CA THR K 15 16.26 -19.16 14.68
C THR K 15 14.95 -19.91 14.48
N GLY K 16 14.96 -21.24 14.53
CA GLY K 16 13.74 -22.00 14.30
C GLY K 16 13.33 -22.12 12.85
N VAL K 17 14.12 -21.61 11.93
CA VAL K 17 13.77 -21.66 10.51
C VAL K 17 14.00 -23.07 9.98
N PRO K 18 13.07 -23.65 9.22
CA PRO K 18 13.31 -24.97 8.63
C PRO K 18 14.49 -24.93 7.66
N GLU K 19 15.12 -26.10 7.50
CA GLU K 19 16.33 -26.19 6.69
C GLU K 19 16.07 -25.77 5.25
N GLU K 20 14.93 -26.15 4.68
CA GLU K 20 14.65 -25.83 3.29
C GLU K 20 14.65 -24.33 3.04
N HIS K 21 14.09 -23.54 3.97
CA HIS K 21 14.06 -22.10 3.85
C HIS K 21 15.34 -21.44 4.32
N ILE K 22 16.43 -22.19 4.43
CA ILE K 22 17.76 -21.65 4.67
C ILE K 22 18.68 -21.86 3.47
N LYS K 23 18.75 -23.09 2.96
CA LYS K 23 19.71 -23.45 1.94
C LYS K 23 19.22 -23.17 0.52
N THR K 24 17.92 -23.28 0.26
CA THR K 24 17.38 -23.13 -1.08
C THR K 24 16.92 -21.70 -1.39
N ARG K 25 17.05 -20.79 -0.44
CA ARG K 25 16.62 -19.41 -0.64
C ARG K 25 17.76 -18.55 -1.14
N LYS K 26 17.42 -17.60 -2.02
CA LYS K 26 18.34 -16.56 -2.48
C LYS K 26 17.76 -15.21 -2.11
N VAL K 27 18.51 -14.42 -1.34
CA VAL K 27 18.03 -13.10 -0.99
C VAL K 27 18.72 -12.07 -1.87
N ARG K 28 18.02 -10.96 -2.11
CA ARG K 28 18.52 -9.84 -2.90
C ARG K 28 18.66 -8.63 -2.00
N ILE K 29 19.83 -8.01 -2.04
CA ILE K 29 20.15 -6.82 -1.28
C ILE K 29 20.34 -5.69 -2.28
N PHE K 30 19.51 -4.66 -2.19
CA PHE K 30 19.48 -3.64 -3.23
C PHE K 30 18.84 -2.38 -2.69
N VAL K 31 19.09 -1.26 -3.37
CA VAL K 31 18.35 -0.02 -3.14
C VAL K 31 17.20 0.00 -4.15
N PRO K 32 15.95 0.08 -3.70
CA PRO K 32 14.83 0.02 -4.64
C PRO K 32 14.88 1.13 -5.68
N ALA K 33 14.53 0.79 -6.91
CA ALA K 33 14.47 1.78 -7.97
C ALA K 33 13.30 2.72 -7.76
N ARG K 34 13.51 3.99 -8.10
CA ARG K 34 12.45 4.98 -7.98
C ARG K 34 11.29 4.61 -8.89
N ASN K 35 10.07 4.70 -8.36
CA ASN K 35 8.88 4.50 -9.17
C ASN K 35 8.81 5.57 -10.24
N ASN K 36 8.80 5.14 -11.51
CA ASN K 36 8.91 6.05 -12.63
C ASN K 36 7.70 6.95 -12.82
N MET K 37 6.58 6.67 -12.14
CA MET K 37 5.40 7.51 -12.25
C MET K 37 5.48 8.78 -11.42
N GLN K 38 6.44 8.89 -10.51
CA GLN K 38 6.56 10.05 -9.64
C GLN K 38 8.00 10.55 -9.60
N SER K 39 8.17 11.80 -9.22
CA SER K 39 9.48 12.42 -9.12
C SER K 39 10.10 12.32 -7.73
N GLY K 40 9.32 11.98 -6.71
CA GLY K 40 9.86 11.90 -5.37
C GLY K 40 10.93 10.83 -5.24
N VAL K 41 11.95 11.14 -4.43
CA VAL K 41 13.11 10.27 -4.26
C VAL K 41 13.23 9.73 -2.84
N ASN K 42 12.24 10.00 -1.98
CA ASN K 42 12.34 9.60 -0.58
C ASN K 42 12.28 8.08 -0.38
N ASN K 43 11.89 7.32 -1.40
CA ASN K 43 11.82 5.87 -1.30
C ASN K 43 13.06 5.18 -1.85
N THR K 44 14.12 5.93 -2.13
CA THR K 44 15.36 5.38 -2.68
C THR K 44 16.54 5.66 -1.76
N LYS K 45 16.29 5.75 -0.45
CA LYS K 45 17.32 6.10 0.51
C LYS K 45 17.90 4.92 1.27
N LYS K 46 17.10 3.88 1.54
CA LYS K 46 17.50 2.76 2.39
C LYS K 46 17.76 1.52 1.56
N TRP K 47 18.48 0.58 2.15
CA TRP K 47 18.73 -0.71 1.53
C TRP K 47 17.64 -1.70 1.93
N LYS K 48 17.28 -2.56 0.99
CA LYS K 48 16.23 -3.55 1.14
C LYS K 48 16.81 -4.94 0.92
N MET K 49 16.37 -5.88 1.76
CA MET K 49 16.64 -7.29 1.57
C MET K 49 15.32 -8.02 1.36
N GLU K 50 15.21 -8.77 0.27
CA GLU K 50 13.97 -9.47 -0.04
C GLU K 50 14.30 -10.87 -0.55
N PHE K 51 13.29 -11.74 -0.52
CA PHE K 51 13.46 -13.15 -0.85
C PHE K 51 13.01 -13.45 -2.28
N ASP K 52 13.51 -14.56 -2.81
CA ASP K 52 13.19 -14.96 -4.18
C ASP K 52 11.74 -15.39 -4.30
N THR K 53 11.12 -15.03 -5.43
CA THR K 53 9.69 -15.30 -5.63
C THR K 53 9.44 -16.78 -5.88
N ARG K 54 8.46 -17.33 -5.17
CA ARG K 54 8.04 -18.72 -5.30
C ARG K 54 6.67 -18.79 -5.97
N GLU K 55 6.12 -20.01 -6.04
CA GLU K 55 4.91 -20.27 -6.80
C GLU K 55 3.67 -19.71 -6.12
N ARG K 56 2.77 -19.16 -6.93
CA ARG K 56 1.42 -18.78 -6.53
C ARG K 56 0.43 -19.44 -7.48
N TRP K 57 -0.68 -19.92 -6.93
CA TRP K 57 -1.72 -20.57 -7.72
C TRP K 57 -3.12 -20.13 -7.28
N GLU K 58 -4.07 -20.23 -8.20
CA GLU K 58 -5.47 -19.84 -7.93
C GLU K 58 -6.20 -20.80 -6.99
N ASN K 59 -6.92 -20.24 -6.02
CA ASN K 59 -7.71 -21.04 -5.09
C ASN K 59 -8.93 -21.57 -5.85
N PRO K 60 -9.22 -22.86 -5.71
CA PRO K 60 -10.37 -23.43 -6.45
C PRO K 60 -11.75 -22.86 -6.08
N LEU K 61 -12.03 -22.67 -4.80
CA LEU K 61 -13.33 -22.16 -4.37
C LEU K 61 -13.73 -20.71 -4.74
N MET K 62 -12.82 -19.75 -4.54
CA MET K 62 -13.13 -18.34 -4.82
C MET K 62 -12.21 -17.71 -5.84
N GLY K 63 -11.30 -18.51 -6.34
CA GLY K 63 -10.25 -18.10 -7.25
C GLY K 63 -9.19 -17.18 -6.65
N TRP K 64 -9.03 -17.21 -5.33
CA TRP K 64 -8.02 -16.37 -4.69
C TRP K 64 -6.61 -16.87 -5.01
N SER K 65 -5.63 -16.04 -4.67
CA SER K 65 -4.23 -16.35 -4.92
C SER K 65 -3.64 -17.03 -3.69
N SER K 66 -3.15 -18.25 -3.87
CA SER K 66 -2.65 -19.11 -2.81
C SER K 66 -1.14 -19.31 -2.94
N THR K 67 -0.48 -19.31 -1.79
CA THR K 67 0.96 -19.52 -1.73
C THR K 67 1.28 -20.61 -0.71
N ALA K 68 2.47 -21.18 -0.84
CA ALA K 68 2.98 -22.15 0.12
C ALA K 68 4.30 -21.74 0.75
N ASP K 69 4.86 -20.59 0.38
CA ASP K 69 6.11 -20.26 1.03
C ASP K 69 5.91 -19.15 2.06
N PRO K 70 6.49 -19.29 3.25
CA PRO K 70 6.21 -18.32 4.32
C PRO K 70 6.99 -17.04 4.23
N LEU K 71 8.00 -16.94 3.36
CA LEU K 71 8.84 -15.77 3.26
C LEU K 71 8.46 -14.86 2.10
N SER K 72 7.28 -15.04 1.52
CA SER K 72 6.88 -14.29 0.34
C SER K 72 6.68 -12.81 0.62
N ASN K 73 6.44 -12.43 1.88
CA ASN K 73 6.19 -11.04 2.23
C ASN K 73 7.30 -10.42 3.08
N LEU K 74 8.41 -11.13 3.30
CA LEU K 74 9.44 -10.65 4.20
C LEU K 74 10.38 -9.69 3.49
N VAL K 75 10.40 -8.43 3.96
CA VAL K 75 11.28 -7.40 3.43
C VAL K 75 11.95 -6.70 4.60
N LEU K 76 13.27 -6.59 4.55
CA LEU K 76 14.04 -6.00 5.63
C LEU K 76 14.71 -4.71 5.17
N THR K 77 14.81 -3.76 6.10
CA THR K 77 15.39 -2.44 5.84
C THR K 77 16.73 -2.31 6.56
N PHE K 78 17.71 -1.75 5.85
CA PHE K 78 19.06 -1.58 6.38
C PHE K 78 19.59 -0.21 6.02
N SER K 79 20.47 0.32 6.89
CA SER K 79 21.07 1.62 6.67
C SER K 79 22.16 1.57 5.60
N THR K 80 22.95 0.51 5.59
CA THR K 80 24.03 0.35 4.63
C THR K 80 23.97 -1.04 4.00
N LYS K 81 24.72 -1.20 2.92
CA LYS K 81 24.86 -2.50 2.29
C LYS K 81 25.58 -3.50 3.19
N GLU K 82 26.60 -3.03 3.92
CA GLU K 82 27.36 -3.93 4.79
C GLU K 82 26.50 -4.52 5.89
N ASP K 83 25.57 -3.73 6.43
CA ASP K 83 24.67 -4.24 7.47
C ASP K 83 23.78 -5.36 6.93
N ALA K 84 23.22 -5.17 5.74
CA ALA K 84 22.39 -6.20 5.13
C ALA K 84 23.21 -7.45 4.84
N VAL K 85 24.43 -7.27 4.35
CA VAL K 85 25.29 -8.42 4.06
C VAL K 85 25.59 -9.19 5.34
N ALA K 86 25.90 -8.47 6.43
CA ALA K 86 26.18 -9.14 7.71
C ALA K 86 24.96 -9.89 8.21
N PHE K 87 23.77 -9.30 8.11
CA PHE K 87 22.56 -9.99 8.55
C PHE K 87 22.33 -11.26 7.74
N ALA K 88 22.43 -11.16 6.42
CA ALA K 88 22.24 -12.33 5.57
C ALA K 88 23.26 -13.42 5.87
N GLU K 89 24.52 -13.03 6.07
CA GLU K 89 25.57 -14.02 6.36
C GLU K 89 25.32 -14.72 7.68
N LYS K 90 24.98 -13.96 8.73
CA LYS K 90 24.77 -14.59 10.03
C LYS K 90 23.50 -15.41 10.07
N ASN K 91 22.54 -15.15 9.17
CA ASN K 91 21.35 -15.98 9.09
C ASN K 91 21.48 -17.13 8.09
N GLY K 92 22.64 -17.28 7.46
CA GLY K 92 22.89 -18.41 6.59
C GLY K 92 22.32 -18.31 5.20
N TRP K 93 21.75 -17.17 4.81
CA TRP K 93 21.17 -17.01 3.49
C TRP K 93 22.23 -16.57 2.48
N SER K 94 22.22 -17.22 1.31
CA SER K 94 23.06 -16.78 0.21
C SER K 94 22.38 -15.61 -0.52
N PHE K 95 23.20 -14.65 -0.93
CA PHE K 95 22.68 -13.34 -1.29
C PHE K 95 23.31 -12.85 -2.59
N ASP K 96 22.59 -11.96 -3.25
CA ASP K 96 23.10 -11.19 -4.37
C ASP K 96 22.99 -9.71 -4.04
N VAL K 97 24.09 -8.99 -4.19
CA VAL K 97 24.17 -7.56 -3.90
C VAL K 97 24.21 -6.79 -5.21
N GLU K 98 23.40 -5.74 -5.29
CA GLU K 98 23.42 -4.82 -6.42
C GLU K 98 23.85 -3.45 -5.94
N GLU K 99 24.80 -2.84 -6.64
CA GLU K 99 25.31 -1.54 -6.24
C GLU K 99 24.25 -0.47 -6.42
N ARG K 100 24.31 0.55 -5.56
CA ARG K 100 23.36 1.65 -5.62
C ARG K 100 23.50 2.42 -6.93
N LYS K 101 22.36 2.75 -7.54
CA LYS K 101 22.32 3.58 -8.73
C LYS K 101 21.92 4.99 -8.36
N VAL K 102 22.82 5.95 -8.64
CA VAL K 102 22.60 7.36 -8.33
C VAL K 102 22.55 8.11 -9.64
N PRO K 103 21.53 8.94 -9.88
CA PRO K 103 21.52 9.75 -11.10
C PRO K 103 22.71 10.70 -11.15
N LYS K 104 23.33 10.79 -12.32
CA LYS K 104 24.51 11.61 -12.47
C LYS K 104 24.13 13.09 -12.51
N PRO K 105 25.00 13.97 -12.03
CA PRO K 105 24.71 15.41 -12.12
C PRO K 105 24.58 15.86 -13.57
N LYS K 106 23.65 16.78 -13.80
CA LYS K 106 23.38 17.28 -15.14
C LYS K 106 23.59 18.79 -15.19
N SER K 107 23.92 19.27 -16.38
CA SER K 107 24.15 20.69 -16.62
C SER K 107 22.89 21.29 -17.25
N LYS K 108 22.18 22.09 -16.47
CA LYS K 108 20.95 22.73 -16.92
C LYS K 108 21.21 24.21 -17.19
N SER K 109 20.66 24.70 -18.30
CA SER K 109 20.79 26.09 -18.68
C SER K 109 19.48 26.54 -19.33
N TYR K 110 18.77 27.46 -18.65
CA TYR K 110 17.54 27.99 -19.21
C TYR K 110 17.80 28.84 -20.45
N GLY K 111 18.93 29.55 -20.48
CA GLY K 111 19.27 30.36 -21.64
C GLY K 111 19.48 29.57 -22.91
N ALA K 112 19.93 28.31 -22.79
CA ALA K 112 20.15 27.46 -23.96
C ALA K 112 18.88 27.23 -24.75
N ASN K 113 17.71 27.48 -24.16
CA ASN K 113 16.45 27.37 -24.89
C ASN K 113 16.39 28.34 -26.06
N PHE K 114 17.22 29.38 -26.05
CA PHE K 114 17.18 30.41 -27.09
C PHE K 114 18.56 30.63 -27.72
N SER K 115 19.22 29.55 -28.13
CA SER K 115 20.58 29.66 -28.66
C SER K 115 20.57 30.30 -30.05
N TRP K 116 21.61 31.08 -30.34
CA TRP K 116 21.73 31.75 -31.62
C TRP K 116 22.10 30.80 -32.74
N ASN K 117 22.91 29.78 -32.46
CA ASN K 117 23.38 28.88 -33.51
C ASN K 117 23.40 27.41 -33.12
N LYS K 118 22.88 27.03 -31.96
CA LYS K 118 22.88 25.63 -31.57
C LYS K 118 21.52 25.00 -31.81
N ARG K 119 21.49 23.67 -31.78
CA ARG K 119 20.25 22.91 -31.94
C ARG K 119 19.39 22.88 -30.69
N THR K 120 19.90 23.40 -29.57
CA THR K 120 19.15 23.36 -28.31
C THR K 120 18.04 24.39 -28.24
N ARG K 121 17.92 25.28 -29.22
CA ARG K 121 16.85 26.27 -29.19
C ARG K 121 15.51 25.59 -29.43
N VAL K 122 14.54 25.93 -28.58
CA VAL K 122 13.23 25.28 -28.56
C VAL K 122 12.32 25.98 -29.55
N SER K 123 11.47 25.20 -30.22
CA SER K 123 10.53 25.80 -31.18
C SER K 123 9.22 26.22 -30.52
N THR K 124 9.02 25.85 -29.26
CA THR K 124 7.80 26.21 -28.55
C THR K 124 8.11 26.29 -27.06
N LYS K 125 7.23 26.98 -26.33
CA LYS K 125 7.34 27.08 -24.88
C LYS K 125 6.06 26.59 -24.21
N SER L 1 38.86 24.56 -7.46
CA SER L 1 39.11 25.16 -8.77
C SER L 1 38.20 26.35 -9.00
N ASN L 2 37.19 26.17 -9.84
CA ASN L 2 36.21 27.21 -10.14
C ASN L 2 34.96 27.10 -9.27
N LEU L 3 34.93 26.17 -8.32
CA LEU L 3 33.76 25.97 -7.49
C LEU L 3 33.45 27.21 -6.65
N ILE L 4 32.16 27.52 -6.52
CA ILE L 4 31.71 28.63 -5.69
C ILE L 4 30.99 28.07 -4.48
N GLU L 5 30.95 28.88 -3.42
CA GLU L 5 30.38 28.49 -2.14
C GLU L 5 29.02 29.15 -1.95
N VAL L 6 27.99 28.32 -1.78
CA VAL L 6 26.65 28.79 -1.46
C VAL L 6 26.25 28.16 -0.13
N PHE L 7 25.07 28.53 0.35
CA PHE L 7 24.54 28.00 1.60
C PHE L 7 23.12 27.52 1.42
N VAL L 8 22.84 26.31 1.88
CA VAL L 8 21.49 25.78 1.97
C VAL L 8 21.15 25.72 3.45
N ASP L 9 20.24 26.61 3.87
CA ASP L 9 19.83 26.73 5.28
C ASP L 9 21.05 26.93 6.19
N GLY L 10 22.03 27.67 5.71
CA GLY L 10 23.23 27.94 6.46
C GLY L 10 24.33 26.91 6.34
N GLN L 11 24.09 25.81 5.62
CA GLN L 11 25.08 24.77 5.42
C GLN L 11 25.84 25.03 4.12
N SER L 12 27.17 25.11 4.21
CA SER L 12 27.98 25.49 3.07
C SER L 12 28.09 24.35 2.06
N VAL L 13 27.96 24.68 0.78
CA VAL L 13 28.05 23.73 -0.32
C VAL L 13 28.93 24.34 -1.40
N MET L 14 29.77 23.53 -2.02
CA MET L 14 30.61 23.96 -3.13
C MET L 14 30.05 23.40 -4.43
N VAL L 15 29.70 24.29 -5.36
CA VAL L 15 29.03 23.90 -6.58
C VAL L 15 29.74 24.49 -7.79
N GLU L 16 29.53 23.84 -8.93
CA GLU L 16 30.05 24.32 -10.20
C GLU L 16 29.23 25.53 -10.68
N PRO L 17 29.85 26.46 -11.40
CA PRO L 17 29.07 27.58 -11.97
C PRO L 17 28.03 27.08 -12.95
N GLY L 18 26.88 27.73 -12.95
CA GLY L 18 25.73 27.30 -13.71
C GLY L 18 24.82 26.35 -12.98
N THR L 19 25.17 25.92 -11.77
CA THR L 19 24.29 25.08 -10.97
C THR L 19 23.09 25.89 -10.51
N THR L 20 21.90 25.31 -10.61
CA THR L 20 20.70 26.01 -10.19
C THR L 20 20.48 25.84 -8.69
N VAL L 21 19.53 26.61 -8.17
CA VAL L 21 19.18 26.53 -6.75
C VAL L 21 18.66 25.14 -6.41
N LEU L 22 17.87 24.55 -7.30
CA LEU L 22 17.32 23.21 -7.07
C LEU L 22 18.43 22.16 -6.95
N GLN L 23 19.43 22.23 -7.83
CA GLN L 23 20.53 21.27 -7.78
C GLN L 23 21.38 21.47 -6.53
N ALA L 24 21.64 22.71 -6.13
CA ALA L 24 22.34 22.96 -4.89
C ALA L 24 21.57 22.40 -3.70
N CYS L 25 20.26 22.54 -3.73
CA CYS L 25 19.42 21.99 -2.66
C CYS L 25 19.50 20.47 -2.63
N GLU L 26 19.52 19.87 -3.83
CA GLU L 26 19.61 18.42 -4.00
C GLU L 26 20.90 17.82 -3.44
N LYS L 27 21.98 18.59 -3.53
CA LYS L 27 23.28 18.14 -3.07
C LYS L 27 23.24 17.82 -1.58
N VAL L 28 22.51 18.59 -0.78
CA VAL L 28 22.46 18.29 0.64
C VAL L 28 21.25 17.42 0.98
N GLY L 29 20.65 16.77 0.00
CA GLY L 29 19.55 15.85 0.25
C GLY L 29 18.18 16.46 0.39
N MET L 30 17.99 17.71 -0.02
CA MET L 30 16.70 18.37 0.04
C MET L 30 16.10 18.41 -1.35
N GLN L 31 14.93 17.80 -1.53
CA GLN L 31 14.24 17.80 -2.80
C GLN L 31 13.21 18.91 -2.83
N ILE L 32 13.35 19.82 -3.77
CA ILE L 32 12.43 20.95 -3.95
C ILE L 32 11.18 20.46 -4.66
N PRO L 33 9.98 20.84 -4.21
CA PRO L 33 8.76 20.46 -4.93
C PRO L 33 8.78 20.98 -6.36
N ARG L 34 8.24 20.17 -7.27
CA ARG L 34 8.30 20.46 -8.70
C ARG L 34 7.06 19.93 -9.38
N PHE L 35 6.67 20.57 -10.46
CA PHE L 35 5.71 19.97 -11.38
C PHE L 35 6.16 20.03 -12.83
N CYS L 36 6.78 21.13 -13.26
CA CYS L 36 7.17 21.28 -14.65
C CYS L 36 8.62 20.93 -14.91
N TYR L 37 9.47 20.94 -13.89
CA TYR L 37 10.89 20.66 -14.09
C TYR L 37 11.11 19.17 -14.20
N HIS L 38 11.84 18.75 -15.23
CA HIS L 38 12.33 17.39 -15.36
C HIS L 38 13.81 17.48 -15.71
N GLU L 39 14.63 16.69 -15.03
CA GLU L 39 16.07 16.82 -15.17
C GLU L 39 16.59 16.32 -16.51
N ARG L 40 15.77 15.66 -17.32
CA ARG L 40 16.16 15.25 -18.66
C ARG L 40 15.44 16.05 -19.75
N LEU L 41 14.73 17.12 -19.38
CA LEU L 41 14.04 17.96 -20.34
C LEU L 41 14.56 19.39 -20.23
N SER L 42 14.15 20.22 -21.18
CA SER L 42 14.48 21.63 -21.13
C SER L 42 13.80 22.29 -19.94
N VAL L 43 14.45 23.32 -19.39
CA VAL L 43 13.87 24.07 -18.27
C VAL L 43 12.73 24.91 -18.79
N ALA L 44 11.57 24.80 -18.12
CA ALA L 44 10.37 25.54 -18.50
C ALA L 44 10.08 26.70 -17.55
N GLY L 45 9.95 26.42 -16.25
CA GLY L 45 9.70 27.45 -15.27
C GLY L 45 8.29 27.99 -15.23
N ASN L 46 7.26 27.19 -15.56
CA ASN L 46 5.92 27.73 -15.66
C ASN L 46 5.02 27.29 -14.50
N CYS L 47 5.34 26.14 -13.88
CA CYS L 47 4.44 25.61 -12.85
C CYS L 47 4.50 26.43 -11.57
N ARG L 48 5.67 26.99 -11.26
CA ARG L 48 5.94 27.89 -10.14
C ARG L 48 5.87 27.20 -8.77
N MET L 49 5.91 25.87 -8.73
CA MET L 49 5.88 25.16 -7.45
C MET L 49 7.23 25.18 -6.74
N CYS L 50 8.31 25.50 -7.45
CA CYS L 50 9.67 25.44 -6.91
C CYS L 50 10.14 26.77 -6.34
N LEU L 51 9.24 27.72 -6.09
CA LEU L 51 9.64 29.02 -5.57
C LEU L 51 10.25 28.88 -4.18
N VAL L 52 11.41 29.50 -3.97
CA VAL L 52 12.10 29.49 -2.68
C VAL L 52 12.66 30.87 -2.39
N GLU L 53 12.80 31.16 -1.11
CA GLU L 53 13.28 32.45 -0.65
C GLU L 53 14.80 32.43 -0.54
N ILE L 54 15.44 33.44 -1.11
CA ILE L 54 16.86 33.69 -0.90
C ILE L 54 17.01 34.70 0.23
N GLU L 55 17.90 34.42 1.17
CA GLU L 55 18.08 35.30 2.30
C GLU L 55 18.46 36.70 1.85
N LYS L 56 17.85 37.70 2.48
CA LYS L 56 18.08 39.13 2.22
C LYS L 56 17.60 39.56 0.85
N ALA L 57 16.70 38.78 0.24
CA ALA L 57 16.12 39.11 -1.05
C ALA L 57 14.60 39.18 -0.90
N PRO L 58 13.93 40.20 -1.45
CA PRO L 58 12.48 40.30 -1.21
C PRO L 58 11.65 39.41 -2.13
N LYS L 59 12.16 39.02 -3.28
CA LYS L 59 11.41 38.22 -4.24
C LYS L 59 11.89 36.77 -4.22
N VAL L 60 10.93 35.84 -4.17
CA VAL L 60 11.27 34.43 -4.29
C VAL L 60 11.71 34.14 -5.72
N VAL L 61 12.58 33.15 -5.88
CA VAL L 61 13.11 32.77 -7.17
C VAL L 61 12.65 31.36 -7.51
N ALA L 62 12.62 31.06 -8.82
CA ALA L 62 12.29 29.74 -9.30
C ALA L 62 13.54 28.88 -9.22
N ALA L 63 13.56 27.94 -8.27
CA ALA L 63 14.77 27.17 -8.00
C ALA L 63 15.22 26.36 -9.20
N CYS L 64 14.28 25.91 -10.04
CA CYS L 64 14.63 25.05 -11.17
C CYS L 64 15.36 25.79 -12.28
N ALA L 65 15.23 27.11 -12.36
CA ALA L 65 15.79 27.86 -13.47
C ALA L 65 16.83 28.90 -13.06
N MET L 66 16.96 29.21 -11.78
CA MET L 66 17.84 30.29 -11.35
C MET L 66 19.20 29.74 -10.96
N PRO L 67 20.28 30.16 -11.62
CA PRO L 67 21.62 29.77 -11.15
C PRO L 67 21.91 30.35 -9.78
N VAL L 68 22.67 29.60 -8.98
CA VAL L 68 23.08 30.10 -7.67
C VAL L 68 24.15 31.16 -7.84
N MET L 69 24.32 31.98 -6.80
CA MET L 69 25.36 33.00 -6.77
C MET L 69 26.18 32.84 -5.50
N LYS L 70 27.43 33.30 -5.56
CA LYS L 70 28.35 33.17 -4.43
C LYS L 70 27.78 33.84 -3.19
N GLY L 71 27.76 33.11 -2.08
CA GLY L 71 27.29 33.65 -0.81
C GLY L 71 25.79 33.58 -0.60
N TRP L 72 25.03 33.06 -1.56
CA TRP L 72 23.59 32.95 -1.39
C TRP L 72 23.25 31.95 -0.29
N ASN L 73 22.24 32.27 0.49
CA ASN L 73 21.73 31.38 1.55
C ASN L 73 20.31 30.99 1.16
N ILE L 74 20.14 29.76 0.69
CA ILE L 74 18.83 29.31 0.28
C ILE L 74 18.04 28.84 1.50
N LEU L 75 16.84 29.41 1.66
CA LEU L 75 15.96 29.10 2.79
C LEU L 75 14.81 28.25 2.26
N THR L 76 14.96 26.93 2.38
CA THR L 76 14.00 26.00 1.80
C THR L 76 12.74 25.82 2.65
N ASN L 77 12.80 26.11 3.94
CA ASN L 77 11.68 25.85 4.85
C ASN L 77 11.23 27.11 5.58
N SER L 78 11.44 28.28 4.98
CA SER L 78 11.03 29.51 5.62
C SER L 78 9.54 29.77 5.39
N GLU L 79 9.03 30.81 6.05
CA GLU L 79 7.63 31.16 5.93
C GLU L 79 7.27 31.56 4.49
N LYS L 80 8.15 32.34 3.85
CA LYS L 80 7.89 32.78 2.49
C LYS L 80 7.79 31.61 1.52
N SER L 81 8.72 30.65 1.64
CA SER L 81 8.70 29.48 0.76
C SER L 81 7.44 28.66 0.96
N LYS L 82 7.06 28.42 2.21
CA LYS L 82 5.89 27.60 2.49
C LYS L 82 4.61 28.29 2.02
N LYS L 83 4.52 29.62 2.20
CA LYS L 83 3.35 30.34 1.72
C LYS L 83 3.28 30.32 0.20
N ALA L 84 4.42 30.46 -0.47
CA ALA L 84 4.43 30.36 -1.93
C ALA L 84 3.95 28.99 -2.39
N ARG L 85 4.43 27.93 -1.72
CA ARG L 85 3.99 26.58 -2.08
C ARG L 85 2.50 26.41 -1.88
N GLU L 86 1.96 26.89 -0.76
CA GLU L 86 0.52 26.75 -0.50
C GLU L 86 -0.29 27.52 -1.53
N GLY L 87 0.12 28.74 -1.88
CA GLY L 87 -0.61 29.50 -2.88
C GLY L 87 -0.60 28.82 -4.24
N VAL L 88 0.57 28.32 -4.66
CA VAL L 88 0.66 27.67 -5.96
C VAL L 88 -0.18 26.40 -5.99
N MET L 89 -0.15 25.62 -4.90
CA MET L 89 -0.98 24.42 -4.82
C MET L 89 -2.46 24.77 -4.88
N GLU L 90 -2.87 25.84 -4.20
CA GLU L 90 -4.26 26.27 -4.24
C GLU L 90 -4.67 26.62 -5.67
N PHE L 91 -3.83 27.37 -6.37
CA PHE L 91 -4.14 27.71 -7.76
C PHE L 91 -4.20 26.47 -8.64
N LEU L 92 -3.32 25.50 -8.39
CA LEU L 92 -3.34 24.27 -9.16
C LEU L 92 -4.62 23.48 -8.92
N LEU L 93 -5.11 23.47 -7.69
CA LEU L 93 -6.28 22.67 -7.35
C LEU L 93 -7.60 23.38 -7.56
N ALA L 94 -7.60 24.67 -7.88
CA ALA L 94 -8.85 25.41 -8.03
C ALA L 94 -9.75 24.80 -9.11
N ASN L 95 -9.18 24.48 -10.27
CA ASN L 95 -9.95 23.95 -11.39
C ASN L 95 -9.76 22.46 -11.60
N HIS L 96 -8.95 21.79 -10.78
CA HIS L 96 -8.73 20.37 -10.95
C HIS L 96 -10.00 19.57 -10.66
N PRO L 97 -10.31 18.55 -11.45
CA PRO L 97 -11.53 17.78 -11.23
C PRO L 97 -11.41 16.80 -10.06
N LEU L 98 -12.55 16.60 -9.39
CA LEU L 98 -12.66 15.66 -8.27
C LEU L 98 -12.75 14.23 -8.82
N ASP L 99 -11.62 13.74 -9.32
CA ASP L 99 -11.58 12.49 -10.07
C ASP L 99 -10.78 11.39 -9.41
N CYS L 100 -10.23 11.61 -8.22
CA CYS L 100 -9.29 10.65 -7.64
C CYS L 100 -9.82 9.22 -7.55
N PRO L 101 -11.05 8.96 -7.10
CA PRO L 101 -11.53 7.56 -7.07
C PRO L 101 -11.62 6.90 -8.44
N ILE L 102 -11.80 7.66 -9.53
CA ILE L 102 -11.88 7.08 -10.87
C ILE L 102 -10.63 7.32 -11.69
N CYS L 103 -9.64 8.03 -11.14
CA CYS L 103 -8.41 8.35 -11.84
C CYS L 103 -7.37 7.27 -11.59
N ASP L 104 -6.76 6.77 -12.67
CA ASP L 104 -5.73 5.75 -12.53
C ASP L 104 -4.48 6.25 -11.84
N GLN L 105 -4.25 7.56 -11.84
CA GLN L 105 -3.08 8.13 -11.17
C GLN L 105 -3.15 8.01 -9.66
N GLY L 106 -4.35 7.83 -9.10
CA GLY L 106 -4.53 7.81 -7.65
C GLY L 106 -3.69 6.80 -6.93
N GLY L 107 -2.96 7.25 -5.90
CA GLY L 107 -2.03 6.43 -5.17
C GLY L 107 -0.58 6.63 -5.56
N GLU L 108 -0.32 7.07 -6.79
CA GLU L 108 1.02 7.43 -7.24
C GLU L 108 0.98 8.75 -8.00
N CYS L 109 0.30 9.74 -7.42
CA CYS L 109 0.11 11.04 -8.03
C CYS L 109 1.01 12.07 -7.37
N ASP L 110 1.78 12.78 -8.19
CA ASP L 110 2.60 13.86 -7.65
C ASP L 110 1.74 15.02 -7.16
N LEU L 111 0.62 15.28 -7.83
CA LEU L 111 -0.30 16.31 -7.38
C LEU L 111 -0.85 15.99 -6.00
N GLN L 112 -1.36 14.76 -5.82
CA GLN L 112 -1.88 14.33 -4.52
C GLN L 112 -0.82 14.42 -3.44
N ASP L 113 0.37 13.88 -3.70
CA ASP L 113 1.39 13.78 -2.68
C ASP L 113 1.94 15.15 -2.29
N GLN L 114 2.14 16.02 -3.28
CA GLN L 114 2.65 17.35 -2.96
C GLN L 114 1.57 18.24 -2.36
N SER L 115 0.30 17.99 -2.65
CA SER L 115 -0.77 18.65 -1.91
C SER L 115 -0.78 18.21 -0.45
N MET L 116 -0.54 16.91 -0.21
CA MET L 116 -0.47 16.42 1.16
C MET L 116 0.74 16.97 1.91
N MET L 117 1.88 17.13 1.23
CA MET L 117 3.11 17.49 1.92
C MET L 117 3.37 19.00 1.98
N PHE L 118 2.85 19.78 1.05
CA PHE L 118 3.19 21.20 0.97
C PHE L 118 1.99 22.13 0.83
N GLY L 119 0.79 21.61 0.55
CA GLY L 119 -0.38 22.43 0.36
C GLY L 119 -1.20 22.59 1.64
N SER L 120 -2.32 23.29 1.50
CA SER L 120 -3.29 23.40 2.57
C SER L 120 -4.15 22.14 2.61
N ASP L 121 -4.95 22.01 3.67
CA ASP L 121 -5.80 20.85 3.86
C ASP L 121 -7.25 21.09 3.50
N ARG L 122 -7.59 22.25 2.94
CA ARG L 122 -8.98 22.58 2.64
C ARG L 122 -9.02 23.60 1.50
N SER L 123 -10.23 23.87 1.03
CA SER L 123 -10.45 24.75 -0.11
C SER L 123 -11.31 25.94 0.28
N ARG L 124 -11.06 27.06 -0.40
CA ARG L 124 -11.93 28.23 -0.32
C ARG L 124 -12.41 28.67 -1.70
N PHE L 125 -12.30 27.79 -2.70
CA PHE L 125 -12.76 28.07 -4.05
C PHE L 125 -14.27 27.88 -4.13
N LEU L 126 -15.00 28.97 -4.41
CA LEU L 126 -16.45 28.95 -4.38
C LEU L 126 -17.07 29.19 -5.75
N GLU L 127 -16.39 28.81 -6.82
CA GLU L 127 -16.88 29.01 -8.18
C GLU L 127 -17.06 27.65 -8.85
N GLY L 128 -17.46 27.70 -10.13
CA GLY L 128 -17.51 26.50 -10.95
C GLY L 128 -16.17 26.21 -11.57
N LYS L 129 -15.99 24.95 -11.97
CA LYS L 129 -14.73 24.51 -12.56
C LYS L 129 -14.83 24.47 -14.08
N ARG L 130 -13.68 24.63 -14.72
CA ARG L 130 -13.60 24.46 -16.17
C ARG L 130 -13.64 22.99 -16.54
N ALA L 131 -14.09 22.71 -17.75
CA ALA L 131 -14.06 21.36 -18.31
C ALA L 131 -13.67 21.46 -19.77
N VAL L 132 -12.70 20.66 -20.19
CA VAL L 132 -12.21 20.69 -21.55
C VAL L 132 -12.52 19.36 -22.22
N GLU L 133 -12.62 19.41 -23.54
CA GLU L 133 -12.96 18.22 -24.31
C GLU L 133 -11.72 17.33 -24.48
N ASP L 134 -11.97 16.04 -24.61
CA ASP L 134 -10.88 15.07 -24.67
C ASP L 134 -10.33 14.95 -26.08
N LYS L 135 -9.12 14.40 -26.17
CA LYS L 135 -8.40 14.27 -27.42
C LYS L 135 -8.06 12.81 -27.67
N ASN L 136 -7.95 12.44 -28.95
CA ASN L 136 -7.58 11.10 -29.37
C ASN L 136 -6.21 11.15 -30.02
N ILE L 137 -5.23 10.50 -29.40
CA ILE L 137 -3.87 10.51 -29.93
C ILE L 137 -3.39 9.09 -30.16
N GLY L 138 -4.31 8.14 -30.22
CA GLY L 138 -3.97 6.77 -30.54
C GLY L 138 -4.48 5.77 -29.53
N PRO L 139 -4.25 4.48 -29.80
CA PRO L 139 -4.75 3.42 -28.92
C PRO L 139 -3.88 3.14 -27.71
N LEU L 140 -2.74 3.83 -27.56
CA LEU L 140 -1.82 3.58 -26.46
C LEU L 140 -2.02 4.52 -25.28
N VAL L 141 -2.16 5.81 -25.53
CA VAL L 141 -2.22 6.81 -24.47
C VAL L 141 -3.66 7.28 -24.33
N LYS L 142 -4.26 6.97 -23.19
CA LYS L 142 -5.58 7.47 -22.84
C LYS L 142 -5.46 8.91 -22.36
N THR L 143 -6.40 9.75 -22.81
CA THR L 143 -6.33 11.19 -22.60
C THR L 143 -7.58 11.68 -21.89
N ILE L 144 -7.38 12.33 -20.74
CA ILE L 144 -8.45 13.02 -20.02
C ILE L 144 -7.89 14.39 -19.63
N MET L 145 -8.12 15.40 -20.46
CA MET L 145 -7.38 16.66 -20.35
C MET L 145 -7.95 17.61 -19.30
N THR L 146 -9.10 17.31 -18.71
CA THR L 146 -9.56 18.13 -17.59
C THR L 146 -8.60 18.05 -16.41
N ARG L 147 -7.85 16.94 -16.31
CA ARG L 147 -6.84 16.77 -15.27
C ARG L 147 -5.52 17.45 -15.59
N CYS L 148 -5.36 17.99 -16.80
CA CYS L 148 -4.11 18.62 -17.19
C CYS L 148 -3.82 19.85 -16.34
N ILE L 149 -2.56 20.03 -15.97
CA ILE L 149 -2.12 21.20 -15.22
C ILE L 149 -1.15 22.06 -16.03
N GLN L 150 -1.00 21.77 -17.33
CA GLN L 150 -0.27 22.63 -18.26
C GLN L 150 1.20 22.78 -17.88
N CYS L 151 1.83 21.67 -17.50
CA CYS L 151 3.26 21.72 -17.18
C CYS L 151 4.11 21.65 -18.44
N THR L 152 3.51 21.26 -19.56
CA THR L 152 4.15 21.11 -20.87
C THR L 152 5.30 20.11 -20.86
N ARG L 153 5.25 19.12 -19.98
CA ARG L 153 6.27 18.07 -20.00
C ARG L 153 6.17 17.22 -21.26
N CYS L 154 4.94 16.87 -21.65
CA CYS L 154 4.74 16.02 -22.83
C CYS L 154 5.22 16.70 -24.10
N ILE L 155 4.96 18.01 -24.23
CA ILE L 155 5.40 18.75 -25.42
C ILE L 155 6.92 18.76 -25.50
N ARG L 156 7.58 19.03 -24.38
CA ARG L 156 9.04 19.10 -24.36
C ARG L 156 9.64 17.73 -24.66
N PHE L 157 9.06 16.66 -24.11
CA PHE L 157 9.54 15.32 -24.42
C PHE L 157 9.37 14.99 -25.90
N ALA L 158 8.19 15.30 -26.44
CA ALA L 158 7.93 14.98 -27.84
C ALA L 158 8.87 15.71 -28.77
N SER L 159 9.14 16.99 -28.50
CA SER L 159 10.03 17.76 -29.36
C SER L 159 11.48 17.33 -29.18
N GLU L 160 11.92 17.15 -27.93
CA GLU L 160 13.33 16.97 -27.64
C GLU L 160 13.78 15.52 -27.67
N ILE L 161 13.05 14.61 -27.05
CA ILE L 161 13.48 13.23 -26.93
C ILE L 161 13.03 12.40 -28.12
N ALA L 162 11.78 12.56 -28.54
CA ALA L 162 11.22 11.76 -29.62
C ALA L 162 11.38 12.39 -30.99
N GLY L 163 11.64 13.70 -31.06
CA GLY L 163 11.79 14.35 -32.34
C GLY L 163 10.51 14.57 -33.10
N VAL L 164 9.36 14.54 -32.42
CA VAL L 164 8.06 14.71 -33.05
C VAL L 164 7.43 16.00 -32.51
N ASP L 165 7.10 16.92 -33.41
CA ASP L 165 6.56 18.23 -33.04
C ASP L 165 5.04 18.29 -33.20
N ASP L 166 4.34 17.20 -32.90
CA ASP L 166 2.89 17.14 -33.03
C ASP L 166 2.14 17.76 -31.86
N LEU L 167 2.81 17.99 -30.74
CA LEU L 167 2.16 18.47 -29.52
C LEU L 167 2.42 19.96 -29.32
N GLY L 168 1.42 20.65 -28.79
CA GLY L 168 1.55 22.07 -28.53
C GLY L 168 0.41 22.56 -27.68
N THR L 169 0.31 23.89 -27.58
CA THR L 169 -0.74 24.56 -26.83
C THR L 169 -1.53 25.48 -27.74
N THR L 170 -2.85 25.41 -27.64
CA THR L 170 -3.73 26.26 -28.41
C THR L 170 -4.54 27.14 -27.46
N GLY L 171 -4.91 28.32 -27.93
CA GLY L 171 -5.56 29.30 -27.08
C GLY L 171 -4.56 29.99 -26.16
N ARG L 172 -5.11 30.71 -25.18
CA ARG L 172 -4.30 31.36 -24.16
C ARG L 172 -5.13 31.59 -22.92
N GLY L 173 -4.47 32.04 -21.86
CA GLY L 173 -5.16 32.32 -20.62
C GLY L 173 -5.64 31.04 -19.95
N ASN L 174 -6.83 31.13 -19.33
CA ASN L 174 -7.40 29.96 -18.67
C ASN L 174 -7.89 28.93 -19.69
N ASP L 175 -8.00 29.34 -20.96
CA ASP L 175 -8.50 28.45 -22.00
C ASP L 175 -7.40 27.72 -22.76
N MET L 176 -6.13 27.91 -22.40
CA MET L 176 -5.05 27.26 -23.10
C MET L 176 -5.11 25.75 -22.90
N GLN L 177 -4.99 25.01 -24.00
CA GLN L 177 -5.13 23.55 -23.98
C GLN L 177 -3.92 22.90 -24.63
N VAL L 178 -3.52 21.76 -24.08
CA VAL L 178 -2.45 20.94 -24.63
C VAL L 178 -3.05 19.92 -25.58
N GLY L 179 -2.50 19.84 -26.79
CA GLY L 179 -3.00 18.88 -27.76
C GLY L 179 -2.34 19.01 -29.11
N THR L 180 -3.04 18.52 -30.14
CA THR L 180 -2.56 18.58 -31.51
C THR L 180 -3.37 19.50 -32.41
N TYR L 181 -4.51 20.01 -31.93
CA TYR L 181 -5.39 20.93 -32.63
C TYR L 181 -6.10 20.28 -33.81
N ILE L 182 -5.70 19.06 -34.18
CA ILE L 182 -6.36 18.29 -35.22
C ILE L 182 -6.34 16.84 -34.75
N GLU L 183 -7.23 16.03 -35.35
CA GLU L 183 -7.23 14.60 -35.09
C GLU L 183 -5.97 14.01 -35.68
N LYS L 184 -5.00 13.68 -34.82
CA LYS L 184 -3.73 13.13 -35.27
C LYS L 184 -3.18 12.25 -34.16
N MET L 185 -2.72 11.05 -34.52
CA MET L 185 -2.18 10.12 -33.54
C MET L 185 -0.72 10.48 -33.26
N PHE L 186 -0.38 10.62 -31.99
CA PHE L 186 1.01 10.78 -31.57
C PHE L 186 1.61 9.38 -31.53
N MET L 187 2.10 8.92 -32.68
CA MET L 187 2.61 7.56 -32.83
C MET L 187 4.11 7.62 -32.97
N SER L 188 4.82 7.09 -31.98
CA SER L 188 6.27 7.06 -31.96
C SER L 188 6.69 5.78 -31.25
N GLU L 189 7.92 5.36 -31.53
CA GLU L 189 8.46 4.21 -30.81
C GLU L 189 8.70 4.49 -29.33
N LEU L 190 8.65 5.76 -28.92
CA LEU L 190 8.83 6.14 -27.53
C LEU L 190 7.64 6.91 -26.97
N SER L 191 6.47 6.79 -27.61
CA SER L 191 5.32 7.61 -27.22
C SER L 191 4.84 7.32 -25.80
N GLY L 192 4.80 6.05 -25.42
CA GLY L 192 4.27 5.67 -24.12
C GLY L 192 4.96 6.31 -22.94
N ASN L 193 6.20 6.75 -23.12
CA ASN L 193 6.93 7.44 -22.06
C ASN L 193 6.23 8.70 -21.58
N ILE L 194 5.39 9.33 -22.43
CA ILE L 194 4.71 10.52 -21.95
C ILE L 194 3.69 10.20 -20.88
N ILE L 195 3.29 8.93 -20.74
CA ILE L 195 2.49 8.53 -19.60
C ILE L 195 3.29 8.68 -18.31
N ASP L 196 4.56 8.28 -18.34
CA ASP L 196 5.38 8.34 -17.12
C ASP L 196 5.70 9.78 -16.74
N ILE L 197 6.05 10.61 -17.72
CA ILE L 197 6.47 11.98 -17.41
C ILE L 197 5.30 12.83 -16.97
N CYS L 198 4.09 12.50 -17.40
CA CYS L 198 2.93 13.31 -17.03
C CYS L 198 2.69 13.16 -15.53
N PRO L 199 2.73 14.24 -14.76
CA PRO L 199 2.64 14.12 -13.30
C PRO L 199 1.25 13.78 -12.79
N VAL L 200 0.23 13.86 -13.64
CA VAL L 200 -1.16 13.67 -13.21
C VAL L 200 -1.83 12.63 -14.10
N GLY L 201 -3.12 12.42 -13.89
CA GLY L 201 -3.86 11.43 -14.65
C GLY L 201 -4.38 11.93 -15.98
N ALA L 202 -3.83 13.05 -16.46
CA ALA L 202 -4.21 13.57 -17.77
C ALA L 202 -3.85 12.59 -18.87
N LEU L 203 -2.65 12.00 -18.80
CA LEU L 203 -2.20 10.98 -19.73
C LEU L 203 -2.02 9.68 -18.96
N THR L 204 -2.64 8.61 -19.44
CA THR L 204 -2.56 7.32 -18.77
C THR L 204 -2.37 6.22 -19.81
N SER L 205 -2.07 5.02 -19.32
CA SER L 205 -1.98 3.86 -20.18
C SER L 205 -3.37 3.28 -20.45
N LYS L 206 -3.71 3.11 -21.72
CA LYS L 206 -5.00 2.56 -22.10
C LYS L 206 -5.12 1.06 -21.82
N PRO L 207 -4.13 0.23 -22.16
CA PRO L 207 -4.22 -1.19 -21.78
C PRO L 207 -4.29 -1.41 -20.28
N TYR L 208 -3.70 -0.53 -19.49
CA TYR L 208 -3.63 -0.67 -18.04
C TYR L 208 -4.85 -0.17 -17.30
N ALA L 209 -5.78 0.51 -18.00
CA ALA L 209 -6.83 1.28 -17.33
C ALA L 209 -7.68 0.43 -16.41
N PHE L 210 -7.89 0.92 -15.19
CA PHE L 210 -8.84 0.43 -14.19
C PHE L 210 -8.47 -0.92 -13.60
N THR L 211 -7.26 -1.43 -13.85
CA THR L 211 -6.96 -2.80 -13.46
C THR L 211 -6.29 -2.93 -12.11
N ALA L 212 -5.58 -1.92 -11.64
CA ALA L 212 -4.81 -2.06 -10.41
C ALA L 212 -4.60 -0.70 -9.75
N ARG L 213 -4.20 -0.76 -8.49
CA ARG L 213 -3.75 0.39 -7.71
C ARG L 213 -2.28 0.22 -7.37
N PRO L 214 -1.53 1.33 -7.26
CA PRO L 214 -0.08 1.20 -7.05
C PRO L 214 0.31 0.52 -5.74
N TRP L 215 -0.48 0.71 -4.67
CA TRP L 215 -0.12 0.09 -3.40
C TRP L 215 -0.31 -1.43 -3.40
N GLU L 216 -1.11 -1.96 -4.33
CA GLU L 216 -1.29 -3.39 -4.44
C GLU L 216 -0.07 -4.07 -5.06
N THR L 217 0.58 -3.41 -6.01
CA THR L 217 1.51 -4.08 -6.89
C THR L 217 2.79 -4.48 -6.18
N ARG L 218 3.33 -5.62 -6.59
CA ARG L 218 4.66 -6.08 -6.20
C ARG L 218 5.60 -5.83 -7.37
N LYS L 219 6.76 -5.25 -7.08
CA LYS L 219 7.70 -4.81 -8.09
C LYS L 219 8.87 -5.78 -8.19
N THR L 220 9.16 -6.22 -9.40
CA THR L 220 10.32 -7.09 -9.67
C THR L 220 11.21 -6.39 -10.70
N GLU L 221 12.46 -6.14 -10.32
CA GLU L 221 13.39 -5.42 -11.18
C GLU L 221 14.09 -6.43 -12.09
N SER L 222 13.94 -6.26 -13.40
CA SER L 222 14.46 -7.24 -14.35
C SER L 222 14.87 -6.51 -15.63
N ILE L 223 15.04 -7.29 -16.71
CA ILE L 223 15.59 -6.80 -17.97
C ILE L 223 14.59 -7.07 -19.08
N ASP L 224 14.62 -6.22 -20.11
CA ASP L 224 13.80 -6.38 -21.30
C ASP L 224 14.54 -7.19 -22.35
N VAL L 225 13.79 -8.03 -23.07
CA VAL L 225 14.35 -8.89 -24.12
C VAL L 225 13.72 -8.65 -25.48
N MET L 226 12.93 -7.59 -25.63
CA MET L 226 12.30 -7.32 -26.92
C MET L 226 13.29 -6.80 -27.95
N ASP L 227 14.49 -6.38 -27.55
CA ASP L 227 15.56 -6.05 -28.46
C ASP L 227 16.88 -6.38 -27.77
N ALA L 228 17.98 -5.87 -28.33
CA ALA L 228 19.31 -6.11 -27.78
C ALA L 228 19.84 -4.94 -26.96
N VAL L 229 19.02 -3.93 -26.70
CA VAL L 229 19.47 -2.79 -25.90
C VAL L 229 19.62 -3.20 -24.44
N GLY L 230 18.78 -4.13 -23.97
CA GLY L 230 18.83 -4.57 -22.59
C GLY L 230 18.34 -3.53 -21.60
N SER L 231 17.21 -2.89 -21.92
CA SER L 231 16.65 -1.86 -21.05
C SER L 231 16.26 -2.44 -19.69
N ASN L 232 16.61 -1.73 -18.63
CA ASN L 232 16.23 -2.13 -17.28
C ASN L 232 14.78 -1.76 -17.03
N ILE L 233 14.00 -2.69 -16.49
CA ILE L 233 12.57 -2.51 -16.32
C ILE L 233 12.15 -2.96 -14.93
N VAL L 234 10.95 -2.56 -14.56
CA VAL L 234 10.34 -2.96 -13.31
C VAL L 234 9.07 -3.68 -13.75
N VAL L 235 8.85 -4.88 -13.22
CA VAL L 235 7.66 -5.62 -13.60
C VAL L 235 6.67 -5.53 -12.44
N SER L 236 5.47 -5.07 -12.75
CA SER L 236 4.43 -4.94 -11.73
C SER L 236 3.52 -6.15 -11.80
N THR L 237 3.41 -6.84 -10.68
CA THR L 237 2.57 -8.02 -10.62
C THR L 237 1.65 -7.96 -9.42
N ARG L 238 0.47 -8.57 -9.55
CA ARG L 238 -0.47 -8.62 -8.45
C ARG L 238 -1.16 -9.98 -8.45
N THR L 239 -1.11 -10.66 -7.30
CA THR L 239 -1.77 -11.95 -7.08
C THR L 239 -1.44 -12.95 -8.19
N GLY L 240 -0.15 -13.04 -8.52
CA GLY L 240 0.32 -13.99 -9.50
C GLY L 240 0.12 -13.60 -10.95
N GLU L 241 -0.23 -12.35 -11.22
CA GLU L 241 -0.49 -11.92 -12.59
C GLU L 241 0.37 -10.70 -12.90
N VAL L 242 0.95 -10.67 -14.10
CA VAL L 242 1.71 -9.52 -14.54
C VAL L 242 0.75 -8.39 -14.89
N MET L 243 0.89 -7.26 -14.21
CA MET L 243 -0.01 -6.13 -14.41
C MET L 243 0.53 -5.09 -15.38
N ARG L 244 1.81 -4.73 -15.28
CA ARG L 244 2.33 -3.73 -16.21
C ARG L 244 3.86 -3.75 -16.20
N ILE L 245 4.44 -2.99 -17.14
CA ILE L 245 5.88 -2.84 -17.28
C ILE L 245 6.22 -1.36 -17.20
N LEU L 246 7.18 -1.01 -16.35
CA LEU L 246 7.63 0.36 -16.18
C LEU L 246 9.13 0.44 -16.42
N PRO L 247 9.64 1.60 -16.82
CA PRO L 247 11.09 1.75 -16.95
C PRO L 247 11.78 1.77 -15.60
N ARG L 248 13.03 1.32 -15.59
CA ARG L 248 13.91 1.39 -14.43
C ARG L 248 15.18 2.11 -14.85
N MET L 249 15.59 3.09 -14.06
CA MET L 249 16.63 4.01 -14.48
C MET L 249 18.00 3.34 -14.53
N HIS L 250 18.63 3.39 -15.71
CA HIS L 250 20.01 2.96 -15.88
C HIS L 250 20.68 3.97 -16.80
N GLU L 251 21.53 4.84 -16.23
CA GLU L 251 22.08 5.96 -16.98
C GLU L 251 22.85 5.50 -18.21
N ASP L 252 23.41 4.29 -18.17
CA ASP L 252 24.28 3.85 -19.24
C ASP L 252 23.50 3.21 -20.39
N ILE L 253 22.27 2.76 -20.13
CA ILE L 253 21.55 2.02 -21.16
C ILE L 253 20.33 2.78 -21.69
N ASN L 254 19.33 3.00 -20.83
CA ASN L 254 18.08 3.60 -21.31
C ASN L 254 17.75 4.88 -20.55
N GLU L 255 18.12 4.91 -19.27
CA GLU L 255 18.30 6.05 -18.36
C GLU L 255 17.03 6.75 -17.89
N GLU L 256 15.93 6.66 -18.63
CA GLU L 256 14.62 6.76 -18.01
C GLU L 256 13.51 6.14 -18.82
N TRP L 257 13.78 5.59 -20.00
CA TRP L 257 12.75 5.33 -20.99
C TRP L 257 12.78 3.88 -21.43
N ILE L 258 11.66 3.44 -22.00
CA ILE L 258 11.55 2.18 -22.70
C ILE L 258 10.81 2.43 -24.00
N SER L 259 10.99 1.54 -24.97
CA SER L 259 10.24 1.63 -26.20
C SER L 259 8.81 1.17 -25.99
N ASP L 260 7.95 1.47 -26.96
CA ASP L 260 6.54 1.12 -26.83
C ASP L 260 6.32 -0.38 -26.85
N LYS L 261 7.09 -1.12 -27.64
CA LYS L 261 6.98 -2.57 -27.62
C LYS L 261 7.35 -3.14 -26.26
N THR L 262 8.47 -2.67 -25.71
CA THR L 262 8.90 -3.11 -24.37
C THR L 262 7.83 -2.80 -23.32
N ARG L 263 7.11 -1.70 -23.50
CA ARG L 263 6.14 -1.28 -22.49
C ARG L 263 4.80 -2.00 -22.63
N PHE L 264 4.35 -2.18 -23.87
CA PHE L 264 3.03 -2.79 -24.11
C PHE L 264 2.93 -4.21 -24.65
N ALA L 265 4.05 -4.93 -24.76
CA ALA L 265 4.03 -6.29 -25.30
C ALA L 265 3.74 -7.34 -24.22
N TYR L 266 3.59 -6.93 -22.97
CA TYR L 266 3.33 -7.87 -21.89
C TYR L 266 2.01 -8.62 -22.09
N ASP L 267 1.11 -8.00 -22.85
CA ASP L 267 -0.20 -8.54 -23.15
C ASP L 267 -0.14 -9.88 -23.89
N GLY L 268 0.85 -10.02 -24.77
CA GLY L 268 1.03 -11.24 -25.57
C GLY L 268 1.25 -12.52 -24.79
N LEU L 269 1.90 -12.39 -23.64
CA LEU L 269 2.21 -13.54 -22.78
C LEU L 269 0.97 -14.24 -22.20
N LYS L 270 -0.18 -13.58 -22.28
CA LYS L 270 -1.40 -14.11 -21.68
C LYS L 270 -2.18 -14.99 -22.64
N ARG L 271 -1.75 -15.09 -23.89
CA ARG L 271 -2.42 -15.94 -24.86
C ARG L 271 -1.41 -16.70 -25.72
N GLN L 272 -1.92 -17.73 -26.40
CA GLN L 272 -1.14 -18.60 -27.28
C GLN L 272 0.04 -19.23 -26.53
N ARG L 273 -0.18 -19.57 -25.27
CA ARG L 273 0.89 -20.07 -24.42
C ARG L 273 0.93 -21.60 -24.45
N LEU L 274 2.13 -22.14 -24.38
CA LEU L 274 2.32 -23.59 -24.24
C LEU L 274 2.32 -23.92 -22.75
N THR L 275 1.37 -24.77 -22.33
CA THR L 275 1.22 -25.09 -20.92
C THR L 275 1.50 -26.55 -20.58
N GLN L 276 1.41 -27.46 -21.54
CA GLN L 276 1.58 -28.88 -21.27
C GLN L 276 2.41 -29.53 -22.36
N PRO L 277 3.13 -30.60 -22.03
CA PRO L 277 3.86 -31.36 -23.06
C PRO L 277 2.90 -31.96 -24.08
N MET L 278 3.36 -32.06 -25.31
CA MET L 278 2.54 -32.55 -26.41
C MET L 278 3.35 -33.54 -27.25
N ILE L 279 2.67 -34.58 -27.72
CA ILE L 279 3.25 -35.55 -28.65
C ILE L 279 2.32 -35.71 -29.83
N ARG L 280 2.68 -36.60 -30.75
CA ARG L 280 1.86 -36.90 -31.91
C ARG L 280 1.13 -38.22 -31.69
N ASN L 281 -0.17 -38.23 -31.93
CA ASN L 281 -0.99 -39.41 -31.74
C ASN L 281 -0.99 -40.24 -33.02
N GLU L 282 -1.90 -41.21 -33.10
CA GLU L 282 -1.94 -42.11 -34.25
C GLU L 282 -2.31 -41.36 -35.54
N LYS L 283 -3.01 -40.24 -35.40
CA LYS L 283 -3.52 -39.50 -36.55
C LYS L 283 -2.64 -38.32 -36.93
N GLY L 284 -1.44 -38.22 -36.35
CA GLY L 284 -0.56 -37.10 -36.64
C GLY L 284 -0.98 -35.79 -36.03
N LEU L 285 -1.81 -35.82 -35.00
CA LEU L 285 -2.27 -34.61 -34.33
C LEU L 285 -1.60 -34.47 -32.97
N LEU L 286 -1.41 -33.23 -32.55
CA LEU L 286 -0.73 -32.95 -31.30
C LEU L 286 -1.70 -33.17 -30.13
N THR L 287 -1.24 -33.94 -29.14
CA THR L 287 -2.05 -34.37 -28.02
C THR L 287 -1.26 -34.18 -26.72
N TYR L 288 -1.95 -33.71 -25.69
CA TYR L 288 -1.34 -33.52 -24.38
C TYR L 288 -0.83 -34.83 -23.82
N THR L 289 0.31 -34.77 -23.14
CA THR L 289 0.92 -35.93 -22.51
C THR L 289 1.71 -35.45 -21.29
N THR L 290 2.18 -36.41 -20.50
CA THR L 290 2.94 -36.09 -19.31
C THR L 290 4.38 -35.74 -19.67
N TRP L 291 5.10 -35.17 -18.69
CA TRP L 291 6.51 -34.87 -18.89
C TRP L 291 7.32 -36.13 -19.11
N GLU L 292 7.00 -37.20 -18.38
CA GLU L 292 7.76 -38.45 -18.49
C GLU L 292 7.68 -39.01 -19.91
N ASP L 293 6.49 -39.05 -20.50
CA ASP L 293 6.33 -39.65 -21.82
C ASP L 293 7.09 -38.87 -22.89
N ALA L 294 6.93 -37.55 -22.89
CA ALA L 294 7.61 -36.72 -23.88
C ALA L 294 9.12 -36.77 -23.72
N LEU L 295 9.60 -36.70 -22.48
CA LEU L 295 11.03 -36.77 -22.23
C LEU L 295 11.59 -38.12 -22.65
N SER L 296 10.84 -39.21 -22.40
CA SER L 296 11.29 -40.53 -22.81
C SER L 296 11.37 -40.65 -24.32
N ARG L 297 10.37 -40.12 -25.03
CA ARG L 297 10.40 -40.17 -26.49
C ARG L 297 11.60 -39.38 -27.04
N VAL L 298 11.83 -38.19 -26.50
CA VAL L 298 12.96 -37.38 -26.98
C VAL L 298 14.27 -38.07 -26.65
N ALA L 299 14.37 -38.68 -25.47
CA ALA L 299 15.61 -39.35 -25.08
C ALA L 299 15.89 -40.57 -25.95
N GLY L 300 14.87 -41.34 -26.28
CA GLY L 300 15.06 -42.46 -27.19
C GLY L 300 15.52 -42.00 -28.57
N MET L 301 14.86 -40.97 -29.10
CA MET L 301 15.25 -40.43 -30.40
C MET L 301 16.67 -39.90 -30.37
N LEU L 302 17.10 -39.30 -29.26
CA LEU L 302 18.44 -38.76 -29.14
C LEU L 302 19.50 -39.85 -28.97
N GLN L 303 19.14 -40.94 -28.30
CA GLN L 303 20.07 -42.07 -28.19
C GLN L 303 20.18 -42.83 -29.50
N SER L 304 19.18 -42.71 -30.38
CA SER L 304 19.23 -43.40 -31.66
C SER L 304 20.37 -42.87 -32.53
N PHE L 305 20.57 -41.55 -32.54
CA PHE L 305 21.48 -40.92 -33.50
C PHE L 305 22.65 -40.26 -32.78
N GLN L 306 23.60 -39.76 -33.59
CA GLN L 306 24.87 -39.28 -33.08
C GLN L 306 25.51 -38.36 -34.11
N GLY L 307 26.21 -37.34 -33.60
CA GLY L 307 27.07 -36.54 -34.46
C GLY L 307 26.30 -35.53 -35.30
N ASN L 308 26.59 -35.54 -36.60
CA ASN L 308 25.98 -34.57 -37.51
C ASN L 308 24.48 -34.80 -37.66
N ASP L 309 23.97 -35.94 -37.20
CA ASP L 309 22.56 -36.24 -37.35
C ASP L 309 21.72 -35.47 -36.33
N VAL L 310 22.36 -34.89 -35.32
CA VAL L 310 21.66 -34.09 -34.33
C VAL L 310 22.04 -32.63 -34.52
N ALA L 311 21.06 -31.74 -34.39
CA ALA L 311 21.29 -30.32 -34.57
C ALA L 311 20.30 -29.54 -33.72
N ALA L 312 20.60 -28.25 -33.53
CA ALA L 312 19.74 -27.38 -32.74
C ALA L 312 19.76 -25.98 -33.33
N ILE L 313 18.65 -25.27 -33.16
CA ILE L 313 18.51 -23.88 -33.60
C ILE L 313 17.98 -23.08 -32.42
N ALA L 314 18.69 -22.01 -32.07
CA ALA L 314 18.32 -21.15 -30.96
C ALA L 314 17.57 -19.93 -31.46
N GLY L 315 16.44 -19.63 -30.81
CA GLY L 315 15.61 -18.50 -31.18
C GLY L 315 16.11 -17.19 -30.60
N GLY L 316 15.30 -16.16 -30.78
CA GLY L 316 15.66 -14.81 -30.43
C GLY L 316 15.48 -14.40 -28.98
N LEU L 317 14.88 -15.25 -28.15
CA LEU L 317 14.59 -14.89 -26.76
C LEU L 317 15.20 -15.87 -25.77
N VAL L 318 16.16 -16.67 -26.20
CA VAL L 318 16.76 -17.72 -25.37
C VAL L 318 17.75 -17.10 -24.41
N ASP L 319 17.84 -17.66 -23.21
CA ASP L 319 18.78 -17.20 -22.20
C ASP L 319 20.08 -18.00 -22.26
N ALA L 320 21.10 -17.48 -21.59
CA ALA L 320 22.43 -18.10 -21.63
C ALA L 320 22.45 -19.48 -20.98
N GLU L 321 21.72 -19.64 -19.87
CA GLU L 321 21.75 -20.91 -19.14
C GLU L 321 21.24 -22.05 -20.00
N ALA L 322 20.09 -21.86 -20.64
CA ALA L 322 19.54 -22.88 -21.53
C ALA L 322 20.45 -23.11 -22.73
N LEU L 323 21.08 -22.05 -23.24
CA LEU L 323 21.99 -22.19 -24.37
C LEU L 323 23.17 -23.08 -24.03
N VAL L 324 23.79 -22.84 -22.87
CA VAL L 324 24.94 -23.65 -22.47
C VAL L 324 24.52 -25.08 -22.13
N ALA L 325 23.33 -25.25 -21.55
CA ALA L 325 22.84 -26.59 -21.27
C ALA L 325 22.63 -27.39 -22.55
N LEU L 326 21.98 -26.78 -23.54
CA LEU L 326 21.75 -27.46 -24.82
C LEU L 326 23.07 -27.73 -25.54
N LYS L 327 24.02 -26.80 -25.46
CA LYS L 327 25.32 -27.02 -26.08
C LYS L 327 26.03 -28.21 -25.44
N ASP L 328 26.01 -28.29 -24.11
CA ASP L 328 26.63 -29.43 -23.45
C ASP L 328 25.93 -30.74 -23.81
N LEU L 329 24.60 -30.72 -23.85
CA LEU L 329 23.86 -31.95 -24.18
C LEU L 329 24.18 -32.43 -25.59
N LEU L 330 24.21 -31.52 -26.56
CA LEU L 330 24.52 -31.94 -27.92
C LEU L 330 26.00 -32.28 -28.08
N ASN L 331 26.87 -31.69 -27.26
CA ASN L 331 28.28 -32.07 -27.29
C ASN L 331 28.48 -33.48 -26.76
N ARG L 332 27.70 -33.89 -25.76
CA ARG L 332 27.77 -35.27 -25.28
C ARG L 332 27.45 -36.28 -26.38
N VAL L 333 26.59 -35.91 -27.34
CA VAL L 333 26.31 -36.76 -28.50
C VAL L 333 27.37 -36.59 -29.58
N ASP L 334 28.37 -35.74 -29.35
CA ASP L 334 29.42 -35.42 -30.33
C ASP L 334 28.85 -34.65 -31.51
N SER L 335 27.86 -33.81 -31.24
CA SER L 335 27.29 -32.92 -32.25
C SER L 335 27.82 -31.50 -32.02
N ASP L 336 28.15 -30.83 -33.12
CA ASP L 336 28.57 -29.44 -33.08
C ASP L 336 27.67 -28.54 -33.92
N SER L 337 26.49 -29.02 -34.31
CA SER L 337 25.56 -28.24 -35.12
C SER L 337 24.63 -27.43 -34.23
N LEU L 338 25.22 -26.50 -33.49
CA LEU L 338 24.49 -25.60 -32.60
C LEU L 338 24.48 -24.22 -33.25
N CYS L 339 23.31 -23.78 -33.69
CA CYS L 339 23.20 -22.64 -34.57
C CYS L 339 22.19 -21.63 -34.03
N THR L 340 22.28 -20.41 -34.55
CA THR L 340 21.31 -19.36 -34.30
C THR L 340 20.67 -18.94 -35.61
N GLU L 341 19.50 -18.32 -35.51
CA GLU L 341 18.82 -17.84 -36.71
C GLU L 341 19.49 -16.59 -37.27
N GLU L 342 19.98 -15.72 -36.40
CA GLU L 342 20.66 -14.51 -36.83
C GLU L 342 22.04 -14.85 -37.37
N VAL L 343 22.38 -14.28 -38.52
CA VAL L 343 23.60 -14.63 -39.25
C VAL L 343 24.68 -13.60 -38.95
N PHE L 344 25.89 -14.08 -38.64
CA PHE L 344 27.07 -13.26 -38.51
C PHE L 344 28.18 -13.88 -39.36
N PRO L 345 28.98 -13.06 -40.04
CA PRO L 345 30.04 -13.62 -40.89
C PRO L 345 31.02 -14.45 -40.09
N THR L 346 31.44 -15.58 -40.67
CA THR L 346 32.30 -16.53 -39.99
C THR L 346 33.73 -16.55 -40.52
N ALA L 347 34.00 -15.87 -41.63
CA ALA L 347 35.33 -15.87 -42.18
C ALA L 347 36.28 -15.04 -41.32
N GLY L 348 37.58 -15.34 -41.42
CA GLY L 348 38.57 -14.60 -40.66
C GLY L 348 38.45 -14.89 -39.18
N ALA L 349 38.44 -13.83 -38.39
CA ALA L 349 38.33 -13.94 -36.94
C ALA L 349 37.02 -14.58 -36.50
N GLY L 350 35.92 -14.21 -37.15
CA GLY L 350 34.63 -14.74 -36.81
C GLY L 350 34.24 -14.44 -35.38
N THR L 351 33.82 -15.48 -34.66
CA THR L 351 33.40 -15.35 -33.27
C THR L 351 34.55 -15.51 -32.27
N ASP L 352 35.76 -15.75 -32.77
CA ASP L 352 36.91 -15.95 -31.91
C ASP L 352 37.21 -14.71 -31.06
N LEU L 353 37.07 -13.53 -31.65
CA LEU L 353 37.31 -12.29 -30.93
C LEU L 353 35.97 -11.63 -30.64
N ARG L 354 35.75 -11.27 -29.37
CA ARG L 354 34.49 -10.67 -28.97
C ARG L 354 34.28 -9.32 -29.63
N SER L 355 35.33 -8.50 -29.70
CA SER L 355 35.19 -7.14 -30.24
C SER L 355 34.74 -7.17 -31.70
N ASN L 356 34.90 -8.32 -32.37
CA ASN L 356 34.48 -8.42 -33.76
C ASN L 356 32.97 -8.29 -33.91
N TYR L 357 32.21 -8.65 -32.87
CA TYR L 357 30.75 -8.67 -32.97
C TYR L 357 30.08 -7.83 -31.88
N LEU L 358 30.72 -6.80 -31.38
CA LEU L 358 30.17 -6.00 -30.29
C LEU L 358 30.04 -4.54 -30.69
N LEU L 359 29.22 -3.81 -29.94
CA LEU L 359 29.18 -2.35 -30.01
C LEU L 359 30.26 -1.84 -29.05
N ASN L 360 31.46 -1.66 -29.60
CA ASN L 360 32.63 -1.42 -28.75
C ASN L 360 32.61 -0.03 -28.13
N THR L 361 32.02 0.94 -28.83
CA THR L 361 31.96 2.30 -28.30
C THR L 361 31.04 2.38 -27.08
N THR L 362 30.15 1.39 -26.92
CA THR L 362 29.12 1.34 -25.89
C THR L 362 28.07 2.42 -26.12
N ILE L 363 26.91 2.28 -25.48
CA ILE L 363 25.80 3.20 -25.69
C ILE L 363 26.15 4.58 -25.14
N ALA L 364 26.82 4.62 -23.99
CA ALA L 364 27.23 5.90 -23.41
C ALA L 364 28.25 6.63 -24.27
N GLY L 365 29.18 5.91 -24.91
CA GLY L 365 30.20 6.51 -25.74
C GLY L 365 29.69 7.36 -26.89
N VAL L 366 28.44 7.13 -27.30
CA VAL L 366 27.84 7.96 -28.34
C VAL L 366 27.84 9.43 -27.92
N GLU L 367 27.77 9.70 -26.62
CA GLU L 367 27.79 11.08 -26.14
C GLU L 367 29.14 11.76 -26.30
N GLU L 368 30.20 11.02 -26.65
CA GLU L 368 31.52 11.61 -26.83
C GLU L 368 31.97 11.73 -28.28
N ALA L 369 31.31 11.04 -29.21
CA ALA L 369 31.71 11.07 -30.60
C ALA L 369 31.27 12.37 -31.27
N ASP L 370 31.95 12.71 -32.37
CA ASP L 370 31.57 13.86 -33.18
C ASP L 370 31.04 13.48 -34.55
N VAL L 371 31.43 12.33 -35.10
CA VAL L 371 30.87 11.82 -36.35
C VAL L 371 30.51 10.35 -36.15
N ILE L 372 29.31 9.98 -36.59
CA ILE L 372 28.88 8.59 -36.58
C ILE L 372 28.40 8.23 -37.98
N LEU L 373 28.88 7.10 -38.50
CA LEU L 373 28.45 6.58 -39.79
C LEU L 373 27.53 5.38 -39.55
N LEU L 374 26.32 5.45 -40.10
CA LEU L 374 25.35 4.38 -40.00
C LEU L 374 25.29 3.64 -41.32
N VAL L 375 25.48 2.32 -41.28
CA VAL L 375 25.57 1.50 -42.48
C VAL L 375 24.50 0.41 -42.42
N GLY L 376 23.57 0.46 -43.37
CA GLY L 376 22.61 -0.63 -43.53
C GLY L 376 21.78 -0.92 -42.30
N THR L 377 21.35 0.10 -41.59
CA THR L 377 20.61 -0.08 -40.36
C THR L 377 19.50 0.95 -40.24
N ASN L 378 18.49 0.61 -39.43
CA ASN L 378 17.41 1.52 -39.06
C ASN L 378 17.40 1.57 -37.53
N PRO L 379 18.25 2.40 -36.92
CA PRO L 379 18.36 2.41 -35.46
C PRO L 379 17.06 2.79 -34.76
N ARG L 380 16.16 3.49 -35.45
CA ARG L 380 14.93 3.93 -34.82
C ARG L 380 14.08 2.74 -34.34
N PHE L 381 13.96 1.71 -35.17
CA PHE L 381 13.13 0.56 -34.84
C PHE L 381 13.92 -0.65 -34.37
N GLU L 382 15.14 -0.83 -34.86
CA GLU L 382 15.98 -1.93 -34.38
C GLU L 382 16.40 -1.73 -32.94
N ALA L 383 16.79 -0.51 -32.58
CA ALA L 383 17.26 -0.19 -31.23
C ALA L 383 16.78 1.20 -30.86
N PRO L 384 15.51 1.34 -30.46
CA PRO L 384 14.95 2.68 -30.25
C PRO L 384 15.69 3.52 -29.20
N LEU L 385 16.18 2.89 -28.13
CA LEU L 385 16.88 3.66 -27.11
C LEU L 385 18.28 4.05 -27.57
N PHE L 386 18.92 3.22 -28.39
CA PHE L 386 20.19 3.62 -29.01
C PHE L 386 19.99 4.80 -29.94
N ASN L 387 18.90 4.79 -30.72
CA ASN L 387 18.59 5.93 -31.56
C ASN L 387 18.26 7.17 -30.73
N ALA L 388 17.64 6.97 -29.57
CA ALA L 388 17.38 8.09 -28.66
C ALA L 388 18.68 8.69 -28.13
N ARG L 389 19.66 7.83 -27.82
CA ARG L 389 20.98 8.32 -27.43
C ARG L 389 21.65 9.09 -28.56
N ILE L 390 21.51 8.58 -29.79
CA ILE L 390 22.07 9.29 -30.94
C ILE L 390 21.42 10.67 -31.08
N ARG L 391 20.11 10.75 -30.89
CA ARG L 391 19.43 12.04 -30.96
C ARG L 391 19.87 12.97 -29.84
N LYS L 392 20.07 12.43 -28.65
CA LYS L 392 20.59 13.23 -27.54
C LYS L 392 21.94 13.83 -27.90
N SER L 393 22.84 13.02 -28.46
CA SER L 393 24.15 13.53 -28.87
C SER L 393 24.03 14.54 -29.99
N TRP L 394 23.12 14.30 -30.95
CA TRP L 394 22.89 15.23 -32.04
C TRP L 394 22.40 16.58 -31.53
N LEU L 395 21.52 16.56 -30.53
CA LEU L 395 20.93 17.79 -30.01
C LEU L 395 21.89 18.56 -29.12
N HIS L 396 22.63 17.87 -28.26
CA HIS L 396 23.42 18.55 -27.23
C HIS L 396 24.89 18.70 -27.56
N ASN L 397 25.46 17.82 -28.39
CA ASN L 397 26.89 17.86 -28.71
C ASN L 397 27.14 18.21 -30.17
N ASP L 398 26.11 18.60 -30.92
CA ASP L 398 26.23 18.92 -32.34
C ASP L 398 26.82 17.76 -33.14
N LEU L 399 26.40 16.55 -32.80
CA LEU L 399 26.92 15.35 -33.44
C LEU L 399 26.56 15.32 -34.92
N LYS L 400 27.49 14.84 -35.75
CA LYS L 400 27.28 14.73 -37.18
C LYS L 400 26.96 13.29 -37.54
N VAL L 401 25.84 13.08 -38.23
CA VAL L 401 25.33 11.75 -38.55
C VAL L 401 25.25 11.59 -40.06
N ALA L 402 25.79 10.48 -40.57
CA ALA L 402 25.67 10.11 -41.97
C ALA L 402 25.19 8.67 -42.07
N LEU L 403 24.38 8.40 -43.09
CA LEU L 403 23.76 7.10 -43.26
C LEU L 403 24.03 6.55 -44.65
N ILE L 404 24.33 5.26 -44.73
CA ILE L 404 24.41 4.52 -45.99
C ILE L 404 23.30 3.49 -45.98
N GLY L 405 22.35 3.63 -46.90
CA GLY L 405 21.19 2.77 -46.92
C GLY L 405 19.99 3.55 -47.43
N SER L 406 18.81 2.98 -47.17
CA SER L 406 17.58 3.62 -47.62
C SER L 406 17.29 4.85 -46.77
N PRO L 407 16.72 5.91 -47.35
CA PRO L 407 16.49 7.15 -46.60
C PRO L 407 15.35 7.05 -45.61
N VAL L 408 15.62 6.46 -44.44
CA VAL L 408 14.57 6.36 -43.42
C VAL L 408 14.52 7.65 -42.60
N ASP L 409 13.42 7.83 -41.90
CA ASP L 409 13.23 8.97 -41.01
C ASP L 409 13.73 8.58 -39.62
N LEU L 410 14.73 9.30 -39.13
CA LEU L 410 15.38 8.98 -37.87
C LEU L 410 15.06 9.97 -36.76
N THR L 411 14.15 10.91 -36.99
CA THR L 411 13.74 12.01 -36.11
C THR L 411 14.86 13.03 -35.89
N TYR L 412 15.94 12.97 -36.66
CA TYR L 412 16.95 14.03 -36.67
C TYR L 412 17.53 14.12 -38.07
N ARG L 413 18.05 15.30 -38.40
CA ARG L 413 18.61 15.54 -39.72
C ARG L 413 19.95 14.83 -39.86
N TYR L 414 20.10 14.06 -40.94
CA TYR L 414 21.34 13.36 -41.24
C TYR L 414 21.67 13.52 -42.72
N ASP L 415 22.95 13.31 -43.03
CA ASP L 415 23.42 13.35 -44.42
C ASP L 415 23.28 11.96 -45.03
N HIS L 416 22.65 11.90 -46.20
CA HIS L 416 22.41 10.64 -46.90
C HIS L 416 23.43 10.49 -48.02
N LEU L 417 24.43 9.64 -47.81
CA LEU L 417 25.44 9.39 -48.83
C LEU L 417 24.89 8.55 -49.98
N GLY L 418 24.03 7.61 -49.67
CA GLY L 418 23.42 6.77 -50.70
C GLY L 418 22.97 5.45 -50.12
N ASP L 419 22.62 4.54 -51.03
CA ASP L 419 22.11 3.24 -50.68
C ASP L 419 22.85 2.08 -51.34
N SER L 420 23.72 2.37 -52.31
CA SER L 420 24.53 1.32 -52.91
C SER L 420 25.70 0.96 -51.99
N PRO L 421 26.09 -0.31 -51.89
CA PRO L 421 27.25 -0.66 -51.08
C PRO L 421 28.59 -0.24 -51.69
N LYS L 422 28.64 0.07 -52.99
CA LYS L 422 29.88 0.54 -53.59
C LYS L 422 30.43 1.76 -52.87
N ILE L 423 29.54 2.60 -52.33
CA ILE L 423 29.95 3.78 -51.58
C ILE L 423 30.93 3.41 -50.48
N LEU L 424 30.71 2.27 -49.82
CA LEU L 424 31.64 1.81 -48.80
C LEU L 424 33.07 1.76 -49.34
N GLN L 425 33.25 1.10 -50.48
CA GLN L 425 34.59 1.04 -51.09
C GLN L 425 35.08 2.44 -51.43
N ASP L 426 34.19 3.32 -51.88
CA ASP L 426 34.59 4.68 -52.18
C ASP L 426 35.10 5.40 -50.94
N ILE L 427 34.55 5.07 -49.77
CA ILE L 427 35.07 5.67 -48.56
C ILE L 427 36.31 4.93 -48.09
N ALA L 428 36.45 3.67 -48.51
CA ALA L 428 37.64 2.90 -48.13
C ALA L 428 38.82 3.24 -49.01
N SER L 429 38.56 3.67 -50.25
CA SER L 429 39.64 4.06 -51.15
C SER L 429 40.05 5.52 -50.99
N GLY L 430 39.34 6.29 -50.16
CA GLY L 430 39.66 7.69 -50.00
C GLY L 430 39.11 8.60 -51.07
N ASN L 431 38.27 8.08 -51.97
CA ASN L 431 37.72 8.85 -53.08
C ASN L 431 36.34 9.42 -52.77
N HIS L 432 36.05 9.71 -51.50
CA HIS L 432 34.80 10.29 -51.08
C HIS L 432 35.06 11.47 -50.15
N PRO L 433 34.28 12.54 -50.25
CA PRO L 433 34.43 13.65 -49.28
C PRO L 433 34.22 13.21 -47.84
N PHE L 434 33.31 12.25 -47.61
CA PHE L 434 33.09 11.78 -46.26
C PHE L 434 34.29 11.03 -45.71
N SER L 435 35.14 10.46 -46.56
CA SER L 435 36.40 9.92 -46.08
C SER L 435 37.28 11.02 -45.49
N GLN L 436 37.32 12.18 -46.14
CA GLN L 436 38.00 13.34 -45.58
C GLN L 436 37.39 13.77 -44.26
N ILE L 437 36.05 13.79 -44.20
CA ILE L 437 35.34 14.17 -42.98
C ILE L 437 35.70 13.23 -41.83
N LEU L 438 35.72 11.92 -42.10
CA LEU L 438 36.13 10.95 -41.09
C LEU L 438 37.60 11.10 -40.74
N LYS L 439 38.44 11.50 -41.70
CA LYS L 439 39.86 11.69 -41.42
C LYS L 439 40.07 12.81 -40.39
N GLU L 440 39.33 13.91 -40.51
CA GLU L 440 39.44 14.97 -39.51
C GLU L 440 38.56 14.77 -38.28
N ALA L 441 37.94 13.60 -38.13
CA ALA L 441 37.16 13.32 -36.94
C ALA L 441 38.05 12.72 -35.85
N LYS L 442 38.15 13.41 -34.71
CA LYS L 442 39.03 12.93 -33.65
C LYS L 442 38.36 11.85 -32.79
N LYS L 443 37.03 11.79 -32.81
CA LYS L 443 36.28 10.74 -32.12
C LYS L 443 35.24 10.15 -33.07
N PRO L 444 35.67 9.42 -34.09
CA PRO L 444 34.71 8.90 -35.06
C PRO L 444 34.12 7.57 -34.63
N MET L 445 32.90 7.32 -35.09
CA MET L 445 32.21 6.06 -34.86
C MET L 445 31.66 5.54 -36.19
N VAL L 446 31.79 4.23 -36.39
CA VAL L 446 31.18 3.55 -37.53
C VAL L 446 30.34 2.40 -36.97
N VAL L 447 29.05 2.40 -37.28
CA VAL L 447 28.12 1.42 -36.75
C VAL L 447 27.52 0.65 -37.94
N LEU L 448 27.66 -0.67 -37.92
CA LEU L 448 27.10 -1.54 -38.94
C LEU L 448 26.00 -2.39 -38.32
N GLY L 449 24.81 -2.32 -38.90
CA GLY L 449 23.69 -3.06 -38.36
C GLY L 449 23.77 -4.55 -38.66
N SER L 450 23.30 -5.35 -37.70
CA SER L 450 23.24 -6.79 -37.89
C SER L 450 22.30 -7.19 -39.01
N SER L 451 21.22 -6.45 -39.20
CA SER L 451 20.26 -6.76 -40.26
C SER L 451 20.88 -6.63 -41.64
N ALA L 452 21.93 -5.82 -41.80
CA ALA L 452 22.64 -5.74 -43.06
C ALA L 452 23.59 -6.91 -43.29
N LEU L 453 23.87 -7.70 -42.26
CA LEU L 453 24.71 -8.88 -42.39
C LEU L 453 23.91 -10.12 -42.75
N GLN L 454 22.63 -9.98 -43.03
CA GLN L 454 21.77 -11.12 -43.34
C GLN L 454 21.77 -11.47 -44.82
N ARG L 455 22.31 -10.62 -45.69
CA ARG L 455 22.37 -10.98 -47.09
C ARG L 455 23.63 -11.82 -47.36
N SER L 456 23.70 -12.34 -48.59
CA SER L 456 24.77 -13.26 -48.94
C SER L 456 26.13 -12.56 -48.93
N ASP L 457 26.15 -11.26 -49.21
CA ASP L 457 27.38 -10.48 -49.22
C ASP L 457 27.65 -9.77 -47.90
N GLY L 458 27.16 -10.32 -46.78
CA GLY L 458 27.42 -9.70 -45.49
C GLY L 458 28.89 -9.70 -45.12
N THR L 459 29.61 -10.76 -45.50
CA THR L 459 31.03 -10.85 -45.21
C THR L 459 31.80 -9.73 -45.90
N ALA L 460 31.49 -9.46 -47.17
CA ALA L 460 32.16 -8.39 -47.90
C ALA L 460 31.83 -7.03 -47.31
N ILE L 461 30.58 -6.83 -46.87
CA ILE L 461 30.20 -5.58 -46.24
C ILE L 461 30.97 -5.37 -44.96
N LEU L 462 31.08 -6.42 -44.13
CA LEU L 462 31.86 -6.32 -42.90
C LEU L 462 33.33 -6.02 -43.21
N ALA L 463 33.87 -6.65 -44.25
CA ALA L 463 35.26 -6.38 -44.63
C ALA L 463 35.45 -4.93 -45.07
N ALA L 464 34.50 -4.38 -45.83
CA ALA L 464 34.61 -3.00 -46.25
C ALA L 464 34.53 -2.04 -45.07
N VAL L 465 33.61 -2.30 -44.13
CA VAL L 465 33.51 -1.45 -42.95
C VAL L 465 34.80 -1.55 -42.12
N SER L 466 35.36 -2.75 -42.03
CA SER L 466 36.64 -2.92 -41.33
C SER L 466 37.75 -2.15 -42.03
N ASN L 467 37.74 -2.10 -43.36
CA ASN L 467 38.72 -1.32 -44.09
C ASN L 467 38.57 0.17 -43.80
N ILE L 468 37.33 0.65 -43.72
CA ILE L 468 37.09 2.05 -43.37
C ILE L 468 37.63 2.36 -41.97
N ALA L 469 37.35 1.47 -41.01
CA ALA L 469 37.86 1.66 -39.65
C ALA L 469 39.39 1.60 -39.63
N GLN L 470 39.98 0.74 -40.46
CA GLN L 470 41.43 0.68 -40.59
C GLN L 470 41.99 2.01 -41.09
N ASN L 471 41.39 2.58 -42.13
CA ASN L 471 41.88 3.85 -42.66
C ASN L 471 41.73 4.96 -41.63
N ILE L 472 40.65 4.92 -40.85
CA ILE L 472 40.49 5.90 -39.77
C ILE L 472 41.61 5.75 -38.75
N ARG L 473 41.90 4.52 -38.33
CA ARG L 473 42.92 4.30 -37.32
C ARG L 473 44.32 4.63 -37.84
N LEU L 474 44.54 4.49 -39.15
CA LEU L 474 45.86 4.70 -39.71
C LEU L 474 46.11 6.18 -39.99
N SER L 475 45.15 6.85 -40.62
CA SER L 475 45.30 8.28 -40.93
C SER L 475 45.28 9.12 -39.66
N SER L 476 44.29 8.91 -38.80
CA SER L 476 44.14 9.69 -37.58
C SER L 476 45.00 9.18 -36.44
N GLY L 477 45.72 8.08 -36.63
CA GLY L 477 46.48 7.52 -35.53
C GLY L 477 45.57 6.86 -34.51
N VAL L 478 46.16 6.54 -33.36
CA VAL L 478 45.46 5.93 -32.24
C VAL L 478 45.13 7.04 -31.24
N THR L 479 43.85 7.20 -30.93
CA THR L 479 43.39 8.19 -29.99
C THR L 479 43.27 7.64 -28.57
N GLY L 480 44.08 6.64 -28.23
CA GLY L 480 44.00 5.99 -26.94
C GLY L 480 43.16 4.73 -27.00
N ASP L 481 41.95 4.80 -26.46
CA ASP L 481 40.99 3.69 -26.49
C ASP L 481 39.64 4.28 -26.89
N TRP L 482 39.38 4.36 -28.18
CA TRP L 482 38.12 4.90 -28.67
C TRP L 482 37.22 3.86 -29.32
N LYS L 483 37.78 2.83 -29.96
CA LYS L 483 37.01 1.72 -30.50
C LYS L 483 35.99 2.19 -31.55
N VAL L 484 36.53 2.64 -32.68
CA VAL L 484 35.71 3.13 -33.79
C VAL L 484 34.75 2.05 -34.29
N MET L 485 35.24 0.81 -34.43
CA MET L 485 34.44 -0.27 -35.00
C MET L 485 33.28 -0.63 -34.07
N ASN L 486 32.12 -0.90 -34.67
CA ASN L 486 30.91 -1.17 -33.90
C ASN L 486 29.96 -2.06 -34.69
N ILE L 487 29.27 -2.94 -33.98
CA ILE L 487 28.23 -3.80 -34.55
C ILE L 487 26.97 -3.63 -33.71
N LEU L 488 25.85 -3.31 -34.35
CA LEU L 488 24.58 -3.10 -33.66
C LEU L 488 23.70 -4.32 -33.85
N HIS L 489 23.36 -4.99 -32.74
CA HIS L 489 22.53 -6.17 -32.77
C HIS L 489 21.07 -5.82 -32.46
N ARG L 490 20.16 -6.70 -32.88
CA ARG L 490 18.74 -6.52 -32.69
C ARG L 490 18.08 -7.69 -31.96
N ILE L 491 18.81 -8.77 -31.69
CA ILE L 491 18.28 -9.97 -31.07
C ILE L 491 18.89 -10.10 -29.69
N ALA L 492 18.05 -10.35 -28.69
CA ALA L 492 18.52 -10.36 -27.30
C ALA L 492 19.45 -11.54 -27.00
N SER L 493 19.31 -12.66 -27.71
CA SER L 493 20.07 -13.85 -27.40
C SER L 493 21.36 -13.98 -28.22
N GLN L 494 21.59 -13.10 -29.19
CA GLN L 494 22.67 -13.33 -30.15
C GLN L 494 24.04 -13.25 -29.50
N VAL L 495 24.27 -12.25 -28.65
CA VAL L 495 25.63 -12.03 -28.14
C VAL L 495 26.03 -13.15 -27.19
N ALA L 496 25.10 -13.60 -26.33
CA ALA L 496 25.42 -14.72 -25.45
C ALA L 496 25.71 -15.99 -26.23
N ALA L 497 24.92 -16.24 -27.28
CA ALA L 497 25.15 -17.42 -28.11
C ALA L 497 26.51 -17.36 -28.80
N LEU L 498 26.89 -16.18 -29.31
CA LEU L 498 28.21 -16.03 -29.91
C LEU L 498 29.32 -16.22 -28.87
N ASP L 499 29.10 -15.71 -27.65
CA ASP L 499 30.07 -15.90 -26.58
C ASP L 499 30.25 -17.37 -26.26
N LEU L 500 29.16 -18.15 -26.28
CA LEU L 500 29.23 -19.55 -25.91
C LEU L 500 29.77 -20.44 -27.02
N GLY L 501 29.96 -19.92 -28.23
CA GLY L 501 30.48 -20.69 -29.33
C GLY L 501 29.46 -21.23 -30.31
N TYR L 502 28.23 -20.77 -30.25
CA TYR L 502 27.22 -21.19 -31.23
C TYR L 502 27.63 -20.74 -32.62
N LYS L 503 27.30 -21.55 -33.62
CA LYS L 503 27.62 -21.20 -34.99
C LYS L 503 26.58 -20.20 -35.51
N PRO L 504 26.99 -18.98 -35.87
CA PRO L 504 26.02 -18.01 -36.38
C PRO L 504 25.49 -18.41 -37.74
N GLY L 505 24.19 -18.21 -37.92
CA GLY L 505 23.53 -18.63 -39.14
C GLY L 505 23.06 -20.07 -39.06
N VAL L 506 22.37 -20.49 -40.12
CA VAL L 506 21.74 -21.81 -40.14
C VAL L 506 22.31 -22.61 -41.30
N GLU L 507 23.42 -22.14 -41.87
CA GLU L 507 24.00 -22.76 -43.06
C GLU L 507 24.47 -24.18 -42.77
N ALA L 508 25.04 -24.41 -41.59
CA ALA L 508 25.53 -25.75 -41.25
C ALA L 508 24.39 -26.76 -41.27
N ILE L 509 23.19 -26.37 -40.86
CA ILE L 509 22.05 -27.26 -40.95
C ILE L 509 21.72 -27.57 -42.40
N ARG L 510 21.79 -26.56 -43.26
CA ARG L 510 21.47 -26.74 -44.68
C ARG L 510 22.47 -27.69 -45.35
N LYS L 511 23.76 -27.54 -45.03
CA LYS L 511 24.78 -28.36 -45.67
C LYS L 511 24.74 -29.81 -45.21
N ASN L 512 24.42 -30.06 -43.94
CA ASN L 512 24.29 -31.41 -43.40
C ASN L 512 22.92 -31.53 -42.74
N PRO L 513 21.89 -31.85 -43.51
CA PRO L 513 20.53 -31.92 -42.94
C PRO L 513 20.44 -32.99 -41.86
N PRO L 514 20.06 -32.61 -40.65
CA PRO L 514 20.03 -33.57 -39.54
C PRO L 514 18.76 -34.41 -39.57
N LYS L 515 18.79 -35.48 -38.77
CA LYS L 515 17.63 -36.33 -38.56
C LYS L 515 16.88 -36.01 -37.27
N VAL L 516 17.55 -35.35 -36.32
CA VAL L 516 16.93 -34.88 -35.09
C VAL L 516 17.25 -33.39 -34.99
N LEU L 517 16.21 -32.57 -34.86
CA LEU L 517 16.38 -31.12 -34.82
C LEU L 517 15.74 -30.56 -33.55
N PHE L 518 16.49 -29.71 -32.85
CA PHE L 518 16.03 -29.05 -31.64
C PHE L 518 15.72 -27.60 -31.97
N LEU L 519 14.50 -27.18 -31.68
CA LEU L 519 14.07 -25.79 -31.88
C LEU L 519 13.92 -25.16 -30.51
N LEU L 520 14.92 -24.39 -30.11
CA LEU L 520 14.92 -23.70 -28.82
C LEU L 520 14.33 -22.32 -29.02
N GLY L 521 13.00 -22.24 -28.98
CA GLY L 521 12.32 -20.98 -29.20
C GLY L 521 12.55 -20.37 -30.57
N ALA L 522 12.80 -21.20 -31.57
CA ALA L 522 13.09 -20.72 -32.92
C ALA L 522 11.77 -20.57 -33.68
N ASP L 523 11.41 -19.32 -33.98
CA ASP L 523 10.14 -19.02 -34.64
C ASP L 523 10.34 -18.11 -35.85
N GLY L 524 11.56 -18.03 -36.38
CA GLY L 524 11.80 -17.21 -37.55
C GLY L 524 11.51 -17.87 -38.86
N GLY L 525 11.09 -19.12 -38.86
CA GLY L 525 10.81 -19.85 -40.08
C GLY L 525 11.98 -19.97 -41.02
N CYS L 526 13.21 -19.96 -40.49
CA CYS L 526 14.39 -20.03 -41.35
C CYS L 526 14.53 -21.40 -42.01
N ILE L 527 14.08 -22.47 -41.33
CA ILE L 527 14.15 -23.82 -41.86
C ILE L 527 12.80 -24.49 -41.66
N THR L 528 12.18 -24.93 -42.75
CA THR L 528 10.96 -25.68 -42.72
C THR L 528 11.26 -27.16 -42.94
N ARG L 529 10.22 -27.96 -43.11
CA ARG L 529 10.38 -29.39 -43.36
C ARG L 529 10.82 -29.69 -44.79
N GLN L 530 10.79 -28.71 -45.69
CA GLN L 530 11.31 -28.92 -47.03
C GLN L 530 12.83 -28.98 -47.03
N ASP L 531 13.47 -28.20 -46.16
CA ASP L 531 14.93 -28.22 -46.05
C ASP L 531 15.45 -29.45 -45.32
N LEU L 532 14.57 -30.21 -44.68
CA LEU L 532 14.93 -31.37 -43.90
C LEU L 532 14.47 -32.65 -44.57
N PRO L 533 15.12 -33.78 -44.31
CA PRO L 533 14.65 -35.04 -44.86
C PRO L 533 13.31 -35.44 -44.26
N LYS L 534 12.64 -36.35 -44.95
CA LYS L 534 11.38 -36.87 -44.43
C LYS L 534 11.64 -37.63 -43.13
N ASP L 535 10.56 -37.91 -42.41
CA ASP L 535 10.52 -38.56 -41.09
C ASP L 535 11.54 -37.98 -40.11
N CYS L 536 11.88 -36.70 -40.29
CA CYS L 536 12.81 -36.04 -39.38
C CYS L 536 12.11 -35.69 -38.07
N PHE L 537 12.81 -35.93 -36.96
CA PHE L 537 12.26 -35.70 -35.63
C PHE L 537 12.56 -34.27 -35.21
N ILE L 538 11.50 -33.50 -34.97
CA ILE L 538 11.62 -32.07 -34.63
C ILE L 538 11.06 -31.87 -33.23
N ILE L 539 11.85 -31.24 -32.36
CA ILE L 539 11.47 -30.95 -30.99
C ILE L 539 11.46 -29.44 -30.81
N TYR L 540 10.35 -28.90 -30.32
CA TYR L 540 10.23 -27.49 -30.04
C TYR L 540 10.12 -27.27 -28.54
N GLN L 541 10.98 -26.40 -28.02
CA GLN L 541 10.92 -25.97 -26.62
C GLN L 541 10.74 -24.46 -26.61
N GLY L 542 9.67 -24.00 -25.98
CA GLY L 542 9.39 -22.58 -25.96
C GLY L 542 8.22 -22.28 -25.07
N HIS L 543 7.69 -21.06 -25.21
CA HIS L 543 6.58 -20.60 -24.39
C HIS L 543 5.37 -20.16 -25.19
N HIS L 544 5.47 -20.06 -26.52
CA HIS L 544 4.38 -19.56 -27.34
C HIS L 544 4.12 -20.50 -28.51
N GLY L 545 2.87 -20.58 -28.91
CA GLY L 545 2.50 -21.27 -30.12
C GLY L 545 2.62 -20.35 -31.31
N ASP L 546 3.62 -20.61 -32.15
CA ASP L 546 3.99 -19.73 -33.25
C ASP L 546 4.51 -20.61 -34.37
N VAL L 547 5.33 -20.03 -35.25
CA VAL L 547 5.85 -20.72 -36.44
C VAL L 547 6.41 -22.09 -36.12
N GLY L 548 7.13 -22.22 -35.00
CA GLY L 548 7.87 -23.44 -34.71
C GLY L 548 7.11 -24.61 -34.14
N ALA L 549 5.98 -24.38 -33.46
CA ALA L 549 5.30 -25.45 -32.72
C ALA L 549 4.50 -26.41 -33.60
N PRO L 550 3.70 -25.94 -34.58
CA PRO L 550 2.89 -26.88 -35.37
C PRO L 550 3.70 -27.85 -36.21
N MET L 551 4.97 -27.58 -36.48
CA MET L 551 5.80 -28.49 -37.27
C MET L 551 6.57 -29.48 -36.41
N ALA L 552 6.46 -29.40 -35.09
CA ALA L 552 7.24 -30.24 -34.20
C ALA L 552 6.51 -31.54 -33.89
N ASP L 553 7.30 -32.60 -33.71
CA ASP L 553 6.78 -33.88 -33.24
C ASP L 553 6.51 -33.89 -31.74
N VAL L 554 7.33 -33.21 -30.94
CA VAL L 554 7.19 -33.15 -29.50
C VAL L 554 7.31 -31.71 -29.07
N ILE L 555 6.45 -31.28 -28.15
CA ILE L 555 6.43 -29.92 -27.65
C ILE L 555 6.78 -29.93 -26.17
N LEU L 556 7.78 -29.13 -25.79
CA LEU L 556 8.25 -29.03 -24.40
C LEU L 556 7.99 -27.61 -23.90
N PRO L 557 6.97 -27.39 -23.07
CA PRO L 557 6.62 -26.02 -22.66
C PRO L 557 7.67 -25.42 -21.73
N GLY L 558 8.22 -24.28 -22.11
CA GLY L 558 9.20 -23.58 -21.33
C GLY L 558 8.65 -22.33 -20.68
N ALA L 559 9.56 -21.57 -20.07
CA ALA L 559 9.22 -20.37 -19.31
C ALA L 559 9.55 -19.13 -20.13
N ALA L 560 8.74 -18.09 -19.95
CA ALA L 560 9.01 -16.79 -20.55
C ALA L 560 10.00 -16.00 -19.68
N TYR L 561 10.49 -14.89 -20.23
CA TYR L 561 11.52 -14.12 -19.55
C TYR L 561 11.02 -13.50 -18.24
N THR L 562 9.72 -13.32 -18.08
CA THR L 562 9.14 -12.86 -16.83
C THR L 562 9.01 -13.97 -15.80
N GLU L 563 9.29 -15.22 -16.18
CA GLU L 563 9.02 -16.38 -15.33
C GLU L 563 10.30 -17.10 -14.91
N LYS L 564 11.46 -16.45 -15.02
CA LYS L 564 12.71 -17.12 -14.67
C LYS L 564 13.77 -16.07 -14.34
N SER L 565 14.81 -16.52 -13.66
CA SER L 565 16.04 -15.75 -13.46
C SER L 565 17.05 -16.23 -14.49
N ALA L 566 17.37 -15.38 -15.45
CA ALA L 566 18.14 -15.79 -16.62
C ALA L 566 19.07 -14.68 -17.06
N THR L 567 20.14 -15.07 -17.76
CA THR L 567 21.19 -14.16 -18.20
C THR L 567 20.99 -13.78 -19.66
N TYR L 568 21.11 -12.48 -19.95
CA TYR L 568 21.04 -11.95 -21.29
C TYR L 568 22.19 -10.96 -21.47
N VAL L 569 22.83 -11.01 -22.63
CA VAL L 569 24.01 -10.19 -22.89
C VAL L 569 23.64 -9.10 -23.89
N ASN L 570 24.09 -7.88 -23.61
CA ASN L 570 23.77 -6.71 -24.40
C ASN L 570 24.46 -6.75 -25.76
N THR L 571 23.98 -5.90 -26.67
CA THR L 571 24.74 -5.62 -27.88
C THR L 571 26.04 -4.88 -27.53
N GLU L 572 26.11 -4.28 -26.35
CA GLU L 572 27.35 -3.72 -25.85
C GLU L 572 28.32 -4.81 -25.43
N GLY L 573 27.80 -5.99 -25.08
CA GLY L 573 28.56 -7.02 -24.41
C GLY L 573 28.30 -7.09 -22.92
N ARG L 574 27.39 -6.29 -22.39
CA ARG L 574 27.11 -6.29 -20.95
C ARG L 574 26.12 -7.39 -20.59
N ALA L 575 26.48 -8.20 -19.61
CA ALA L 575 25.66 -9.30 -19.14
C ALA L 575 24.78 -8.84 -17.99
N GLN L 576 23.49 -9.14 -18.07
CA GLN L 576 22.52 -8.78 -17.05
C GLN L 576 21.62 -9.98 -16.79
N GLN L 577 20.89 -9.94 -15.69
CA GLN L 577 20.03 -11.06 -15.33
C GLN L 577 18.62 -10.57 -15.00
N THR L 578 17.64 -11.37 -15.40
CA THR L 578 16.25 -11.13 -15.06
C THR L 578 15.92 -11.79 -13.72
N LYS L 579 14.75 -11.47 -13.18
CA LYS L 579 14.28 -12.05 -11.93
C LYS L 579 12.88 -12.61 -12.15
N VAL L 580 12.53 -13.60 -11.33
CA VAL L 580 11.21 -14.21 -11.43
C VAL L 580 10.16 -13.25 -10.88
N ALA L 581 9.17 -12.92 -11.72
CA ALA L 581 8.02 -12.14 -11.32
C ALA L 581 6.80 -13.02 -11.05
N VAL L 582 6.50 -13.91 -11.98
CA VAL L 582 5.47 -14.94 -11.80
C VAL L 582 6.06 -16.27 -12.22
N THR L 583 5.42 -17.37 -11.82
CA THR L 583 5.90 -18.68 -12.20
C THR L 583 5.32 -19.10 -13.55
N PRO L 584 5.99 -20.01 -14.26
CA PRO L 584 5.49 -20.47 -15.55
C PRO L 584 4.10 -21.08 -15.43
N PRO L 585 3.24 -20.88 -16.40
CA PRO L 585 1.87 -21.39 -16.32
C PRO L 585 1.79 -22.89 -16.55
N GLY L 586 0.73 -23.50 -16.02
CA GLY L 586 0.46 -24.90 -16.29
C GLY L 586 1.57 -25.81 -15.81
N LEU L 587 2.07 -26.65 -16.72
CA LEU L 587 3.17 -27.55 -16.45
C LEU L 587 4.49 -27.08 -17.04
N ALA L 588 4.57 -25.83 -17.48
CA ALA L 588 5.80 -25.32 -18.07
C ALA L 588 6.89 -25.22 -17.01
N ARG L 589 8.14 -25.37 -17.45
CA ARG L 589 9.29 -25.43 -16.56
C ARG L 589 10.39 -24.52 -17.07
N GLU L 590 11.38 -24.28 -16.19
CA GLU L 590 12.59 -23.57 -16.60
C GLU L 590 13.31 -24.36 -17.68
N ASP L 591 13.83 -23.63 -18.68
CA ASP L 591 14.35 -24.26 -19.89
C ASP L 591 15.59 -25.10 -19.61
N TRP L 592 16.55 -24.54 -18.86
CA TRP L 592 17.75 -25.30 -18.53
C TRP L 592 17.41 -26.51 -17.68
N LYS L 593 16.38 -26.41 -16.83
CA LYS L 593 15.93 -27.55 -16.05
C LYS L 593 15.34 -28.63 -16.97
N ILE L 594 14.63 -28.22 -18.02
CA ILE L 594 14.10 -29.17 -18.99
C ILE L 594 15.25 -29.91 -19.66
N ILE L 595 16.28 -29.17 -20.09
CA ILE L 595 17.40 -29.79 -20.78
C ILE L 595 18.15 -30.73 -19.84
N ARG L 596 18.34 -30.35 -18.58
CA ARG L 596 19.03 -31.20 -17.62
C ARG L 596 18.23 -32.48 -17.33
N ALA L 597 16.91 -32.34 -17.18
CA ALA L 597 16.07 -33.53 -16.98
C ALA L 597 16.13 -34.46 -18.18
N LEU L 598 16.11 -33.88 -19.40
CA LEU L 598 16.24 -34.69 -20.60
C LEU L 598 17.59 -35.41 -20.64
N SER L 599 18.66 -34.71 -20.25
CA SER L 599 19.98 -35.34 -20.25
C SER L 599 20.02 -36.50 -19.27
N GLU L 600 19.39 -36.36 -18.11
CA GLU L 600 19.37 -37.46 -17.16
C GLU L 600 18.52 -38.62 -17.68
N ILE L 601 17.42 -38.33 -18.37
CA ILE L 601 16.59 -39.39 -18.94
C ILE L 601 17.37 -40.14 -20.03
N ALA L 602 18.17 -39.42 -20.81
CA ALA L 602 18.85 -40.01 -21.96
C ALA L 602 20.15 -40.71 -21.60
N GLY L 603 20.57 -40.66 -20.34
CA GLY L 603 21.75 -41.36 -19.89
C GLY L 603 23.01 -40.51 -19.82
N MET L 604 23.05 -39.37 -20.50
CA MET L 604 24.19 -38.46 -20.44
C MET L 604 23.89 -37.28 -19.50
N THR L 605 23.88 -37.59 -18.20
CA THR L 605 23.48 -36.60 -17.20
C THR L 605 24.49 -35.46 -17.11
N LEU L 606 23.97 -34.22 -17.14
CA LEU L 606 24.79 -33.03 -17.02
C LEU L 606 25.18 -32.79 -15.56
N PRO L 607 26.39 -32.27 -15.32
CA PRO L 607 26.88 -32.17 -13.93
C PRO L 607 26.06 -31.24 -13.05
N TYR L 608 25.54 -30.14 -13.59
CA TYR L 608 24.92 -29.10 -12.77
C TYR L 608 23.48 -29.45 -12.41
N ASP L 609 23.10 -29.13 -11.17
CA ASP L 609 21.78 -29.43 -10.65
C ASP L 609 20.99 -28.20 -10.22
N THR L 610 21.66 -27.08 -9.92
CA THR L 610 21.00 -25.86 -9.50
C THR L 610 21.40 -24.72 -10.42
N LEU L 611 20.74 -23.58 -10.25
CA LEU L 611 21.03 -22.40 -11.07
C LEU L 611 22.47 -21.93 -10.86
N ASP L 612 22.94 -21.94 -9.61
CA ASP L 612 24.30 -21.49 -9.33
C ASP L 612 25.33 -22.37 -10.04
N GLN L 613 25.07 -23.68 -10.11
CA GLN L 613 26.00 -24.56 -10.80
C GLN L 613 26.00 -24.32 -12.30
N VAL L 614 24.84 -24.00 -12.87
CA VAL L 614 24.79 -23.67 -14.29
C VAL L 614 25.55 -22.38 -14.57
N ARG L 615 25.47 -21.41 -13.65
CA ARG L 615 26.24 -20.18 -13.84
C ARG L 615 27.73 -20.42 -13.64
N SER L 616 28.10 -21.38 -12.78
CA SER L 616 29.50 -21.79 -12.69
C SER L 616 29.97 -22.39 -14.01
N ARG L 617 29.13 -23.21 -14.65
CA ARG L 617 29.47 -23.72 -15.97
C ARG L 617 29.61 -22.59 -16.99
N LEU L 618 28.70 -21.61 -16.93
CA LEU L 618 28.80 -20.44 -17.81
C LEU L 618 30.12 -19.71 -17.62
N GLU L 619 30.54 -19.55 -16.37
CA GLU L 619 31.84 -18.95 -16.08
C GLU L 619 32.97 -19.80 -16.65
N GLU L 620 32.81 -21.12 -16.61
CA GLU L 620 33.81 -22.01 -17.20
C GLU L 620 33.93 -21.79 -18.70
N VAL L 621 32.81 -21.61 -19.39
CA VAL L 621 32.86 -21.49 -20.85
C VAL L 621 33.23 -20.06 -21.27
N SER L 622 32.65 -19.06 -20.63
CA SER L 622 32.92 -17.66 -20.98
C SER L 622 32.76 -16.83 -19.71
N PRO L 623 33.86 -16.41 -19.08
CA PRO L 623 33.77 -15.81 -17.74
C PRO L 623 33.09 -14.46 -17.72
N ASN L 624 32.90 -13.79 -18.86
CA ASN L 624 32.23 -12.50 -18.86
C ASN L 624 30.73 -12.62 -18.63
N LEU L 625 30.17 -13.83 -18.69
CA LEU L 625 28.74 -14.03 -18.52
C LEU L 625 28.28 -13.95 -17.07
N VAL L 626 29.19 -13.91 -16.11
CA VAL L 626 28.84 -13.81 -14.70
C VAL L 626 29.23 -12.48 -14.09
N ARG L 627 29.78 -11.55 -14.87
CA ARG L 627 30.03 -10.18 -14.43
C ARG L 627 28.85 -9.35 -14.88
N TYR L 628 28.00 -8.96 -13.93
CA TYR L 628 26.61 -8.61 -14.23
C TYR L 628 26.38 -7.13 -14.51
N ASP L 629 27.41 -6.30 -14.49
CA ASP L 629 27.28 -4.96 -15.04
C ASP L 629 28.51 -4.52 -15.82
N ASP L 630 29.54 -5.36 -15.90
CA ASP L 630 30.77 -4.98 -16.57
C ASP L 630 30.56 -4.88 -18.08
N VAL L 631 31.10 -3.82 -18.67
CA VAL L 631 31.06 -3.62 -20.11
C VAL L 631 32.43 -3.42 -20.72
N GLU L 632 33.47 -3.24 -19.91
CA GLU L 632 34.81 -3.01 -20.42
C GLU L 632 35.43 -4.32 -20.89
N GLY L 633 36.14 -4.26 -22.01
CA GLY L 633 36.79 -5.44 -22.55
C GLY L 633 37.96 -5.04 -23.41
N ALA L 634 38.76 -6.04 -23.77
CA ALA L 634 39.93 -5.81 -24.61
C ALA L 634 39.49 -5.57 -26.05
N ASN L 635 40.36 -4.89 -26.80
CA ASN L 635 40.12 -4.59 -28.21
C ASN L 635 41.13 -5.34 -29.06
N TYR L 636 40.64 -6.13 -30.01
CA TYR L 636 41.49 -6.89 -30.91
C TYR L 636 41.16 -6.53 -32.36
N PHE L 637 41.00 -5.25 -32.64
CA PHE L 637 40.64 -4.83 -33.99
C PHE L 637 41.74 -5.13 -35.00
N GLN L 638 43.00 -5.03 -34.59
CA GLN L 638 44.09 -5.27 -35.53
C GLN L 638 44.09 -6.70 -36.04
N GLN L 639 43.98 -7.66 -35.12
CA GLN L 639 43.99 -9.07 -35.52
C GLN L 639 42.78 -9.41 -36.39
N ALA L 640 41.59 -8.93 -35.99
CA ALA L 640 40.38 -9.22 -36.76
C ALA L 640 40.46 -8.59 -38.15
N ASN L 641 40.97 -7.35 -38.23
CA ASN L 641 41.11 -6.69 -39.52
C ASN L 641 42.10 -7.43 -40.41
N GLU L 642 43.22 -7.87 -39.84
CA GLU L 642 44.21 -8.60 -40.63
C GLU L 642 43.63 -9.92 -41.14
N LEU L 643 42.87 -10.61 -40.29
CA LEU L 643 42.24 -11.85 -40.70
C LEU L 643 41.08 -11.61 -41.67
N SER L 644 40.55 -10.40 -41.74
CA SER L 644 39.41 -10.11 -42.59
C SER L 644 39.79 -9.73 -44.02
N LYS L 645 41.08 -9.51 -44.29
CA LYS L 645 41.51 -9.08 -45.61
C LYS L 645 42.13 -10.19 -46.44
N LEU L 646 42.05 -11.45 -45.99
CA LEU L 646 42.52 -12.57 -46.78
C LEU L 646 41.40 -13.22 -47.60
N VAL L 647 40.15 -12.86 -47.35
CA VAL L 647 39.01 -13.30 -48.15
C VAL L 647 38.49 -12.09 -48.91
N ASN L 648 38.40 -12.20 -50.22
CA ASN L 648 38.09 -11.06 -51.10
C ASN L 648 36.83 -11.35 -51.90
N GLN L 649 35.78 -11.80 -51.24
CA GLN L 649 34.48 -11.94 -51.91
C GLN L 649 33.93 -10.57 -52.25
N GLN L 650 33.03 -10.53 -53.22
CA GLN L 650 32.61 -9.26 -53.80
C GLN L 650 31.23 -8.84 -53.28
N LEU L 651 30.97 -7.54 -53.38
CA LEU L 651 29.70 -6.97 -52.95
C LEU L 651 28.62 -7.24 -54.01
N LEU L 652 27.38 -6.99 -53.64
CA LEU L 652 26.23 -7.19 -54.51
C LEU L 652 25.67 -5.84 -54.93
N ALA L 653 25.18 -5.77 -56.16
CA ALA L 653 24.58 -4.55 -56.70
C ALA L 653 23.12 -4.42 -56.29
N ASP L 654 22.85 -4.58 -54.99
CA ASP L 654 21.50 -4.46 -54.45
C ASP L 654 21.52 -3.42 -53.34
N PRO L 655 20.58 -2.48 -53.34
CA PRO L 655 20.56 -1.45 -52.29
C PRO L 655 20.36 -2.05 -50.91
N LEU L 656 20.98 -1.43 -49.92
CA LEU L 656 20.81 -1.87 -48.54
C LEU L 656 19.45 -1.41 -48.00
N VAL L 657 18.55 -2.37 -47.82
CA VAL L 657 17.19 -2.08 -47.37
C VAL L 657 16.96 -2.68 -45.99
N PRO L 658 16.67 -1.86 -44.97
CA PRO L 658 16.41 -2.43 -43.64
C PRO L 658 15.12 -3.23 -43.66
N PRO L 659 15.02 -4.26 -42.81
CA PRO L 659 13.78 -5.05 -42.77
C PRO L 659 12.56 -4.25 -42.38
N GLN L 660 12.71 -3.27 -41.48
CA GLN L 660 11.61 -2.43 -41.03
C GLN L 660 11.79 -1.04 -41.64
N LEU L 661 10.93 -0.71 -42.60
CA LEU L 661 11.08 0.56 -43.31
C LEU L 661 10.24 1.65 -42.67
N THR L 662 9.13 1.29 -42.05
CA THR L 662 8.22 2.23 -41.42
C THR L 662 7.79 1.70 -40.06
N ILE L 663 6.93 2.48 -39.39
CA ILE L 663 6.56 2.18 -38.01
C ILE L 663 5.72 0.92 -37.93
N LYS L 664 4.95 0.61 -38.99
CA LYS L 664 4.06 -0.53 -38.93
C LYS L 664 4.83 -1.85 -38.82
N ASP L 665 6.06 -1.89 -39.34
CA ASP L 665 6.90 -3.06 -39.23
C ASP L 665 7.65 -3.12 -37.91
N PHE L 666 7.31 -2.25 -36.95
CA PHE L 666 8.02 -2.21 -35.69
C PHE L 666 7.31 -3.03 -34.60
N TYR L 667 5.97 -3.05 -34.62
CA TYR L 667 5.23 -3.54 -33.46
C TYR L 667 5.32 -5.06 -33.30
N MET L 668 5.34 -5.79 -34.41
CA MET L 668 5.35 -7.25 -34.37
C MET L 668 6.64 -7.78 -34.99
N THR L 669 7.55 -8.28 -34.16
CA THR L 669 8.82 -8.80 -34.63
C THR L 669 9.12 -10.18 -34.06
N ASP L 670 8.64 -10.46 -32.85
CA ASP L 670 8.93 -11.73 -32.21
C ASP L 670 7.66 -12.44 -31.78
N SER L 671 7.81 -13.60 -31.13
CA SER L 671 6.66 -14.44 -30.80
C SER L 671 5.74 -13.76 -29.79
N ILE L 672 6.31 -13.07 -28.81
CA ILE L 672 5.48 -12.44 -27.77
C ILE L 672 4.70 -11.27 -28.36
N SER L 673 5.37 -10.41 -29.14
CA SER L 673 4.69 -9.26 -29.71
C SER L 673 3.69 -9.64 -30.79
N ARG L 674 3.86 -10.78 -31.45
CA ARG L 674 2.90 -11.22 -32.45
C ARG L 674 1.61 -11.71 -31.80
N ALA L 675 1.67 -12.19 -30.56
CA ALA L 675 0.49 -12.62 -29.83
C ALA L 675 -0.18 -11.49 -29.07
N SER L 676 0.39 -10.30 -29.08
CA SER L 676 -0.16 -9.17 -28.33
C SER L 676 -1.30 -8.52 -29.09
N GLN L 677 -2.42 -8.33 -28.40
CA GLN L 677 -3.55 -7.61 -28.99
C GLN L 677 -3.30 -6.12 -29.05
N THR L 678 -2.51 -5.58 -28.11
CA THR L 678 -2.17 -4.16 -28.15
C THR L 678 -1.33 -3.83 -29.37
N MET L 679 -0.36 -4.68 -29.70
CA MET L 679 0.45 -4.46 -30.90
C MET L 679 -0.40 -4.58 -32.16
N ALA L 680 -1.37 -5.49 -32.17
CA ALA L 680 -2.30 -5.57 -33.30
C ALA L 680 -3.11 -4.29 -33.44
N LYS L 681 -3.56 -3.73 -32.31
CA LYS L 681 -4.27 -2.46 -32.34
C LYS L 681 -3.37 -1.34 -32.87
N CYS L 682 -2.09 -1.35 -32.47
CA CYS L 682 -1.16 -0.34 -32.96
C CYS L 682 -0.95 -0.47 -34.47
N VAL L 683 -0.82 -1.70 -34.97
CA VAL L 683 -0.66 -1.91 -36.40
C VAL L 683 -1.90 -1.42 -37.14
N LYS L 684 -3.09 -1.75 -36.64
CA LYS L 684 -4.31 -1.30 -37.28
C LYS L 684 -4.41 0.22 -37.26
N ALA L 685 -3.96 0.86 -36.17
CA ALA L 685 -4.04 2.31 -36.06
C ALA L 685 -3.05 2.99 -37.00
N VAL L 686 -1.88 2.41 -37.21
CA VAL L 686 -0.90 3.07 -38.07
C VAL L 686 -1.18 2.80 -39.54
N THR L 687 -1.76 1.65 -39.88
CA THR L 687 -2.09 1.40 -41.29
C THR L 687 -3.31 2.18 -41.74
N GLU L 688 -4.23 2.49 -40.83
CA GLU L 688 -5.39 3.33 -41.13
C GLU L 688 -5.70 4.19 -39.92
N GLY L 689 -5.89 5.49 -40.16
CA GLY L 689 -6.16 6.41 -39.07
C GLY L 689 -7.53 6.20 -38.45
N ILE L 690 -8.58 6.51 -39.20
CA ILE L 690 -9.97 6.37 -38.77
C ILE L 690 -10.22 7.08 -37.44
N GLU M 1 -58.89 -5.88 44.10
CA GLU M 1 -58.38 -5.62 42.77
C GLU M 1 -58.02 -6.93 42.07
N LEU M 2 -58.18 -8.05 42.78
CA LEU M 2 -57.99 -9.36 42.18
C LEU M 2 -59.00 -9.60 41.07
N VAL M 3 -60.26 -9.19 41.29
CA VAL M 3 -61.29 -9.34 40.27
C VAL M 3 -60.92 -8.57 39.02
N GLN M 4 -60.26 -7.42 39.16
CA GLN M 4 -59.80 -6.68 37.99
C GLN M 4 -58.80 -7.50 37.18
N VAL M 5 -57.87 -8.19 37.85
CA VAL M 5 -56.90 -9.02 37.14
C VAL M 5 -57.60 -10.17 36.43
N LEU M 6 -58.54 -10.83 37.13
CA LEU M 6 -59.23 -11.95 36.51
C LEU M 6 -60.06 -11.52 35.31
N ARG M 7 -60.73 -10.37 35.41
CA ARG M 7 -61.49 -9.85 34.28
C ARG M 7 -60.56 -9.44 33.14
N ARG M 8 -59.37 -8.94 33.48
CA ARG M 8 -58.35 -8.68 32.47
C ARG M 8 -58.00 -9.95 31.71
N GLY M 9 -57.83 -11.05 32.44
CA GLY M 9 -57.53 -12.33 31.79
C GLY M 9 -58.67 -12.80 30.91
N LEU M 10 -59.91 -12.67 31.39
CA LEU M 10 -61.05 -13.07 30.57
C LEU M 10 -61.16 -12.22 29.30
N GLN M 11 -60.91 -10.92 29.43
CA GLN M 11 -60.91 -10.06 28.25
C GLN M 11 -59.78 -10.44 27.28
N GLN M 12 -58.63 -10.84 27.81
CA GLN M 12 -57.56 -11.33 26.95
C GLN M 12 -57.99 -12.57 26.20
N VAL M 13 -58.72 -13.46 26.88
CA VAL M 13 -59.23 -14.66 26.22
C VAL M 13 -60.20 -14.28 25.11
N SER M 14 -61.12 -13.37 25.40
CA SER M 14 -62.17 -13.04 24.42
C SER M 14 -61.63 -12.17 23.29
N GLY M 15 -60.51 -11.48 23.49
CA GLY M 15 -59.97 -10.60 22.46
C GLY M 15 -59.15 -11.29 21.41
N HIS M 16 -58.87 -12.58 21.57
CA HIS M 16 -58.22 -13.38 20.54
C HIS M 16 -59.22 -14.19 19.72
N GLY M 17 -60.51 -13.85 19.79
CA GLY M 17 -61.53 -14.51 19.01
C GLY M 17 -62.14 -15.74 19.65
N GLY M 18 -61.95 -15.94 20.94
CA GLY M 18 -62.47 -17.11 21.62
C GLY M 18 -61.36 -18.03 22.08
N LEU M 19 -61.76 -19.21 22.53
CA LEU M 19 -60.80 -20.17 23.08
C LEU M 19 -59.85 -20.69 22.01
N ARG M 20 -60.34 -20.87 20.78
CA ARG M 20 -59.50 -21.45 19.73
C ARG M 20 -58.35 -20.52 19.37
N GLY M 21 -58.65 -19.25 19.11
CA GLY M 21 -57.59 -18.31 18.81
C GLY M 21 -56.68 -18.04 19.99
N TYR M 22 -57.24 -18.03 21.20
CA TYR M 22 -56.44 -17.84 22.40
C TYR M 22 -55.42 -18.97 22.56
N LEU M 23 -55.87 -20.21 22.40
CA LEU M 23 -54.95 -21.34 22.47
C LEU M 23 -53.96 -21.33 21.31
N ARG M 24 -54.40 -20.92 20.13
CA ARG M 24 -53.50 -20.86 18.98
C ARG M 24 -52.35 -19.88 19.23
N VAL M 25 -52.67 -18.69 19.74
CA VAL M 25 -51.61 -17.73 20.04
C VAL M 25 -50.79 -18.15 21.26
N LEU M 26 -51.40 -18.84 22.22
CA LEU M 26 -50.65 -19.35 23.36
C LEU M 26 -49.63 -20.41 22.96
N PHE M 27 -49.97 -21.28 22.03
CA PHE M 27 -49.06 -22.34 21.62
C PHE M 27 -48.12 -21.93 20.49
N ARG M 28 -48.47 -20.91 19.72
CA ARG M 28 -47.57 -20.46 18.65
C ARG M 28 -46.53 -19.46 19.15
N ALA M 29 -46.93 -18.56 20.04
CA ALA M 29 -46.06 -17.46 20.46
C ALA M 29 -45.74 -17.46 21.95
N ASN M 30 -46.36 -18.35 22.74
CA ASN M 30 -46.13 -18.41 24.19
C ASN M 30 -46.47 -17.09 24.87
N ASP M 31 -47.45 -16.37 24.33
CA ASP M 31 -47.85 -15.08 24.87
C ASP M 31 -49.28 -14.80 24.42
N VAL M 32 -50.08 -14.23 25.31
CA VAL M 32 -51.50 -14.01 25.05
C VAL M 32 -51.90 -12.54 25.22
N ARG M 33 -50.94 -11.63 25.17
CA ARG M 33 -51.26 -10.21 25.27
C ARG M 33 -52.01 -9.74 24.03
N VAL M 34 -52.95 -8.82 24.24
CA VAL M 34 -53.75 -8.24 23.16
C VAL M 34 -53.27 -6.81 22.95
N GLY M 35 -52.80 -6.51 21.74
CA GLY M 35 -52.35 -5.19 21.38
C GLY M 35 -53.20 -4.59 20.28
N THR M 36 -52.75 -3.44 19.80
CA THR M 36 -53.40 -2.72 18.70
C THR M 36 -52.72 -3.09 17.39
N LEU M 37 -53.52 -3.51 16.42
CA LEU M 37 -52.97 -3.92 15.12
C LEU M 37 -52.44 -2.69 14.38
N VAL M 38 -51.17 -2.76 13.97
CA VAL M 38 -50.54 -1.66 13.26
C VAL M 38 -50.57 -1.89 11.75
N GLY M 39 -50.37 -3.12 11.31
CA GLY M 39 -50.38 -3.41 9.90
C GLY M 39 -50.27 -4.89 9.65
N GLU M 40 -50.42 -5.24 8.37
CA GLU M 40 -50.32 -6.63 7.93
C GLU M 40 -49.45 -6.70 6.69
N ASP M 41 -48.57 -7.71 6.65
CA ASP M 41 -47.69 -7.95 5.54
C ASP M 41 -48.47 -8.47 4.33
N LYS M 42 -47.83 -8.40 3.16
CA LYS M 42 -48.34 -9.13 2.01
C LYS M 42 -48.03 -10.62 2.11
N TYR M 43 -47.12 -11.00 3.01
CA TYR M 43 -46.83 -12.40 3.31
C TYR M 43 -47.72 -12.96 4.41
N GLY M 44 -48.41 -12.12 5.16
CA GLY M 44 -49.34 -12.54 6.19
C GLY M 44 -48.94 -12.19 7.61
N ASN M 45 -47.75 -11.63 7.82
CA ASN M 45 -47.35 -11.25 9.16
C ASN M 45 -48.20 -10.08 9.67
N LYS M 46 -48.57 -10.13 10.94
CA LYS M 46 -49.35 -9.07 11.57
C LYS M 46 -48.50 -8.37 12.63
N TYR M 47 -48.68 -7.06 12.75
CA TYR M 47 -47.83 -6.25 13.62
C TYR M 47 -48.68 -5.54 14.66
N TYR M 48 -48.26 -5.62 15.92
CA TYR M 48 -49.03 -5.10 17.04
C TYR M 48 -48.15 -4.21 17.89
N GLU M 49 -48.78 -3.21 18.50
CA GLU M 49 -48.10 -2.32 19.43
C GLU M 49 -48.94 -2.13 20.68
N ASP M 50 -48.25 -1.89 21.79
CA ASP M 50 -48.90 -1.58 23.06
C ASP M 50 -47.93 -0.69 23.84
N ASN M 51 -48.13 0.62 23.78
CA ASN M 51 -47.17 1.57 24.32
C ASN M 51 -47.15 1.59 25.85
N LYS M 52 -48.08 0.91 26.52
CA LYS M 52 -48.02 0.83 27.97
C LYS M 52 -47.01 -0.21 28.44
N GLN M 53 -46.57 -1.11 27.58
CA GLN M 53 -45.53 -2.06 27.93
C GLN M 53 -44.18 -1.37 27.93
N PHE M 54 -43.24 -1.95 28.68
CA PHE M 54 -41.92 -1.34 28.74
C PHE M 54 -41.18 -1.55 27.43
N PHE M 55 -40.11 -0.76 27.24
CA PHE M 55 -39.36 -0.75 26.00
C PHE M 55 -38.81 -2.15 25.71
N GLY M 56 -39.11 -2.67 24.52
CA GLY M 56 -38.74 -4.01 24.11
C GLY M 56 -39.92 -4.95 23.94
N ARG M 57 -40.97 -4.78 24.75
CA ARG M 57 -42.19 -5.56 24.64
C ARG M 57 -43.35 -4.75 24.10
N HIS M 58 -43.14 -3.50 23.72
CA HIS M 58 -44.23 -2.64 23.27
C HIS M 58 -44.58 -2.84 21.80
N ARG M 59 -43.74 -3.53 21.04
CA ARG M 59 -44.05 -3.88 19.66
C ARG M 59 -43.75 -5.36 19.44
N TRP M 60 -44.60 -6.04 18.69
CA TRP M 60 -44.32 -7.43 18.36
C TRP M 60 -44.98 -7.79 17.04
N VAL M 61 -44.61 -8.97 16.54
CA VAL M 61 -45.13 -9.51 15.29
C VAL M 61 -45.68 -10.90 15.55
N ILE M 62 -46.82 -11.19 14.95
CA ILE M 62 -47.36 -12.55 14.85
C ILE M 62 -47.09 -13.01 13.43
N TYR M 63 -46.23 -14.02 13.29
CA TYR M 63 -45.80 -14.46 11.98
C TYR M 63 -46.91 -15.18 11.23
N THR M 64 -46.82 -15.12 9.90
CA THR M 64 -47.74 -15.85 9.06
C THR M 64 -47.51 -17.36 9.19
N THR M 65 -48.54 -18.13 8.84
CA THR M 65 -48.44 -19.58 8.86
C THR M 65 -47.95 -20.16 7.54
N GLU M 66 -47.73 -19.34 6.53
CA GLU M 66 -47.33 -19.84 5.21
C GLU M 66 -46.59 -18.74 4.48
N MET M 67 -45.26 -18.79 4.49
CA MET M 67 -44.43 -17.92 3.69
C MET M 67 -44.15 -18.64 2.37
N ASN M 68 -43.21 -18.10 1.58
CA ASN M 68 -43.06 -18.42 0.15
C ASN M 68 -43.44 -19.85 -0.21
N GLY M 69 -42.80 -20.84 0.41
CA GLY M 69 -43.16 -22.21 0.12
C GLY M 69 -43.32 -23.14 1.30
N ARG M 70 -42.90 -22.73 2.49
CA ARG M 70 -42.83 -23.63 3.62
C ARG M 70 -43.92 -23.33 4.63
N ASP M 71 -44.36 -24.38 5.32
CA ASP M 71 -45.35 -24.24 6.39
C ASP M 71 -44.67 -23.68 7.64
N THR M 72 -45.09 -22.48 8.06
CA THR M 72 -44.50 -21.80 9.20
C THR M 72 -45.45 -21.73 10.39
N PHE M 73 -46.35 -22.72 10.52
CA PHE M 73 -47.22 -22.75 11.69
C PHE M 73 -46.41 -22.92 12.97
N TRP M 74 -45.41 -23.79 12.95
CA TRP M 74 -44.51 -23.98 14.08
C TRP M 74 -43.12 -23.41 13.85
N ASP M 75 -42.60 -23.50 12.63
CA ASP M 75 -41.22 -23.10 12.33
C ASP M 75 -41.21 -21.66 11.85
N VAL M 76 -40.91 -20.73 12.76
CA VAL M 76 -40.79 -19.32 12.44
C VAL M 76 -39.41 -18.84 12.87
N ASP M 77 -38.89 -17.85 12.15
CA ASP M 77 -37.62 -17.25 12.50
C ASP M 77 -37.66 -15.77 12.17
N GLY M 78 -36.75 -15.02 12.78
CA GLY M 78 -36.75 -13.57 12.66
C GLY M 78 -36.42 -13.06 11.28
N SER M 79 -35.91 -13.91 10.40
CA SER M 79 -35.58 -13.50 9.04
C SER M 79 -36.77 -13.48 8.11
N MET M 80 -37.98 -13.73 8.62
CA MET M 80 -39.20 -13.66 7.81
C MET M 80 -39.78 -12.26 7.74
N VAL M 81 -39.20 -11.29 8.45
CA VAL M 81 -39.71 -9.92 8.48
C VAL M 81 -39.14 -9.17 7.27
N PRO M 82 -39.97 -8.54 6.45
CA PRO M 82 -39.46 -7.73 5.34
C PRO M 82 -38.78 -6.47 5.84
N PRO M 83 -37.91 -5.86 5.02
CA PRO M 83 -37.04 -4.77 5.53
C PRO M 83 -37.77 -3.58 6.12
N GLU M 84 -38.91 -3.16 5.57
CA GLU M 84 -39.59 -1.97 6.11
C GLU M 84 -40.15 -2.25 7.50
N TRP M 85 -40.88 -3.36 7.65
CA TRP M 85 -41.30 -3.78 8.98
C TRP M 85 -40.12 -4.17 9.85
N HIS M 86 -39.01 -4.58 9.25
CA HIS M 86 -37.80 -4.82 10.03
C HIS M 86 -37.30 -3.54 10.68
N ARG M 87 -37.31 -2.43 9.93
CA ARG M 87 -36.90 -1.15 10.49
C ARG M 87 -37.86 -0.69 11.56
N TRP M 88 -39.16 -0.89 11.36
CA TRP M 88 -40.11 -0.49 12.40
C TRP M 88 -39.97 -1.34 13.66
N LEU M 89 -39.81 -2.66 13.50
CA LEU M 89 -39.89 -3.59 14.62
C LEU M 89 -38.68 -3.49 15.54
N HIS M 90 -37.51 -3.18 15.00
CA HIS M 90 -36.30 -3.04 15.79
C HIS M 90 -36.13 -1.63 16.37
N CYS M 91 -37.16 -0.80 16.26
CA CYS M 91 -37.20 0.53 16.88
C CYS M 91 -36.12 1.45 16.32
N MET M 92 -35.69 1.21 15.08
CA MET M 92 -34.81 2.15 14.39
C MET M 92 -35.57 3.35 13.85
N THR M 93 -36.90 3.32 13.93
CA THR M 93 -37.74 4.45 13.58
C THR M 93 -39.04 4.33 14.37
N ASP M 94 -39.78 5.43 14.43
CA ASP M 94 -41.09 5.45 15.05
C ASP M 94 -42.24 5.30 14.07
N ASP M 95 -42.00 5.55 12.78
CA ASP M 95 -43.07 5.58 11.80
C ASP M 95 -43.19 4.24 11.09
N PRO M 96 -44.33 3.56 11.17
CA PRO M 96 -44.50 2.29 10.46
C PRO M 96 -44.55 2.51 8.95
N PRO M 97 -44.22 1.49 8.16
CA PRO M 97 -44.24 1.66 6.70
C PRO M 97 -45.63 1.97 6.14
N THR M 98 -46.69 1.70 6.90
CA THR M 98 -48.03 2.06 6.44
C THR M 98 -48.19 3.56 6.33
N THR M 99 -47.67 4.31 7.32
CA THR M 99 -47.77 5.76 7.29
C THR M 99 -46.54 6.41 6.64
N LYS M 100 -45.39 5.73 6.67
CA LYS M 100 -44.15 6.23 6.08
C LYS M 100 -43.62 5.17 5.15
N PRO M 101 -44.18 5.07 3.94
CA PRO M 101 -43.73 4.02 3.01
C PRO M 101 -42.32 4.27 2.52
N PRO M 102 -41.57 3.23 2.22
CA PRO M 102 -40.23 3.40 1.66
C PRO M 102 -40.28 3.88 0.21
N THR M 103 -39.16 4.45 -0.22
CA THR M 103 -39.04 4.90 -1.61
C THR M 103 -39.06 3.70 -2.55
N ALA M 104 -39.82 3.82 -3.63
CA ALA M 104 -39.96 2.74 -4.61
C ALA M 104 -38.81 2.80 -5.61
N ARG M 105 -38.22 1.63 -5.87
CA ARG M 105 -37.19 1.49 -6.89
C ARG M 105 -37.50 0.27 -7.74
N LYS M 106 -37.14 0.34 -9.02
CA LYS M 106 -37.43 -0.74 -9.95
C LYS M 106 -36.56 -1.97 -9.71
N TYR M 107 -35.49 -1.85 -8.94
CA TYR M 107 -34.58 -2.96 -8.68
C TYR M 107 -34.76 -3.59 -7.30
N ILE M 108 -35.52 -2.96 -6.41
CA ILE M 108 -35.81 -3.56 -5.11
C ILE M 108 -36.65 -4.82 -5.31
N TRP M 109 -36.31 -5.87 -4.56
CA TRP M 109 -37.06 -7.11 -4.60
C TRP M 109 -38.53 -6.86 -4.27
N THR M 110 -39.42 -7.45 -5.05
CA THR M 110 -40.85 -7.40 -4.75
C THR M 110 -41.30 -8.53 -3.84
N ASN M 111 -40.44 -9.50 -3.57
CA ASN M 111 -40.78 -10.65 -2.73
C ASN M 111 -39.61 -10.94 -1.81
N HIS M 112 -39.82 -10.72 -0.52
CA HIS M 112 -38.80 -11.01 0.49
C HIS M 112 -38.52 -12.50 0.56
N LYS M 113 -37.25 -12.84 0.76
CA LYS M 113 -36.82 -14.20 1.03
C LYS M 113 -36.26 -14.30 2.43
N PHE M 114 -36.59 -15.37 3.14
CA PHE M 114 -36.04 -15.60 4.46
C PHE M 114 -34.67 -16.26 4.32
N ASN M 115 -34.09 -16.68 5.44
CA ASN M 115 -32.79 -17.33 5.40
C ASN M 115 -32.97 -18.65 4.67
N VAL M 116 -32.12 -18.91 3.67
CA VAL M 116 -32.22 -20.12 2.87
C VAL M 116 -31.14 -21.17 3.14
N SER M 117 -30.37 -20.99 4.19
CA SER M 117 -29.31 -21.94 4.52
C SER M 117 -29.90 -23.31 4.86
N GLY M 118 -29.20 -24.36 4.45
CA GLY M 118 -29.68 -25.71 4.69
C GLY M 118 -30.69 -26.20 3.67
N THR M 119 -30.83 -25.44 2.60
CA THR M 119 -31.78 -25.76 1.52
C THR M 119 -31.06 -25.72 0.17
N PRO M 120 -31.70 -26.24 -0.87
CA PRO M 120 -31.19 -26.31 -2.25
C PRO M 120 -30.89 -24.92 -2.82
N GLN M 121 -31.71 -23.95 -2.46
CA GLN M 121 -31.55 -22.57 -2.89
C GLN M 121 -30.35 -21.86 -2.24
N GLN M 122 -29.75 -22.48 -1.23
CA GLN M 122 -28.66 -21.84 -0.51
C GLN M 122 -27.61 -21.27 -1.46
N TYR M 123 -26.91 -20.24 -0.99
CA TYR M 123 -25.87 -19.61 -1.78
C TYR M 123 -24.62 -20.48 -1.83
N VAL M 124 -24.05 -20.62 -3.02
CA VAL M 124 -22.81 -21.34 -3.24
C VAL M 124 -21.79 -20.36 -3.82
N PRO M 125 -20.64 -20.16 -3.18
CA PRO M 125 -19.67 -19.20 -3.72
C PRO M 125 -18.93 -19.73 -4.93
N TYR M 126 -18.52 -18.79 -5.79
CA TYR M 126 -17.74 -19.12 -6.98
C TYR M 126 -17.01 -17.87 -7.45
N SER M 127 -15.98 -18.10 -8.26
CA SER M 127 -15.19 -17.00 -8.81
C SER M 127 -15.93 -16.34 -9.96
N THR M 128 -15.95 -15.00 -9.96
CA THR M 128 -16.72 -14.24 -10.93
C THR M 128 -15.88 -13.70 -12.09
N THR M 129 -14.60 -14.07 -12.16
CA THR M 129 -13.73 -13.58 -13.22
C THR M 129 -13.52 -14.63 -14.31
N ARG M 130 -13.09 -14.16 -15.47
CA ARG M 130 -12.84 -15.03 -16.61
C ARG M 130 -11.45 -15.64 -16.52
N LYS M 131 -11.14 -16.50 -17.50
CA LYS M 131 -9.85 -17.17 -17.54
C LYS M 131 -8.73 -16.17 -17.84
N LYS M 132 -7.60 -16.33 -17.16
CA LYS M 132 -6.49 -15.37 -17.25
C LYS M 132 -5.55 -15.70 -18.40
N ILE M 133 -5.10 -16.95 -18.50
CA ILE M 133 -4.11 -17.38 -19.48
C ILE M 133 -4.81 -18.21 -20.54
N GLN M 134 -4.58 -17.86 -21.81
CA GLN M 134 -5.19 -18.56 -22.93
C GLN M 134 -4.17 -19.52 -23.54
N GLU M 135 -4.59 -20.78 -23.72
CA GLU M 135 -3.70 -21.81 -24.21
C GLU M 135 -3.69 -21.85 -25.74
N TRP M 136 -2.57 -22.32 -26.28
CA TRP M 136 -2.42 -22.49 -27.72
C TRP M 136 -3.21 -23.70 -28.19
N VAL M 137 -3.97 -23.54 -29.27
CA VAL M 137 -4.75 -24.62 -29.85
C VAL M 137 -3.96 -25.18 -31.04
N PRO M 138 -3.55 -26.45 -31.01
CA PRO M 138 -2.80 -27.00 -32.15
C PRO M 138 -3.68 -27.11 -33.37
N PRO M 139 -3.10 -27.10 -34.57
CA PRO M 139 -3.91 -27.23 -35.78
C PRO M 139 -4.55 -28.62 -35.88
N SER M 140 -5.69 -28.67 -36.57
CA SER M 140 -6.44 -29.90 -36.75
C SER M 140 -6.01 -30.69 -37.97
N THR M 141 -5.05 -30.18 -38.75
CA THR M 141 -4.62 -30.84 -39.97
C THR M 141 -3.28 -31.54 -39.77
N PRO M 142 -3.07 -32.69 -40.42
CA PRO M 142 -1.77 -33.36 -40.34
C PRO M 142 -0.64 -32.48 -40.85
N TYR M 143 0.56 -32.77 -40.38
CA TYR M 143 1.73 -31.94 -40.64
C TYR M 143 2.69 -32.52 -41.67
N LYS M 144 2.39 -33.69 -42.24
CA LYS M 144 3.26 -34.29 -43.25
C LYS M 144 2.45 -34.86 -44.40
N GLY N 1 -16.41 37.82 -21.18
CA GLY N 1 -16.67 36.56 -20.49
C GLY N 1 -16.05 35.37 -21.18
N ALA N 2 -16.86 34.35 -21.42
CA ALA N 2 -16.38 33.17 -22.12
C ALA N 2 -16.01 33.51 -23.56
N GLY N 3 -14.97 32.84 -24.06
CA GLY N 3 -14.50 33.13 -25.41
C GLY N 3 -15.52 32.78 -26.47
N GLY N 4 -16.12 31.59 -26.36
CA GLY N 4 -17.13 31.13 -27.28
C GLY N 4 -16.58 30.44 -28.52
N ALA N 5 -15.30 30.60 -28.82
CA ALA N 5 -14.67 29.97 -29.97
C ALA N 5 -13.81 28.81 -29.50
N LEU N 6 -13.97 27.66 -30.14
CA LEU N 6 -13.20 26.48 -29.78
C LEU N 6 -11.78 26.59 -30.29
N PHE N 7 -10.88 25.85 -29.64
CA PHE N 7 -9.49 25.75 -30.07
C PHE N 7 -9.15 24.32 -30.49
N VAL N 8 -10.15 23.61 -31.01
CA VAL N 8 -9.99 22.29 -31.62
C VAL N 8 -10.55 22.38 -33.02
N HIS N 9 -9.79 21.91 -34.00
CA HIS N 9 -10.23 21.91 -35.39
C HIS N 9 -10.85 20.56 -35.73
N ARG N 10 -12.06 20.60 -36.31
CA ARG N 10 -12.72 19.43 -36.84
C ARG N 10 -12.93 19.63 -38.33
N ASP N 11 -12.57 18.62 -39.12
CA ASP N 11 -12.64 18.74 -40.57
C ASP N 11 -14.09 18.94 -41.02
N THR N 12 -14.26 19.82 -41.99
CA THR N 12 -15.55 20.27 -42.49
C THR N 12 -15.46 20.41 -44.01
N PRO N 13 -16.58 20.22 -44.72
CA PRO N 13 -16.52 20.36 -46.19
C PRO N 13 -15.94 21.68 -46.67
N GLU N 14 -16.20 22.79 -45.98
CA GLU N 14 -15.56 24.05 -46.37
C GLU N 14 -14.35 24.40 -45.52
N ASN N 15 -13.86 23.48 -44.68
CA ASN N 15 -12.60 23.71 -43.96
C ASN N 15 -11.95 22.36 -43.70
N ASN N 16 -11.04 21.97 -44.59
CA ASN N 16 -10.34 20.69 -44.49
C ASN N 16 -9.00 20.86 -45.18
N PRO N 17 -8.07 19.92 -44.98
CA PRO N 17 -6.73 20.07 -45.60
C PRO N 17 -6.76 20.18 -47.11
N ASP N 18 -7.79 19.67 -47.76
CA ASP N 18 -7.89 19.72 -49.23
C ASP N 18 -8.63 20.96 -49.72
N THR N 19 -9.00 21.87 -48.83
CA THR N 19 -9.56 23.15 -49.26
C THR N 19 -8.51 23.89 -50.07
N PRO N 20 -8.86 24.40 -51.27
CA PRO N 20 -7.85 25.05 -52.10
C PRO N 20 -7.38 26.37 -51.51
N PHE N 21 -6.05 26.52 -51.41
CA PHE N 21 -5.45 27.81 -51.07
C PHE N 21 -4.07 27.85 -51.69
N ASP N 22 -3.72 29.01 -52.25
CA ASP N 22 -2.38 29.22 -52.79
C ASP N 22 -2.13 30.72 -52.88
N PHE N 23 -0.90 31.12 -52.54
CA PHE N 23 -0.51 32.51 -52.69
C PHE N 23 -0.44 32.90 -54.16
N THR N 24 -0.72 34.15 -54.45
CA THR N 24 -0.52 34.69 -55.78
C THR N 24 0.97 34.99 -55.99
N PRO N 25 1.41 35.10 -57.24
CA PRO N 25 2.82 35.46 -57.49
C PRO N 25 3.24 36.76 -56.83
N GLU N 26 2.37 37.77 -56.84
CA GLU N 26 2.66 39.02 -56.14
C GLU N 26 2.81 38.79 -54.64
N ASN N 27 1.91 38.00 -54.06
CA ASN N 27 2.03 37.66 -52.65
C ASN N 27 3.27 36.83 -52.39
N TYR N 28 3.70 36.02 -53.36
CA TYR N 28 4.95 35.29 -53.19
C TYR N 28 6.15 36.23 -53.16
N LYS N 29 6.14 37.27 -54.01
CA LYS N 29 7.18 38.28 -53.95
C LYS N 29 7.19 39.00 -52.60
N ARG N 30 6.00 39.34 -52.10
CA ARG N 30 5.90 39.97 -50.79
C ARG N 30 6.43 39.06 -49.69
N ILE N 31 6.13 37.76 -49.78
CA ILE N 31 6.64 36.78 -48.83
C ILE N 31 8.17 36.74 -48.89
N GLU N 32 8.74 36.76 -50.09
CA GLU N 32 10.18 36.77 -50.23
C GLU N 32 10.80 37.98 -49.55
N ALA N 33 10.19 39.15 -49.76
CA ALA N 33 10.69 40.36 -49.10
C ALA N 33 10.56 40.25 -47.58
N ILE N 34 9.47 39.64 -47.09
CA ILE N 34 9.28 39.48 -45.66
C ILE N 34 10.37 38.59 -45.07
N VAL N 35 10.63 37.46 -45.71
CA VAL N 35 11.64 36.53 -45.22
C VAL N 35 13.03 37.15 -45.27
N LYS N 36 13.28 38.04 -46.24
CA LYS N 36 14.60 38.64 -46.28
C LYS N 36 14.89 39.61 -45.11
N ASN N 37 14.00 39.82 -44.15
CA ASN N 37 14.22 40.77 -43.06
C ASN N 37 14.83 40.14 -41.82
N TYR N 38 15.10 38.85 -41.83
CA TYR N 38 15.56 38.11 -40.66
C TYR N 38 16.85 37.37 -40.97
N PRO N 39 17.63 37.04 -39.94
CA PRO N 39 18.88 36.32 -40.18
C PRO N 39 18.65 34.98 -40.86
N GLU N 40 19.64 34.55 -41.64
CA GLU N 40 19.47 33.40 -42.52
C GLU N 40 19.17 32.12 -41.76
N GLY N 41 19.63 32.00 -40.53
CA GLY N 41 19.34 30.81 -39.76
C GLY N 41 18.02 30.80 -39.03
N HIS N 42 17.23 31.88 -39.13
CA HIS N 42 15.98 32.01 -38.39
C HIS N 42 14.89 32.47 -39.35
N LYS N 43 14.27 31.51 -40.06
CA LYS N 43 13.17 31.81 -40.96
C LYS N 43 11.81 31.66 -40.30
N ALA N 44 11.72 30.99 -39.15
CA ALA N 44 10.45 30.89 -38.45
C ALA N 44 9.92 32.24 -37.96
N ALA N 45 10.80 33.23 -37.81
CA ALA N 45 10.38 34.56 -37.39
C ALA N 45 9.38 35.18 -38.36
N ALA N 46 9.34 34.72 -39.60
CA ALA N 46 8.41 35.22 -40.60
C ALA N 46 7.03 34.59 -40.49
N VAL N 47 6.78 33.76 -39.47
CA VAL N 47 5.49 33.08 -39.36
C VAL N 47 4.37 34.08 -39.14
N LEU N 48 4.57 35.05 -38.23
CA LEU N 48 3.52 36.01 -37.94
C LEU N 48 3.14 36.87 -39.15
N PRO N 49 4.07 37.47 -39.90
CA PRO N 49 3.63 38.27 -41.05
C PRO N 49 3.01 37.44 -42.16
N VAL N 50 3.68 36.35 -42.58
CA VAL N 50 3.21 35.57 -43.72
C VAL N 50 1.80 35.05 -43.47
N LEU N 51 1.56 34.48 -42.28
CA LEU N 51 0.21 34.07 -41.91
C LEU N 51 -0.77 35.22 -42.11
N ASP N 52 -0.43 36.41 -41.58
CA ASP N 52 -1.28 37.57 -41.78
C ASP N 52 -1.54 37.81 -43.26
N LEU N 53 -0.48 37.75 -44.08
CA LEU N 53 -0.65 37.92 -45.52
C LEU N 53 -1.68 36.96 -46.07
N ALA N 54 -1.61 35.69 -45.65
CA ALA N 54 -2.59 34.72 -46.14
C ALA N 54 -4.00 35.18 -45.84
N GLN N 55 -4.24 35.67 -44.62
CA GLN N 55 -5.56 36.16 -44.28
C GLN N 55 -5.93 37.36 -45.14
N ARG N 56 -4.98 38.27 -45.36
CA ARG N 56 -5.25 39.43 -46.19
C ARG N 56 -5.60 39.03 -47.62
N GLN N 57 -5.21 37.82 -48.02
CA GLN N 57 -5.57 37.35 -49.36
C GLN N 57 -6.87 36.57 -49.32
N ASN N 58 -7.17 35.91 -48.20
CA ASN N 58 -8.29 34.99 -48.15
C ASN N 58 -9.48 35.53 -47.35
N GLY N 59 -9.24 36.45 -46.43
CA GLY N 59 -10.29 36.95 -45.58
C GLY N 59 -10.31 36.26 -44.24
N TRP N 60 -9.93 34.98 -44.25
CA TRP N 60 -9.83 34.19 -43.03
C TRP N 60 -8.73 33.14 -43.26
N LEU N 61 -8.55 32.26 -42.29
CA LEU N 61 -7.46 31.29 -42.32
C LEU N 61 -7.98 29.87 -42.21
N PRO N 62 -8.26 29.19 -43.32
CA PRO N 62 -8.54 27.76 -43.26
C PRO N 62 -7.30 26.98 -42.82
N ILE N 63 -7.53 25.73 -42.42
CA ILE N 63 -6.41 24.87 -42.02
C ILE N 63 -5.45 24.67 -43.19
N SER N 64 -5.97 24.75 -44.43
CA SER N 64 -5.12 24.65 -45.60
C SER N 64 -4.13 25.82 -45.67
N ALA N 65 -4.56 27.03 -45.31
CA ALA N 65 -3.66 28.17 -45.31
C ALA N 65 -2.55 27.99 -44.28
N MET N 66 -2.88 27.49 -43.09
CA MET N 66 -1.86 27.23 -42.08
C MET N 66 -0.88 26.17 -42.56
N ASN N 67 -1.38 25.11 -43.20
CA ASN N 67 -0.50 24.08 -43.72
C ASN N 67 0.41 24.63 -44.82
N LYS N 68 -0.12 25.51 -45.68
CA LYS N 68 0.69 26.11 -46.73
C LYS N 68 1.78 26.99 -46.14
N VAL N 69 1.44 27.79 -45.12
CA VAL N 69 2.43 28.63 -44.47
C VAL N 69 3.52 27.79 -43.82
N ALA N 70 3.12 26.69 -43.17
CA ALA N 70 4.10 25.80 -42.55
C ALA N 70 5.02 25.18 -43.58
N GLU N 71 4.46 24.75 -44.73
CA GLU N 71 5.29 24.16 -45.78
C GLU N 71 6.26 25.19 -46.36
N ILE N 72 5.79 26.42 -46.59
CA ILE N 72 6.62 27.44 -47.21
C ILE N 72 7.83 27.76 -46.35
N LEU N 73 7.62 27.90 -45.04
CA LEU N 73 8.67 28.32 -44.11
C LEU N 73 9.40 27.16 -43.46
N GLN N 74 9.10 25.91 -43.83
CA GLN N 74 9.77 24.72 -43.31
C GLN N 74 9.57 24.58 -41.81
N VAL N 75 8.47 25.14 -41.31
CA VAL N 75 8.12 25.07 -39.89
C VAL N 75 7.12 23.94 -39.71
N PRO N 76 7.19 23.18 -38.61
CA PRO N 76 6.17 22.15 -38.36
C PRO N 76 4.79 22.78 -38.24
N PRO N 77 3.76 22.11 -38.74
CA PRO N 77 2.41 22.70 -38.73
C PRO N 77 1.88 23.03 -37.35
N MET N 78 2.29 22.28 -36.31
CA MET N 78 1.78 22.55 -34.98
C MET N 78 2.21 23.92 -34.47
N ARG N 79 3.41 24.36 -34.82
CA ARG N 79 3.85 25.71 -34.44
C ARG N 79 2.97 26.78 -35.08
N VAL N 80 2.63 26.59 -36.36
CA VAL N 80 1.75 27.52 -37.05
C VAL N 80 0.36 27.52 -36.42
N TYR N 81 -0.14 26.34 -36.05
CA TYR N 81 -1.43 26.25 -35.37
C TYR N 81 -1.38 26.99 -34.03
N GLU N 82 -0.28 26.84 -33.30
CA GLU N 82 -0.11 27.55 -32.04
C GLU N 82 -0.19 29.06 -32.24
N VAL N 83 0.53 29.57 -33.23
CA VAL N 83 0.51 31.00 -33.50
C VAL N 83 -0.88 31.45 -33.93
N ALA N 84 -1.54 30.66 -34.77
CA ALA N 84 -2.87 31.04 -35.26
C ALA N 84 -3.90 31.07 -34.16
N THR N 85 -3.77 30.20 -33.16
CA THR N 85 -4.74 30.20 -32.06
C THR N 85 -4.37 31.16 -30.94
N PHE N 86 -3.10 31.57 -30.83
CA PHE N 86 -2.71 32.47 -29.76
C PHE N 86 -3.14 33.91 -30.02
N TYR N 87 -3.05 34.36 -31.26
CA TYR N 87 -3.25 35.76 -31.60
C TYR N 87 -4.68 35.99 -32.07
N THR N 88 -5.32 37.02 -31.50
CA THR N 88 -6.76 37.21 -31.67
C THR N 88 -7.14 37.87 -32.99
N MET N 89 -6.19 38.45 -33.71
CA MET N 89 -6.50 39.08 -34.99
C MET N 89 -6.65 38.07 -36.12
N TYR N 90 -6.27 36.80 -35.90
CA TYR N 90 -6.38 35.77 -36.91
C TYR N 90 -7.80 35.21 -36.91
N ASN N 91 -8.39 35.10 -38.09
CA ASN N 91 -9.75 34.60 -38.25
C ASN N 91 -9.69 33.15 -38.72
N ARG N 92 -9.98 32.23 -37.80
CA ARG N 92 -10.09 30.82 -38.14
C ARG N 92 -11.50 30.43 -38.53
N LYS N 93 -12.30 31.39 -38.97
CA LYS N 93 -13.67 31.24 -39.44
C LYS N 93 -14.00 32.42 -40.32
N PRO N 94 -14.81 32.24 -41.35
CA PRO N 94 -15.15 33.36 -42.23
C PRO N 94 -15.85 34.48 -41.47
N VAL N 95 -15.55 35.71 -41.88
CA VAL N 95 -16.17 36.91 -41.32
C VAL N 95 -16.77 37.72 -42.45
N GLY N 96 -17.55 38.72 -42.08
CA GLY N 96 -18.17 39.58 -43.08
C GLY N 96 -17.16 40.43 -43.80
N LYS N 97 -17.65 41.15 -44.82
CA LYS N 97 -16.80 42.06 -45.57
C LYS N 97 -16.19 43.12 -44.68
N TYR N 98 -16.96 43.64 -43.74
CA TYR N 98 -16.50 44.63 -42.78
C TYR N 98 -16.57 44.05 -41.38
N HIS N 99 -15.44 43.97 -40.71
CA HIS N 99 -15.35 43.44 -39.36
C HIS N 99 -15.41 44.60 -38.38
N ILE N 100 -16.50 44.68 -37.63
CA ILE N 100 -16.74 45.80 -36.72
C ILE N 100 -16.28 45.36 -35.33
N GLN N 101 -15.41 46.17 -34.72
CA GLN N 101 -14.84 45.88 -33.41
C GLN N 101 -15.06 47.08 -32.51
N VAL N 102 -15.78 46.88 -31.42
CA VAL N 102 -16.13 47.95 -30.49
C VAL N 102 -15.36 47.75 -29.20
N CYS N 103 -14.51 48.71 -28.86
CA CYS N 103 -13.80 48.67 -27.59
C CYS N 103 -14.76 48.89 -26.44
N THR N 104 -14.70 48.00 -25.43
CA THR N 104 -15.60 48.06 -24.29
C THR N 104 -14.85 48.11 -22.96
N THR N 105 -13.54 48.39 -22.99
CA THR N 105 -12.77 48.46 -21.77
C THR N 105 -13.11 49.74 -21.01
N THR N 106 -12.63 49.82 -19.77
CA THR N 106 -13.09 50.86 -18.85
C THR N 106 -12.96 52.28 -19.37
N PRO N 107 -11.85 52.72 -19.98
CA PRO N 107 -11.83 54.10 -20.48
C PRO N 107 -12.91 54.38 -21.53
N CYS N 108 -13.17 53.44 -22.43
CA CYS N 108 -14.24 53.63 -23.41
C CYS N 108 -15.61 53.38 -22.78
N MET N 109 -15.68 52.47 -21.83
CA MET N 109 -16.94 52.20 -21.14
C MET N 109 -17.41 53.41 -20.35
N LEU N 110 -16.47 54.20 -19.83
CA LEU N 110 -16.86 55.39 -19.07
C LEU N 110 -17.50 56.44 -19.96
N ARG N 111 -17.16 56.46 -21.23
CA ARG N 111 -17.72 57.43 -22.18
C ARG N 111 -18.80 56.80 -23.05
N ASN N 112 -19.55 55.86 -22.46
CA ASN N 112 -20.78 55.34 -23.06
C ASN N 112 -20.53 54.61 -24.38
N SER N 113 -19.67 53.58 -24.35
CA SER N 113 -19.55 52.70 -25.50
C SER N 113 -20.75 51.78 -25.63
N ASP N 114 -21.54 51.64 -24.58
CA ASP N 114 -22.75 50.82 -24.63
C ASP N 114 -23.76 51.39 -25.61
N SER N 115 -23.86 52.72 -25.70
CA SER N 115 -24.75 53.32 -26.69
C SER N 115 -24.32 52.97 -28.10
N ILE N 116 -23.01 52.98 -28.37
CA ILE N 116 -22.52 52.61 -29.70
C ILE N 116 -22.82 51.15 -29.99
N LEU N 117 -22.60 50.26 -29.01
CA LEU N 117 -22.90 48.85 -29.20
C LEU N 117 -24.38 48.63 -29.49
N GLU N 118 -25.25 49.29 -28.72
CA GLU N 118 -26.68 49.14 -28.92
C GLU N 118 -27.13 49.72 -30.26
N ALA N 119 -26.56 50.85 -30.68
CA ALA N 119 -26.91 51.43 -31.97
C ALA N 119 -26.51 50.51 -33.12
N ILE N 120 -25.31 49.91 -33.02
CA ILE N 120 -24.89 48.97 -34.05
C ILE N 120 -25.81 47.75 -34.08
N GLN N 121 -26.15 47.24 -32.90
CA GLN N 121 -27.05 46.08 -32.82
C GLN N 121 -28.42 46.39 -33.44
N LYS N 122 -28.96 47.56 -33.13
CA LYS N 122 -30.26 47.95 -33.67
C LYS N 122 -30.21 48.16 -35.18
N LYS N 123 -29.13 48.79 -35.66
CA LYS N 123 -29.01 49.06 -37.09
C LYS N 123 -28.83 47.79 -37.90
N LEU N 124 -28.08 46.83 -37.39
CA LEU N 124 -27.79 45.62 -38.15
C LEU N 124 -28.67 44.43 -37.79
N GLY N 125 -29.41 44.55 -36.70
CA GLY N 125 -30.31 43.51 -36.24
C GLY N 125 -29.64 42.19 -35.93
N ILE N 126 -28.42 42.26 -35.38
CA ILE N 126 -27.67 41.06 -35.02
C ILE N 126 -26.98 41.19 -33.67
N LYS N 127 -26.79 40.05 -33.02
CA LYS N 127 -26.13 39.99 -31.72
C LYS N 127 -24.63 40.14 -31.86
N VAL N 128 -23.97 40.51 -30.77
CA VAL N 128 -22.51 40.63 -30.81
C VAL N 128 -21.95 39.24 -31.10
N GLY N 129 -20.94 39.17 -31.95
CA GLY N 129 -20.34 37.90 -32.32
C GLY N 129 -21.12 37.14 -33.38
N GLU N 130 -22.09 37.81 -34.00
CA GLU N 130 -22.91 37.21 -35.05
C GLU N 130 -22.70 37.94 -36.37
N THR N 131 -22.80 37.20 -37.47
CA THR N 131 -22.63 37.78 -38.80
C THR N 131 -23.94 37.87 -39.56
N THR N 132 -24.23 39.06 -40.08
CA THR N 132 -25.45 39.30 -40.86
C THR N 132 -25.61 38.29 -42.00
N PRO N 133 -26.86 38.06 -42.42
CA PRO N 133 -27.26 37.14 -43.50
C PRO N 133 -26.62 37.54 -44.83
N ASP N 134 -26.54 38.85 -45.06
CA ASP N 134 -25.90 39.42 -46.24
C ASP N 134 -24.40 39.11 -46.27
N LYS N 135 -23.80 39.10 -45.07
CA LYS N 135 -22.39 38.81 -44.71
C LYS N 135 -21.39 39.96 -44.84
N LEU N 136 -21.87 41.14 -45.19
CA LEU N 136 -21.00 42.31 -45.26
C LEU N 136 -20.46 42.72 -43.89
N PHE N 137 -21.30 42.62 -42.86
CA PHE N 137 -20.91 43.04 -41.51
C PHE N 137 -20.82 41.95 -40.43
N THR N 138 -19.72 41.98 -39.68
CA THR N 138 -19.49 41.07 -38.55
C THR N 138 -19.20 41.94 -37.34
N LEU N 139 -19.83 41.64 -36.20
CA LEU N 139 -19.65 42.45 -35.00
C LEU N 139 -19.08 41.70 -33.80
N ILE N 140 -18.07 42.28 -33.16
CA ILE N 140 -17.46 41.67 -31.97
C ILE N 140 -17.03 42.78 -31.02
N GLU N 141 -16.80 42.38 -29.76
CA GLU N 141 -16.27 43.26 -28.74
C GLU N 141 -14.78 43.00 -28.58
N VAL N 142 -13.99 44.08 -28.55
CA VAL N 142 -12.54 43.97 -28.40
C VAL N 142 -12.12 44.71 -27.14
N GLU N 143 -10.88 44.45 -26.72
CA GLU N 143 -10.28 45.19 -25.61
C GLU N 143 -9.75 46.52 -26.10
N CYS N 144 -9.00 47.23 -25.27
CA CYS N 144 -8.53 48.58 -25.55
C CYS N 144 -7.73 48.59 -26.85
N LEU N 145 -8.10 49.49 -27.76
CA LEU N 145 -7.47 49.59 -29.06
C LEU N 145 -6.41 50.69 -29.13
N GLY N 146 -6.09 51.34 -28.01
CA GLY N 146 -5.07 52.35 -28.00
C GLY N 146 -5.51 53.73 -28.41
N ALA N 147 -6.82 54.01 -28.39
CA ALA N 147 -7.35 55.33 -28.71
C ALA N 147 -8.33 55.79 -27.63
N CYS N 148 -7.93 55.66 -26.37
CA CYS N 148 -8.85 55.91 -25.27
C CYS N 148 -9.19 57.38 -25.13
N VAL N 149 -8.29 58.26 -25.58
CA VAL N 149 -8.55 59.69 -25.55
C VAL N 149 -9.77 60.03 -26.42
N ASN N 150 -9.86 59.42 -27.60
CA ASN N 150 -11.01 59.57 -28.48
C ASN N 150 -11.94 58.38 -28.26
N ALA N 151 -12.82 58.50 -27.26
CA ALA N 151 -13.74 57.43 -26.90
C ALA N 151 -15.16 57.97 -26.94
N PRO N 152 -16.15 57.12 -27.24
CA PRO N 152 -16.05 55.70 -27.62
C PRO N 152 -15.59 55.55 -29.07
N MET N 153 -14.85 54.50 -29.40
CA MET N 153 -14.26 54.32 -30.72
C MET N 153 -14.57 52.95 -31.27
N VAL N 154 -14.34 52.78 -32.57
CA VAL N 154 -14.65 51.55 -33.30
C VAL N 154 -13.56 51.32 -34.33
N GLN N 155 -13.24 50.05 -34.58
CA GLN N 155 -12.32 49.68 -35.66
C GLN N 155 -13.07 48.83 -36.67
N ILE N 156 -13.04 49.26 -37.94
CA ILE N 156 -13.60 48.52 -39.04
C ILE N 156 -12.53 48.35 -40.11
N ASN N 157 -12.14 47.12 -40.37
CA ASN N 157 -11.16 46.78 -41.40
C ASN N 157 -9.92 47.67 -41.29
N ASP N 158 -9.24 47.54 -40.16
CA ASP N 158 -8.04 48.32 -39.81
C ASP N 158 -8.21 49.82 -40.04
N ASN N 159 -9.44 50.32 -39.89
CA ASN N 159 -9.69 51.75 -39.88
C ASN N 159 -10.31 52.15 -38.55
N TYR N 160 -9.88 53.29 -38.03
CA TYR N 160 -10.31 53.79 -36.73
C TYR N 160 -11.33 54.91 -36.91
N TYR N 161 -12.50 54.76 -36.27
CA TYR N 161 -13.53 55.79 -36.26
C TYR N 161 -13.78 56.17 -34.80
N GLU N 162 -13.58 57.45 -34.47
CA GLU N 162 -13.46 57.91 -33.09
C GLU N 162 -14.50 58.96 -32.76
N ASP N 163 -14.63 59.25 -31.46
CA ASP N 163 -15.59 60.21 -30.93
C ASP N 163 -17.00 59.92 -31.42
N LEU N 164 -17.39 58.66 -31.33
CA LEU N 164 -18.63 58.20 -31.95
C LEU N 164 -19.83 58.52 -31.08
N THR N 165 -20.89 58.97 -31.73
CA THR N 165 -22.24 59.01 -31.21
C THR N 165 -23.07 57.98 -31.98
N PRO N 166 -24.23 57.59 -31.47
CA PRO N 166 -25.06 56.62 -32.23
C PRO N 166 -25.36 57.07 -33.65
N LYS N 167 -25.64 58.36 -33.86
CA LYS N 167 -25.88 58.85 -35.21
C LYS N 167 -24.63 58.69 -36.08
N ASP N 168 -23.45 58.95 -35.52
CA ASP N 168 -22.21 58.84 -36.29
C ASP N 168 -22.01 57.41 -36.78
N ILE N 169 -22.19 56.43 -35.90
CA ILE N 169 -22.00 55.04 -36.31
C ILE N 169 -23.11 54.60 -37.26
N GLU N 170 -24.32 55.14 -37.10
CA GLU N 170 -25.39 54.83 -38.05
C GLU N 170 -25.03 55.32 -39.45
N GLU N 171 -24.52 56.55 -39.56
CA GLU N 171 -24.10 57.06 -40.86
C GLU N 171 -22.90 56.28 -41.42
N ILE N 172 -21.97 55.88 -40.55
CA ILE N 172 -20.83 55.09 -41.00
C ILE N 172 -21.31 53.77 -41.60
N ILE N 173 -22.23 53.09 -40.92
CA ILE N 173 -22.76 51.84 -41.43
C ILE N 173 -23.53 52.06 -42.74
N ASP N 174 -24.32 53.13 -42.78
CA ASP N 174 -25.11 53.41 -43.98
C ASP N 174 -24.22 53.63 -45.20
N GLU N 175 -23.15 54.42 -45.04
CA GLU N 175 -22.29 54.65 -46.19
C GLU N 175 -21.30 53.52 -46.42
N LEU N 176 -21.12 52.62 -45.45
CA LEU N 176 -20.32 51.43 -45.70
C LEU N 176 -21.10 50.42 -46.54
N LYS N 177 -22.39 50.24 -46.23
CA LYS N 177 -23.19 49.30 -47.01
C LYS N 177 -23.69 49.90 -48.32
N ALA N 178 -23.47 51.19 -48.56
CA ALA N 178 -23.78 51.82 -49.82
C ALA N 178 -22.60 51.83 -50.78
N GLY N 179 -21.49 51.20 -50.40
CA GLY N 179 -20.31 51.12 -51.24
C GLY N 179 -19.36 52.28 -51.14
N LYS N 180 -19.55 53.18 -50.19
CA LYS N 180 -18.69 54.35 -50.00
C LYS N 180 -17.65 54.05 -48.92
N ILE N 181 -16.60 54.87 -48.91
CA ILE N 181 -15.56 54.77 -47.90
C ILE N 181 -15.73 55.90 -46.90
N PRO N 182 -16.14 55.62 -45.66
CA PRO N 182 -16.25 56.69 -44.67
C PRO N 182 -14.88 57.23 -44.28
N LYS N 183 -14.87 58.49 -43.86
CA LYS N 183 -13.64 59.13 -43.42
C LYS N 183 -13.24 58.58 -42.05
N PRO N 184 -12.06 57.99 -41.90
CA PRO N 184 -11.67 57.46 -40.59
C PRO N 184 -11.22 58.58 -39.65
N GLY N 185 -11.34 58.30 -38.36
CA GLY N 185 -10.90 59.23 -37.35
C GLY N 185 -12.02 59.73 -36.48
N PRO N 186 -11.78 60.84 -35.77
CA PRO N 186 -12.81 61.42 -34.92
C PRO N 186 -13.92 62.08 -35.73
N ARG N 187 -15.08 62.21 -35.09
CA ARG N 187 -16.27 62.83 -35.68
C ARG N 187 -16.82 63.91 -34.76
N SER N 188 -15.94 64.81 -34.31
CA SER N 188 -16.36 65.92 -33.47
C SER N 188 -15.64 67.21 -33.81
N GLY N 189 -15.25 67.41 -35.07
CA GLY N 189 -14.46 68.58 -35.43
C GLY N 189 -13.13 68.64 -34.71
N ARG N 190 -12.52 67.49 -34.48
CA ARG N 190 -11.31 67.35 -33.68
C ARG N 190 -10.16 66.74 -34.47
N PHE N 191 -10.40 65.62 -35.17
CA PHE N 191 -9.48 64.98 -36.12
C PHE N 191 -8.10 64.66 -35.54
N SER N 192 -7.93 64.68 -34.23
CA SER N 192 -6.69 64.24 -33.58
C SER N 192 -6.94 64.14 -32.08
N CYS N 193 -5.87 64.02 -31.31
CA CYS N 193 -5.93 63.87 -29.86
C CYS N 193 -5.80 65.19 -29.11
N GLU N 194 -6.04 66.32 -29.76
CA GLU N 194 -5.96 67.60 -29.08
C GLU N 194 -7.23 67.83 -28.25
N PRO N 195 -7.19 68.80 -27.33
CA PRO N 195 -8.42 69.15 -26.60
C PRO N 195 -9.51 69.62 -27.54
N ALA N 196 -10.76 69.35 -27.15
CA ALA N 196 -11.90 69.60 -28.03
C ALA N 196 -12.02 71.08 -28.39
N GLY N 197 -11.59 71.97 -27.51
CA GLY N 197 -11.65 73.39 -27.81
C GLY N 197 -10.60 74.20 -27.09
N GLY N 198 -9.81 74.97 -27.85
CA GLY N 198 -8.85 75.87 -27.25
C GLY N 198 -7.41 75.68 -27.69
N LEU N 199 -6.98 74.43 -27.88
CA LEU N 199 -5.59 74.10 -28.17
C LEU N 199 -4.66 74.70 -27.11
N THR N 200 -4.80 74.15 -25.90
CA THR N 200 -4.10 74.66 -24.72
C THR N 200 -2.58 74.57 -24.85
N SER N 201 -2.05 73.76 -25.75
CA SER N 201 -0.61 73.59 -25.87
C SER N 201 -0.21 73.67 -27.34
N LEU N 202 1.06 74.03 -27.56
CA LEU N 202 1.67 74.03 -28.89
C LEU N 202 0.97 75.01 -29.84
N THR N 203 0.87 76.27 -29.41
CA THR N 203 0.28 77.30 -30.25
C THR N 203 1.33 78.15 -30.94
N GLU N 204 2.46 78.39 -30.29
CA GLU N 204 3.53 79.15 -30.91
C GLU N 204 4.20 78.31 -32.00
N PRO N 205 4.68 78.94 -33.06
CA PRO N 205 5.28 78.20 -34.16
C PRO N 205 6.50 77.41 -33.71
N PRO N 206 6.70 76.21 -34.24
CA PRO N 206 7.90 75.44 -33.89
C PRO N 206 9.16 76.11 -34.41
N LYS N 207 10.28 75.81 -33.75
CA LYS N 207 11.53 76.47 -34.04
C LYS N 207 12.44 75.57 -34.88
N GLY N 208 13.52 76.15 -35.40
CA GLY N 208 14.30 75.55 -36.46
C GLY N 208 15.30 74.51 -36.01
N PRO N 209 16.18 74.10 -36.92
CA PRO N 209 17.14 73.02 -36.64
C PRO N 209 18.11 73.30 -35.50
N GLY N 210 18.70 74.48 -35.48
CA GLY N 210 19.72 74.77 -34.48
C GLY N 210 19.27 75.68 -33.37
N PHE N 211 18.06 75.46 -32.85
CA PHE N 211 17.50 76.35 -31.84
C PHE N 211 18.32 76.33 -30.55
N GLY N 212 18.37 75.18 -29.88
CA GLY N 212 19.01 75.10 -28.58
C GLY N 212 20.09 74.04 -28.50
N VAL N 213 20.86 73.87 -29.57
CA VAL N 213 21.93 72.89 -29.57
C VAL N 213 23.06 73.38 -28.67
N GLN N 214 23.69 72.44 -27.96
CA GLN N 214 24.75 72.79 -27.04
C GLN N 214 26.02 73.18 -27.81
N ALA N 215 26.98 73.74 -27.09
CA ALA N 215 28.26 74.07 -27.66
C ALA N 215 29.12 72.82 -27.77
N GLY N 216 30.17 72.91 -28.59
CA GLY N 216 31.06 71.80 -28.80
C GLY N 216 30.38 70.60 -29.44
N LEU N 217 29.55 70.86 -30.44
CA LEU N 217 28.81 69.80 -31.11
C LEU N 217 28.64 70.12 -32.60
N THR O 1 -2.09 28.37 15.61
CA THR O 1 -1.19 27.64 16.49
C THR O 1 -1.91 27.14 17.73
N ARG O 2 -2.98 27.84 18.10
CA ARG O 2 -3.67 27.57 19.35
C ARG O 2 -4.49 26.29 19.35
N PRO O 3 -5.57 26.19 18.54
CA PRO O 3 -6.60 25.19 18.84
C PRO O 3 -6.21 23.75 18.56
N THR O 4 -5.56 23.49 17.42
CA THR O 4 -5.29 22.13 16.99
C THR O 4 -3.94 21.59 17.43
N ILE O 5 -3.06 22.43 17.99
CA ILE O 5 -1.70 22.05 18.30
C ILE O 5 -1.59 21.76 19.80
N ARG O 6 -0.92 20.65 20.13
CA ARG O 6 -0.74 20.27 21.52
C ARG O 6 0.16 21.27 22.24
N PRO O 7 -0.27 21.82 23.38
CA PRO O 7 0.59 22.75 24.11
C PRO O 7 1.76 22.02 24.78
N ARG O 8 2.85 22.74 24.96
CA ARG O 8 4.06 22.20 25.56
C ARG O 8 4.26 22.81 26.94
N ASN O 9 4.91 22.04 27.82
CA ASN O 9 5.15 22.46 29.20
C ASN O 9 6.66 22.56 29.41
N ASP O 10 7.14 23.73 29.81
CA ASP O 10 8.58 23.97 29.86
C ASP O 10 9.13 23.73 31.27
N VAL O 11 8.29 23.86 32.30
CA VAL O 11 8.73 23.60 33.66
C VAL O 11 9.12 22.13 33.81
N VAL O 12 8.27 21.22 33.31
CA VAL O 12 8.56 19.80 33.40
C VAL O 12 9.79 19.46 32.55
N HIS O 13 9.92 20.11 31.39
CA HIS O 13 11.10 19.88 30.55
C HIS O 13 12.38 20.26 31.29
N LYS O 14 12.39 21.43 31.93
CA LYS O 14 13.56 21.85 32.70
C LYS O 14 13.85 20.89 33.85
N GLN O 15 12.81 20.48 34.57
CA GLN O 15 13.01 19.60 35.71
C GLN O 15 13.57 18.25 35.27
N LEU O 16 13.02 17.69 34.18
CA LEU O 16 13.50 16.41 33.68
C LEU O 16 14.92 16.51 33.17
N SER O 17 15.28 17.62 32.52
CA SER O 17 16.65 17.81 32.08
C SER O 17 17.61 17.87 33.26
N ALA O 18 17.23 18.59 34.32
CA ALA O 18 18.07 18.68 35.50
C ALA O 18 18.25 17.31 36.16
N PHE O 19 17.17 16.53 36.25
CA PHE O 19 17.31 15.20 36.85
C PHE O 19 18.13 14.26 35.98
N GLY O 20 18.03 14.39 34.66
CA GLY O 20 18.87 13.61 33.78
C GLY O 20 20.34 13.93 33.96
N GLN O 21 20.67 15.22 34.08
CA GLN O 21 22.04 15.61 34.40
C GLN O 21 22.47 15.04 35.74
N TYR O 22 21.58 15.07 36.73
CA TYR O 22 21.87 14.53 38.05
C TYR O 22 22.24 13.05 37.98
N VAL O 23 21.42 12.25 37.30
CA VAL O 23 21.67 10.83 37.19
C VAL O 23 22.96 10.57 36.42
N ALA O 24 23.20 11.33 35.35
CA ALA O 24 24.43 11.15 34.60
C ALA O 24 25.66 11.49 35.43
N GLU O 25 25.57 12.53 36.27
CA GLU O 25 26.69 12.88 37.13
C GLU O 25 26.97 11.80 38.16
N ILE O 26 25.92 11.21 38.73
CA ILE O 26 26.13 10.24 39.80
C ILE O 26 26.72 8.94 39.27
N LEU O 27 26.38 8.54 38.04
CA LEU O 27 26.77 7.24 37.50
C LEU O 27 27.48 7.41 36.17
N PRO O 28 28.71 7.95 36.17
CA PRO O 28 29.44 8.11 34.91
C PRO O 28 29.97 6.80 34.34
N LYS O 29 30.02 5.73 35.15
CA LYS O 29 30.57 4.47 34.67
C LYS O 29 29.67 3.78 33.65
N TYR O 30 28.36 3.97 33.74
CA TYR O 30 27.41 3.24 32.91
C TYR O 30 26.59 4.13 31.98
N VAL O 31 26.39 5.40 32.30
CA VAL O 31 25.49 6.24 31.53
C VAL O 31 26.22 6.70 30.27
N GLN O 32 25.68 6.33 29.11
CA GLN O 32 26.21 6.77 27.83
C GLN O 32 25.50 8.00 27.28
N GLN O 33 24.21 8.15 27.55
CA GLN O 33 23.50 9.30 27.00
C GLN O 33 22.27 9.60 27.85
N VAL O 34 21.80 10.84 27.78
CA VAL O 34 20.55 11.26 28.41
C VAL O 34 19.78 12.12 27.41
N GLN O 35 18.48 11.88 27.30
CA GLN O 35 17.65 12.65 26.39
C GLN O 35 16.33 13.01 27.05
N VAL O 36 15.80 14.17 26.66
CA VAL O 36 14.46 14.60 27.05
C VAL O 36 13.69 14.87 25.77
N SER O 37 12.62 14.10 25.54
CA SER O 37 11.79 14.32 24.37
C SER O 37 10.97 15.60 24.55
N CYS O 38 10.46 16.11 23.42
CA CYS O 38 9.78 17.40 23.45
C CYS O 38 8.35 17.29 23.96
N PHE O 39 7.82 16.08 24.14
CA PHE O 39 6.62 15.87 24.93
C PHE O 39 6.94 15.42 26.35
N ASN O 40 8.12 15.80 26.85
CA ASN O 40 8.48 15.70 28.27
C ASN O 40 8.57 14.26 28.75
N GLU O 41 9.39 13.46 28.07
CA GLU O 41 9.74 12.12 28.53
C GLU O 41 11.25 12.00 28.59
N LEU O 42 11.76 11.47 29.70
CA LEU O 42 13.19 11.41 29.96
C LEU O 42 13.70 9.98 29.81
N GLU O 43 14.73 9.82 28.98
CA GLU O 43 15.36 8.53 28.75
C GLU O 43 16.86 8.60 29.04
N ILE O 44 17.40 7.47 29.50
CA ILE O 44 18.79 7.33 29.87
C ILE O 44 19.33 6.08 29.18
N PHE O 45 20.34 6.26 28.33
CA PHE O 45 20.95 5.18 27.57
C PHE O 45 22.21 4.74 28.29
N ILE O 46 22.30 3.45 28.65
CA ILE O 46 23.37 2.95 29.49
C ILE O 46 24.05 1.75 28.84
N HIS O 47 25.27 1.49 29.30
CA HIS O 47 25.95 0.25 28.96
C HIS O 47 25.24 -0.93 29.63
N PRO O 48 25.21 -2.09 28.97
CA PRO O 48 24.48 -3.24 29.57
C PRO O 48 24.97 -3.64 30.95
N ASP O 49 26.27 -3.54 31.20
CA ASP O 49 26.84 -3.95 32.48
C ASP O 49 26.24 -3.20 33.65
N GLY O 50 25.65 -2.04 33.41
CA GLY O 50 25.07 -1.25 34.48
C GLY O 50 23.58 -1.42 34.64
N VAL O 51 23.02 -2.51 34.12
CA VAL O 51 21.58 -2.73 34.26
C VAL O 51 21.19 -2.80 35.74
N ILE O 52 21.93 -3.58 36.52
CA ILE O 52 21.58 -3.79 37.93
C ILE O 52 21.90 -2.57 38.77
N PRO O 53 23.11 -1.99 38.72
CA PRO O 53 23.36 -0.79 39.54
C PRO O 53 22.39 0.35 39.25
N VAL O 54 22.29 0.80 38.00
CA VAL O 54 21.45 1.95 37.67
C VAL O 54 20.04 1.76 38.20
N LEU O 55 19.40 0.65 37.80
CA LEU O 55 18.05 0.36 38.28
C LEU O 55 17.99 0.43 39.80
N THR O 56 18.94 -0.23 40.48
CA THR O 56 18.94 -0.21 41.94
C THR O 56 19.00 1.22 42.46
N PHE O 57 19.90 2.04 41.90
CA PHE O 57 19.96 3.43 42.28
C PHE O 57 18.60 4.09 42.12
N LEU O 58 17.98 3.91 40.95
CA LEU O 58 16.71 4.56 40.69
C LEU O 58 15.62 4.06 41.62
N ARG O 59 15.66 2.78 41.97
CA ARG O 59 14.70 2.24 42.92
C ARG O 59 14.85 2.72 44.36
N ASP O 60 16.09 2.73 44.85
CA ASP O 60 16.37 3.09 46.24
C ASP O 60 16.88 4.48 46.59
N HIS O 61 17.27 5.28 45.60
CA HIS O 61 17.77 6.61 45.93
C HIS O 61 16.67 7.47 46.55
N THR O 62 17.04 8.26 47.55
CA THR O 62 16.08 9.13 48.23
C THR O 62 15.48 10.15 47.27
N ASN O 63 16.31 10.70 46.39
CA ASN O 63 15.85 11.68 45.42
C ASN O 63 15.24 11.08 44.14
N ALA O 64 15.29 9.76 44.00
CA ALA O 64 14.71 9.15 42.80
C ALA O 64 13.47 8.34 43.13
N GLN O 65 13.59 7.31 43.99
CA GLN O 65 12.46 6.54 44.50
C GLN O 65 11.53 6.04 43.40
N PHE O 66 12.10 5.53 42.31
CA PHE O 66 11.32 4.89 41.25
C PHE O 66 11.07 3.45 41.67
N LYS O 67 9.99 3.25 42.43
CA LYS O 67 9.73 1.97 43.08
C LYS O 67 8.75 1.09 42.33
N SER O 68 8.27 1.51 41.17
CA SER O 68 7.35 0.73 40.36
C SER O 68 7.93 0.54 38.97
N LEU O 69 7.97 -0.72 38.52
CA LEU O 69 8.37 -1.03 37.15
C LEU O 69 7.10 -1.20 36.33
N ALA O 70 6.79 -0.18 35.52
CA ALA O 70 5.56 -0.20 34.73
C ALA O 70 5.63 -1.22 33.60
N ASP O 71 6.76 -1.27 32.89
CA ASP O 71 6.84 -2.14 31.72
C ASP O 71 8.31 -2.44 31.41
N LEU O 72 8.53 -3.60 30.79
CA LEU O 72 9.85 -4.02 30.34
C LEU O 72 9.69 -4.82 29.06
N THR O 73 10.22 -4.30 27.96
CA THR O 73 10.05 -4.92 26.66
C THR O 73 11.31 -4.73 25.83
N ALA O 74 11.30 -5.31 24.63
CA ALA O 74 12.44 -5.26 23.73
C ALA O 74 11.99 -4.74 22.37
N VAL O 75 12.93 -4.17 21.63
CA VAL O 75 12.72 -3.70 20.26
C VAL O 75 13.83 -4.30 19.40
N ASP O 76 13.46 -4.77 18.21
CA ASP O 76 14.39 -5.43 17.30
C ASP O 76 14.69 -4.52 16.11
N VAL O 77 15.96 -4.14 15.97
CA VAL O 77 16.43 -3.33 14.84
C VAL O 77 17.54 -4.11 14.15
N PRO O 78 17.23 -4.83 13.07
CA PRO O 78 18.24 -5.70 12.44
C PRO O 78 19.46 -4.97 11.90
N THR O 79 19.35 -3.70 11.51
CA THR O 79 20.49 -3.00 10.93
C THR O 79 21.60 -2.70 11.94
N ARG O 80 21.34 -2.88 13.23
CA ARG O 80 22.33 -2.64 14.26
C ARG O 80 23.13 -3.91 14.54
N GLN O 81 24.41 -3.71 14.87
CA GLN O 81 25.24 -4.84 15.27
C GLN O 81 24.71 -5.49 16.54
N ASN O 82 24.24 -4.68 17.49
CA ASN O 82 23.50 -5.18 18.64
C ASN O 82 22.02 -5.08 18.29
N ARG O 83 21.42 -6.23 18.00
CA ARG O 83 20.09 -6.27 17.39
C ARG O 83 19.01 -5.73 18.30
N PHE O 84 19.06 -6.06 19.59
CA PHE O 84 17.93 -5.92 20.49
C PHE O 84 18.13 -4.75 21.43
N GLU O 85 17.04 -3.99 21.63
CA GLU O 85 17.02 -2.82 22.50
C GLU O 85 16.11 -3.12 23.68
N ILE O 86 16.68 -3.06 24.89
CA ILE O 86 15.95 -3.40 26.11
C ILE O 86 15.53 -2.11 26.80
N VAL O 87 14.23 -2.01 27.10
CA VAL O 87 13.60 -0.78 27.56
C VAL O 87 12.92 -1.04 28.89
N TYR O 88 13.29 -0.28 29.91
CA TYR O 88 12.65 -0.29 31.22
C TYR O 88 11.89 1.01 31.41
N ASN O 89 10.61 0.91 31.78
CA ASN O 89 9.81 2.08 32.13
C ASN O 89 9.56 2.05 33.62
N LEU O 90 9.97 3.12 34.32
CA LEU O 90 9.87 3.20 35.77
C LEU O 90 9.01 4.38 36.17
N LEU O 91 8.28 4.21 37.27
CA LEU O 91 7.38 5.24 37.79
C LEU O 91 7.75 5.52 39.24
N SER O 92 7.89 6.80 39.57
CA SER O 92 8.10 7.26 40.94
C SER O 92 6.82 7.89 41.45
N LEU O 93 6.21 7.25 42.45
CA LEU O 93 5.01 7.78 43.09
C LEU O 93 5.34 8.92 44.05
N ARG O 94 6.52 8.89 44.67
CA ARG O 94 6.90 9.97 45.59
C ARG O 94 6.99 11.31 44.86
N PHE O 95 7.61 11.33 43.69
CA PHE O 95 7.80 12.55 42.93
C PHE O 95 6.89 12.63 41.70
N ASN O 96 5.97 11.67 41.54
CA ASN O 96 4.98 11.69 40.47
C ASN O 96 5.64 11.84 39.10
N SER O 97 6.63 10.99 38.83
CA SER O 97 7.45 11.13 37.63
C SER O 97 7.62 9.77 36.96
N ARG O 98 8.08 9.82 35.71
CA ARG O 98 8.37 8.62 34.94
C ARG O 98 9.75 8.75 34.31
N ILE O 99 10.43 7.61 34.16
CA ILE O 99 11.76 7.59 33.56
C ILE O 99 11.88 6.33 32.69
N ARG O 100 12.73 6.42 31.67
CA ARG O 100 12.98 5.31 30.78
C ARG O 100 14.46 5.01 30.75
N VAL O 101 14.81 3.73 30.83
CA VAL O 101 16.20 3.28 30.83
C VAL O 101 16.37 2.31 29.68
N LYS O 102 17.38 2.54 28.84
CA LYS O 102 17.58 1.75 27.64
C LYS O 102 18.99 1.16 27.61
N THR O 103 19.07 -0.07 27.09
CA THR O 103 20.35 -0.72 26.84
C THR O 103 20.19 -1.60 25.60
N TYR O 104 21.25 -2.35 25.27
CA TYR O 104 21.27 -3.12 24.03
C TYR O 104 21.93 -4.47 24.26
N THR O 105 21.61 -5.41 23.37
CA THR O 105 22.22 -6.72 23.37
C THR O 105 22.10 -7.33 21.97
N ASP O 106 22.80 -8.43 21.76
CA ASP O 106 22.69 -9.20 20.53
C ASP O 106 22.18 -10.61 20.87
N GLU O 107 22.19 -11.49 19.87
CA GLU O 107 21.60 -12.81 20.04
C GLU O 107 22.37 -13.68 21.03
N LEU O 108 23.67 -13.47 21.17
CA LEU O 108 24.52 -14.37 21.95
C LEU O 108 25.02 -13.77 23.26
N THR O 109 24.56 -12.57 23.63
CA THR O 109 25.02 -11.91 24.84
C THR O 109 23.92 -11.90 25.88
N PRO O 110 24.12 -12.53 27.03
CA PRO O 110 23.11 -12.48 28.09
C PRO O 110 23.02 -11.09 28.73
N ILE O 111 21.83 -10.79 29.23
CA ILE O 111 21.58 -9.60 30.04
C ILE O 111 21.25 -10.07 31.45
N GLU O 112 21.82 -9.39 32.45
CA GLU O 112 21.55 -9.76 33.84
C GLU O 112 20.07 -9.57 34.16
N SER O 113 19.49 -10.57 34.82
CA SER O 113 18.11 -10.49 35.25
C SER O 113 17.96 -9.45 36.35
N SER O 114 16.89 -8.66 36.28
CA SER O 114 16.61 -7.63 37.27
C SER O 114 15.48 -8.03 38.22
N VAL O 115 15.30 -9.32 38.45
CA VAL O 115 14.24 -9.79 39.36
C VAL O 115 14.57 -9.43 40.80
N THR O 116 15.86 -9.36 41.13
CA THR O 116 16.26 -8.98 42.48
C THR O 116 15.88 -7.54 42.79
N VAL O 117 15.83 -6.69 41.75
CA VAL O 117 15.43 -5.30 41.96
C VAL O 117 13.91 -5.17 41.95
N TYR O 118 13.27 -5.66 40.90
CA TYR O 118 11.82 -5.62 40.77
C TYR O 118 11.29 -7.03 40.58
N LYS O 119 10.32 -7.42 41.42
CA LYS O 119 9.67 -8.71 41.25
C LYS O 119 8.91 -8.77 39.93
N ALA O 120 8.30 -7.65 39.53
CA ALA O 120 7.48 -7.61 38.33
C ALA O 120 8.26 -8.04 37.09
N ALA O 121 9.59 -7.88 37.11
CA ALA O 121 10.41 -8.26 35.97
C ALA O 121 10.29 -9.74 35.62
N ASN O 122 9.93 -10.59 36.59
CA ASN O 122 10.03 -12.04 36.41
C ASN O 122 9.33 -12.50 35.13
N TRP O 123 8.07 -12.10 34.95
CA TRP O 123 7.35 -12.52 33.76
C TRP O 123 7.82 -11.75 32.53
N TYR O 124 8.11 -10.46 32.69
CA TYR O 124 8.46 -9.64 31.53
C TYR O 124 9.67 -10.20 30.82
N GLU O 125 10.73 -10.52 31.58
CA GLU O 125 11.92 -11.11 30.98
C GLU O 125 11.57 -12.40 30.26
N ARG O 126 10.72 -13.23 30.88
CA ARG O 126 10.27 -14.45 30.21
C ARG O 126 9.68 -14.13 28.86
N GLU O 127 8.80 -13.11 28.81
CA GLU O 127 8.22 -12.72 27.53
C GLU O 127 9.29 -12.30 26.55
N ILE O 128 10.27 -11.50 27.01
CA ILE O 128 11.34 -11.08 26.13
C ILE O 128 12.11 -12.30 25.63
N TRP O 129 12.30 -13.30 26.49
CA TRP O 129 12.99 -14.51 26.04
C TRP O 129 12.14 -15.24 25.00
N ASP O 130 10.83 -15.25 25.18
CA ASP O 130 9.96 -16.02 24.30
C ASP O 130 9.85 -15.36 22.93
N MET O 131 9.73 -14.02 22.91
CA MET O 131 9.40 -13.33 21.67
C MET O 131 10.64 -12.90 20.89
N PHE O 132 11.76 -12.67 21.56
CA PHE O 132 12.96 -12.18 20.90
C PHE O 132 14.17 -13.08 21.03
N GLY O 133 14.19 -14.00 21.98
CA GLY O 133 15.33 -14.88 22.15
C GLY O 133 16.48 -14.31 22.94
N VAL O 134 16.23 -13.30 23.77
CA VAL O 134 17.26 -12.71 24.61
C VAL O 134 17.31 -13.48 25.93
N PHE O 135 18.49 -13.98 26.28
CA PHE O 135 18.66 -14.79 27.48
C PHE O 135 18.98 -13.89 28.66
N PHE O 136 18.39 -14.19 29.81
CA PHE O 136 18.61 -13.46 31.05
C PHE O 136 19.31 -14.37 32.04
N ALA O 137 20.46 -13.93 32.54
CA ALA O 137 21.23 -14.74 33.47
C ALA O 137 20.68 -14.61 34.88
N ASN O 138 20.80 -15.70 35.64
CA ASN O 138 20.33 -15.78 37.03
C ASN O 138 18.82 -15.56 37.14
N HIS O 139 18.09 -15.88 36.09
CA HIS O 139 16.63 -15.85 36.20
C HIS O 139 16.14 -17.05 37.01
N PRO O 140 15.27 -16.84 37.99
CA PRO O 140 14.81 -17.97 38.82
C PRO O 140 14.17 -19.10 38.03
N ASP O 141 13.37 -18.78 37.01
CA ASP O 141 12.71 -19.82 36.21
C ASP O 141 12.41 -19.22 34.84
N LEU O 142 13.29 -19.48 33.88
CA LEU O 142 13.19 -18.90 32.54
C LEU O 142 12.71 -19.96 31.57
N ARG O 143 11.58 -19.69 30.91
CA ARG O 143 11.00 -20.60 29.94
C ARG O 143 9.95 -19.82 29.16
N ARG O 144 9.39 -20.47 28.14
CA ARG O 144 8.37 -19.82 27.32
C ARG O 144 7.12 -19.52 28.15
N ILE O 145 6.46 -18.41 27.80
CA ILE O 145 5.26 -17.97 28.50
C ILE O 145 4.08 -17.81 27.55
N LEU O 146 4.30 -17.28 26.34
CA LEU O 146 3.22 -16.97 25.41
C LEU O 146 3.02 -18.01 24.31
N THR O 147 4.10 -18.60 23.79
CA THR O 147 3.98 -19.48 22.64
C THR O 147 3.51 -20.88 23.05
N ASP O 148 3.12 -21.66 22.04
CA ASP O 148 2.72 -23.04 22.24
C ASP O 148 3.91 -23.88 22.69
N TYR O 149 3.62 -24.98 23.39
CA TYR O 149 4.66 -25.89 23.85
C TYR O 149 5.45 -26.42 22.66
N GLY O 150 6.78 -26.36 22.77
CA GLY O 150 7.64 -26.81 21.71
C GLY O 150 7.75 -25.90 20.50
N PHE O 151 7.20 -24.69 20.58
CA PHE O 151 7.26 -23.76 19.45
C PHE O 151 8.71 -23.37 19.17
N GLU O 152 9.05 -23.33 17.89
CA GLU O 152 10.41 -23.06 17.45
C GLU O 152 10.49 -21.67 16.83
N GLY O 153 11.49 -20.90 17.25
CA GLY O 153 11.67 -19.54 16.78
C GLY O 153 11.19 -18.50 17.78
N HIS O 154 11.42 -17.25 17.43
CA HIS O 154 11.03 -16.11 18.25
C HIS O 154 10.20 -15.16 17.39
N PRO O 155 8.87 -15.19 17.51
CA PRO O 155 8.02 -14.57 16.48
C PRO O 155 8.12 -13.06 16.37
N PHE O 156 8.59 -12.35 17.40
CA PHE O 156 8.62 -10.89 17.34
C PHE O 156 9.87 -10.35 16.66
N ARG O 157 10.77 -11.21 16.20
CA ARG O 157 11.89 -10.77 15.40
C ARG O 157 11.40 -10.30 14.03
N LYS O 158 12.09 -9.32 13.47
CA LYS O 158 11.66 -8.72 12.21
C LYS O 158 11.74 -9.74 11.07
N ASP O 159 12.66 -10.69 11.14
CA ASP O 159 12.82 -11.64 10.04
C ASP O 159 11.92 -12.86 10.21
N PHE O 160 11.18 -12.94 11.30
CA PHE O 160 10.21 -14.02 11.44
C PHE O 160 8.96 -13.70 10.61
N PRO O 161 8.48 -14.64 9.80
CA PRO O 161 7.31 -14.36 8.96
C PRO O 161 6.05 -14.19 9.79
N LEU O 162 5.11 -13.41 9.24
CA LEU O 162 3.90 -13.05 9.98
C LEU O 162 3.04 -14.28 10.30
N SER O 163 2.87 -15.17 9.33
CA SER O 163 2.06 -16.36 9.54
C SER O 163 2.87 -17.56 10.04
N GLY O 164 4.17 -17.39 10.24
CA GLY O 164 4.99 -18.47 10.77
C GLY O 164 5.31 -19.52 9.73
N TYR O 165 5.77 -20.67 10.24
CA TYR O 165 6.18 -21.78 9.39
C TYR O 165 5.27 -23.00 9.49
N VAL O 166 4.49 -23.13 10.56
CA VAL O 166 3.66 -24.31 10.77
C VAL O 166 2.24 -23.90 11.13
N GLU O 167 1.31 -24.80 10.84
CA GLU O 167 -0.11 -24.63 11.11
C GLU O 167 -0.66 -25.96 11.61
N LEU O 168 -1.76 -25.87 12.36
CA LEU O 168 -2.30 -27.01 13.08
C LEU O 168 -3.64 -27.45 12.49
N ARG O 169 -3.91 -28.75 12.57
CA ARG O 169 -5.21 -29.28 12.17
C ARG O 169 -5.44 -30.58 12.92
N TYR O 170 -6.64 -31.13 12.79
CA TYR O 170 -6.96 -32.42 13.38
C TYR O 170 -6.89 -33.50 12.31
N ASP O 171 -6.14 -34.56 12.58
CA ASP O 171 -6.00 -35.69 11.67
C ASP O 171 -6.72 -36.88 12.27
N ASP O 172 -7.55 -37.53 11.45
CA ASP O 172 -8.37 -38.65 11.89
C ASP O 172 -7.62 -39.97 11.81
N GLU O 173 -6.61 -40.09 10.93
CA GLU O 173 -5.83 -41.31 10.86
C GLU O 173 -5.07 -41.54 12.16
N VAL O 174 -4.42 -40.49 12.69
CA VAL O 174 -3.73 -40.61 13.98
C VAL O 174 -4.61 -40.15 15.13
N LYS O 175 -5.79 -39.60 14.86
CA LYS O 175 -6.77 -39.22 15.87
C LYS O 175 -6.20 -38.19 16.84
N ARG O 176 -5.59 -37.14 16.29
CA ARG O 176 -4.95 -36.14 17.14
C ARG O 176 -4.66 -34.89 16.32
N VAL O 177 -4.29 -33.82 17.00
CA VAL O 177 -3.88 -32.57 16.36
C VAL O 177 -2.45 -32.74 15.86
N VAL O 178 -2.21 -32.33 14.61
CA VAL O 178 -0.91 -32.42 13.99
C VAL O 178 -0.53 -31.06 13.40
N ALA O 179 0.77 -30.89 13.21
CA ALA O 179 1.36 -29.67 12.66
C ALA O 179 1.95 -29.95 11.30
N GLU O 180 1.80 -29.00 10.38
CA GLU O 180 2.25 -29.14 9.01
C GLU O 180 2.76 -27.79 8.53
N PRO O 181 3.54 -27.77 7.44
CA PRO O 181 3.97 -26.48 6.88
C PRO O 181 2.78 -25.63 6.46
N VAL O 182 2.92 -24.31 6.65
CA VAL O 182 1.81 -23.39 6.39
C VAL O 182 1.47 -23.38 4.91
N GLU O 183 0.17 -23.46 4.61
CA GLU O 183 -0.36 -23.24 3.28
C GLU O 183 -1.58 -22.35 3.41
N LEU O 184 -1.60 -21.24 2.67
CA LEU O 184 -2.65 -20.24 2.79
C LEU O 184 -3.49 -20.23 1.51
N ALA O 185 -4.81 -20.36 1.68
CA ALA O 185 -5.72 -20.28 0.53
C ALA O 185 -5.66 -18.90 -0.12
N GLN O 186 -5.59 -17.84 0.69
CA GLN O 186 -5.33 -16.51 0.19
C GLN O 186 -4.07 -15.98 0.86
N GLU O 187 -3.05 -15.72 0.06
CA GLU O 187 -1.83 -15.11 0.57
C GLU O 187 -2.12 -13.70 1.10
N PHE O 188 -1.50 -13.37 2.23
CA PHE O 188 -1.57 -12.01 2.73
C PHE O 188 -0.96 -11.06 1.71
N ARG O 189 -1.64 -9.95 1.46
CA ARG O 189 -1.27 -9.05 0.38
C ARG O 189 -0.45 -7.89 0.94
N LYS O 190 0.81 -7.81 0.53
CA LYS O 190 1.71 -6.75 0.97
C LYS O 190 1.36 -5.44 0.30
N PHE O 191 1.24 -4.38 1.08
CA PHE O 191 0.94 -3.05 0.58
C PHE O 191 2.17 -2.17 0.65
N ASP O 192 2.45 -1.46 -0.43
CA ASP O 192 3.55 -0.50 -0.49
C ASP O 192 2.91 0.88 -0.33
N LEU O 193 3.05 1.46 0.86
CA LEU O 193 2.28 2.63 1.23
C LEU O 193 3.08 3.92 1.30
N ASN O 194 4.38 3.84 1.56
CA ASN O 194 5.17 5.05 1.81
C ASN O 194 5.16 5.99 0.61
N SER O 195 4.94 7.27 0.89
CA SER O 195 5.00 8.28 -0.16
C SER O 195 6.45 8.53 -0.57
N PRO O 196 6.70 8.78 -1.86
CA PRO O 196 8.06 9.13 -2.31
C PRO O 196 8.48 10.55 -1.98
N TRP O 197 7.65 11.34 -1.31
CA TRP O 197 7.99 12.69 -0.91
C TRP O 197 8.19 12.76 0.60
N GLU O 198 9.23 13.48 1.02
CA GLU O 198 9.55 13.57 2.43
C GLU O 198 8.48 14.35 3.19
N ALA O 199 8.13 13.85 4.38
CA ALA O 199 7.08 14.44 5.19
C ALA O 199 7.60 15.42 6.23
N PHE O 200 8.70 15.10 6.92
CA PHE O 200 9.16 15.87 8.07
C PHE O 200 10.58 16.38 7.85
N PRO O 201 10.75 17.65 7.45
CA PRO O 201 12.12 18.18 7.24
C PRO O 201 12.97 18.21 8.49
N ALA O 202 12.36 18.31 9.67
CA ALA O 202 13.11 18.39 10.92
C ALA O 202 13.87 17.11 11.23
N TYR O 203 13.55 16.00 10.57
CA TYR O 203 14.20 14.72 10.80
C TYR O 203 15.04 14.27 9.62
N ARG O 204 15.32 15.17 8.67
CA ARG O 204 16.11 14.80 7.51
C ARG O 204 17.52 14.39 7.92
N GLN O 205 18.00 13.33 7.30
CA GLN O 205 19.33 12.78 7.56
C GLN O 205 20.33 13.32 6.55
N PRO O 206 21.58 13.50 6.98
CA PRO O 206 22.61 13.96 6.04
C PRO O 206 22.78 12.96 4.91
N PRO O 207 23.13 13.44 3.71
CA PRO O 207 23.22 12.57 2.54
C PRO O 207 24.44 11.66 2.52
N GLU O 208 25.16 11.52 3.63
CA GLU O 208 26.30 10.61 3.76
C GLU O 208 27.42 10.98 2.80
N SER P 1 4.32 -37.04 47.86
CA SER P 1 4.30 -35.92 46.93
C SER P 1 2.95 -35.20 46.95
N ASN P 2 2.93 -33.98 46.42
CA ASN P 2 1.69 -33.23 46.34
C ASN P 2 0.89 -33.65 45.11
N LEU P 3 -0.41 -33.43 45.17
CA LEU P 3 -1.29 -33.72 44.05
C LEU P 3 -1.25 -32.56 43.05
N THR P 4 -1.08 -32.88 41.78
CA THR P 4 -0.99 -31.89 40.72
C THR P 4 -2.30 -31.86 39.96
N LEU P 5 -2.88 -30.67 39.83
CA LEU P 5 -4.22 -30.51 39.27
C LEU P 5 -4.23 -29.43 38.20
N ASN P 6 -4.95 -29.69 37.12
CA ASN P 6 -5.18 -28.72 36.05
C ASN P 6 -6.48 -27.98 36.34
N PHE P 7 -6.37 -26.71 36.69
CA PHE P 7 -7.52 -25.82 36.90
C PHE P 7 -7.68 -25.01 35.62
N GLY P 8 -8.69 -25.37 34.84
CA GLY P 8 -8.87 -24.78 33.53
C GLY P 8 -7.97 -25.44 32.50
N PRO P 9 -8.04 -24.98 31.25
CA PRO P 9 -8.81 -23.85 30.74
C PRO P 9 -10.32 -24.08 30.71
N GLN P 10 -10.78 -25.32 30.53
CA GLN P 10 -12.21 -25.61 30.52
C GLN P 10 -12.70 -25.77 31.95
N HIS P 11 -12.92 -24.63 32.60
CA HIS P 11 -13.34 -24.56 33.99
C HIS P 11 -14.20 -23.31 34.15
N PRO P 12 -15.32 -23.39 34.87
CA PRO P 12 -16.15 -22.20 35.06
C PRO P 12 -15.44 -21.04 35.74
N ALA P 13 -14.49 -21.32 36.63
CA ALA P 13 -13.84 -20.28 37.41
C ALA P 13 -12.49 -19.86 36.84
N ALA P 14 -12.15 -20.32 35.64
CA ALA P 14 -10.87 -19.98 35.04
C ALA P 14 -10.88 -18.65 34.29
N HIS P 15 -12.02 -17.96 34.25
CA HIS P 15 -12.12 -16.63 33.62
C HIS P 15 -11.67 -16.67 32.17
N GLY P 16 -12.05 -17.72 31.45
CA GLY P 16 -11.65 -17.86 30.06
C GLY P 16 -10.68 -19.00 29.83
N VAL P 17 -9.51 -18.68 29.30
CA VAL P 17 -8.51 -19.67 28.92
C VAL P 17 -7.30 -19.48 29.83
N LEU P 18 -7.20 -20.33 30.85
CA LEU P 18 -6.11 -20.26 31.82
C LEU P 18 -5.81 -21.67 32.30
N ARG P 19 -4.54 -22.06 32.27
CA ARG P 19 -4.15 -23.38 32.76
C ARG P 19 -3.41 -23.22 34.07
N LEU P 20 -4.15 -23.20 35.17
CA LEU P 20 -3.55 -23.09 36.49
C LEU P 20 -3.11 -24.48 36.93
N VAL P 21 -1.82 -24.74 36.90
CA VAL P 21 -1.28 -25.99 37.43
C VAL P 21 -1.04 -25.81 38.91
N MET P 22 -1.84 -26.47 39.74
CA MET P 22 -1.72 -26.33 41.18
C MET P 22 -1.12 -27.58 41.80
N GLU P 23 -0.22 -27.35 42.74
CA GLU P 23 0.33 -28.37 43.63
C GLU P 23 -0.39 -28.22 44.96
N LEU P 24 -1.09 -29.28 45.38
CA LEU P 24 -1.97 -29.25 46.54
C LEU P 24 -1.60 -30.35 47.53
N SER P 25 -1.70 -30.03 48.81
CA SER P 25 -1.64 -31.01 49.89
C SER P 25 -3.03 -31.08 50.51
N GLY P 26 -3.78 -32.13 50.17
CA GLY P 26 -5.20 -32.10 50.45
C GLY P 26 -5.84 -31.02 49.60
N GLU P 27 -6.54 -30.08 50.25
CA GLU P 27 -7.06 -28.92 49.56
C GLU P 27 -6.24 -27.66 49.85
N MET P 28 -5.21 -27.77 50.68
CA MET P 28 -4.25 -26.68 50.84
C MET P 28 -3.46 -26.49 49.56
N VAL P 29 -3.28 -25.23 49.17
CA VAL P 29 -2.59 -24.90 47.92
C VAL P 29 -1.11 -24.69 48.25
N ARG P 30 -0.27 -25.61 47.80
CA ARG P 30 1.17 -25.48 47.98
C ARG P 30 1.82 -24.62 46.92
N LYS P 31 1.35 -24.69 45.68
CA LYS P 31 1.96 -23.90 44.62
C LYS P 31 0.95 -23.65 43.49
N CYS P 32 0.99 -22.44 42.94
CA CYS P 32 0.22 -22.08 41.76
C CYS P 32 1.17 -21.76 40.62
N ASP P 33 0.96 -22.37 39.47
CA ASP P 33 1.74 -22.11 38.26
C ASP P 33 0.77 -21.75 37.15
N PRO P 34 0.55 -20.47 36.89
CA PRO P 34 -0.36 -20.07 35.80
C PRO P 34 0.31 -20.27 34.45
N HIS P 35 -0.37 -20.98 33.56
CA HIS P 35 0.07 -21.13 32.18
C HIS P 35 -0.89 -20.36 31.30
N ILE P 36 -0.32 -19.40 30.56
CA ILE P 36 -1.08 -18.47 29.72
C ILE P 36 -0.59 -18.63 28.30
N GLY P 37 -1.09 -17.80 27.40
CA GLY P 37 -0.83 -17.94 25.98
C GLY P 37 -1.87 -18.72 25.24
N LEU P 38 -2.86 -19.27 25.94
CA LEU P 38 -3.99 -19.92 25.28
C LEU P 38 -4.86 -18.93 24.51
N LEU P 39 -4.67 -17.63 24.72
CA LEU P 39 -5.31 -16.59 23.92
C LEU P 39 -4.28 -15.61 23.37
N HIS P 40 -3.06 -16.08 23.13
CA HIS P 40 -2.05 -15.23 22.50
C HIS P 40 -2.23 -15.25 21.00
N 2MR P 41 -2.57 -14.10 20.42
CA 2MR P 41 -2.93 -14.04 19.02
CB 2MR P 41 -4.26 -13.31 18.75
CG 2MR P 41 -5.48 -13.97 19.34
CD 2MR P 41 -5.87 -13.22 20.61
NE 2MR P 41 -7.22 -12.67 20.67
CZ 2MR P 41 -7.72 -11.43 21.25
NH1 2MR P 41 -9.14 -11.16 21.16
CQ1 2MR P 41 -10.09 -12.03 20.54
NH2 2MR P 41 -7.08 -10.45 21.88
CQ2 2MR P 41 -5.71 -10.27 22.20
C 2MR P 41 -1.88 -13.31 18.19
O 2MR P 41 -2.00 -13.12 16.99
N GLY P 42 -0.81 -12.88 18.86
CA GLY P 42 0.24 -12.13 18.22
C GLY P 42 -0.21 -10.75 17.74
N THR P 43 -0.86 -10.00 18.63
CA THR P 43 -1.45 -8.73 18.26
C THR P 43 -0.39 -7.72 17.83
N GLU P 44 0.77 -7.71 18.50
CA GLU P 44 1.75 -6.65 18.28
C GLU P 44 2.40 -6.73 16.90
N LYS P 45 2.72 -7.94 16.44
CA LYS P 45 3.24 -8.10 15.08
C LYS P 45 2.21 -7.68 14.04
N LEU P 46 0.95 -8.13 14.24
CA LEU P 46 -0.13 -7.71 13.34
C LEU P 46 -0.23 -6.20 13.27
N ILE P 47 -0.16 -5.52 14.42
CA ILE P 47 -0.15 -4.06 14.44
C ILE P 47 1.03 -3.52 13.64
N GLU P 48 2.19 -4.17 13.76
CA GLU P 48 3.32 -3.78 12.94
C GLU P 48 3.01 -3.85 11.45
N TYR P 49 2.03 -4.66 11.05
CA TYR P 49 1.65 -4.73 9.64
C TYR P 49 0.44 -3.86 9.28
N LYS P 50 0.10 -2.84 10.07
CA LYS P 50 -1.05 -2.00 9.79
C LYS P 50 -0.70 -0.52 9.93
N THR P 51 -1.54 0.32 9.33
CA THR P 51 -1.49 1.75 9.58
C THR P 51 -2.07 2.06 10.96
N TYR P 52 -1.91 3.31 11.39
CA TYR P 52 -2.33 3.70 12.73
C TYR P 52 -3.85 3.59 12.89
N LEU P 53 -4.61 3.94 11.87
CA LEU P 53 -6.06 3.77 11.92
C LEU P 53 -6.45 2.29 11.88
N GLN P 54 -5.73 1.51 11.09
CA GLN P 54 -6.05 0.08 10.96
C GLN P 54 -5.79 -0.68 12.25
N ALA P 55 -4.85 -0.21 13.07
CA ALA P 55 -4.52 -0.90 14.31
C ALA P 55 -5.45 -0.58 15.47
N LEU P 56 -6.26 0.48 15.35
CA LEU P 56 -7.13 0.87 16.45
C LEU P 56 -8.13 -0.22 16.88
N PRO P 57 -8.79 -0.96 15.99
CA PRO P 57 -9.74 -1.99 16.46
C PRO P 57 -9.11 -3.11 17.27
N TYR P 58 -7.79 -3.31 17.20
CA TYR P 58 -7.14 -4.32 18.03
C TYR P 58 -7.25 -3.98 19.51
N PHE P 59 -7.23 -2.69 19.85
CA PHE P 59 -7.34 -2.27 21.24
C PHE P 59 -8.74 -2.50 21.79
N ASP P 60 -9.77 -2.55 20.94
CA ASP P 60 -11.09 -2.98 21.39
C ASP P 60 -11.04 -4.41 21.93
N ARG P 61 -10.29 -5.27 21.26
CA ARG P 61 -10.25 -6.69 21.58
C ARG P 61 -9.13 -7.08 22.53
N LEU P 62 -8.28 -6.13 22.92
CA LEU P 62 -7.34 -6.44 24.01
C LEU P 62 -8.07 -6.72 25.31
N ASP P 63 -8.69 -5.71 25.90
CA ASP P 63 -9.49 -5.86 27.11
C ASP P 63 -10.95 -5.68 26.69
N TYR P 64 -11.61 -6.77 26.34
CA TYR P 64 -12.94 -6.71 25.77
C TYR P 64 -14.02 -6.51 26.81
N VAL P 65 -13.66 -6.09 28.01
CA VAL P 65 -14.64 -5.59 28.98
C VAL P 65 -14.58 -4.07 29.10
N SER P 66 -13.45 -3.44 28.72
CA SER P 66 -13.30 -1.98 28.76
C SER P 66 -12.73 -1.51 27.43
N MET P 67 -13.59 -1.37 26.42
CA MET P 67 -13.12 -1.14 25.05
C MET P 67 -12.70 0.31 24.83
N MET P 68 -13.59 1.25 25.14
CA MET P 68 -13.30 2.65 24.84
C MET P 68 -12.15 3.19 25.68
N CYS P 69 -11.86 2.56 26.82
CA CYS P 69 -10.69 2.96 27.59
C CYS P 69 -9.39 2.62 26.86
N ASN P 70 -9.31 1.41 26.28
CA ASN P 70 -8.15 1.08 25.46
C ASN P 70 -8.07 1.98 24.24
N GLU P 71 -9.21 2.27 23.62
CA GLU P 71 -9.21 3.21 22.50
C GLU P 71 -8.66 4.56 22.92
N GLN P 72 -9.06 5.03 24.10
CA GLN P 72 -8.58 6.32 24.61
C GLN P 72 -7.07 6.30 24.83
N ALA P 73 -6.55 5.23 25.44
CA ALA P 73 -5.11 5.17 25.70
C ALA P 73 -4.31 5.18 24.40
N TYR P 74 -4.73 4.36 23.43
CA TYR P 74 -4.01 4.32 22.15
C TYR P 74 -4.12 5.65 21.41
N SER P 75 -5.30 6.28 21.45
CA SER P 75 -5.49 7.57 20.81
C SER P 75 -4.62 8.63 21.46
N LEU P 76 -4.51 8.61 22.79
CA LEU P 76 -3.66 9.58 23.48
C LEU P 76 -2.20 9.39 23.10
N ALA P 77 -1.74 8.14 22.99
CA ALA P 77 -0.36 7.91 22.56
C ALA P 77 -0.12 8.45 21.15
N VAL P 78 -1.04 8.17 20.23
CA VAL P 78 -0.86 8.63 18.85
C VAL P 78 -0.94 10.16 18.80
N GLU P 79 -1.82 10.76 19.59
CA GLU P 79 -1.91 12.22 19.63
C GLU P 79 -0.62 12.84 20.14
N LYS P 80 -0.03 12.25 21.18
CA LYS P 80 1.24 12.75 21.70
C LYS P 80 2.33 12.67 20.63
N LEU P 81 2.39 11.54 19.91
CA LEU P 81 3.39 11.43 18.86
C LEU P 81 3.10 12.35 17.67
N LEU P 82 1.85 12.74 17.47
CA LEU P 82 1.44 13.63 16.38
C LEU P 82 1.53 15.11 16.73
N ASN P 83 1.72 15.44 18.02
CA ASN P 83 1.77 16.84 18.48
C ASN P 83 0.50 17.60 18.13
N ILE P 84 -0.65 16.95 18.29
CA ILE P 84 -1.95 17.57 18.03
C ILE P 84 -2.83 17.41 19.26
N GLN P 85 -3.95 18.12 19.25
CA GLN P 85 -4.83 18.24 20.42
C GLN P 85 -6.28 18.00 20.02
N PRO P 86 -6.97 17.06 20.67
CA PRO P 86 -8.41 16.87 20.41
C PRO P 86 -9.21 18.09 20.84
N PRO P 87 -10.34 18.33 20.21
CA PRO P 87 -11.21 19.46 20.61
C PRO P 87 -11.92 19.18 21.92
N PRO P 88 -12.36 20.22 22.64
CA PRO P 88 -12.93 20.01 23.99
C PRO P 88 -14.15 19.08 24.04
N ARG P 89 -15.06 19.18 23.07
CA ARG P 89 -16.25 18.33 23.07
C ARG P 89 -15.85 16.86 22.97
N ALA P 90 -14.86 16.56 22.11
CA ALA P 90 -14.38 15.19 21.99
C ALA P 90 -13.80 14.69 23.31
N GLN P 91 -13.06 15.53 24.02
CA GLN P 91 -12.48 15.12 25.30
C GLN P 91 -13.56 14.86 26.34
N TRP P 92 -14.58 15.71 26.38
CA TRP P 92 -15.68 15.48 27.32
C TRP P 92 -16.43 14.20 27.00
N ILE P 93 -16.67 13.93 25.71
CA ILE P 93 -17.30 12.68 25.30
C ILE P 93 -16.42 11.50 25.70
N ARG P 94 -15.10 11.64 25.54
CA ARG P 94 -14.17 10.59 25.90
C ARG P 94 -14.26 10.26 27.39
N VAL P 95 -14.29 11.28 28.24
CA VAL P 95 -14.34 11.04 29.68
C VAL P 95 -15.69 10.45 30.07
N LEU P 96 -16.78 10.94 29.48
CA LEU P 96 -18.10 10.39 29.78
C LEU P 96 -18.17 8.90 29.44
N PHE P 97 -17.73 8.53 28.24
CA PHE P 97 -17.79 7.13 27.86
C PHE P 97 -16.75 6.29 28.58
N GLY P 98 -15.64 6.88 29.00
CA GLY P 98 -14.70 6.16 29.86
C GLY P 98 -15.31 5.80 31.20
N GLU P 99 -16.08 6.72 31.79
CA GLU P 99 -16.74 6.41 33.05
C GLU P 99 -17.86 5.39 32.87
N ILE P 100 -18.60 5.47 31.76
CA ILE P 100 -19.60 4.45 31.47
C ILE P 100 -18.93 3.08 31.31
N THR P 101 -17.77 3.06 30.63
CA THR P 101 -17.02 1.84 30.44
C THR P 101 -16.51 1.29 31.77
N ARG P 102 -16.08 2.18 32.67
CA ARG P 102 -15.67 1.74 34.00
C ARG P 102 -16.84 1.12 34.75
N LEU P 103 -18.03 1.69 34.61
CA LEU P 103 -19.22 1.08 35.20
C LEU P 103 -19.44 -0.32 34.66
N LEU P 104 -19.36 -0.49 33.35
CA LEU P 104 -19.51 -1.82 32.73
C LEU P 104 -18.49 -2.81 33.30
N ASN P 105 -17.22 -2.40 33.34
CA ASN P 105 -16.17 -3.29 33.80
C ASN P 105 -16.36 -3.67 35.26
N HIS P 106 -16.72 -2.71 36.11
CA HIS P 106 -16.87 -3.01 37.53
C HIS P 106 -18.07 -3.91 37.78
N ILE P 107 -19.16 -3.71 37.02
CA ILE P 107 -20.28 -4.64 37.11
C ILE P 107 -19.83 -6.06 36.78
N MET P 108 -19.13 -6.21 35.65
CA MET P 108 -18.67 -7.53 35.26
C MET P 108 -17.80 -8.16 36.34
N ALA P 109 -16.82 -7.40 36.83
CA ALA P 109 -15.87 -7.93 37.81
C ALA P 109 -16.57 -8.36 39.09
N VAL P 110 -17.38 -7.48 39.67
CA VAL P 110 -18.02 -7.79 40.95
C VAL P 110 -19.00 -8.94 40.80
N THR P 111 -19.82 -8.91 39.75
CA THR P 111 -20.85 -9.94 39.61
C THR P 111 -20.25 -11.30 39.33
N THR P 112 -19.21 -11.38 38.48
CA THR P 112 -18.62 -12.68 38.22
C THR P 112 -17.77 -13.17 39.39
N HIS P 113 -17.19 -12.25 40.17
CA HIS P 113 -16.55 -12.62 41.43
C HIS P 113 -17.55 -13.28 42.37
N ALA P 114 -18.72 -12.67 42.52
CA ALA P 114 -19.76 -13.24 43.37
C ALA P 114 -20.27 -14.57 42.81
N LEU P 115 -20.36 -14.67 41.49
CA LEU P 115 -20.78 -15.91 40.86
C LEU P 115 -19.80 -17.04 41.15
N ASP P 116 -18.50 -16.75 41.07
CA ASP P 116 -17.50 -17.77 41.39
C ASP P 116 -17.54 -18.15 42.86
N ILE P 117 -17.73 -17.17 43.74
CA ILE P 117 -17.84 -17.50 45.16
C ILE P 117 -19.15 -18.23 45.46
N GLY P 118 -20.20 -18.00 44.69
CA GLY P 118 -21.40 -18.81 44.82
C GLY P 118 -22.71 -18.05 44.85
N ALA P 119 -22.68 -16.75 44.57
CA ALA P 119 -23.87 -15.92 44.52
C ALA P 119 -24.17 -15.57 43.06
N MET P 120 -25.26 -16.11 42.54
CA MET P 120 -25.55 -16.00 41.11
C MET P 120 -26.52 -14.88 40.77
N THR P 121 -27.37 -14.47 41.70
CA THR P 121 -28.42 -13.50 41.39
C THR P 121 -27.92 -12.11 41.01
N PRO P 122 -26.96 -11.50 41.70
CA PRO P 122 -26.55 -10.13 41.32
C PRO P 122 -26.03 -10.03 39.90
N PHE P 123 -25.41 -11.10 39.40
CA PHE P 123 -25.04 -11.16 37.98
C PHE P 123 -26.24 -10.84 37.10
N PHE P 124 -27.36 -11.53 37.35
CA PHE P 124 -28.55 -11.33 36.55
C PHE P 124 -29.14 -9.95 36.75
N TRP P 125 -29.12 -9.44 37.98
CA TRP P 125 -29.67 -8.10 38.22
C TRP P 125 -28.88 -7.04 37.47
N MET P 126 -27.55 -7.13 37.46
CA MET P 126 -26.71 -6.08 36.90
C MET P 126 -26.46 -6.23 35.40
N PHE P 127 -26.67 -7.40 34.83
CA PHE P 127 -26.43 -7.52 33.39
C PHE P 127 -27.50 -6.84 32.56
N GLU P 128 -28.69 -6.58 33.12
CA GLU P 128 -29.65 -5.73 32.42
C GLU P 128 -29.13 -4.30 32.28
N GLU P 129 -28.53 -3.77 33.35
CA GLU P 129 -27.87 -2.47 33.27
C GLU P 129 -26.73 -2.49 32.25
N ARG P 130 -25.97 -3.58 32.24
CA ARG P 130 -24.94 -3.74 31.22
C ARG P 130 -25.53 -3.68 29.82
N GLU P 131 -26.69 -4.30 29.61
CA GLU P 131 -27.33 -4.29 28.30
C GLU P 131 -27.76 -2.88 27.91
N LYS P 132 -28.26 -2.10 28.87
CA LYS P 132 -28.61 -0.71 28.57
C LYS P 132 -27.38 0.11 28.18
N MET P 133 -26.27 -0.09 28.88
CA MET P 133 -25.05 0.61 28.46
C MET P 133 -24.55 0.12 27.10
N PHE P 134 -24.76 -1.16 26.78
CA PHE P 134 -24.47 -1.64 25.44
C PHE P 134 -25.32 -0.91 24.40
N GLU P 135 -26.57 -0.62 24.75
CA GLU P 135 -27.42 0.16 23.85
C GLU P 135 -26.86 1.56 23.65
N PHE P 136 -26.34 2.18 24.70
CA PHE P 136 -25.68 3.48 24.54
C PHE P 136 -24.50 3.38 23.57
N TYR P 137 -23.67 2.35 23.75
CA TYR P 137 -22.55 2.09 22.85
C TYR P 137 -23.02 1.98 21.41
N GLU P 138 -24.06 1.18 21.17
CA GLU P 138 -24.54 0.96 19.81
C GLU P 138 -25.14 2.22 19.21
N ARG P 139 -25.87 3.00 20.00
CA ARG P 139 -26.43 4.24 19.47
C ARG P 139 -25.33 5.24 19.12
N VAL P 140 -24.21 5.21 19.83
CA VAL P 140 -23.15 6.15 19.46
C VAL P 140 -22.31 5.63 18.30
N SER P 141 -22.14 4.32 18.16
CA SER P 141 -21.19 3.80 17.18
C SER P 141 -21.75 2.75 16.23
N GLY P 142 -22.89 2.14 16.53
CA GLY P 142 -23.40 1.05 15.72
C GLY P 142 -22.97 -0.34 16.16
N ALA P 143 -22.13 -0.45 17.19
CA ALA P 143 -21.70 -1.73 17.72
C ALA P 143 -21.89 -1.73 19.23
N ARG P 144 -22.23 -2.89 19.78
CA ARG P 144 -22.55 -2.96 21.20
C ARG P 144 -21.31 -2.87 22.08
N MET P 145 -20.21 -3.52 21.69
CA MET P 145 -18.99 -3.43 22.48
C MET P 145 -17.75 -2.96 21.74
N HIS P 146 -17.49 -3.46 20.52
CA HIS P 146 -16.29 -3.08 19.77
C HIS P 146 -16.64 -1.85 18.92
N ALA P 147 -16.63 -0.68 19.58
CA ALA P 147 -17.16 0.52 18.95
C ALA P 147 -16.20 1.08 17.90
N ALA P 148 -14.90 1.07 18.19
CA ALA P 148 -13.90 1.81 17.42
C ALA P 148 -14.26 3.29 17.33
N TYR P 149 -14.81 3.82 18.43
CA TYR P 149 -15.39 5.16 18.42
C TYR P 149 -14.35 6.23 18.73
N ILE P 150 -13.46 5.95 19.67
CA ILE P 150 -12.44 6.92 20.07
C ILE P 150 -11.20 6.73 19.20
N ARG P 151 -10.79 7.78 18.52
CA ARG P 151 -9.73 7.74 17.52
C ARG P 151 -8.72 8.84 17.79
N PRO P 152 -7.49 8.70 17.27
CA PRO P 152 -6.45 9.70 17.54
C PRO P 152 -6.78 11.11 17.09
N GLY P 153 -7.91 11.35 16.46
CA GLY P 153 -8.31 12.72 16.22
C GLY P 153 -9.37 13.26 17.16
N GLY P 154 -9.91 12.41 18.04
CA GLY P 154 -11.09 12.74 18.81
C GLY P 154 -12.05 11.58 18.83
N VAL P 155 -13.24 11.76 18.28
CA VAL P 155 -14.21 10.68 18.14
C VAL P 155 -14.68 10.64 16.68
N HIS P 156 -15.17 9.46 16.29
CA HIS P 156 -15.59 9.27 14.90
C HIS P 156 -16.77 10.15 14.54
N GLN P 157 -17.81 10.16 15.39
CA GLN P 157 -19.05 10.86 15.09
C GLN P 157 -19.53 11.60 16.32
N ASP P 158 -20.40 12.57 16.10
CA ASP P 158 -21.04 13.29 17.18
C ASP P 158 -22.22 12.48 17.73
N LEU P 159 -22.68 12.88 18.91
CA LEU P 159 -23.77 12.19 19.58
C LEU P 159 -25.07 12.34 18.81
N PRO P 160 -25.92 11.31 18.78
CA PRO P 160 -27.29 11.49 18.28
C PRO P 160 -28.10 12.40 19.20
N LEU P 161 -29.14 13.01 18.61
CA LEU P 161 -29.82 14.14 19.25
C LEU P 161 -30.49 13.78 20.58
N GLY P 162 -30.76 12.52 20.86
CA GLY P 162 -31.44 12.19 22.09
C GLY P 162 -30.67 11.36 23.09
N LEU P 163 -29.35 11.26 22.92
CA LEU P 163 -28.55 10.33 23.72
C LEU P 163 -28.36 10.80 25.16
N LEU P 164 -28.10 12.10 25.36
CA LEU P 164 -27.81 12.61 26.70
C LEU P 164 -28.99 12.42 27.64
N ASP P 165 -30.21 12.59 27.13
CA ASP P 165 -31.39 12.39 27.96
C ASP P 165 -31.49 10.95 28.45
N ASP P 166 -31.23 9.98 27.57
CA ASP P 166 -31.30 8.58 27.98
C ASP P 166 -30.17 8.22 28.95
N ILE P 167 -28.98 8.77 28.73
CA ILE P 167 -27.89 8.53 29.66
C ILE P 167 -28.24 9.09 31.04
N TYR P 168 -28.85 10.27 31.08
CA TYR P 168 -29.29 10.85 32.35
C TYR P 168 -30.35 9.97 33.00
N GLU P 169 -31.29 9.45 32.21
CA GLU P 169 -32.35 8.59 32.76
C GLU P 169 -31.76 7.33 33.38
N PHE P 170 -30.77 6.72 32.73
CA PHE P 170 -30.11 5.55 33.29
C PHE P 170 -29.34 5.90 34.56
N SER P 171 -28.62 7.03 34.53
CA SER P 171 -27.75 7.40 35.65
C SER P 171 -28.55 7.76 36.89
N LYS P 172 -29.72 8.38 36.73
CA LYS P 172 -30.50 8.75 37.90
C LYS P 172 -31.08 7.54 38.63
N ASN P 173 -31.02 6.34 38.04
CA ASN P 173 -31.54 5.15 38.68
C ASN P 173 -30.50 4.09 39.01
N PHE P 174 -29.28 4.18 38.43
CA PHE P 174 -28.29 3.12 38.68
C PHE P 174 -27.90 2.97 40.15
N SER P 175 -28.00 4.04 40.94
CA SER P 175 -27.57 3.97 42.33
C SER P 175 -28.42 3.00 43.15
N PHE P 176 -29.71 2.87 42.83
CA PHE P 176 -30.54 1.91 43.53
C PHE P 176 -30.13 0.47 43.22
N ARG P 177 -29.71 0.20 41.97
CA ARG P 177 -29.18 -1.11 41.65
C ARG P 177 -27.90 -1.40 42.42
N ILE P 178 -27.03 -0.40 42.54
CA ILE P 178 -25.84 -0.56 43.37
C ILE P 178 -26.25 -0.87 44.81
N ASP P 179 -27.27 -0.18 45.30
CA ASP P 179 -27.74 -0.40 46.67
C ASP P 179 -28.26 -1.82 46.86
N GLU P 180 -29.00 -2.35 45.87
CA GLU P 180 -29.50 -3.71 45.99
C GLU P 180 -28.37 -4.73 45.99
N LEU P 181 -27.37 -4.54 45.13
CA LEU P 181 -26.21 -5.43 45.15
C LEU P 181 -25.50 -5.38 46.49
N GLU P 182 -25.33 -4.17 47.04
CA GLU P 182 -24.70 -4.00 48.33
C GLU P 182 -25.49 -4.70 49.43
N GLU P 183 -26.82 -4.56 49.40
CA GLU P 183 -27.67 -5.25 50.36
C GLU P 183 -27.52 -6.75 50.26
N MET P 184 -27.27 -7.26 49.05
CA MET P 184 -27.06 -8.70 48.90
C MET P 184 -25.71 -9.14 49.46
N LEU P 185 -24.67 -8.32 49.30
CA LEU P 185 -23.31 -8.82 49.56
C LEU P 185 -22.62 -8.23 50.77
N THR P 186 -22.70 -6.91 50.98
CA THR P 186 -21.72 -6.22 51.83
C THR P 186 -21.74 -6.71 53.27
N ASN P 187 -22.93 -6.87 53.85
CA ASN P 187 -23.04 -7.24 55.25
C ASN P 187 -23.32 -8.72 55.46
N ASN P 188 -23.37 -9.52 54.40
CA ASN P 188 -23.59 -10.96 54.54
C ASN P 188 -22.40 -11.61 55.23
N ARG P 189 -22.68 -12.42 56.25
CA ARG P 189 -21.59 -13.05 57.00
C ARG P 189 -20.89 -14.12 56.18
N ILE P 190 -21.60 -14.79 55.27
CA ILE P 190 -20.98 -15.78 54.42
C ILE P 190 -20.03 -15.10 53.42
N TRP P 191 -20.46 -13.98 52.85
CA TRP P 191 -19.60 -13.22 51.95
C TRP P 191 -18.35 -12.72 52.67
N ARG P 192 -18.52 -12.18 53.88
CA ARG P 192 -17.38 -11.72 54.65
C ARG P 192 -16.45 -12.87 55.02
N ASN P 193 -17.01 -14.02 55.38
CA ASN P 193 -16.20 -15.20 55.67
C ASN P 193 -15.40 -15.63 54.46
N ARG P 194 -15.99 -15.51 53.26
CA ARG P 194 -15.29 -15.91 52.05
C ARG P 194 -14.33 -14.84 51.52
N THR P 195 -14.42 -13.60 52.02
CA THR P 195 -13.61 -12.53 51.47
C THR P 195 -12.64 -11.88 52.45
N VAL P 196 -13.00 -11.76 53.72
CA VAL P 196 -12.18 -11.02 54.66
C VAL P 196 -10.90 -11.79 54.96
N ASP P 197 -9.77 -11.09 54.94
CA ASP P 197 -8.44 -11.64 55.21
C ASP P 197 -8.04 -12.73 54.22
N ILE P 198 -8.51 -12.64 52.98
CA ILE P 198 -8.16 -13.58 51.92
C ILE P 198 -7.35 -12.83 50.89
N GLY P 199 -6.18 -13.37 50.54
CA GLY P 199 -5.30 -12.71 49.59
C GLY P 199 -4.75 -11.38 50.06
N VAL P 200 -4.25 -11.31 51.29
CA VAL P 200 -3.68 -10.07 51.81
C VAL P 200 -2.33 -9.81 51.15
N VAL P 201 -2.12 -8.57 50.71
CA VAL P 201 -0.85 -8.15 50.13
C VAL P 201 -0.45 -6.82 50.75
N THR P 202 0.82 -6.70 51.14
CA THR P 202 1.33 -5.47 51.72
C THR P 202 1.58 -4.41 50.66
N ALA P 203 1.67 -3.16 51.11
CA ALA P 203 1.88 -2.04 50.19
C ALA P 203 3.23 -2.15 49.49
N GLU P 204 4.29 -2.50 50.23
CA GLU P 204 5.61 -2.61 49.62
C GLU P 204 5.65 -3.73 48.58
N ASP P 205 5.07 -4.89 48.92
CA ASP P 205 5.02 -6.00 47.97
C ASP P 205 4.19 -5.63 46.75
N ALA P 206 3.08 -4.93 46.95
CA ALA P 206 2.26 -4.50 45.82
C ALA P 206 3.04 -3.56 44.91
N LEU P 207 3.81 -2.65 45.48
CA LEU P 207 4.62 -1.74 44.67
C LEU P 207 5.71 -2.49 43.91
N ASN P 208 6.40 -3.41 44.58
CA ASN P 208 7.53 -4.08 43.95
C ASN P 208 7.07 -5.11 42.91
N TYR P 209 5.87 -5.66 43.08
CA TYR P 209 5.36 -6.64 42.14
C TYR P 209 4.74 -6.02 40.90
N GLY P 210 4.70 -4.69 40.81
CA GLY P 210 4.15 -4.03 39.65
C GLY P 210 2.65 -3.90 39.62
N PHE P 211 1.99 -3.96 40.78
CA PHE P 211 0.55 -3.84 40.83
C PHE P 211 0.12 -2.41 40.53
N SER P 212 -1.18 -2.26 40.22
CA SER P 212 -1.71 -0.94 39.92
C SER P 212 -3.21 -0.93 40.18
N GLY P 213 -3.77 0.27 40.24
CA GLY P 213 -5.20 0.40 40.43
C GLY P 213 -5.65 -0.03 41.80
N VAL P 214 -6.78 -0.75 41.84
CA VAL P 214 -7.35 -1.21 43.09
C VAL P 214 -6.39 -2.11 43.85
N MET P 215 -5.60 -2.91 43.13
CA MET P 215 -4.62 -3.78 43.78
C MET P 215 -3.58 -3.00 44.58
N LEU P 216 -3.41 -1.71 44.30
CA LEU P 216 -2.65 -0.86 45.21
C LEU P 216 -3.55 -0.22 46.27
N ARG P 217 -4.72 0.28 45.85
CA ARG P 217 -5.54 1.10 46.71
C ARG P 217 -6.13 0.31 47.86
N GLY P 218 -6.34 -1.00 47.68
CA GLY P 218 -6.79 -1.84 48.77
C GLY P 218 -5.80 -1.96 49.89
N SER P 219 -4.51 -1.74 49.62
CA SER P 219 -3.47 -1.83 50.63
C SER P 219 -3.11 -0.48 51.23
N GLY P 220 -3.86 0.57 50.89
CA GLY P 220 -3.65 1.88 51.48
C GLY P 220 -2.82 2.84 50.66
N ILE P 221 -2.37 2.44 49.48
CA ILE P 221 -1.55 3.32 48.66
C ILE P 221 -2.46 4.35 47.99
N GLN P 222 -2.12 5.63 48.15
CA GLN P 222 -2.97 6.74 47.70
C GLN P 222 -2.52 7.17 46.32
N TRP P 223 -2.91 6.38 45.32
CA TRP P 223 -2.49 6.58 43.95
C TRP P 223 -3.68 6.43 43.01
N ASP P 224 -3.79 7.33 42.04
CA ASP P 224 -4.81 7.26 41.01
C ASP P 224 -4.37 8.13 39.85
N LEU P 225 -4.27 7.53 38.66
CA LEU P 225 -3.72 8.25 37.51
C LEU P 225 -4.63 9.39 37.06
N ARG P 226 -5.93 9.32 37.35
CA ARG P 226 -6.81 10.42 36.99
C ARG P 226 -6.59 11.64 37.86
N LYS P 227 -6.04 11.47 39.06
CA LYS P 227 -5.79 12.58 39.97
C LYS P 227 -4.36 13.09 39.92
N THR P 228 -3.38 12.20 39.74
CA THR P 228 -1.98 12.59 39.73
C THR P 228 -1.48 12.94 38.33
N GLN P 229 -1.97 12.24 37.30
CA GLN P 229 -1.54 12.48 35.92
C GLN P 229 -2.78 12.52 35.01
N PRO P 230 -3.63 13.53 35.15
CA PRO P 230 -4.86 13.58 34.33
C PRO P 230 -4.55 13.74 32.86
N TYR P 231 -5.44 13.21 32.02
CA TYR P 231 -5.17 13.22 30.59
C TYR P 231 -6.14 14.08 29.77
N ASP P 232 -7.45 13.82 29.80
CA ASP P 232 -8.28 14.58 28.86
C ASP P 232 -8.92 15.81 29.48
N VAL P 233 -9.91 15.65 30.35
CA VAL P 233 -10.47 16.76 31.11
C VAL P 233 -10.66 16.33 32.56
N TYR P 234 -9.90 15.32 32.99
CA TYR P 234 -10.11 14.76 34.32
C TYR P 234 -9.72 15.74 35.42
N ASP P 235 -9.01 16.82 35.09
CA ASP P 235 -8.73 17.87 36.04
C ASP P 235 -9.92 18.80 36.26
N GLN P 236 -10.99 18.66 35.48
CA GLN P 236 -12.17 19.51 35.59
C GLN P 236 -13.36 18.80 36.24
N VAL P 237 -13.17 17.61 36.79
CA VAL P 237 -14.25 16.88 37.45
C VAL P 237 -13.85 16.59 38.88
N GLU P 238 -14.85 16.44 39.73
CA GLU P 238 -14.67 16.20 41.16
C GLU P 238 -15.11 14.79 41.50
N PHE P 239 -14.25 14.05 42.20
CA PHE P 239 -14.59 12.71 42.68
C PHE P 239 -13.57 12.32 43.74
N ASP P 240 -13.93 11.31 44.51
CA ASP P 240 -13.07 10.77 45.55
C ASP P 240 -12.47 9.43 45.13
N VAL P 241 -11.31 9.13 45.67
CA VAL P 241 -10.60 7.88 45.42
C VAL P 241 -10.80 6.97 46.63
N PRO P 242 -11.48 5.84 46.49
CA PRO P 242 -11.65 4.94 47.63
C PRO P 242 -10.34 4.25 48.00
N ILE P 243 -10.08 4.13 49.30
CA ILE P 243 -8.85 3.56 49.82
C ILE P 243 -9.20 2.49 50.85
N GLY P 244 -8.57 1.32 50.73
CA GLY P 244 -8.72 0.26 51.69
C GLY P 244 -7.68 0.35 52.81
N SER P 245 -7.84 -0.53 53.80
CA SER P 245 -6.92 -0.60 54.93
C SER P 245 -6.43 -1.99 55.26
N ARG P 246 -7.08 -3.05 54.76
CA ARG P 246 -6.68 -4.42 55.05
C ARG P 246 -5.90 -5.09 53.94
N GLY P 247 -6.04 -4.67 52.69
CA GLY P 247 -5.34 -5.30 51.60
C GLY P 247 -5.86 -6.67 51.21
N ASP P 248 -7.09 -6.99 51.56
CA ASP P 248 -7.69 -8.29 51.27
C ASP P 248 -8.76 -8.16 50.19
N CYS P 249 -9.44 -9.28 49.93
CA CYS P 249 -10.46 -9.30 48.89
C CYS P 249 -11.64 -8.40 49.23
N TYR P 250 -12.07 -8.40 50.50
CA TYR P 250 -13.24 -7.64 50.91
C TYR P 250 -13.03 -6.14 50.71
N ASP P 251 -11.86 -5.63 51.07
CA ASP P 251 -11.58 -4.22 50.90
C ASP P 251 -11.57 -3.82 49.43
N ARG P 252 -11.02 -4.68 48.56
CA ARG P 252 -11.02 -4.39 47.15
C ARG P 252 -12.42 -4.40 46.56
N TYR P 253 -13.29 -5.31 47.05
CA TYR P 253 -14.68 -5.31 46.63
C TYR P 253 -15.38 -4.01 47.03
N LEU P 254 -15.16 -3.57 48.27
CA LEU P 254 -15.73 -2.30 48.72
C LEU P 254 -15.21 -1.13 47.88
N CYS P 255 -13.92 -1.16 47.55
CA CYS P 255 -13.32 -0.12 46.72
C CYS P 255 -13.97 -0.08 45.34
N ARG P 256 -14.24 -1.25 44.75
CA ARG P 256 -14.86 -1.28 43.42
C ARG P 256 -16.29 -0.75 43.46
N VAL P 257 -17.05 -1.08 44.50
CA VAL P 257 -18.41 -0.55 44.62
C VAL P 257 -18.38 0.97 44.77
N GLU P 258 -17.48 1.48 45.63
CA GLU P 258 -17.36 2.92 45.80
C GLU P 258 -16.90 3.60 44.52
N GLU P 259 -16.05 2.94 43.74
CA GLU P 259 -15.61 3.49 42.46
C GLU P 259 -16.77 3.56 41.47
N MET P 260 -17.69 2.60 41.53
CA MET P 260 -18.91 2.71 40.71
C MET P 260 -19.72 3.95 41.11
N ARG P 261 -19.86 4.18 42.41
CA ARG P 261 -20.58 5.39 42.85
C ARG P 261 -19.88 6.67 42.36
N GLN P 262 -18.54 6.70 42.47
CA GLN P 262 -17.80 7.87 42.01
C GLN P 262 -17.91 8.04 40.50
N SER P 263 -17.99 6.93 39.76
CA SER P 263 -18.22 7.00 38.32
C SER P 263 -19.58 7.62 38.01
N LEU P 264 -20.61 7.27 38.78
CA LEU P 264 -21.90 7.93 38.59
C LEU P 264 -21.80 9.42 38.83
N ARG P 265 -21.05 9.82 39.87
CA ARG P 265 -20.82 11.24 40.14
C ARG P 265 -20.16 11.94 38.95
N ILE P 266 -19.09 11.34 38.42
CA ILE P 266 -18.37 11.95 37.29
C ILE P 266 -19.27 12.01 36.07
N ILE P 267 -20.08 10.98 35.85
CA ILE P 267 -20.99 10.97 34.69
C ILE P 267 -22.00 12.10 34.80
N SER P 268 -22.52 12.34 36.01
CA SER P 268 -23.40 13.49 36.20
C SER P 268 -22.70 14.78 35.82
N GLN P 269 -21.47 14.98 36.31
CA GLN P 269 -20.74 16.21 35.97
C GLN P 269 -20.52 16.33 34.47
N CYS P 270 -20.16 15.24 33.80
CA CYS P 270 -19.92 15.28 32.36
C CYS P 270 -21.20 15.60 31.60
N LEU P 271 -22.33 15.04 32.04
CA LEU P 271 -23.60 15.34 31.39
C LEU P 271 -23.95 16.81 31.51
N ASN P 272 -23.67 17.43 32.67
CA ASN P 272 -24.06 18.82 32.84
C ASN P 272 -23.15 19.79 32.07
N LYS P 273 -21.90 19.41 31.80
CA LYS P 273 -20.91 20.34 31.29
C LYS P 273 -20.46 20.04 29.86
N MET P 274 -21.27 19.30 29.11
CA MET P 274 -20.90 18.99 27.73
C MET P 274 -20.92 20.27 26.89
N PRO P 275 -19.82 20.63 26.24
CA PRO P 275 -19.78 21.89 25.48
C PRO P 275 -20.13 21.66 24.03
N PRO P 276 -20.40 22.73 23.27
CA PRO P 276 -20.63 22.57 21.83
C PRO P 276 -19.34 22.57 21.03
N GLY P 277 -19.43 22.27 19.74
CA GLY P 277 -18.30 22.36 18.83
C GLY P 277 -18.09 21.07 18.06
N GLU P 278 -16.97 21.06 17.32
CA GLU P 278 -16.60 19.92 16.50
C GLU P 278 -16.08 18.78 17.38
N ILE P 279 -16.11 17.57 16.82
CA ILE P 279 -15.78 16.36 17.58
C ILE P 279 -14.48 15.71 17.13
N LYS P 280 -13.79 16.25 16.13
CA LYS P 280 -12.44 15.81 15.80
C LYS P 280 -11.62 17.02 15.42
N VAL P 281 -10.29 16.86 15.44
CA VAL P 281 -9.39 17.98 15.22
C VAL P 281 -9.59 18.52 13.80
N ASP P 282 -9.65 19.85 13.70
CA ASP P 282 -9.85 20.51 12.40
C ASP P 282 -8.52 20.60 11.66
N ASP P 283 -8.04 19.44 11.24
CA ASP P 283 -6.77 19.28 10.54
C ASP P 283 -6.93 18.07 9.63
N ALA P 284 -7.17 18.32 8.35
CA ALA P 284 -7.53 17.26 7.41
C ALA P 284 -6.34 16.38 7.04
N LYS P 285 -5.12 16.73 7.42
CA LYS P 285 -4.00 15.83 7.25
C LYS P 285 -3.93 14.78 8.36
N VAL P 286 -4.80 14.88 9.36
CA VAL P 286 -4.91 13.88 10.42
C VAL P 286 -6.31 13.27 10.45
N SER P 287 -7.34 14.10 10.65
CA SER P 287 -8.73 13.67 10.74
C SER P 287 -9.42 13.81 9.38
N PRO P 288 -10.16 12.81 8.97
CA PRO P 288 -10.83 12.84 7.66
C PRO P 288 -11.85 13.97 7.61
N PRO P 289 -12.02 14.59 6.44
CA PRO P 289 -13.05 15.64 6.31
C PRO P 289 -14.44 15.05 6.30
N LYS P 290 -15.42 15.93 6.44
CA LYS P 290 -16.81 15.52 6.36
C LYS P 290 -17.15 15.04 4.94
N ARG P 291 -18.17 14.19 4.85
CA ARG P 291 -18.54 13.61 3.56
C ARG P 291 -18.96 14.69 2.57
N ALA P 292 -19.72 15.69 3.03
CA ALA P 292 -20.19 16.74 2.14
C ALA P 292 -19.02 17.52 1.55
N GLU P 293 -18.00 17.82 2.36
CA GLU P 293 -16.82 18.51 1.86
C GLU P 293 -16.01 17.61 0.92
N MET P 294 -15.93 16.32 1.24
CA MET P 294 -15.17 15.38 0.41
C MET P 294 -15.76 15.27 -0.99
N LYS P 295 -17.07 15.43 -1.12
CA LYS P 295 -17.74 15.36 -2.42
C LYS P 295 -17.88 16.73 -3.09
N THR P 296 -17.31 17.78 -2.51
CA THR P 296 -17.44 19.13 -3.03
C THR P 296 -16.11 19.77 -3.40
N SER P 297 -15.07 19.63 -2.59
CA SER P 297 -13.83 20.36 -2.75
C SER P 297 -12.67 19.41 -3.04
N MET P 298 -11.73 19.90 -3.86
CA MET P 298 -10.64 19.07 -4.35
C MET P 298 -9.71 18.63 -3.20
N GLU P 299 -9.33 19.57 -2.33
CA GLU P 299 -8.42 19.25 -1.24
C GLU P 299 -9.03 18.21 -0.31
N SER P 300 -10.33 18.35 -0.02
CA SER P 300 -10.99 17.39 0.86
C SER P 300 -10.97 15.98 0.27
N LEU P 301 -11.24 15.86 -1.03
CA LEU P 301 -11.20 14.56 -1.66
C LEU P 301 -9.79 13.97 -1.65
N ILE P 302 -8.78 14.80 -1.92
CA ILE P 302 -7.40 14.33 -1.90
C ILE P 302 -7.04 13.81 -0.52
N HIS P 303 -7.38 14.57 0.52
CA HIS P 303 -7.00 14.19 1.88
C HIS P 303 -7.78 12.95 2.34
N HIS P 304 -9.06 12.84 1.95
CA HIS P 304 -9.82 11.64 2.24
C HIS P 304 -9.18 10.41 1.60
N PHE P 305 -8.85 10.52 0.31
CA PHE P 305 -8.18 9.43 -0.42
C PHE P 305 -6.90 9.02 0.30
N LYS P 306 -6.05 9.98 0.64
CA LYS P 306 -4.75 9.66 1.20
C LYS P 306 -4.86 9.12 2.62
N LEU P 307 -5.81 9.64 3.40
CA LEU P 307 -5.97 9.16 4.77
C LEU P 307 -6.57 7.78 4.83
N TYR P 308 -7.35 7.40 3.82
CA TYR P 308 -7.92 6.06 3.83
C TYR P 308 -7.12 5.04 3.04
N THR P 309 -6.13 5.47 2.25
CA THR P 309 -5.27 4.50 1.56
C THR P 309 -3.91 4.37 2.26
N GLU P 310 -3.16 5.46 2.36
CA GLU P 310 -1.83 5.41 2.96
C GLU P 310 -1.87 5.69 4.45
N GLY P 311 -2.74 6.58 4.89
CA GLY P 311 -2.80 7.00 6.27
C GLY P 311 -1.81 8.12 6.57
N TYR P 312 -2.04 8.79 7.69
CA TYR P 312 -1.18 9.90 8.07
C TYR P 312 0.17 9.38 8.57
N GLN P 313 1.21 10.14 8.27
CA GLN P 313 2.55 9.85 8.78
C GLN P 313 2.69 10.42 10.18
N VAL P 314 3.44 9.72 11.02
CA VAL P 314 3.71 10.13 12.39
C VAL P 314 5.20 10.45 12.50
N PRO P 315 5.58 11.59 13.06
CA PRO P 315 7.00 11.88 13.19
C PRO P 315 7.70 10.84 14.05
N PRO P 316 8.96 10.53 13.77
CA PRO P 316 9.64 9.47 14.50
C PRO P 316 9.81 9.81 15.97
N GLY P 317 9.79 8.79 16.80
CA GLY P 317 9.92 8.97 18.23
C GLY P 317 9.16 7.89 18.98
N ALA P 318 9.46 7.81 20.27
CA ALA P 318 8.87 6.78 21.11
C ALA P 318 8.21 7.41 22.32
N THR P 319 7.03 6.89 22.67
CA THR P 319 6.30 7.37 23.84
C THR P 319 5.83 6.19 24.68
N TYR P 320 5.73 6.41 25.99
CA TYR P 320 5.01 5.52 26.88
C TYR P 320 3.84 6.31 27.45
N THR P 321 2.62 5.95 27.06
CA THR P 321 1.41 6.64 27.49
C THR P 321 0.56 5.69 28.30
N ALA P 322 0.15 6.12 29.49
CA ALA P 322 -0.60 5.29 30.41
C ALA P 322 -1.88 6.00 30.84
N ILE P 323 -2.92 5.21 31.11
CA ILE P 323 -4.19 5.70 31.62
C ILE P 323 -4.62 4.83 32.79
N GLU P 324 -5.55 5.36 33.59
CA GLU P 324 -6.17 4.62 34.69
C GLU P 324 -7.37 3.86 34.13
N ALA P 325 -7.09 2.73 33.49
CA ALA P 325 -8.13 1.86 33.00
C ALA P 325 -8.85 1.21 34.18
N PRO P 326 -10.06 0.69 33.98
CA PRO P 326 -10.82 0.12 35.10
C PRO P 326 -10.10 -1.03 35.81
N LYS P 327 -9.16 -1.70 35.15
CA LYS P 327 -8.42 -2.79 35.77
C LYS P 327 -7.06 -2.37 36.33
N GLY P 328 -6.69 -1.10 36.19
CA GLY P 328 -5.40 -0.64 36.64
C GLY P 328 -4.71 0.24 35.62
N GLU P 329 -3.39 0.34 35.67
CA GLU P 329 -2.67 1.16 34.68
C GLU P 329 -2.60 0.40 33.36
N PHE P 330 -3.11 1.02 32.29
CA PHE P 330 -3.02 0.46 30.95
C PHE P 330 -2.11 1.37 30.13
N GLY P 331 -1.08 0.78 29.52
CA GLY P 331 -0.06 1.57 28.88
C GLY P 331 0.27 1.08 27.48
N VAL P 332 0.84 1.99 26.70
CA VAL P 332 1.31 1.70 25.35
C VAL P 332 2.70 2.31 25.20
N TYR P 333 3.67 1.49 24.84
CA TYR P 333 4.98 1.97 24.38
C TYR P 333 4.95 1.92 22.85
N LEU P 334 4.84 3.08 22.23
CA LEU P 334 4.67 3.19 20.79
C LEU P 334 5.90 3.85 20.18
N VAL P 335 6.47 3.20 19.18
CA VAL P 335 7.65 3.69 18.46
C VAL P 335 7.27 3.98 17.02
N SER P 336 7.64 5.16 16.54
CA SER P 336 7.37 5.59 15.18
C SER P 336 8.70 5.82 14.46
N ASP P 337 8.80 5.32 13.24
CA ASP P 337 9.97 5.53 12.40
C ASP P 337 9.76 6.61 11.35
N GLY P 338 8.67 7.35 11.41
CA GLY P 338 8.38 8.41 10.47
C GLY P 338 7.36 8.08 9.41
N SER P 339 6.96 6.82 9.27
CA SER P 339 6.05 6.39 8.23
C SER P 339 4.62 6.34 8.76
N SER P 340 3.71 5.77 7.96
CA SER P 340 2.31 5.63 8.32
C SER P 340 2.02 4.35 9.11
N ARG P 341 3.01 3.51 9.35
CA ARG P 341 2.83 2.29 10.11
C ARG P 341 3.74 2.29 11.33
N PRO P 342 3.23 1.96 12.51
CA PRO P 342 4.09 1.92 13.70
C PRO P 342 5.19 0.89 13.56
N TYR P 343 6.37 1.26 14.05
CA TYR P 343 7.50 0.32 14.04
C TYR P 343 7.34 -0.73 15.14
N ARG P 344 6.93 -0.31 16.32
CA ARG P 344 6.77 -1.21 17.45
C ARG P 344 5.65 -0.67 18.34
N CYS P 345 4.84 -1.59 18.87
CA CYS P 345 3.74 -1.22 19.76
C CYS P 345 3.68 -2.27 20.86
N LYS P 346 4.26 -1.96 22.02
CA LYS P 346 4.19 -2.83 23.19
C LYS P 346 3.00 -2.41 24.04
N ILE P 347 2.18 -3.38 24.42
CA ILE P 347 0.99 -3.13 25.23
C ILE P 347 1.26 -3.58 26.66
N LYS P 348 1.04 -2.69 27.62
CA LYS P 348 1.16 -3.00 29.03
C LYS P 348 -0.23 -3.13 29.63
N ALA P 349 -0.57 -4.34 30.06
CA ALA P 349 -1.80 -4.79 30.69
C ALA P 349 -1.59 -4.99 32.19
N PRO P 350 -2.41 -4.35 33.02
CA PRO P 350 -2.26 -4.56 34.47
C PRO P 350 -2.49 -6.00 34.90
N GLY P 351 -3.35 -6.73 34.17
CA GLY P 351 -3.59 -8.12 34.51
C GLY P 351 -2.35 -8.99 34.40
N PHE P 352 -1.41 -8.62 33.54
CA PHE P 352 -0.16 -9.37 33.43
C PHE P 352 0.57 -9.41 34.76
N ALA P 353 0.85 -8.23 35.33
CA ALA P 353 1.53 -8.17 36.61
C ALA P 353 0.66 -8.73 37.73
N HIS P 354 -0.66 -8.50 37.66
CA HIS P 354 -1.54 -8.99 38.72
C HIS P 354 -1.55 -10.52 38.76
N LEU P 355 -1.62 -11.18 37.61
CA LEU P 355 -1.59 -12.63 37.57
C LEU P 355 -0.21 -13.17 37.91
N ALA P 356 0.86 -12.44 37.55
CA ALA P 356 2.19 -12.85 37.95
C ALA P 356 2.35 -12.90 39.47
N GLY P 357 1.52 -12.18 40.22
CA GLY P 357 1.58 -12.20 41.67
C GLY P 357 0.60 -13.15 42.33
N LEU P 358 -0.05 -14.02 41.55
CA LEU P 358 -1.04 -14.93 42.09
C LEU P 358 -0.41 -15.92 43.07
N ASP P 359 0.77 -16.46 42.75
CA ASP P 359 1.40 -17.43 43.63
C ASP P 359 1.75 -16.83 44.98
N LYS P 360 2.21 -15.57 45.01
CA LYS P 360 2.49 -14.90 46.27
C LYS P 360 1.22 -14.74 47.11
N MET P 361 0.12 -14.37 46.47
CA MET P 361 -1.12 -14.07 47.17
C MET P 361 -1.82 -15.31 47.71
N SER P 362 -1.52 -16.50 47.19
CA SER P 362 -2.24 -17.71 47.54
C SER P 362 -1.57 -18.52 48.65
N LYS P 363 -0.45 -18.03 49.20
CA LYS P 363 0.26 -18.77 50.24
C LYS P 363 -0.62 -18.95 51.47
N GLY P 364 -0.72 -20.19 51.95
CA GLY P 364 -1.51 -20.49 53.12
C GLY P 364 -3.00 -20.46 52.94
N HIS P 365 -3.49 -20.71 51.73
CA HIS P 365 -4.92 -20.68 51.44
C HIS P 365 -5.36 -22.01 50.83
N MET P 366 -6.67 -22.13 50.62
CA MET P 366 -7.31 -23.33 50.09
C MET P 366 -7.73 -23.10 48.65
N LEU P 367 -8.36 -24.12 48.06
CA LEU P 367 -8.78 -24.04 46.67
C LEU P 367 -9.83 -22.96 46.44
N ALA P 368 -10.87 -22.95 47.28
CA ALA P 368 -11.91 -21.94 47.14
C ALA P 368 -11.36 -20.53 47.39
N ASP P 369 -10.42 -20.42 48.31
CA ASP P 369 -9.75 -19.14 48.52
C ASP P 369 -8.99 -18.71 47.27
N VAL P 370 -8.37 -19.65 46.57
CA VAL P 370 -7.67 -19.31 45.34
C VAL P 370 -8.67 -18.89 44.26
N VAL P 371 -9.85 -19.50 44.23
CA VAL P 371 -10.89 -19.07 43.30
C VAL P 371 -11.27 -17.62 43.58
N ALA P 372 -11.47 -17.29 44.87
CA ALA P 372 -11.78 -15.92 45.24
C ALA P 372 -10.65 -14.96 44.87
N ILE P 373 -9.39 -15.38 45.06
CA ILE P 373 -8.26 -14.52 44.74
C ILE P 373 -8.17 -14.30 43.23
N ILE P 374 -8.50 -15.32 42.44
CA ILE P 374 -8.56 -15.16 40.99
C ILE P 374 -9.61 -14.12 40.64
N GLY P 375 -10.78 -14.19 41.28
CA GLY P 375 -11.82 -13.21 41.02
C GLY P 375 -11.43 -11.79 41.44
N THR P 376 -10.65 -11.68 42.52
CA THR P 376 -10.36 -10.35 43.06
C THR P 376 -9.31 -9.61 42.25
N GLN P 377 -8.55 -10.32 41.40
CA GLN P 377 -7.53 -9.67 40.60
C GLN P 377 -8.07 -9.06 39.32
N ASP P 378 -9.32 -9.37 38.95
CA ASP P 378 -10.00 -8.75 37.82
C ASP P 378 -9.21 -8.97 36.53
N ILE P 379 -9.14 -10.24 36.11
CA ILE P 379 -8.28 -10.66 35.01
C ILE P 379 -9.13 -10.95 33.78
N VAL P 380 -8.74 -10.35 32.65
CA VAL P 380 -9.22 -10.74 31.33
C VAL P 380 -8.00 -11.12 30.50
N PHE P 381 -8.06 -12.28 29.85
CA PHE P 381 -6.88 -12.84 29.24
C PHE P 381 -6.60 -12.32 27.84
N GLY P 382 -7.54 -11.58 27.24
CA GLY P 382 -7.23 -10.89 26.01
C GLY P 382 -6.10 -9.88 26.17
N GLU P 383 -6.10 -9.16 27.29
CA GLU P 383 -5.01 -8.22 27.54
C GLU P 383 -3.78 -8.90 28.13
N VAL P 384 -3.97 -9.98 28.89
CA VAL P 384 -2.84 -10.68 29.48
C VAL P 384 -2.01 -11.37 28.41
N ASP P 385 -2.66 -11.98 27.42
CA ASP P 385 -1.94 -12.72 26.39
C ASP P 385 -1.59 -11.86 25.18
N ARG P 386 -2.47 -10.94 24.80
CA ARG P 386 -2.25 -10.04 23.66
C ARG P 386 -2.00 -10.80 22.36
N GLY Q 1 -30.31 -8.56 -17.96
CA GLY Q 1 -30.17 -9.24 -19.25
C GLY Q 1 -29.42 -10.55 -19.14
N VAL Q 2 -29.99 -11.50 -18.40
CA VAL Q 2 -29.33 -12.78 -18.17
C VAL Q 2 -29.63 -13.71 -19.34
N ARG Q 3 -28.58 -14.27 -19.94
CA ARG Q 3 -28.72 -15.27 -20.98
C ARG Q 3 -28.20 -16.62 -20.47
N THR Q 4 -28.54 -17.67 -21.19
CA THR Q 4 -28.11 -19.01 -20.82
C THR Q 4 -26.94 -19.46 -21.69
N SER Q 5 -26.21 -20.45 -21.20
CA SER Q 5 -25.07 -21.05 -21.87
C SER Q 5 -25.47 -22.38 -22.48
N PRO Q 6 -24.61 -22.97 -23.33
CA PRO Q 6 -24.96 -24.27 -23.93
C PRO Q 6 -25.26 -25.36 -22.91
N THR Q 7 -24.61 -25.34 -21.75
CA THR Q 7 -24.91 -26.30 -20.69
C THR Q 7 -26.12 -25.90 -19.85
N GLY Q 8 -26.71 -24.73 -20.11
CA GLY Q 8 -27.81 -24.25 -19.32
C GLY Q 8 -27.42 -23.38 -18.15
N GLU Q 9 -26.13 -23.25 -17.86
CA GLU Q 9 -25.69 -22.38 -16.77
C GLU Q 9 -25.99 -20.93 -17.10
N LYS Q 10 -26.51 -20.21 -16.11
CA LYS Q 10 -26.79 -18.80 -16.28
C LYS Q 10 -25.49 -18.00 -16.33
N VAL Q 11 -25.46 -16.97 -17.18
CA VAL Q 11 -24.28 -16.13 -17.37
C VAL Q 11 -24.43 -14.88 -16.52
N THR Q 12 -23.41 -14.57 -15.74
CA THR Q 12 -23.42 -13.39 -14.88
C THR Q 12 -23.19 -12.13 -15.70
N HIS Q 13 -23.34 -10.97 -15.04
CA HIS Q 13 -23.14 -9.70 -15.72
C HIS Q 13 -21.65 -9.48 -16.03
N THR Q 14 -20.76 -10.12 -15.26
CA THR Q 14 -19.34 -10.07 -15.59
C THR Q 14 -19.00 -11.04 -16.71
N GLY Q 15 -19.94 -11.89 -17.11
CA GLY Q 15 -19.75 -12.81 -18.19
C GLY Q 15 -19.19 -14.17 -17.80
N GLN Q 16 -19.20 -14.51 -16.52
CA GLN Q 16 -18.61 -15.77 -16.07
C GLN Q 16 -19.59 -16.91 -16.28
N ALA Q 17 -19.08 -18.02 -16.81
CA ALA Q 17 -19.85 -19.25 -16.94
C ALA Q 17 -18.88 -20.39 -17.13
N TYR Q 18 -19.07 -21.46 -16.37
CA TYR Q 18 -18.18 -22.61 -16.44
C TYR Q 18 -18.31 -23.30 -17.79
N ASP Q 19 -17.19 -23.78 -18.32
CA ASP Q 19 -17.21 -24.56 -19.54
C ASP Q 19 -17.78 -25.95 -19.28
N ASP Q 20 -18.05 -26.67 -20.37
CA ASP Q 20 -18.62 -28.01 -20.25
C ASP Q 20 -17.65 -28.97 -19.56
N GLY Q 21 -16.36 -28.81 -19.82
CA GLY Q 21 -15.39 -29.73 -19.25
C GLY Q 21 -15.02 -29.40 -17.81
N ASP Q 22 -15.44 -28.23 -17.33
CA ASP Q 22 -15.04 -27.79 -16.01
C ASP Q 22 -15.74 -28.60 -14.92
N TYR Q 23 -14.95 -29.14 -13.99
CA TYR Q 23 -15.49 -29.95 -12.91
C TYR Q 23 -16.15 -29.12 -11.82
N ARG Q 24 -15.77 -27.85 -11.67
CA ARG Q 24 -16.30 -27.01 -10.59
C ARG Q 24 -17.81 -26.86 -10.65
N ARG Q 25 -18.43 -27.09 -11.82
CA ARG Q 25 -19.88 -27.12 -11.94
C ARG Q 25 -20.53 -28.06 -10.92
N VAL Q 26 -19.81 -29.08 -10.46
CA VAL Q 26 -20.34 -30.01 -9.48
C VAL Q 26 -20.80 -29.30 -8.20
N ARG Q 27 -20.27 -28.11 -7.92
CA ARG Q 27 -20.67 -27.40 -6.71
C ARG Q 27 -22.11 -26.90 -6.78
N PHE Q 28 -22.70 -26.83 -7.98
CA PHE Q 28 -24.08 -26.37 -8.09
C PHE Q 28 -25.10 -27.50 -8.11
N SER Q 29 -24.64 -28.76 -8.06
CA SER Q 29 -25.57 -29.89 -8.03
C SER Q 29 -26.34 -29.91 -6.72
N ASP Q 30 -27.65 -30.15 -6.81
CA ASP Q 30 -28.59 -30.12 -5.69
C ASP Q 30 -28.67 -28.75 -5.04
N ARG Q 31 -28.09 -27.73 -5.65
CA ARG Q 31 -28.07 -26.37 -5.13
C ARG Q 31 -28.28 -25.43 -6.31
N GLN Q 32 -27.98 -24.15 -6.14
CA GLN Q 32 -28.20 -23.17 -7.20
C GLN Q 32 -26.98 -22.26 -7.32
N LYS Q 33 -26.85 -21.64 -8.49
CA LYS Q 33 -25.83 -20.63 -8.74
C LYS Q 33 -26.46 -19.25 -8.56
N GLU Q 34 -25.91 -18.47 -7.65
CA GLU Q 34 -26.46 -17.15 -7.35
C GLU Q 34 -26.08 -16.16 -8.44
N VAL Q 35 -27.09 -15.62 -9.13
CA VAL Q 35 -26.89 -14.64 -10.19
C VAL Q 35 -27.81 -13.46 -9.95
N ASN Q 36 -27.24 -12.25 -9.95
CA ASN Q 36 -28.04 -11.04 -9.88
C ASN Q 36 -28.67 -10.75 -11.24
N GLU Q 37 -29.96 -10.47 -11.23
CA GLU Q 37 -30.74 -10.34 -12.47
C GLU Q 37 -30.75 -8.93 -13.05
N ASN Q 38 -30.32 -7.92 -12.29
CA ASN Q 38 -30.43 -6.53 -12.72
C ASN Q 38 -29.07 -6.08 -13.27
N PHE Q 39 -28.90 -6.25 -14.58
CA PHE Q 39 -27.65 -5.87 -15.23
C PHE Q 39 -27.58 -4.35 -15.34
N ALA Q 40 -26.59 -3.77 -14.66
CA ALA Q 40 -26.51 -2.31 -14.58
C ALA Q 40 -26.22 -1.67 -15.92
N ILE Q 41 -25.54 -2.38 -16.83
CA ILE Q 41 -25.22 -1.81 -18.13
C ILE Q 41 -26.49 -1.51 -18.92
N ASP Q 42 -27.42 -2.46 -18.96
CA ASP Q 42 -28.69 -2.24 -19.64
C ASP Q 42 -29.52 -1.15 -18.96
N LEU Q 43 -29.54 -1.15 -17.62
CA LEU Q 43 -30.33 -0.16 -16.89
C LEU Q 43 -29.81 1.26 -17.15
N ILE Q 44 -28.49 1.44 -17.15
CA ILE Q 44 -27.96 2.77 -17.44
C ILE Q 44 -28.12 3.11 -18.92
N ALA Q 45 -28.15 2.11 -19.79
CA ALA Q 45 -28.45 2.37 -21.19
C ALA Q 45 -29.90 2.78 -21.41
N GLU Q 46 -30.80 2.43 -20.49
CA GLU Q 46 -32.21 2.80 -20.63
C GLU Q 46 -32.48 4.27 -20.34
N GLN Q 47 -31.55 4.96 -19.67
CA GLN Q 47 -31.82 6.33 -19.24
C GLN Q 47 -31.78 7.28 -20.44
N PRO Q 48 -32.67 8.27 -20.49
CA PRO Q 48 -32.63 9.25 -21.58
C PRO Q 48 -31.49 10.23 -21.43
N VAL Q 49 -31.10 10.82 -22.56
CA VAL Q 49 -30.03 11.82 -22.60
C VAL Q 49 -30.61 13.18 -22.28
N SER Q 50 -30.02 13.86 -21.30
CA SER Q 50 -30.44 15.21 -20.95
C SER Q 50 -29.90 16.22 -21.96
N GLU Q 51 -30.69 17.25 -22.22
CA GLU Q 51 -30.30 18.35 -23.10
C GLU Q 51 -30.22 19.62 -22.27
N VAL Q 52 -29.08 20.30 -22.34
CA VAL Q 52 -28.85 21.52 -21.58
C VAL Q 52 -28.30 22.59 -22.50
N GLY Q 53 -28.47 23.85 -22.08
CA GLY Q 53 -28.08 24.98 -22.89
C GLY Q 53 -26.79 25.65 -22.43
N SER Q 54 -25.79 24.85 -22.07
CA SER Q 54 -24.48 25.37 -21.71
C SER Q 54 -23.40 24.43 -22.20
N ARG Q 55 -22.22 24.98 -22.41
CA ARG Q 55 -21.08 24.17 -22.86
C ARG Q 55 -20.60 23.23 -21.77
N VAL Q 56 -20.74 23.63 -20.50
CA VAL Q 56 -20.26 22.85 -19.36
C VAL Q 56 -21.45 22.58 -18.45
N ILE Q 57 -21.61 21.33 -18.04
CA ILE Q 57 -22.65 20.92 -17.12
C ILE Q 57 -21.99 20.33 -15.88
N SER Q 58 -22.76 20.19 -14.81
CA SER Q 58 -22.27 19.64 -13.56
C SER Q 58 -23.14 18.47 -13.13
N CYS Q 59 -22.50 17.42 -12.61
CA CYS Q 59 -23.21 16.23 -12.15
C CYS Q 59 -22.69 15.82 -10.78
N ASP Q 60 -23.61 15.48 -9.88
CA ASP Q 60 -23.26 14.93 -8.59
C ASP Q 60 -24.01 13.64 -8.26
N GLY Q 61 -24.75 13.08 -9.22
CA GLY Q 61 -25.42 11.82 -9.04
C GLY Q 61 -26.79 11.89 -8.41
N GLY Q 62 -27.24 13.08 -8.02
CA GLY Q 62 -28.56 13.22 -7.41
C GLY Q 62 -28.51 13.04 -5.90
N GLY Q 63 -29.44 13.70 -5.23
CA GLY Q 63 -29.53 13.62 -3.78
C GLY Q 63 -28.51 14.44 -3.02
N GLY Q 64 -27.75 15.31 -3.71
CA GLY Q 64 -26.80 16.16 -3.04
C GLY Q 64 -25.62 15.42 -2.42
N ALA Q 65 -25.52 15.48 -1.10
CA ALA Q 65 -24.45 14.80 -0.38
C ALA Q 65 -24.59 13.28 -0.38
N LEU Q 66 -25.72 12.77 -0.85
CA LEU Q 66 -25.95 11.33 -0.95
C LEU Q 66 -25.52 10.76 -2.30
N GLY Q 67 -25.03 11.59 -3.21
CA GLY Q 67 -24.56 11.16 -4.51
C GLY Q 67 -23.07 10.91 -4.53
N HIS Q 68 -22.43 11.26 -5.63
CA HIS Q 68 -21.01 11.11 -5.81
C HIS Q 68 -20.33 12.48 -5.80
N PRO Q 69 -19.00 12.53 -5.79
CA PRO Q 69 -18.32 13.83 -5.89
C PRO Q 69 -18.74 14.57 -7.15
N ARG Q 70 -18.90 15.88 -7.01
CA ARG Q 70 -19.44 16.70 -8.09
C ARG Q 70 -18.37 16.94 -9.15
N VAL Q 71 -18.69 16.65 -10.40
CA VAL Q 71 -17.75 16.79 -11.50
C VAL Q 71 -18.39 17.60 -12.62
N TYR Q 72 -17.53 18.21 -13.43
CA TYR Q 72 -17.95 19.09 -14.52
C TYR Q 72 -17.61 18.44 -15.85
N ILE Q 73 -18.57 18.49 -16.78
CA ILE Q 73 -18.51 17.77 -18.04
C ILE Q 73 -18.59 18.77 -19.18
N ASN Q 74 -17.68 18.65 -20.14
CA ASN Q 74 -17.63 19.50 -21.31
C ASN Q 74 -18.48 18.89 -22.43
N LEU Q 75 -19.26 19.73 -23.10
CA LEU Q 75 -20.17 19.29 -24.16
C LEU Q 75 -19.89 20.01 -25.46
N ASP Q 76 -18.60 20.15 -25.81
CA ASP Q 76 -18.25 20.83 -27.06
C ASP Q 76 -18.35 19.91 -28.27
N LYS Q 77 -18.02 18.63 -28.10
CA LYS Q 77 -18.13 17.67 -29.21
C LYS Q 77 -19.59 17.48 -29.59
N GLU Q 78 -19.93 17.85 -30.82
CA GLU Q 78 -21.32 17.80 -31.26
C GLU Q 78 -21.79 16.38 -31.57
N THR Q 79 -20.91 15.54 -32.10
CA THR Q 79 -21.27 14.18 -32.51
C THR Q 79 -21.09 13.16 -31.38
N LYS Q 80 -21.10 13.61 -30.13
CA LYS Q 80 -20.91 12.72 -28.99
C LYS Q 80 -21.66 13.31 -27.80
N THR Q 81 -22.04 12.44 -26.87
CA THR Q 81 -22.66 12.87 -25.62
C THR Q 81 -21.62 12.84 -24.51
N GLY Q 82 -21.69 13.82 -23.61
CA GLY Q 82 -20.84 13.80 -22.43
C GLY Q 82 -21.40 12.86 -21.38
N THR Q 83 -20.52 12.00 -20.85
CA THR Q 83 -20.91 10.97 -19.91
C THR Q 83 -20.26 11.23 -18.56
N CYS Q 84 -21.03 11.07 -17.49
CA CYS Q 84 -20.49 11.17 -16.14
C CYS Q 84 -19.62 9.96 -15.84
N GLY Q 85 -18.43 10.21 -15.29
CA GLY Q 85 -17.52 9.14 -14.94
C GLY Q 85 -17.91 8.34 -13.73
N TYR Q 86 -18.83 8.85 -12.90
CA TYR Q 86 -19.36 8.15 -11.74
C TYR Q 86 -20.71 7.50 -12.00
N CYS Q 87 -21.65 8.27 -12.53
CA CYS Q 87 -23.06 7.88 -12.63
C CYS Q 87 -23.38 7.15 -13.92
N GLY Q 88 -22.80 7.58 -15.04
CA GLY Q 88 -23.17 7.07 -16.34
C GLY Q 88 -24.25 7.85 -17.06
N LEU Q 89 -24.83 8.87 -16.42
CA LEU Q 89 -25.81 9.70 -17.08
C LEU Q 89 -25.17 10.51 -18.20
N GLN Q 90 -25.97 10.79 -19.22
CA GLN Q 90 -25.47 11.42 -20.44
C GLN Q 90 -26.12 12.79 -20.64
N PHE Q 91 -25.33 13.73 -21.14
CA PHE Q 91 -25.78 15.09 -21.36
C PHE Q 91 -25.32 15.55 -22.74
N ARG Q 92 -26.05 16.50 -23.31
CA ARG Q 92 -25.71 17.03 -24.63
C ARG Q 92 -26.32 18.41 -24.77
N GLN Q 93 -25.96 19.08 -25.86
CA GLN Q 93 -26.52 20.35 -26.28
C GLN Q 93 -27.54 20.12 -27.39
N PRO Q 94 -28.59 20.95 -27.48
CA PRO Q 94 -29.60 20.75 -28.53
C PRO Q 94 -28.99 20.92 -29.91
N HIS Q 95 -29.29 19.99 -30.80
CA HIS Q 95 -28.76 19.98 -32.16
C HIS Q 95 -29.89 19.90 -33.17
N HIS Q 96 -29.57 20.28 -34.41
CA HIS Q 96 -30.52 20.25 -35.52
C HIS Q 96 -31.77 21.06 -35.21
N ALA R 1 -29.50 27.68 6.42
CA ALA R 1 -28.50 28.30 7.26
C ALA R 1 -29.05 28.56 8.66
N SER R 2 -29.81 27.60 9.17
CA SER R 2 -30.48 27.76 10.46
C SER R 2 -29.47 27.68 11.60
N LYS R 3 -29.98 27.77 12.82
CA LYS R 3 -29.14 27.73 14.01
C LYS R 3 -28.52 26.34 14.17
N VAL R 4 -27.28 26.32 14.67
CA VAL R 4 -26.61 25.06 14.98
C VAL R 4 -27.47 24.25 15.94
N LYS R 5 -27.71 22.99 15.60
CA LYS R 5 -28.48 22.07 16.43
C LYS R 5 -27.58 20.89 16.77
N GLN R 6 -27.34 20.69 18.07
CA GLN R 6 -26.44 19.66 18.57
C GLN R 6 -27.05 19.04 19.81
N ASP R 7 -26.60 17.83 20.13
CA ASP R 7 -27.02 17.19 21.37
C ASP R 7 -26.38 17.90 22.55
N MET R 8 -27.21 18.56 23.36
CA MET R 8 -26.71 19.41 24.43
C MET R 8 -27.57 19.16 25.67
N PRO R 9 -27.05 19.47 26.86
CA PRO R 9 -27.90 19.45 28.05
C PRO R 9 -28.98 20.51 27.94
N PRO R 10 -30.12 20.31 28.59
CA PRO R 10 -31.23 21.27 28.48
C PRO R 10 -30.85 22.59 29.14
N PRO R 11 -31.60 23.66 28.86
CA PRO R 11 -31.31 24.94 29.52
C PRO R 11 -31.36 24.79 31.04
N GLY R 12 -30.40 25.43 31.70
CA GLY R 12 -30.20 25.17 33.11
C GLY R 12 -29.30 23.96 33.30
N GLY R 13 -29.91 22.82 33.63
CA GLY R 13 -29.16 21.59 33.73
C GLY R 13 -30.07 20.41 34.02
N TYR R 14 -29.46 19.24 34.11
CA TYR R 14 -30.20 18.04 34.50
C TYR R 14 -30.44 18.05 36.01
N GLY R 15 -31.39 17.25 36.44
CA GLY R 15 -31.66 17.09 37.85
C GLY R 15 -30.52 16.39 38.57
N PRO R 16 -30.44 16.57 39.88
CA PRO R 16 -29.36 15.91 40.63
C PRO R 16 -29.50 14.40 40.59
N ILE R 17 -28.36 13.71 40.62
CA ILE R 17 -28.30 12.26 40.52
C ILE R 17 -27.73 11.71 41.82
N ASP R 18 -28.47 10.80 42.45
CA ASP R 18 -27.99 10.15 43.67
C ASP R 18 -26.88 9.16 43.35
N TYR R 19 -25.87 9.15 44.22
CA TYR R 19 -24.79 8.17 44.09
C TYR R 19 -24.37 7.55 45.42
N LYS R 20 -24.76 8.11 46.56
CA LYS R 20 -24.30 7.63 47.84
C LYS R 20 -25.01 6.34 48.25
N ARG R 21 -24.37 5.59 49.13
CA ARG R 21 -24.95 4.37 49.66
C ARG R 21 -26.19 4.69 50.48
N ASN R 22 -27.23 3.88 50.33
CA ASN R 22 -28.49 4.05 51.04
C ASN R 22 -28.95 2.68 51.55
N LEU R 23 -28.60 2.38 52.80
CA LEU R 23 -29.02 1.14 53.46
C LEU R 23 -29.71 1.50 54.76
N PRO R 24 -31.04 1.56 54.78
CA PRO R 24 -31.75 1.93 56.01
C PRO R 24 -31.58 0.89 57.11
N ARG R 25 -31.75 1.34 58.35
CA ARG R 25 -31.59 0.45 59.50
C ARG R 25 -32.66 -0.65 59.48
N ARG R 26 -33.92 -0.26 59.62
CA ARG R 26 -35.07 -1.14 59.36
C ARG R 26 -34.99 -2.42 60.21
N GLY R 27 -35.14 -2.24 61.51
CA GLY R 27 -35.18 -3.39 62.40
C GLY R 27 -35.56 -3.00 63.81
N LEU R 28 -35.97 -4.01 64.58
CA LEU R 28 -36.26 -3.85 66.00
C LEU R 28 -34.98 -3.97 66.81
N SER R 29 -35.10 -3.64 68.10
CA SER R 29 -33.97 -3.72 69.02
C SER R 29 -33.66 -5.18 69.35
FE1 SF4 S . 2.41 34.26 -16.28
FE2 SF4 S . 2.78 36.69 -17.48
FE3 SF4 S . 0.25 35.83 -16.87
FE4 SF4 S . 1.66 34.62 -18.89
S1 SF4 S . 0.94 36.79 -18.82
S2 SF4 S . 0.46 33.58 -17.26
S3 SF4 S . 3.78 34.72 -18.04
S4 SF4 S . 1.92 36.31 -15.41
N1 FMN T . 6.17 48.70 -22.65
C2 FMN T . 5.90 49.43 -23.78
O2 FMN T . 6.65 50.32 -24.13
N3 FMN T . 4.78 49.13 -24.53
C4 FMN T . 3.94 48.11 -24.13
O4 FMN T . 2.94 47.85 -24.80
C4A FMN T . 4.22 47.38 -22.99
N5 FMN T . 3.37 46.37 -22.60
C5A FMN T . 3.63 45.65 -21.46
C6 FMN T . 2.78 44.63 -21.08
C7 FMN T . 3.05 43.90 -19.93
C7M FMN T . 2.12 42.79 -19.52
C8 FMN T . 4.18 44.19 -19.17
C8M FMN T . 4.47 43.40 -17.93
C9 FMN T . 5.03 45.20 -19.56
C9A FMN T . 4.76 45.94 -20.70
N10 FMN T . 5.62 46.95 -21.09
C10 FMN T . 5.34 47.68 -22.23
C1' FMN T . 6.82 47.25 -20.25
C2' FMN T . 8.10 46.77 -20.93
O2' FMN T . 8.84 45.97 -20.05
C3' FMN T . 8.95 47.98 -21.34
O3' FMN T . 8.48 48.48 -22.57
C4' FMN T . 10.42 47.66 -21.50
O4' FMN T . 10.95 47.39 -20.24
C5' FMN T . 11.12 48.87 -22.11
O5' FMN T . 11.75 49.58 -21.08
P FMN T . 11.87 51.18 -21.11
O1P FMN T . 10.59 51.76 -20.56
O2P FMN T . 13.04 51.59 -20.24
O3P FMN T . 12.09 51.68 -22.52
PA NAI U . 11.03 45.71 -14.88
O1A NAI U . 11.48 46.60 -13.74
O2A NAI U . 11.13 44.29 -14.45
O5B NAI U . 11.99 45.97 -16.18
C5B NAI U . 12.00 47.22 -16.77
C4B NAI U . 13.31 47.32 -17.65
O4B NAI U . 14.32 47.43 -16.88
C3B NAI U . 13.49 46.00 -18.47
O3B NAI U . 13.73 46.28 -19.79
C2B NAI U . 14.69 45.30 -17.86
O2B NAI U . 15.52 44.62 -18.95
C1B NAI U . 15.38 46.25 -17.28
N9A NAI U . 15.97 45.73 -16.10
C8A NAI U . 15.42 45.73 -14.89
N7A NAI U . 16.26 45.17 -14.03
C5A NAI U . 17.37 44.79 -14.69
C6A NAI U . 18.58 44.17 -14.34
N6A NAI U . 18.83 43.77 -12.95
N1A NAI U . 19.51 43.94 -15.26
C2A NAI U . 19.29 44.31 -16.53
N3A NAI U . 18.18 44.90 -16.90
C4A NAI U . 17.19 45.15 -16.01
O3 NAI U . 9.45 46.06 -15.26
PN NAI U . 8.56 45.21 -16.36
O1N NAI U . 8.24 43.86 -15.83
O2N NAI U . 9.32 45.09 -17.62
O5D NAI U . 7.12 46.05 -16.63
C5D NAI U . 6.44 46.62 -15.51
C4D NAI U . 5.90 48.02 -15.95
O4D NAI U . 5.42 47.95 -17.47
C3D NAI U . 4.86 48.32 -15.29
O3D NAI U . 5.19 49.32 -14.26
C2D NAI U . 3.74 48.97 -16.38
O2D NAI U . 3.37 50.30 -15.96
C1D NAI U . 4.31 49.02 -17.54
N1N NAI U . 3.34 48.69 -18.63
C2N NAI U . 3.34 49.46 -19.73
C3N NAI U . 2.46 49.24 -20.79
C7N NAI U . 2.49 50.15 -22.05
O7N NAI U . 1.60 50.09 -22.87
N7N NAI U . 3.62 51.10 -22.24
C4N NAI U . 1.57 48.17 -20.68
C5N NAI U . 1.59 47.38 -19.52
C6N NAI U . 2.51 47.68 -18.51
FE1 SF4 V . -16.32 0.35 -4.85
FE2 SF4 V . -14.39 2.14 -4.09
FE3 SF4 V . -14.97 0.00 -2.49
FE4 SF4 V . -16.77 2.05 -2.74
S1 SF4 V . -14.68 2.16 -1.82
S2 SF4 V . -17.22 -0.19 -2.82
S3 SF4 V . -16.46 2.62 -4.93
S4 SF4 V . -14.09 -0.06 -4.59
FE1 SF4 W . -13.16 -4.83 6.27
FE2 SF4 W . -15.42 -5.81 7.47
FE3 SF4 W . -15.53 -3.47 6.04
FE4 SF4 W . -14.23 -3.55 8.46
S1 SF4 W . -16.46 -3.88 8.09
S2 SF4 W . -13.49 -2.58 6.52
S3 SF4 W . -13.35 -5.65 8.39
S4 SF4 W . -15.06 -5.55 5.22
FE1 SF4 X . -14.41 -10.50 17.43
FE2 SF4 X . -15.43 -12.58 18.90
FE3 SF4 X . -13.45 -10.99 19.95
FE4 SF4 X . -12.89 -12.72 17.90
S1 SF4 X . -13.56 -13.27 20.01
S2 SF4 X . -12.23 -10.55 18.08
S3 SF4 X . -14.83 -12.63 16.71
S4 SF4 X . -15.57 -10.34 19.39
C23 PEE Y . -38.22 -50.09 28.05
C22 PEE Y . -38.74 -48.96 27.14
C21 PEE Y . -37.70 -48.55 26.10
C20 PEE Y . -38.33 -47.84 24.91
C19 PEE Y . -37.78 -48.35 23.57
C18 PEE Y . -38.76 -48.15 22.43
C17 PEE Y . -38.29 -48.84 21.13
C16 PEE Y . -37.03 -48.20 20.56
C15 PEE Y . -35.95 -49.24 20.23
C14 PEE Y . -34.87 -48.67 19.30
C13 PEE Y . -35.30 -48.67 17.83
C12 PEE Y . -34.17 -49.11 16.90
C11 PEE Y . -33.59 -47.95 16.09
C10 PEE Y . -32.05 -47.92 16.09
O4 PEE Y . -31.45 -48.63 16.82
O2 PEE Y . -31.38 -47.06 15.22
C2 PEE Y . -30.26 -46.42 15.77
C1 PEE Y . -29.27 -46.12 14.64
O3P PEE Y . -29.09 -47.31 13.92
P PEE Y . -28.33 -47.26 12.47
O2P PEE Y . -28.54 -48.58 11.76
O1P PEE Y . -28.90 -46.15 11.62
O4P PEE Y . -26.71 -47.01 12.69
C4 PEE Y . -26.16 -45.75 12.42
C5 PEE Y . -24.86 -45.61 13.22
N PEE Y . -23.82 -46.42 12.64
C3 PEE Y . -30.69 -45.12 16.45
O3 PEE Y . -30.28 -45.19 17.78
C30 PEE Y . -31.05 -44.39 18.64
O5 PEE Y . -31.35 -43.29 18.32
C31 PEE Y . -31.47 -44.94 20.01
C32 PEE Y . -32.97 -45.21 20.10
C33 PEE Y . -33.78 -43.93 20.32
C34 PEE Y . -35.27 -44.10 20.01
C35 PEE Y . -36.06 -44.56 21.24
C36 PEE Y . -37.53 -44.13 21.16
C37 PEE Y . -37.95 -43.32 22.39
C38 PEE Y . -38.14 -44.20 23.62
C39 PEE Y . -38.63 -43.41 24.83
C40 PEE Y . -38.66 -44.25 26.10
C41 PEE Y . -37.50 -43.91 27.04
C42 PEE Y . -37.79 -44.38 28.47
C43 PEE Y . -36.74 -43.90 29.46
C44 PEE Y . -37.30 -43.74 30.86
C45 PEE Y . -37.84 -42.34 31.11
C46 PEE Y . -37.88 -41.98 32.59
C47 PEE Y . -36.60 -42.40 33.33
C23 PLX Z . -44.25 -44.32 29.46
C22 PLX Z . -42.90 -43.70 29.93
C21 PLX Z . -41.78 -43.81 28.83
C20 PLX Z . -42.05 -42.87 27.62
C19 PLX Z . -42.24 -41.38 28.05
C18 PLX Z . -42.79 -40.48 26.88
C17 PLX Z . -43.38 -39.11 27.42
C16 PLX Z . -44.76 -38.77 26.75
C15 PLX Z . -44.58 -38.03 25.37
C14 PLX Z . -44.64 -36.47 25.52
C13 PLX Z . -45.24 -35.78 24.24
C12 PLX Z . -45.08 -34.23 24.29
C11 PLX Z . -44.41 -33.67 22.99
C10 PLX Z . -45.38 -32.76 22.19
C9 PLX Z . -45.04 -31.24 22.35
C8 PLX Z . -44.69 -30.57 20.96
C7 PLX Z . -45.25 -29.10 20.86
C6 PLX Z . -45.27 -28.60 19.39
O7 PLX Z . -44.90 -27.27 19.36
O6 PLX Z . -44.37 -29.36 18.61
C4 PLX Z . -44.48 -29.14 17.23
C3 PLX Z . -43.31 -28.29 16.73
O4 PLX Z . -43.31 -27.05 17.44
P1 PLX Z . -41.93 -26.64 18.28
O1 PLX Z . -42.05 -25.08 18.88
C2 PLX Z . -41.53 -24.00 18.10
C1 PLX Z . -41.24 -22.82 19.09
N1 PLX Z . -42.18 -21.68 18.87
C1C PLX Z . -43.56 -22.23 18.86
C1B PLX Z . -42.00 -20.75 20.02
C1A PLX Z . -42.05 -20.86 17.64
O2 PLX Z . -40.74 -26.72 17.35
C5 PLX Z . -44.46 -30.50 16.50
O8 PLX Z . -44.14 -31.52 17.45
C24 PLX Z . -43.39 -32.60 16.92
O9 PLX Z . -43.40 -32.54 15.53
C25 PLX Z . -44.00 -33.94 17.38
C26 PLX Z . -43.88 -34.17 18.92
C27 PLX Z . -44.43 -35.56 19.36
C28 PLX Z . -44.37 -36.62 18.21
C29 PLX Z . -45.50 -37.70 18.30
C30 PLX Z . -45.90 -38.06 19.78
C31 PLX Z . -45.38 -39.49 20.19
C32 PLX Z . -45.79 -39.86 21.67
C33 PLX Z . -45.65 -41.41 21.96
C34 PLX Z . -45.13 -41.70 23.42
C35 PLX Z . -44.61 -43.18 23.60
C36 PLX Z . -43.11 -43.23 24.06
C37 PLX Z . -42.44 -44.62 23.82
C38 PLX Z . -42.99 -45.73 24.80
C39 PLX Z . -42.05 -46.95 24.89
O3 PLX Z . -41.74 -27.60 19.44
O4 8Q1 AA . 21.09 -29.37 20.18
C16 8Q1 AA . 10.53 -38.15 22.11
O3 8Q1 AA . 32.75 -35.83 19.97
C15 8Q1 AA . 11.37 -37.20 21.26
C14 8Q1 AA . 11.95 -36.04 22.08
C13 8Q1 AA . 12.92 -35.19 21.28
O2 8Q1 AA . 31.81 -35.74 22.24
C12 8Q1 AA . 13.74 -34.25 22.16
C11 8Q1 AA . 14.72 -33.41 21.35
C10 8Q1 AA . 15.71 -32.64 22.21
C9 8Q1 AA . 16.79 -31.96 21.38
C8 8Q1 AA . 17.85 -31.24 22.22
C7 8Q1 AA . 19.10 -30.94 21.41
C6 8Q1 AA . 20.13 -30.12 22.19
C1 8Q1 AA . 21.30 -29.70 21.30
C28 8Q1 AA . 29.08 -35.63 19.90
C29 8Q1 AA . 28.40 -34.70 18.90
C30 8Q1 AA . 27.45 -35.53 18.04
C31 8Q1 AA . 27.57 -33.66 19.66
C32 8Q1 AA . 29.43 -33.99 18.03
C34 8Q1 AA . 29.78 -32.63 18.64
C37 8Q1 AA . 29.48 -30.14 18.71
C38 8Q1 AA . 28.26 -29.23 18.71
C39 8Q1 AA . 27.12 -29.59 19.65
C42 8Q1 AA . 24.79 -30.49 20.03
C43 8Q1 AA . 24.14 -29.23 20.60
N36 8Q1 AA . 29.15 -31.43 18.13
N41 8Q1 AA . 25.88 -30.15 19.14
O27 8Q1 AA . 30.31 -35.06 20.27
O33 8Q1 AA . 28.93 -33.79 16.73
O35 8Q1 AA . 30.57 -32.56 19.51
O40 8Q1 AA . 27.24 -29.40 20.82
P24 8Q1 AA . 31.51 -36.06 20.80
S44 8Q1 AA . 23.00 -29.67 21.94
O1 8Q1 AA . 31.07 -37.50 20.70
C1 CDL BA . -50.75 -7.24 36.56
O1 CDL BA . -51.90 -6.94 37.28
CA2 CDL BA . -49.61 -7.44 37.58
OA2 CDL BA . -50.20 -7.47 38.87
PA1 CDL BA . -49.69 -8.63 39.92
OA3 CDL BA . -49.10 -9.78 39.14
OA4 CDL BA . -48.64 -8.06 40.82
OA5 CDL BA . -50.96 -9.19 40.83
CA3 CDL BA . -51.79 -10.20 40.28
CA4 CDL BA . -52.44 -10.95 41.43
OA6 CDL BA . -51.79 -10.62 42.63
CA5 CDL BA . -52.61 -10.58 43.77
OA7 CDL BA . -53.81 -10.55 43.64
C11 CDL BA . -51.99 -10.58 45.19
C12 CDL BA . -51.74 -12.00 45.71
C13 CDL BA . -50.77 -12.05 46.88
C14 CDL BA . -49.78 -13.23 46.75
C15 CDL BA . -48.82 -13.32 47.98
CA6 CDL BA . -52.31 -12.48 41.19
OA8 CDL BA . -53.37 -13.11 41.87
CA7 CDL BA . -53.20 -14.52 42.01
OA9 CDL BA . -52.72 -15.15 41.13
C31 CDL BA . -53.63 -15.24 43.31
C32 CDL BA . -52.77 -16.48 43.58
C33 CDL BA . -52.09 -16.43 44.95
C34 CDL BA . -51.20 -17.67 45.21
CB2 CDL BA . -51.02 -8.53 35.72
OB2 CDL BA . -52.22 -8.34 34.98
PB2 CDL BA . -52.20 -8.70 33.35
OB3 CDL BA . -50.84 -9.24 32.96
OB4 CDL BA . -52.51 -7.46 32.55
OB5 CDL BA . -53.37 -9.88 33.03
CB3 CDL BA . -52.94 -11.19 32.71
CB4 CDL BA . -53.98 -12.17 33.25
OB6 CDL BA . -53.59 -12.63 34.52
CB5 CDL BA . -54.65 -13.26 35.23
OB7 CDL BA . -55.73 -12.78 35.24
C51 CDL BA . -54.38 -14.57 35.99
C52 CDL BA . -53.81 -14.35 37.39
C53 CDL BA . -53.34 -15.66 38.03
C54 CDL BA . -54.37 -16.79 37.88
C55 CDL BA . -54.37 -17.76 39.08
CB6 CDL BA . -54.14 -13.35 32.30
OB8 CDL BA . -52.89 -14.03 32.16
CB7 CDL BA . -53.03 -15.45 32.17
OB9 CDL BA . -54.10 -15.93 32.15
C71 CDL BA . -51.78 -16.35 32.18
C72 CDL BA . -51.38 -16.76 33.61
C73 CDL BA . -52.14 -18.00 34.09
C74 CDL BA . -51.46 -18.65 35.30
C75 CDL BA . -52.44 -19.52 36.13
PA NDP CA . -18.21 -50.63 6.17
O1A NDP CA . -19.26 -51.45 6.86
O2A NDP CA . -17.37 -49.93 7.21
O5B NDP CA . -18.95 -49.50 5.18
C5B NDP CA . -19.34 -49.90 3.86
C4B NDP CA . -19.99 -48.71 3.13
O4B NDP CA . -20.79 -49.14 2.25
C3B NDP CA . -20.85 -47.77 4.21
O3B NDP CA . -20.54 -46.36 3.98
C2B NDP CA . -22.05 -47.98 3.97
O2B NDP CA . -22.86 -46.71 4.16
C1B NDP CA . -22.09 -48.39 2.46
N9A NDP CA . -23.14 -49.17 2.21
C8A NDP CA . -23.31 -50.40 2.67
N7A NDP CA . -24.47 -50.87 2.22
C5A NDP CA . -25.03 -49.95 1.45
C6A NDP CA . -26.24 -49.88 0.71
N6A NDP CA . -27.17 -51.03 0.69
N1A NDP CA . -26.51 -48.79 0.04
C2A NDP CA . -25.66 -47.75 0.06
N3A NDP CA . -24.53 -47.77 0.74
C4A NDP CA . -24.19 -48.86 1.44
O3 NDP CA . -17.26 -51.61 5.25
PN NDP CA . -15.60 -51.50 5.16
O1N NDP CA . -15.17 -50.06 5.25
O2N NDP CA . -15.00 -52.27 6.32
O5D NDP CA . -15.08 -52.14 3.73
C5D NDP CA . -15.35 -51.46 2.52
C4D NDP CA . -15.20 -52.44 1.39
O4D NDP CA . -13.87 -53.43 1.65
C3D NDP CA . -16.24 -53.18 1.31
O3D NDP CA . -16.66 -53.32 -0.13
C2D NDP CA . -15.79 -54.60 1.87
O2D NDP CA . -16.45 -55.58 1.28
C1D NDP CA . -14.29 -54.66 1.50
N1N NDP CA . -13.56 -55.60 2.40
C2N NDP CA . -13.27 -54.94 3.72
C3N NDP CA . -12.15 -55.69 4.50
C7N NDP CA . -12.46 -55.68 6.01
O7N NDP CA . -12.19 -56.64 6.66
N7N NDP CA . -13.04 -54.52 6.63
C4N NDP CA . -11.97 -57.09 4.02
C5N NDP CA . -11.56 -57.14 2.59
C6N NDP CA . -12.35 -56.12 1.71
P2B NDP CA . -23.93 -46.61 5.48
O1X NDP CA . -23.19 -46.14 6.71
O2X NDP CA . -25.02 -45.61 5.16
O3X NDP CA . -24.55 -47.97 5.74
C1 UQ DA . -19.55 -55.32 20.06
C2 UQ DA . -18.82 -54.31 19.17
C3 UQ DA . -18.02 -54.74 18.20
C4 UQ DA . -17.84 -56.26 17.99
C5 UQ DA . -18.58 -57.26 18.89
C6 UQ DA . -19.38 -56.83 19.84
CM5 UQ DA . -18.38 -58.77 18.65
CM3 UQ DA . -17.85 -53.67 16.10
CM2 UQ DA . -18.29 -52.43 20.48
C7 UQ DA . -20.10 -57.84 20.74
C8 UQ DA . -21.59 -57.50 20.91
C9 UQ DA . -22.03 -57.30 22.38
C10 UQ DA . -22.79 -56.00 22.59
C11 UQ DA . -20.91 -57.52 23.39
C12 UQ DA . -21.36 -57.04 24.78
C13 UQ DA . -22.22 -58.12 25.45
C14 UQ DA . -21.86 -58.35 26.93
C15 UQ DA . -22.27 -57.20 27.82
C16 UQ DA . -22.29 -59.75 27.44
C17 UQ DA . -23.32 -59.64 28.60
C18 UQ DA . -24.39 -60.74 28.43
C19 UQ DA . -24.48 -61.73 29.64
C20 UQ DA . -25.91 -62.16 29.93
C21 UQ DA . -23.71 -61.23 30.89
C22 UQ DA . -24.25 -61.88 32.18
C23 UQ DA . -23.66 -63.30 32.35
C24 UQ DA . -24.72 -64.32 32.82
C25 UQ DA . -24.13 -65.67 33.22
C26 UQ DA . -25.69 -63.74 33.87
O2 UQ DA . -18.99 -52.94 19.37
O3 UQ DA . -17.34 -53.83 17.40
O4 UQ DA . -17.12 -56.65 17.13
O1 UQ DA . -20.26 -54.90 20.91
FE1 SF4 EA . -6.03 11.89 -10.55
FE2 SF4 EA . -6.57 12.90 -8.06
FE3 SF4 EA . -6.00 14.59 -10.13
FE4 SF4 EA . -4.03 13.02 -9.07
S1 SF4 EA . -5.16 14.69 -8.01
S2 SF4 EA . -4.46 13.37 -11.28
S3 SF4 EA . -5.21 11.14 -8.56
S4 SF4 EA . -7.80 13.21 -9.97
FE1 SF4 FA . 1.80 18.22 -18.27
FE2 SF4 FA . 0.34 15.93 -18.53
FE3 SF4 FA . 1.24 17.22 -20.76
FE4 SF4 FA . -0.76 18.33 -19.25
S1 SF4 FA . -0.85 16.38 -20.42
S2 SF4 FA . 1.07 19.40 -20.10
S3 SF4 FA . -0.11 17.69 -17.16
S4 SF4 FA . 2.51 16.24 -19.14
FE1 FES GA . 10.37 25.37 -11.29
FE2 FES GA . 8.03 24.46 -12.25
S1 FES GA . 9.58 23.32 -11.17
S2 FES GA . 8.70 26.55 -12.08
MG MG HA . 0.40 10.28 -15.91
FE1 FES IA . -11.05 51.96 -25.67
FE2 FES IA . -8.43 52.06 -24.98
S1 FES IA . -9.33 52.40 -26.97
S2 FES IA . -10.17 51.82 -23.65
C1 UQ1 JA . -15.15 -16.03 31.58
O1 UQ1 JA . -15.67 -16.77 32.33
C2 UQ1 JA . -14.69 -14.67 32.14
O2 UQ1 JA . -14.92 -14.37 33.48
CM2 UQ1 JA . -16.15 -13.76 33.72
C3 UQ1 JA . -14.09 -13.80 31.37
O3 UQ1 JA . -13.69 -12.56 31.88
CM3 UQ1 JA . -14.51 -11.49 31.51
C4 UQ1 JA . -13.85 -14.14 29.91
O4 UQ1 JA . -13.30 -13.35 29.21
C5 UQ1 JA . -14.29 -15.47 29.34
CM5 UQ1 JA . -14.02 -15.77 27.86
C6 UQ1 JA . -14.89 -16.37 30.10
C7 UQ1 JA . -15.31 -17.68 29.43
C8 UQ1 JA . -16.03 -18.70 30.32
C9 UQ1 JA . -17.56 -18.65 30.24
C10 UQ1 JA . -18.18 -20.00 29.91
C11 UQ1 JA . -18.11 -17.52 29.39
C1 UQ1 KA . -22.22 -19.72 34.53
O1 UQ1 KA . -21.21 -20.28 34.81
C2 UQ1 KA . -23.52 -20.12 35.21
O2 UQ1 KA . -23.52 -21.18 36.13
CM2 UQ1 KA . -23.13 -20.81 37.43
C3 UQ1 KA . -24.64 -19.50 34.91
O3 UQ1 KA . -25.84 -19.87 35.53
CM3 UQ1 KA . -26.22 -19.03 36.58
C4 UQ1 KA . -24.63 -18.35 33.89
O4 UQ1 KA . -25.63 -17.78 33.62
C5 UQ1 KA . -23.32 -17.94 33.22
CM5 UQ1 KA . -23.33 -16.81 32.21
C6 UQ1 KA . -22.20 -18.58 33.52
C7 UQ1 KA . -20.88 -18.16 32.85
C8 UQ1 KA . -20.23 -17.05 33.66
C9 UQ1 KA . -19.15 -17.54 34.63
C10 UQ1 KA . -18.18 -16.45 35.02
C11 UQ1 KA . -18.48 -18.83 34.17
ZN ZN LA . -23.12 11.60 -12.29
#